data_8YZ2
#
_entry.id   8YZ2
#
_cell.length_a   1.00
_cell.length_b   1.00
_cell.length_c   1.00
_cell.angle_alpha   90.00
_cell.angle_beta   90.00
_cell.angle_gamma   90.00
#
_symmetry.space_group_name_H-M   'P 1'
#
loop_
_entity.id
_entity.type
_entity.pdbx_description
1 polymer 'Antenna pigment protein alpha chain'
2 polymer 'Reaction center protein O chain'
3 polymer 'Antenna pigment protein beta chain'
4 polymer 'Reaction center protein M chain'
5 polymer 'Reaction center protein L chain'
6 polymer 'Reaction center protein H chain'
7 polymer 'Photosynthetic reaction center cytochrome c subunit'
8 non-polymer 'BACTERIOCHLOROPHYLL A'
9 non-polymer (4~{E},16~{E},26~{E})-2-methoxy-2,6,10,14,19,23,27,31-octamethyl-dotriaconta-4,6,8,10,12,14,16,18,20,22,26,30-dodecaen-3-one
10 non-polymer '(21R,24R,27S)-24,27,28-trihydroxy-18,24-dioxo-19,23,25-trioxa-24lambda~5~-phosphaoctacosan-21-yl (9Z)-octadec-9-enoate'
11 non-polymer 'FE (III) ION'
12 non-polymer UBIQUINONE-10
13 non-polymer DODECYL-BETA-D-MALTOSIDE
14 non-polymer 'BACTERIOPHEOPHYTIN A'
15 non-polymer CARDIOLIPIN
16 non-polymer 'HEME C'
#
loop_
_entity_poly.entity_id
_entity_poly.type
_entity_poly.pdbx_seq_one_letter_code
_entity_poly.pdbx_strand_id
1 'polypeptide(L)' MSKFYKIWLIFDPRRVFVAQGVFLFLLAAMIHLVLLSTEHFNWFELAAANAAM P,V,S,T,Q,R,1,N,K,J,I,G,F,E,D,B,A
2 'polypeptide(L)'
;MATQRKDMTCTITCWGIGVLLGIMTTVGLMVVGWSFLQGAFMGVLAWLIVGGVLAVAVCGETGRPKDNAEQIRAEMAAAR
ERVRGATPGITPKPAPSVPADVRSKVQPSAALAGEAELAGRKGSWSYDSGAGHASGAGHDAGTDAAKPATLTAARDGKAD
DLKKIKGVGPKLEEMLHSMGFYHFDQVASWSEQELAWVDENLEGFKGRASRDEWVAQAKLLAQGGETEFSKRVDGGDVY
;
O
3 'polypeptide(L)' MADKSDLSFTGLTDEQAQELHSVYMSGLWLFSAVAVVAHLATFIWRPWF v,t,s,r,q,p,2,n,k,j,i,g,f,e,d,b,a
4 'polypeptide(L)'
;MPEYQNIFTQVQVQGPAELGVDNENNLTEERTTGTGFSQLIGWIGNAQLGPIYLGWFGIISLVTGTLWFNIVGFNMLSQV
GYSIPEFIRQLFWLALEPPSPEYGLRMPPLDDGGWFIIASFFLLVSVISWWLRSYQLAEMHKMGKHVAWAFAAAIWLFLV
LGLFRPILMGSWSEAVPYGIFPHLDWTTAFSIRYGNLYYNPFHALSIVFLYGSVLLFAMHGATILAVTRFGGDRELEQIY
DRGTASERAGLFWRWTMGFNATMEGIHRWAWWFAVLTPITGGIGILLTGTVVDNWFLWAVEHNFAPDYTQDYGYEAYTTY
DGFLGREEGN
;
M
5 'polypeptide(L)'
;MALLSFERKYRVRGGTLIGGDLFDFWVGPFYVGFFGVTTAFFALLGTILIFWGASQQGTFNPWLINIAPPDLSYGLGMAP
LMEGGLWQIITICAIGAFVSWALREVEICRKLGMGYHVPFAFSVAIFAYVTLVVFRPLLMGAWGHGFPYGIWSHLDWVSN
TGYAYLHFHYNPAHMIAVTFFFTTTLALALHGALVLSAANPPKGEEVKGPDNEDTFFRDFIGYSIGTLGIHRVGLLLALN
AGFWSAVCIIISGPVWTKGWPEWWNWWLEMPIWPSQVDC
;
L
6 'polypeptide(L)'
;MEETFFGNFDLASLSLWLFYGFFALLIYYLQTENMREGYPLEDDDGNTAANQGPFPLPKEKTFKLQHGRGELTLPGEDVQ
RRDNLALRKTAHGNGFPMEPTGDPMLDGVGPASWSKRRDVPELDAHGHPKIVPMSAAEGFGVSAGTDPRGLPVMAGDGEI
VGLVSDMWIDEAEQLVRYLEIELDPEWGDGKRLVQREMVRIKSDRVKVRSIYGKHFKNVPKTKSPNQVTLLEEDKIMAYY
AGGTLYADESRLEPQL
;
H
7 'polypeptide(L)'
;MLPKWFDEWNSKNPTDIYKPAIVVGVAGGAVFAAALLVSWGQPLATDSMQTGPRGTGMSVPEFVSDLDTPDPTIEVFLAS
TSDPVIPEEGAQTAGEAYENVDPVLADLTVENYDRLLAAMRSWTGIPDLLEDPDHYQSKVAINMIQMNQTINEEWAGHVY
ANAEVGVTCFTCHRGQAVPSEVWYRIDPVTENTSGWASVQNRATSLSQFTSLPSDALYQYLLNYEQIAVHDLESRVETLP
GDPTWQNTERTYSLMNYFSNSLGRNCVFCHNSRAFYDPAQHTPQWATAMLGISMVQELNNEWIVPIGEAHLPPERLGPVY
NDVPKLACKTCHKGYQQPLQGLNVVADWPELATTEGPFYD
;
C
#
loop_
_chem_comp.id
_chem_comp.type
_chem_comp.name
_chem_comp.formula
A1EFU non-polymer (4~{E},16~{E},26~{E})-2-methoxy-2,6,10,14,19,23,27,31-octamethyl-dotriaconta-4,6,8,10,12,14,16,18,20,22,26,30-dodecaen-3-one 'C41 H58 O2'
BCL non-polymer 'BACTERIOCHLOROPHYLL A' 'C55 H74 Mg N4 O6'
BPH non-polymer 'BACTERIOPHEOPHYTIN A' 'C55 H76 N4 O6'
CDL non-polymer CARDIOLIPIN 'C81 H156 O17 P2 -2'
FE non-polymer 'FE (III) ION' 'Fe 3'
HEC non-polymer 'HEME C' 'C34 H34 Fe N4 O4'
LMT D-saccharide DODECYL-BETA-D-MALTOSIDE 'C24 H46 O11'
MW9 non-polymer '(21R,24R,27S)-24,27,28-trihydroxy-18,24-dioxo-19,23,25-trioxa-24lambda~5~-phosphaoctacosan-21-yl (9Z)-octadec-9-enoate' 'C42 H81 O10 P'
U10 non-polymer UBIQUINONE-10 'C59 H90 O4'
#
# COMPACT_ATOMS: atom_id res chain seq x y z
N MET A 1 -19.45 -53.96 -15.96
CA MET A 1 -19.22 -54.20 -14.54
C MET A 1 -18.00 -55.10 -14.33
N SER A 2 -18.04 -56.30 -14.92
CA SER A 2 -16.93 -57.22 -14.85
C SER A 2 -15.72 -56.75 -15.64
N LYS A 3 -15.87 -55.73 -16.48
CA LYS A 3 -14.78 -55.22 -17.30
C LYS A 3 -14.25 -53.89 -16.77
N PHE A 4 -14.57 -53.56 -15.52
CA PHE A 4 -14.11 -52.32 -14.91
C PHE A 4 -12.61 -52.27 -14.69
N TYR A 5 -11.92 -53.41 -14.84
CA TYR A 5 -10.48 -53.44 -14.62
C TYR A 5 -9.72 -52.57 -15.61
N LYS A 6 -10.35 -52.22 -16.74
CA LYS A 6 -9.70 -51.37 -17.73
C LYS A 6 -9.49 -49.94 -17.25
N ILE A 7 -10.10 -49.55 -16.13
CA ILE A 7 -9.93 -48.20 -15.61
C ILE A 7 -8.48 -47.90 -15.26
N TRP A 8 -7.70 -48.94 -14.96
CA TRP A 8 -6.28 -48.75 -14.65
C TRP A 8 -5.43 -48.55 -15.89
N LEU A 9 -5.98 -48.78 -17.08
CA LEU A 9 -5.29 -48.36 -18.29
C LEU A 9 -5.39 -46.86 -18.48
N ILE A 10 -6.57 -46.29 -18.24
CA ILE A 10 -6.74 -44.84 -18.35
C ILE A 10 -5.99 -44.12 -17.23
N PHE A 11 -6.14 -44.61 -16.00
CA PHE A 11 -5.62 -43.95 -14.82
C PHE A 11 -4.29 -44.55 -14.39
N ASP A 12 -3.37 -43.69 -14.01
CA ASP A 12 -2.13 -44.14 -13.39
C ASP A 12 -2.44 -44.62 -11.98
N PRO A 13 -2.16 -45.88 -11.64
CA PRO A 13 -2.49 -46.36 -10.29
C PRO A 13 -1.79 -45.58 -9.19
N ARG A 14 -0.61 -45.03 -9.45
CA ARG A 14 0.14 -44.34 -8.41
C ARG A 14 -0.59 -43.07 -7.96
N ARG A 15 -1.00 -42.24 -8.91
CA ARG A 15 -1.59 -40.95 -8.55
C ARG A 15 -3.05 -41.08 -8.12
N VAL A 16 -3.78 -42.06 -8.66
CA VAL A 16 -5.17 -42.25 -8.26
C VAL A 16 -5.25 -42.80 -6.84
N PHE A 17 -4.35 -43.70 -6.48
CA PHE A 17 -4.33 -44.22 -5.11
C PHE A 17 -4.07 -43.10 -4.10
N VAL A 18 -3.14 -42.20 -4.43
CA VAL A 18 -2.89 -41.05 -3.56
C VAL A 18 -4.12 -40.15 -3.50
N ALA A 19 -4.72 -39.88 -4.65
CA ALA A 19 -5.91 -39.02 -4.67
C ALA A 19 -7.06 -39.67 -3.92
N GLN A 20 -7.24 -40.98 -4.08
CA GLN A 20 -8.30 -41.67 -3.35
C GLN A 20 -8.04 -41.63 -1.85
N GLY A 21 -6.79 -41.84 -1.44
CA GLY A 21 -6.49 -41.85 -0.02
C GLY A 21 -6.74 -40.51 0.65
N VAL A 22 -6.31 -39.42 0.00
CA VAL A 22 -6.53 -38.09 0.55
C VAL A 22 -8.02 -37.77 0.59
N PHE A 23 -8.74 -38.10 -0.49
CA PHE A 23 -10.17 -37.83 -0.53
C PHE A 23 -10.93 -38.66 0.50
N LEU A 24 -10.54 -39.92 0.68
CA LEU A 24 -11.25 -40.79 1.62
C LEU A 24 -11.10 -40.29 3.05
N PHE A 25 -9.89 -39.85 3.43
CA PHE A 25 -9.70 -39.34 4.78
C PHE A 25 -10.43 -38.01 4.97
N LEU A 26 -10.33 -37.11 3.99
CA LEU A 26 -11.01 -35.83 4.09
C LEU A 26 -12.51 -36.03 4.16
N LEU A 27 -13.05 -36.99 3.41
CA LEU A 27 -14.46 -37.34 3.54
C LEU A 27 -14.76 -37.85 4.94
N ALA A 28 -13.92 -38.74 5.47
CA ALA A 28 -14.17 -39.30 6.80
C ALA A 28 -14.09 -38.24 7.88
N ALA A 29 -13.09 -37.35 7.78
CA ALA A 29 -12.98 -36.28 8.77
C ALA A 29 -14.12 -35.29 8.65
N MET A 30 -14.55 -34.99 7.43
CA MET A 30 -15.62 -34.02 7.24
C MET A 30 -16.94 -34.53 7.78
N ILE A 31 -17.27 -35.80 7.52
CA ILE A 31 -18.54 -36.35 7.99
C ILE A 31 -18.55 -36.43 9.50
N HIS A 32 -17.44 -36.84 10.11
CA HIS A 32 -17.35 -36.86 11.57
C HIS A 32 -17.53 -35.46 12.14
N LEU A 33 -16.92 -34.45 11.50
CA LEU A 33 -17.08 -33.08 11.96
C LEU A 33 -18.52 -32.61 11.82
N VAL A 34 -19.20 -33.03 10.75
CA VAL A 34 -20.61 -32.69 10.58
C VAL A 34 -21.43 -33.33 11.68
N LEU A 35 -21.15 -34.59 12.01
CA LEU A 35 -21.86 -35.26 13.10
C LEU A 35 -21.60 -34.57 14.43
N LEU A 36 -20.35 -34.14 14.66
CA LEU A 36 -20.04 -33.45 15.91
C LEU A 36 -20.76 -32.11 16.01
N SER A 37 -21.04 -31.47 14.88
CA SER A 37 -21.71 -30.18 14.91
C SER A 37 -23.19 -30.29 15.26
N THR A 38 -23.78 -31.48 15.09
CA THR A 38 -25.19 -31.66 15.39
C THR A 38 -25.41 -31.78 16.89
N GLU A 39 -26.66 -31.54 17.30
CA GLU A 39 -27.04 -31.66 18.70
C GLU A 39 -27.47 -33.07 19.09
N HIS A 40 -27.61 -33.98 18.12
CA HIS A 40 -28.09 -35.32 18.38
C HIS A 40 -27.04 -36.39 18.15
N PHE A 41 -26.12 -36.19 17.20
CA PHE A 41 -25.11 -37.18 16.86
C PHE A 41 -23.72 -36.81 17.36
N ASN A 42 -23.64 -35.95 18.38
CA ASN A 42 -22.37 -35.63 19.02
C ASN A 42 -22.16 -36.66 20.13
N TRP A 43 -21.50 -37.77 19.79
CA TRP A 43 -21.34 -38.86 20.74
C TRP A 43 -20.57 -38.45 21.98
N PHE A 44 -19.76 -37.39 21.90
CA PHE A 44 -19.08 -36.89 23.09
C PHE A 44 -20.05 -36.19 24.03
N GLU A 45 -20.97 -35.40 23.48
CA GLU A 45 -21.96 -34.73 24.32
C GLU A 45 -22.95 -35.72 24.91
N LEU A 46 -23.32 -36.75 24.14
CA LEU A 46 -24.26 -37.74 24.64
C LEU A 46 -23.67 -38.53 25.82
N ALA A 47 -22.37 -38.81 25.76
CA ALA A 47 -21.73 -39.49 26.89
C ALA A 47 -21.82 -38.67 28.16
N ALA A 48 -21.56 -37.36 28.07
CA ALA A 48 -21.71 -36.50 29.23
C ALA A 48 -23.16 -36.38 29.67
N ALA A 49 -24.08 -36.28 28.70
CA ALA A 49 -25.49 -36.15 29.03
C ALA A 49 -26.04 -37.41 29.67
N ASN A 50 -25.43 -38.56 29.39
CA ASN A 50 -25.87 -39.83 29.96
C ASN A 50 -25.32 -40.06 31.36
N ALA A 51 -24.47 -39.17 31.87
CA ALA A 51 -23.89 -39.33 33.20
C ALA A 51 -24.19 -38.09 34.06
N MET B 8 -1.58 -7.71 -30.12
CA MET B 8 -2.93 -8.02 -29.69
C MET B 8 -3.96 -7.54 -30.71
N THR B 9 -4.47 -6.32 -30.49
CA THR B 9 -5.42 -5.64 -31.38
C THR B 9 -6.77 -6.34 -31.37
N CYS B 10 -6.86 -7.48 -30.68
CA CYS B 10 -8.10 -8.21 -30.51
C CYS B 10 -8.44 -8.47 -29.05
N THR B 11 -7.44 -8.78 -28.22
CA THR B 11 -7.68 -8.94 -26.79
C THR B 11 -8.06 -7.61 -26.16
N ILE B 12 -7.40 -6.52 -26.56
CA ILE B 12 -7.75 -5.20 -26.04
C ILE B 12 -9.15 -4.80 -26.49
N THR B 13 -9.49 -5.08 -27.75
CA THR B 13 -10.84 -4.80 -28.23
C THR B 13 -11.87 -5.60 -27.46
N CYS B 14 -11.59 -6.88 -27.21
CA CYS B 14 -12.49 -7.69 -26.40
C CYS B 14 -12.56 -7.16 -24.97
N TRP B 15 -11.42 -6.74 -24.42
CA TRP B 15 -11.44 -6.09 -23.11
C TRP B 15 -12.21 -4.78 -23.15
N GLY B 16 -12.05 -4.00 -24.22
CA GLY B 16 -12.82 -2.79 -24.38
C GLY B 16 -14.31 -3.06 -24.55
N ILE B 17 -14.66 -4.15 -25.23
CA ILE B 17 -16.06 -4.53 -25.36
C ILE B 17 -16.63 -4.90 -23.99
N GLY B 18 -15.86 -5.63 -23.19
CA GLY B 18 -16.36 -6.06 -21.89
C GLY B 18 -16.63 -4.91 -20.93
N VAL B 19 -15.72 -3.93 -20.90
CA VAL B 19 -15.91 -2.79 -20.00
C VAL B 19 -17.09 -1.95 -20.45
N LEU B 20 -17.30 -1.83 -21.77
CA LEU B 20 -18.48 -1.13 -22.26
C LEU B 20 -19.76 -1.85 -21.88
N LEU B 21 -19.75 -3.19 -21.97
CA LEU B 21 -20.90 -3.97 -21.53
C LEU B 21 -21.09 -3.85 -20.02
N GLY B 22 -19.99 -3.78 -19.27
CA GLY B 22 -20.09 -3.59 -17.83
C GLY B 22 -20.75 -2.28 -17.46
N ILE B 23 -20.42 -1.20 -18.18
CA ILE B 23 -21.08 0.07 -17.96
C ILE B 23 -22.56 -0.03 -18.35
N MET B 24 -22.85 -0.72 -19.46
CA MET B 24 -24.24 -0.88 -19.88
C MET B 24 -25.03 -1.67 -18.85
N THR B 25 -24.44 -2.72 -18.29
CA THR B 25 -25.12 -3.48 -17.25
C THR B 25 -25.22 -2.68 -15.95
N THR B 26 -24.27 -1.77 -15.72
CA THR B 26 -24.32 -0.95 -14.52
C THR B 26 -25.52 -0.01 -14.55
N VAL B 27 -25.70 0.73 -15.64
CA VAL B 27 -26.82 1.65 -15.75
C VAL B 27 -28.13 0.89 -15.91
N GLY B 28 -28.09 -0.27 -16.56
CA GLY B 28 -29.31 -1.05 -16.76
C GLY B 28 -29.93 -1.50 -15.44
N LEU B 29 -29.09 -1.90 -14.49
CA LEU B 29 -29.60 -2.30 -13.18
C LEU B 29 -30.15 -1.12 -12.40
N MET B 30 -29.52 0.05 -12.54
CA MET B 30 -30.03 1.25 -11.86
C MET B 30 -31.41 1.62 -12.37
N VAL B 31 -31.65 1.47 -13.68
CA VAL B 31 -32.94 1.84 -14.25
C VAL B 31 -34.04 0.94 -13.71
N VAL B 32 -33.74 -0.34 -13.51
CA VAL B 32 -34.75 -1.30 -13.06
C VAL B 32 -34.75 -1.38 -11.54
N GLY B 33 -34.09 -0.43 -10.89
CA GLY B 33 -34.01 -0.42 -9.45
C GLY B 33 -32.58 -0.55 -8.96
N TRP B 34 -32.34 -1.52 -8.08
CA TRP B 34 -30.98 -1.86 -7.62
C TRP B 34 -30.32 -0.61 -7.02
N SER B 35 -29.01 -0.49 -7.20
CA SER B 35 -28.25 0.66 -6.76
C SER B 35 -27.01 0.77 -7.62
N PHE B 36 -26.36 1.93 -7.56
CA PHE B 36 -25.15 2.13 -8.37
C PHE B 36 -24.06 1.16 -7.97
N LEU B 37 -23.84 1.00 -6.66
CA LEU B 37 -22.79 0.08 -6.20
C LEU B 37 -23.13 -1.37 -6.53
N GLN B 38 -24.38 -1.77 -6.32
CA GLN B 38 -24.79 -3.11 -6.70
C GLN B 38 -24.71 -3.31 -8.21
N GLY B 39 -25.12 -2.30 -8.98
CA GLY B 39 -25.02 -2.40 -10.43
C GLY B 39 -23.58 -2.40 -10.91
N ALA B 40 -22.72 -1.61 -10.27
CA ALA B 40 -21.32 -1.54 -10.68
C ALA B 40 -20.62 -2.89 -10.49
N PHE B 41 -20.92 -3.58 -9.38
CA PHE B 41 -20.31 -4.88 -9.13
C PHE B 41 -20.65 -5.88 -10.23
N MET B 42 -21.93 -5.93 -10.63
CA MET B 42 -22.31 -6.77 -11.76
C MET B 42 -21.65 -6.28 -13.04
N GLY B 43 -21.53 -4.97 -13.20
CA GLY B 43 -20.78 -4.44 -14.34
C GLY B 43 -19.31 -4.82 -14.29
N VAL B 44 -18.71 -4.74 -13.10
CA VAL B 44 -17.34 -5.22 -12.92
C VAL B 44 -17.28 -6.72 -13.18
N LEU B 45 -18.26 -7.47 -12.66
CA LEU B 45 -18.32 -8.90 -12.90
C LEU B 45 -18.51 -9.21 -14.38
N ALA B 46 -19.39 -8.44 -15.05
CA ALA B 46 -19.59 -8.64 -16.48
C ALA B 46 -18.32 -8.30 -17.26
N TRP B 47 -17.62 -7.24 -16.86
CA TRP B 47 -16.39 -6.87 -17.54
C TRP B 47 -15.33 -7.96 -17.41
N LEU B 48 -15.22 -8.57 -16.22
CA LEU B 48 -14.23 -9.61 -16.01
C LEU B 48 -14.63 -10.91 -16.69
N ILE B 49 -15.91 -11.27 -16.60
CA ILE B 49 -16.37 -12.56 -17.14
C ILE B 49 -16.49 -12.50 -18.66
N VAL B 50 -17.31 -11.58 -19.16
CA VAL B 50 -17.52 -11.47 -20.60
C VAL B 50 -16.22 -11.06 -21.29
N GLY B 51 -15.51 -10.09 -20.72
CA GLY B 51 -14.22 -9.71 -21.29
C GLY B 51 -13.21 -10.83 -21.25
N GLY B 52 -13.15 -11.56 -20.13
CA GLY B 52 -12.25 -12.69 -20.04
C GLY B 52 -12.62 -13.82 -20.98
N VAL B 53 -13.92 -14.13 -21.07
CA VAL B 53 -14.37 -15.19 -21.97
C VAL B 53 -14.07 -14.83 -23.42
N LEU B 54 -14.38 -13.59 -23.80
CA LEU B 54 -14.11 -13.15 -25.16
C LEU B 54 -12.61 -13.15 -25.45
N ALA B 55 -11.80 -12.71 -24.48
CA ALA B 55 -10.36 -12.68 -24.69
C ALA B 55 -9.77 -14.06 -24.92
N VAL B 56 -10.47 -15.11 -24.52
CA VAL B 56 -10.02 -16.49 -24.70
C VAL B 56 -10.76 -17.18 -25.84
N ALA B 57 -12.09 -17.02 -25.89
CA ALA B 57 -12.88 -17.72 -26.89
C ALA B 57 -12.54 -17.23 -28.30
N VAL B 58 -12.36 -15.92 -28.47
CA VAL B 58 -12.02 -15.34 -29.77
C VAL B 58 -10.68 -14.61 -29.63
N CYS B 59 -9.78 -14.87 -30.58
CA CYS B 59 -8.46 -14.27 -30.55
C CYS B 59 -8.05 -13.80 -31.94
N SER C 2 -14.00 30.03 -51.88
CA SER C 2 -13.02 29.62 -50.88
C SER C 2 -12.54 28.20 -51.13
N LYS C 3 -11.29 28.05 -51.52
CA LYS C 3 -10.73 26.73 -51.77
C LYS C 3 -10.31 26.05 -50.48
N PHE C 4 -9.31 26.63 -49.79
CA PHE C 4 -8.86 26.15 -48.48
C PHE C 4 -8.54 24.66 -48.49
N TYR C 5 -8.11 24.14 -49.63
CA TYR C 5 -7.69 22.74 -49.70
C TYR C 5 -6.23 22.55 -49.33
N LYS C 6 -5.47 23.64 -49.15
CA LYS C 6 -4.07 23.53 -48.79
C LYS C 6 -3.88 23.01 -47.36
N ILE C 7 -4.90 23.15 -46.50
CA ILE C 7 -4.76 22.72 -45.13
C ILE C 7 -4.60 21.20 -45.03
N TRP C 8 -5.27 20.47 -45.93
CA TRP C 8 -5.23 19.01 -45.88
C TRP C 8 -3.85 18.44 -46.17
N LEU C 9 -2.92 19.23 -46.71
CA LEU C 9 -1.58 18.73 -46.99
C LEU C 9 -0.83 18.42 -45.71
N ILE C 10 -1.04 19.21 -44.66
CA ILE C 10 -0.28 19.05 -43.42
C ILE C 10 -1.01 18.16 -42.41
N PHE C 11 -2.16 17.61 -42.77
CA PHE C 11 -2.98 16.83 -41.86
C PHE C 11 -3.04 15.38 -42.30
N ASP C 12 -3.02 14.47 -41.34
CA ASP C 12 -3.25 13.05 -41.63
C ASP C 12 -4.75 12.79 -41.65
N PRO C 13 -5.32 12.39 -42.79
CA PRO C 13 -6.78 12.19 -42.84
C PRO C 13 -7.29 11.17 -41.86
N ARG C 14 -6.51 10.13 -41.54
CA ARG C 14 -6.95 9.14 -40.56
C ARG C 14 -7.12 9.77 -39.19
N ARG C 15 -6.19 10.61 -38.77
CA ARG C 15 -6.22 11.17 -37.42
C ARG C 15 -7.32 12.21 -37.27
N VAL C 16 -7.44 13.13 -38.23
CA VAL C 16 -8.38 14.23 -38.09
C VAL C 16 -9.83 13.72 -38.21
N PHE C 17 -10.08 12.78 -39.12
CA PHE C 17 -11.44 12.29 -39.30
C PHE C 17 -11.94 11.55 -38.06
N VAL C 18 -11.08 10.73 -37.45
CA VAL C 18 -11.47 10.04 -36.22
C VAL C 18 -11.67 11.04 -35.10
N ALA C 19 -10.76 12.01 -34.96
CA ALA C 19 -10.89 13.00 -33.90
C ALA C 19 -12.13 13.86 -34.11
N GLN C 20 -12.39 14.28 -35.35
CA GLN C 20 -13.58 15.07 -35.63
C GLN C 20 -14.86 14.25 -35.44
N GLY C 21 -14.84 12.99 -35.90
CA GLY C 21 -16.02 12.17 -35.74
C GLY C 21 -16.39 11.93 -34.30
N VAL C 22 -15.40 11.67 -33.45
CA VAL C 22 -15.65 11.55 -32.01
C VAL C 22 -16.11 12.89 -31.45
N PHE C 23 -15.47 13.99 -31.87
CA PHE C 23 -15.82 15.30 -31.33
C PHE C 23 -17.25 15.69 -31.64
N LEU C 24 -17.70 15.42 -32.87
CA LEU C 24 -19.07 15.78 -33.23
C LEU C 24 -20.10 15.01 -32.42
N PHE C 25 -19.88 13.70 -32.23
CA PHE C 25 -20.82 12.93 -31.43
C PHE C 25 -20.80 13.35 -29.98
N LEU C 26 -19.62 13.60 -29.42
CA LEU C 26 -19.53 14.06 -28.04
C LEU C 26 -20.20 15.42 -27.88
N LEU C 27 -20.00 16.33 -28.85
CA LEU C 27 -20.68 17.60 -28.80
C LEU C 27 -22.19 17.44 -28.94
N ALA C 28 -22.63 16.60 -29.87
CA ALA C 28 -24.05 16.37 -30.06
C ALA C 28 -24.68 15.74 -28.82
N ALA C 29 -23.99 14.78 -28.21
CA ALA C 29 -24.50 14.17 -26.99
C ALA C 29 -24.56 15.17 -25.85
N MET C 30 -23.54 16.04 -25.74
CA MET C 30 -23.52 17.02 -24.66
C MET C 30 -24.67 18.00 -24.77
N ILE C 31 -24.96 18.49 -25.98
CA ILE C 31 -26.06 19.43 -26.15
C ILE C 31 -27.40 18.73 -25.89
N HIS C 32 -27.50 17.46 -26.28
CA HIS C 32 -28.71 16.71 -25.98
C HIS C 32 -28.86 16.45 -24.49
N LEU C 33 -27.75 16.30 -23.78
CA LEU C 33 -27.82 16.04 -22.34
C LEU C 33 -28.20 17.30 -21.57
N VAL C 34 -27.64 18.45 -21.94
CA VAL C 34 -27.98 19.69 -21.24
C VAL C 34 -29.43 20.08 -21.51
N LEU C 35 -29.94 19.80 -22.71
CA LEU C 35 -31.35 20.06 -22.99
C LEU C 35 -32.25 19.23 -22.09
N LEU C 36 -31.89 17.96 -21.87
CA LEU C 36 -32.67 17.10 -20.98
C LEU C 36 -32.55 17.56 -19.53
N SER C 37 -31.44 18.18 -19.16
CA SER C 37 -31.28 18.66 -17.79
C SER C 37 -32.26 19.79 -17.49
N THR C 38 -32.48 20.68 -18.45
CA THR C 38 -33.43 21.77 -18.25
C THR C 38 -34.85 21.25 -18.16
N GLU C 39 -35.67 21.92 -17.35
CA GLU C 39 -37.05 21.53 -17.16
C GLU C 39 -37.97 22.05 -18.26
N HIS C 40 -37.48 22.90 -19.16
CA HIS C 40 -38.28 23.48 -20.22
C HIS C 40 -38.11 22.76 -21.55
N PHE C 41 -36.89 22.37 -21.90
CA PHE C 41 -36.61 21.73 -23.19
C PHE C 41 -36.52 20.22 -23.10
N ASN C 42 -36.78 19.64 -21.92
CA ASN C 42 -36.79 18.19 -21.77
C ASN C 42 -38.05 17.66 -22.45
N TRP C 43 -37.90 17.14 -23.68
CA TRP C 43 -39.06 16.68 -24.43
C TRP C 43 -39.68 15.44 -23.83
N PHE C 44 -38.93 14.67 -23.03
CA PHE C 44 -39.52 13.51 -22.36
C PHE C 44 -40.47 13.94 -21.25
N GLU C 45 -40.04 14.90 -20.42
CA GLU C 45 -40.92 15.41 -19.38
C GLU C 45 -42.05 16.25 -19.97
N LEU C 46 -41.76 17.00 -21.03
CA LEU C 46 -42.79 17.82 -21.66
C LEU C 46 -43.87 16.95 -22.28
N ALA C 47 -43.50 15.82 -22.88
CA ALA C 47 -44.48 14.92 -23.47
C ALA C 47 -45.43 14.39 -22.41
N ALA C 48 -44.91 14.07 -21.23
CA ALA C 48 -45.78 13.62 -20.14
C ALA C 48 -46.76 14.72 -19.73
N ALA C 49 -46.29 15.97 -19.65
CA ALA C 49 -47.16 17.07 -19.29
C ALA C 49 -48.22 17.30 -20.36
N ASN C 50 -47.84 17.21 -21.64
CA ASN C 50 -48.80 17.41 -22.72
C ASN C 50 -49.91 16.37 -22.69
N ALA C 51 -49.54 15.10 -22.47
CA ALA C 51 -50.55 14.05 -22.40
C ALA C 51 -51.48 14.25 -21.20
N ALA C 52 -50.92 14.62 -20.05
CA ALA C 52 -51.71 14.83 -18.85
C ALA C 52 -52.28 16.25 -18.83
N THR D 10 2.29 9.26 -45.27
CA THR D 10 3.44 10.14 -45.21
C THR D 10 3.22 11.39 -46.06
N GLY D 11 2.15 12.11 -45.77
CA GLY D 11 1.82 13.32 -46.51
C GLY D 11 0.91 13.05 -47.69
N LEU D 12 0.28 14.13 -48.16
CA LEU D 12 -0.63 14.07 -49.29
C LEU D 12 -0.13 14.97 -50.41
N THR D 13 -0.40 14.55 -51.64
CA THR D 13 -0.05 15.36 -52.79
C THR D 13 -1.09 16.45 -53.01
N ASP D 14 -0.78 17.37 -53.92
CA ASP D 14 -1.73 18.43 -54.24
C ASP D 14 -3.02 17.87 -54.83
N GLU D 15 -2.91 16.90 -55.72
CA GLU D 15 -4.10 16.30 -56.32
C GLU D 15 -4.91 15.51 -55.28
N GLN D 16 -4.21 14.82 -54.37
CA GLN D 16 -4.92 14.02 -53.37
C GLN D 16 -5.77 14.90 -52.46
N ALA D 17 -5.23 16.04 -52.02
CA ALA D 17 -5.98 16.93 -51.14
C ALA D 17 -7.07 17.70 -51.88
N GLN D 18 -6.97 17.80 -53.20
CA GLN D 18 -8.00 18.50 -53.97
C GLN D 18 -9.33 17.78 -53.90
N GLU D 19 -9.33 16.46 -54.10
CA GLU D 19 -10.57 15.70 -54.02
C GLU D 19 -11.00 15.46 -52.58
N LEU D 20 -10.05 15.33 -51.67
CA LEU D 20 -10.39 15.13 -50.26
C LEU D 20 -11.16 16.32 -49.70
N HIS D 21 -10.72 17.53 -50.03
CA HIS D 21 -11.42 18.73 -49.56
C HIS D 21 -12.81 18.84 -50.17
N SER D 22 -12.93 18.50 -51.46
CA SER D 22 -14.23 18.58 -52.12
C SER D 22 -15.24 17.63 -51.48
N VAL D 23 -14.80 16.41 -51.16
CA VAL D 23 -15.68 15.47 -50.46
C VAL D 23 -16.01 16.00 -49.07
N TYR D 24 -14.99 16.52 -48.36
CA TYR D 24 -15.21 17.01 -47.00
C TYR D 24 -16.20 18.18 -47.00
N MET D 25 -16.07 19.11 -47.96
CA MET D 25 -17.03 20.20 -48.05
C MET D 25 -18.42 19.67 -48.39
N SER D 26 -18.51 18.69 -49.30
CA SER D 26 -19.80 18.11 -49.63
C SER D 26 -20.44 17.48 -48.40
N GLY D 27 -19.65 16.78 -47.60
CA GLY D 27 -20.15 16.30 -46.32
C GLY D 27 -20.48 17.43 -45.35
N LEU D 28 -19.70 18.51 -45.41
CA LEU D 28 -19.96 19.65 -44.53
C LEU D 28 -21.32 20.27 -44.82
N TRP D 29 -21.62 20.53 -46.09
CA TRP D 29 -22.90 21.11 -46.46
C TRP D 29 -24.05 20.15 -46.13
N LEU D 30 -23.88 18.86 -46.43
CA LEU D 30 -24.94 17.89 -46.16
C LEU D 30 -25.21 17.79 -44.66
N PHE D 31 -24.16 17.74 -43.84
CA PHE D 31 -24.35 17.71 -42.40
C PHE D 31 -24.97 19.01 -41.90
N SER D 32 -24.53 20.15 -42.43
CA SER D 32 -25.05 21.43 -41.98
C SER D 32 -26.49 21.64 -42.44
N ALA D 33 -26.82 21.17 -43.65
CA ALA D 33 -28.16 21.38 -44.17
C ALA D 33 -29.20 20.70 -43.29
N VAL D 34 -28.93 19.47 -42.83
CA VAL D 34 -29.83 18.81 -41.91
C VAL D 34 -29.88 19.55 -40.58
N ALA D 35 -28.72 20.03 -40.12
CA ALA D 35 -28.67 20.74 -38.84
C ALA D 35 -29.47 22.03 -38.89
N VAL D 36 -29.36 22.78 -39.99
CA VAL D 36 -30.13 24.01 -40.12
C VAL D 36 -31.62 23.70 -40.15
N VAL D 37 -32.01 22.66 -40.88
CA VAL D 37 -33.42 22.27 -40.91
C VAL D 37 -33.89 21.83 -39.53
N ALA D 38 -33.06 21.06 -38.82
CA ALA D 38 -33.42 20.61 -37.49
C ALA D 38 -33.58 21.78 -36.52
N HIS D 39 -32.68 22.75 -36.59
CA HIS D 39 -32.77 23.91 -35.69
C HIS D 39 -34.01 24.73 -35.98
N LEU D 40 -34.35 24.91 -37.26
CA LEU D 40 -35.58 25.62 -37.60
C LEU D 40 -36.81 24.88 -37.10
N ALA D 41 -36.83 23.55 -37.25
CA ALA D 41 -37.94 22.76 -36.75
C ALA D 41 -38.04 22.86 -35.23
N THR D 42 -36.90 22.82 -34.53
CA THR D 42 -36.91 22.96 -33.08
C THR D 42 -37.40 24.35 -32.67
N PHE D 43 -36.97 25.39 -33.38
CA PHE D 43 -37.39 26.75 -33.04
C PHE D 43 -38.89 26.92 -33.19
N ILE D 44 -39.47 26.38 -34.27
CA ILE D 44 -40.92 26.45 -34.43
C ILE D 44 -41.62 25.66 -33.34
N TRP D 45 -41.12 24.46 -33.03
CA TRP D 45 -41.74 23.63 -32.01
C TRP D 45 -41.59 24.26 -30.62
N ARG D 46 -40.40 24.78 -30.32
CA ARG D 46 -40.15 25.37 -29.01
C ARG D 46 -39.02 26.39 -29.13
N PRO D 47 -39.35 27.67 -29.35
CA PRO D 47 -38.30 28.69 -29.51
C PRO D 47 -37.57 28.95 -28.19
N TRP D 48 -36.31 29.33 -28.32
CA TRP D 48 -35.48 29.70 -27.18
C TRP D 48 -35.12 31.17 -27.16
N PHE D 49 -35.79 32.00 -27.96
CA PHE D 49 -35.52 33.43 -28.00
C PHE D 49 -36.81 34.22 -27.77
N SER E 2 -28.67 -6.82 -50.52
CA SER E 2 -28.77 -8.04 -51.31
C SER E 2 -27.46 -8.85 -51.24
N LYS E 3 -26.39 -8.27 -51.75
CA LYS E 3 -25.08 -8.92 -51.74
C LYS E 3 -24.34 -8.71 -50.42
N PHE E 4 -25.05 -8.94 -49.31
CA PHE E 4 -24.45 -8.80 -47.99
C PHE E 4 -23.45 -9.91 -47.67
N TYR E 5 -23.35 -10.92 -48.53
CA TYR E 5 -22.46 -12.06 -48.27
C TYR E 5 -20.99 -11.65 -48.19
N LYS E 6 -20.65 -10.46 -48.68
CA LYS E 6 -19.26 -10.03 -48.68
C LYS E 6 -18.79 -9.58 -47.30
N ILE E 7 -19.68 -9.51 -46.31
CA ILE E 7 -19.26 -9.18 -44.96
C ILE E 7 -18.31 -10.22 -44.41
N TRP E 8 -18.39 -11.46 -44.90
CA TRP E 8 -17.49 -12.51 -44.47
C TRP E 8 -16.08 -12.35 -45.04
N LEU E 9 -15.93 -11.55 -46.10
CA LEU E 9 -14.60 -11.22 -46.59
C LEU E 9 -13.87 -10.30 -45.62
N ILE E 10 -14.60 -9.53 -44.83
CA ILE E 10 -14.01 -8.65 -43.83
C ILE E 10 -13.97 -9.32 -42.46
N PHE E 11 -15.11 -9.80 -41.98
CA PHE E 11 -15.20 -10.44 -40.68
C PHE E 11 -14.80 -11.90 -40.79
N ASP E 12 -13.91 -12.34 -39.90
CA ASP E 12 -13.56 -13.75 -39.81
C ASP E 12 -14.77 -14.52 -39.30
N PRO E 13 -15.25 -15.54 -40.03
CA PRO E 13 -16.45 -16.25 -39.56
C PRO E 13 -16.29 -16.86 -38.18
N ARG E 14 -15.09 -17.33 -37.84
CA ARG E 14 -14.88 -17.90 -36.52
C ARG E 14 -14.93 -16.84 -35.44
N ARG E 15 -14.44 -15.64 -35.74
CA ARG E 15 -14.43 -14.57 -34.74
C ARG E 15 -15.82 -14.02 -34.51
N VAL E 16 -16.58 -13.78 -35.58
CA VAL E 16 -17.90 -13.16 -35.43
C VAL E 16 -18.89 -14.14 -34.81
N PHE E 17 -18.78 -15.43 -35.13
CA PHE E 17 -19.72 -16.42 -34.61
C PHE E 17 -19.64 -16.51 -33.09
N VAL E 18 -18.42 -16.50 -32.55
CA VAL E 18 -18.26 -16.52 -31.10
C VAL E 18 -18.81 -15.24 -30.48
N ALA E 19 -18.49 -14.09 -31.08
CA ALA E 19 -18.98 -12.83 -30.55
C ALA E 19 -20.49 -12.73 -30.64
N GLN E 20 -21.07 -13.19 -31.75
CA GLN E 20 -22.52 -13.17 -31.88
C GLN E 20 -23.18 -14.12 -30.88
N GLY E 21 -22.61 -15.31 -30.69
CA GLY E 21 -23.17 -16.24 -29.73
C GLY E 21 -23.15 -15.71 -28.31
N VAL E 22 -22.04 -15.08 -27.92
CA VAL E 22 -21.96 -14.48 -26.60
C VAL E 22 -22.95 -13.31 -26.49
N PHE E 23 -23.02 -12.48 -27.53
CA PHE E 23 -23.91 -11.33 -27.50
C PHE E 23 -25.37 -11.74 -27.41
N LEU E 24 -25.77 -12.75 -28.18
CA LEU E 24 -27.18 -13.14 -28.22
C LEU E 24 -27.64 -13.70 -26.88
N PHE E 25 -26.84 -14.55 -26.25
CA PHE E 25 -27.24 -15.10 -24.96
C PHE E 25 -27.31 -14.02 -23.90
N LEU E 26 -26.32 -13.14 -23.84
CA LEU E 26 -26.32 -12.06 -22.86
C LEU E 26 -27.50 -11.13 -23.08
N LEU E 27 -27.80 -10.80 -24.34
CA LEU E 27 -28.97 -9.99 -24.64
C LEU E 27 -30.25 -10.70 -24.21
N ALA E 28 -30.36 -12.00 -24.51
CA ALA E 28 -31.53 -12.76 -24.10
C ALA E 28 -31.62 -12.85 -22.58
N ALA E 29 -30.49 -13.10 -21.92
CA ALA E 29 -30.50 -13.16 -20.46
C ALA E 29 -30.84 -11.81 -19.84
N MET E 30 -30.28 -10.72 -20.39
CA MET E 30 -30.54 -9.40 -19.83
C MET E 30 -32.01 -9.01 -19.98
N ILE E 31 -32.61 -9.29 -21.14
CA ILE E 31 -34.01 -8.96 -21.34
C ILE E 31 -34.88 -9.80 -20.42
N HIS E 32 -34.55 -11.09 -20.26
CA HIS E 32 -35.30 -11.94 -19.34
C HIS E 32 -35.21 -11.40 -17.92
N LEU E 33 -34.02 -10.96 -17.50
CA LEU E 33 -33.86 -10.39 -16.17
C LEU E 33 -34.58 -9.06 -16.04
N VAL E 34 -34.67 -8.28 -17.12
CA VAL E 34 -35.41 -7.03 -17.08
C VAL E 34 -36.89 -7.28 -16.83
N LEU E 35 -37.46 -8.29 -17.49
CA LEU E 35 -38.87 -8.62 -17.29
C LEU E 35 -39.12 -9.07 -15.85
N LEU E 36 -38.19 -9.83 -15.28
CA LEU E 36 -38.33 -10.24 -13.88
C LEU E 36 -38.29 -9.04 -12.95
N SER E 37 -37.54 -7.99 -13.32
CA SER E 37 -37.49 -6.79 -12.48
C SER E 37 -38.84 -6.11 -12.42
N THR E 38 -39.56 -6.04 -13.54
CA THR E 38 -40.88 -5.43 -13.55
C THR E 38 -41.87 -6.27 -12.75
N GLU E 39 -42.86 -5.60 -12.18
CA GLU E 39 -43.89 -6.25 -11.38
C GLU E 39 -45.08 -6.70 -12.19
N HIS E 40 -45.10 -6.41 -13.50
CA HIS E 40 -46.21 -6.81 -14.37
C HIS E 40 -45.88 -7.99 -15.26
N PHE E 41 -44.63 -8.14 -15.69
CA PHE E 41 -44.23 -9.20 -16.60
C PHE E 41 -43.45 -10.31 -15.90
N ASN E 42 -43.35 -10.28 -14.57
CA ASN E 42 -42.67 -11.34 -13.83
C ASN E 42 -43.59 -12.55 -13.77
N TRP E 43 -43.33 -13.52 -14.65
CA TRP E 43 -44.21 -14.69 -14.72
C TRP E 43 -44.11 -15.55 -13.46
N PHE E 44 -42.98 -15.52 -12.78
CA PHE E 44 -42.85 -16.28 -11.54
C PHE E 44 -43.77 -15.75 -10.46
N GLU E 45 -43.80 -14.42 -10.28
CA GLU E 45 -44.67 -13.83 -9.28
C GLU E 45 -46.13 -13.83 -9.69
N LEU E 46 -46.41 -13.77 -10.99
CA LEU E 46 -47.80 -13.83 -11.44
C LEU E 46 -48.41 -15.19 -11.11
N ALA E 47 -47.65 -16.27 -11.29
CA ALA E 47 -48.17 -17.60 -11.00
C ALA E 47 -48.53 -17.73 -9.52
N ALA E 48 -47.72 -17.14 -8.64
CA ALA E 48 -48.07 -17.12 -7.22
C ALA E 48 -49.35 -16.35 -6.98
N ALA E 49 -49.50 -15.20 -7.64
CA ALA E 49 -50.73 -14.42 -7.50
C ALA E 49 -51.90 -15.12 -8.18
N ASN E 50 -51.67 -15.70 -9.35
CA ASN E 50 -52.76 -16.35 -10.09
C ASN E 50 -53.29 -17.56 -9.32
N ALA E 51 -52.39 -18.33 -8.69
CA ALA E 51 -52.81 -19.50 -7.93
C ALA E 51 -53.54 -19.14 -6.64
N ALA E 52 -53.51 -17.88 -6.23
CA ALA E 52 -54.18 -17.41 -5.03
C ALA E 52 -53.74 -18.19 -3.79
N LEU F 7 -3.19 7.32 -53.28
CA LEU F 7 -4.57 7.67 -52.94
C LEU F 7 -5.05 6.86 -51.74
N SER F 8 -4.93 5.54 -51.85
CA SER F 8 -5.42 4.65 -50.80
C SER F 8 -4.49 4.67 -49.59
N PHE F 9 -5.07 4.39 -48.42
CA PHE F 9 -4.32 4.27 -47.18
C PHE F 9 -4.34 2.88 -46.58
N THR F 10 -5.40 2.11 -46.84
CA THR F 10 -5.56 0.78 -46.26
C THR F 10 -5.43 -0.34 -47.28
N GLY F 11 -5.08 -0.04 -48.52
CA GLY F 11 -4.81 -1.04 -49.53
C GLY F 11 -5.95 -1.29 -50.49
N LEU F 12 -7.18 -0.91 -50.13
CA LEU F 12 -8.31 -1.11 -51.03
C LEU F 12 -8.18 -0.22 -52.27
N THR F 13 -8.46 -0.79 -53.43
CA THR F 13 -8.42 -0.05 -54.67
C THR F 13 -9.66 0.84 -54.80
N ASP F 14 -9.62 1.73 -55.80
CA ASP F 14 -10.72 2.66 -55.99
C ASP F 14 -12.02 1.93 -56.34
N GLU F 15 -11.95 0.94 -57.22
CA GLU F 15 -13.15 0.22 -57.60
C GLU F 15 -13.64 -0.70 -56.48
N GLN F 16 -12.73 -1.24 -55.67
CA GLN F 16 -13.12 -2.07 -54.55
C GLN F 16 -13.93 -1.27 -53.53
N ALA F 17 -13.49 -0.04 -53.25
CA ALA F 17 -14.22 0.81 -52.30
C ALA F 17 -15.58 1.20 -52.85
N GLN F 18 -15.68 1.45 -54.15
CA GLN F 18 -16.97 1.76 -54.76
C GLN F 18 -17.94 0.60 -54.58
N GLU F 19 -17.47 -0.63 -54.80
CA GLU F 19 -18.32 -1.80 -54.57
C GLU F 19 -18.63 -1.97 -53.10
N LEU F 20 -17.65 -1.74 -52.23
CA LEU F 20 -17.87 -1.87 -50.80
C LEU F 20 -18.84 -0.79 -50.30
N HIS F 21 -18.70 0.44 -50.80
CA HIS F 21 -19.59 1.52 -50.37
C HIS F 21 -21.03 1.26 -50.77
N SER F 22 -21.24 0.70 -51.97
CA SER F 22 -22.60 0.44 -52.44
C SER F 22 -23.31 -0.54 -51.52
N VAL F 23 -22.61 -1.60 -51.09
CA VAL F 23 -23.21 -2.54 -50.15
C VAL F 23 -23.43 -1.89 -48.80
N TYR F 24 -22.46 -1.08 -48.34
CA TYR F 24 -22.60 -0.43 -47.05
C TYR F 24 -23.78 0.55 -47.04
N MET F 25 -23.94 1.33 -48.11
CA MET F 25 -25.08 2.24 -48.18
C MET F 25 -26.39 1.47 -48.24
N SER F 26 -26.43 0.38 -49.01
CA SER F 26 -27.62 -0.45 -49.05
C SER F 26 -27.95 -1.02 -47.69
N GLY F 27 -26.93 -1.43 -46.94
CA GLY F 27 -27.15 -1.85 -45.56
C GLY F 27 -27.56 -0.70 -44.67
N LEU F 28 -26.97 0.47 -44.87
CA LEU F 28 -27.33 1.64 -44.07
C LEU F 28 -28.78 2.06 -44.34
N TRP F 29 -29.20 2.04 -45.60
CA TRP F 29 -30.58 2.40 -45.92
C TRP F 29 -31.56 1.39 -45.33
N LEU F 30 -31.23 0.11 -45.40
CA LEU F 30 -32.10 -0.91 -44.81
C LEU F 30 -32.22 -0.73 -43.31
N PHE F 31 -31.10 -0.44 -42.63
CA PHE F 31 -31.15 -0.18 -41.20
C PHE F 31 -31.93 1.09 -40.91
N SER F 32 -31.79 2.11 -41.75
CA SER F 32 -32.54 3.34 -41.55
C SER F 32 -34.00 3.18 -41.94
N ALA F 33 -34.30 2.29 -42.90
CA ALA F 33 -35.68 2.10 -43.33
C ALA F 33 -36.52 1.52 -42.20
N VAL F 34 -36.03 0.47 -41.55
CA VAL F 34 -36.76 -0.11 -40.43
C VAL F 34 -36.76 0.85 -39.24
N ALA F 35 -35.70 1.63 -39.07
CA ALA F 35 -35.66 2.62 -38.01
C ALA F 35 -36.74 3.68 -38.20
N VAL F 36 -36.94 4.11 -39.45
CA VAL F 36 -38.02 5.06 -39.75
C VAL F 36 -39.37 4.42 -39.44
N VAL F 37 -39.56 3.18 -39.89
CA VAL F 37 -40.81 2.47 -39.61
C VAL F 37 -40.99 2.27 -38.11
N ALA F 38 -39.91 1.89 -37.42
CA ALA F 38 -39.99 1.73 -35.97
C ALA F 38 -40.32 3.04 -35.28
N HIS F 39 -39.70 4.14 -35.72
CA HIS F 39 -39.97 5.44 -35.12
C HIS F 39 -41.39 5.90 -35.45
N LEU F 40 -41.85 5.63 -36.67
CA LEU F 40 -43.21 6.03 -37.06
C LEU F 40 -44.25 5.32 -36.21
N ALA F 41 -44.07 4.02 -35.98
CA ALA F 41 -45.01 3.27 -35.17
C ALA F 41 -45.01 3.76 -33.72
N THR F 42 -43.82 4.05 -33.18
CA THR F 42 -43.75 4.55 -31.81
C THR F 42 -44.42 5.92 -31.68
N PHE F 43 -44.29 6.77 -32.69
CA PHE F 43 -44.90 8.09 -32.63
C PHE F 43 -46.42 7.97 -32.57
N ILE F 44 -47.01 7.06 -33.34
CA ILE F 44 -48.45 6.85 -33.27
C ILE F 44 -48.84 6.31 -31.90
N TRP F 45 -48.07 5.36 -31.37
CA TRP F 45 -48.38 4.79 -30.07
C TRP F 45 -48.28 5.81 -28.96
N ARG F 46 -47.15 6.51 -28.88
CA ARG F 46 -46.93 7.52 -27.84
C ARG F 46 -46.11 8.65 -28.44
N PRO F 47 -46.76 9.69 -28.96
CA PRO F 47 -46.02 10.83 -29.51
C PRO F 47 -45.28 11.60 -28.43
N TRP F 48 -44.16 12.19 -28.83
CA TRP F 48 -43.34 13.00 -27.93
C TRP F 48 -43.30 14.46 -28.37
N PHE F 49 -44.22 14.88 -29.23
CA PHE F 49 -44.27 16.25 -29.70
C PHE F 49 -45.64 16.87 -29.44
N SER G 2 -21.90 12.02 -53.52
CA SER G 2 -21.82 10.87 -54.42
C SER G 2 -20.39 10.37 -54.51
N LYS G 3 -19.45 11.16 -54.00
CA LYS G 3 -18.03 10.82 -54.02
C LYS G 3 -17.57 10.29 -52.66
N PHE G 4 -18.51 10.01 -51.76
CA PHE G 4 -18.17 9.62 -50.39
C PHE G 4 -17.50 8.26 -50.29
N TYR G 5 -17.49 7.47 -51.38
CA TYR G 5 -16.92 6.12 -51.32
C TYR G 5 -15.44 6.13 -50.97
N LYS G 6 -14.75 7.26 -51.16
CA LYS G 6 -13.33 7.33 -50.88
C LYS G 6 -13.01 7.25 -49.40
N ILE G 7 -14.02 7.32 -48.53
CA ILE G 7 -13.77 7.16 -47.10
C ILE G 7 -13.18 5.80 -46.79
N TRP G 8 -13.49 4.79 -47.62
CA TRP G 8 -12.95 3.46 -47.39
C TRP G 8 -11.48 3.35 -47.78
N LEU G 9 -11.00 4.26 -48.63
CA LEU G 9 -9.56 4.31 -48.90
C LEU G 9 -8.77 4.76 -47.68
N ILE G 10 -9.40 5.46 -46.76
CA ILE G 10 -8.73 5.95 -45.55
C ILE G 10 -8.87 4.97 -44.40
N PHE G 11 -10.08 4.50 -44.14
CA PHE G 11 -10.37 3.67 -42.99
C PHE G 11 -10.44 2.20 -43.39
N ASP G 12 -9.77 1.36 -42.61
CA ASP G 12 -9.86 -0.08 -42.82
C ASP G 12 -11.28 -0.55 -42.53
N PRO G 13 -11.92 -1.28 -43.44
CA PRO G 13 -13.30 -1.73 -43.18
C PRO G 13 -13.43 -2.60 -41.94
N ARG G 14 -12.41 -3.40 -41.61
CA ARG G 14 -12.49 -4.24 -40.43
C ARG G 14 -12.56 -3.40 -39.16
N ARG G 15 -11.78 -2.34 -39.08
CA ARG G 15 -11.74 -1.52 -37.87
C ARG G 15 -13.02 -0.71 -37.70
N VAL G 16 -13.50 -0.08 -38.78
CA VAL G 16 -14.68 0.77 -38.68
C VAL G 16 -15.94 -0.05 -38.45
N PHE G 17 -16.05 -1.21 -39.10
CA PHE G 17 -17.25 -2.03 -38.97
C PHE G 17 -17.42 -2.53 -37.55
N VAL G 18 -16.33 -2.97 -36.92
CA VAL G 18 -16.39 -3.40 -35.52
C VAL G 18 -16.76 -2.22 -34.63
N ALA G 19 -16.14 -1.07 -34.87
CA ALA G 19 -16.46 0.12 -34.09
C ALA G 19 -17.90 0.56 -34.31
N GLN G 20 -18.37 0.51 -35.55
CA GLN G 20 -19.74 0.91 -35.84
C GLN G 20 -20.73 -0.04 -35.17
N GLY G 21 -20.47 -1.34 -35.22
CA GLY G 21 -21.38 -2.30 -34.60
C GLY G 21 -21.46 -2.12 -33.09
N VAL G 22 -20.31 -1.90 -32.44
CA VAL G 22 -20.30 -1.67 -31.00
C VAL G 22 -21.00 -0.36 -30.68
N PHE G 23 -20.72 0.70 -31.44
CA PHE G 23 -21.35 1.99 -31.18
C PHE G 23 -22.85 1.94 -31.42
N LEU G 24 -23.29 1.28 -32.49
CA LEU G 24 -24.70 1.27 -32.82
C LEU G 24 -25.52 0.58 -31.75
N PHE G 25 -25.05 -0.56 -31.25
CA PHE G 25 -25.78 -1.25 -30.18
C PHE G 25 -25.72 -0.47 -28.88
N LEU G 26 -24.56 0.08 -28.53
CA LEU G 26 -24.44 0.85 -27.30
C LEU G 26 -25.33 2.09 -27.35
N LEU G 27 -25.37 2.77 -28.49
CA LEU G 27 -26.28 3.90 -28.64
C LEU G 27 -27.73 3.46 -28.56
N ALA G 28 -28.07 2.35 -29.22
CA ALA G 28 -29.44 1.85 -29.19
C ALA G 28 -29.85 1.44 -27.78
N ALA G 29 -28.94 0.74 -27.07
CA ALA G 29 -29.24 0.35 -25.69
C ALA G 29 -29.35 1.57 -24.79
N MET G 30 -28.49 2.59 -25.01
CA MET G 30 -28.52 3.77 -24.17
C MET G 30 -29.84 4.52 -24.32
N ILE G 31 -30.33 4.67 -25.55
CA ILE G 31 -31.60 5.35 -25.76
C ILE G 31 -32.75 4.55 -25.16
N HIS G 32 -32.70 3.21 -25.29
CA HIS G 32 -33.73 2.37 -24.70
C HIS G 32 -33.75 2.53 -23.18
N LEU G 33 -32.57 2.56 -22.55
CA LEU G 33 -32.51 2.73 -21.10
C LEU G 33 -33.00 4.12 -20.68
N VAL G 34 -32.73 5.14 -21.50
CA VAL G 34 -33.20 6.48 -21.18
C VAL G 34 -34.72 6.52 -21.14
N LEU G 35 -35.37 5.89 -22.12
CA LEU G 35 -36.83 5.83 -22.12
C LEU G 35 -37.36 5.09 -20.90
N LEU G 36 -36.70 3.99 -20.53
CA LEU G 36 -37.16 3.21 -19.37
C LEU G 36 -37.03 4.01 -18.08
N SER G 37 -36.11 4.97 -18.04
CA SER G 37 -35.97 5.81 -16.85
C SER G 37 -37.16 6.77 -16.72
N THR G 38 -37.64 7.31 -17.83
CA THR G 38 -38.77 8.23 -17.79
C THR G 38 -40.05 7.51 -17.41
N GLU G 39 -40.95 8.25 -16.77
CA GLU G 39 -42.23 7.70 -16.36
C GLU G 39 -43.25 7.64 -17.48
N HIS G 40 -43.01 8.35 -18.59
CA HIS G 40 -43.95 8.38 -19.69
C HIS G 40 -43.66 7.29 -20.72
N PHE G 41 -42.43 7.26 -21.24
CA PHE G 41 -42.05 6.28 -22.26
C PHE G 41 -41.43 5.03 -21.65
N ASN G 42 -42.12 4.45 -20.68
CA ASN G 42 -41.71 3.20 -20.03
C ASN G 42 -42.80 2.17 -20.29
N TRP G 43 -42.68 1.47 -21.41
CA TRP G 43 -43.73 0.54 -21.83
C TRP G 43 -43.97 -0.58 -20.84
N PHE G 44 -42.98 -0.89 -19.99
CA PHE G 44 -43.19 -1.91 -18.97
C PHE G 44 -44.18 -1.43 -17.92
N GLU G 45 -44.04 -0.19 -17.45
CA GLU G 45 -44.97 0.35 -16.47
C GLU G 45 -46.30 0.74 -17.09
N LEU G 46 -46.29 1.14 -18.36
CA LEU G 46 -47.54 1.51 -19.03
C LEU G 46 -48.48 0.32 -19.14
N ALA G 47 -47.93 -0.86 -19.44
CA ALA G 47 -48.77 -2.06 -19.51
C ALA G 47 -49.39 -2.37 -18.15
N ALA G 48 -48.62 -2.18 -17.07
CA ALA G 48 -49.17 -2.38 -15.73
C ALA G 48 -50.29 -1.39 -15.44
N ALA G 49 -50.08 -0.12 -15.79
CA ALA G 49 -51.12 0.88 -15.56
C ALA G 49 -52.32 0.65 -16.47
N ASN G 50 -52.08 0.29 -17.73
CA ASN G 50 -53.18 0.06 -18.67
C ASN G 50 -54.03 -1.13 -18.24
N ALA G 51 -53.38 -2.22 -17.81
CA ALA G 51 -54.13 -3.39 -17.38
C ALA G 51 -54.97 -3.10 -16.14
N ALA G 52 -54.40 -2.39 -15.18
CA ALA G 52 -55.12 -2.04 -13.95
C ALA G 52 -56.18 -0.99 -14.21
N ASP H 6 -11.91 -8.21 -55.62
CA ASP H 6 -11.70 -9.56 -55.11
C ASP H 6 -10.94 -9.53 -53.79
N LEU H 7 -11.17 -8.49 -53.00
CA LEU H 7 -10.51 -8.37 -51.70
C LEU H 7 -11.10 -9.37 -50.71
N SER H 8 -10.23 -9.89 -49.85
CA SER H 8 -10.67 -10.83 -48.82
C SER H 8 -9.65 -10.80 -47.69
N PHE H 9 -10.02 -10.20 -46.56
CA PHE H 9 -9.12 -10.17 -45.40
C PHE H 9 -9.18 -11.45 -44.59
N THR H 10 -10.12 -12.34 -44.86
CA THR H 10 -10.29 -13.57 -44.10
C THR H 10 -9.85 -14.81 -44.88
N GLY H 11 -9.37 -14.65 -46.10
CA GLY H 11 -8.93 -15.78 -46.90
C GLY H 11 -10.05 -16.55 -47.57
N LEU H 12 -11.29 -16.09 -47.48
CA LEU H 12 -12.41 -16.75 -48.11
C LEU H 12 -12.64 -16.19 -49.51
N THR H 13 -12.88 -17.08 -50.45
CA THR H 13 -13.22 -16.67 -51.80
C THR H 13 -14.66 -16.16 -51.85
N ASP H 14 -15.02 -15.55 -52.98
CA ASP H 14 -16.38 -15.05 -53.15
C ASP H 14 -17.38 -16.20 -53.12
N GLU H 15 -17.04 -17.33 -53.75
CA GLU H 15 -17.92 -18.48 -53.72
C GLU H 15 -18.08 -19.03 -52.30
N GLN H 16 -16.98 -19.10 -51.55
CA GLN H 16 -17.05 -19.61 -50.19
C GLN H 16 -17.89 -18.70 -49.29
N ALA H 17 -17.71 -17.39 -49.42
CA ALA H 17 -18.47 -16.45 -48.60
C ALA H 17 -19.95 -16.48 -48.97
N GLN H 18 -20.26 -16.64 -50.26
CA GLN H 18 -21.65 -16.69 -50.69
C GLN H 18 -22.37 -17.89 -50.09
N GLU H 19 -21.71 -19.05 -50.08
CA GLU H 19 -22.32 -20.24 -49.49
C GLU H 19 -22.44 -20.11 -47.98
N LEU H 20 -21.43 -19.51 -47.33
CA LEU H 20 -21.48 -19.33 -45.88
C LEU H 20 -22.63 -18.43 -45.47
N HIS H 21 -22.87 -17.36 -46.23
CA HIS H 21 -23.98 -16.46 -45.91
C HIS H 21 -25.33 -17.15 -46.08
N SER H 22 -25.45 -18.01 -47.09
CA SER H 22 -26.72 -18.70 -47.31
C SER H 22 -27.07 -19.58 -46.12
N VAL H 23 -26.08 -20.27 -45.55
CA VAL H 23 -26.33 -21.06 -44.35
C VAL H 23 -26.60 -20.15 -43.16
N TYR H 24 -25.82 -19.07 -43.03
CA TYR H 24 -26.02 -18.13 -41.94
C TYR H 24 -27.40 -17.47 -42.04
N MET H 25 -27.82 -17.11 -43.25
CA MET H 25 -29.15 -16.54 -43.42
C MET H 25 -30.23 -17.54 -43.01
N SER H 26 -30.08 -18.80 -43.41
CA SER H 26 -31.00 -19.84 -42.96
C SER H 26 -30.90 -20.04 -41.46
N GLY H 27 -29.72 -19.77 -40.88
CA GLY H 27 -29.54 -19.85 -39.45
C GLY H 27 -29.74 -18.51 -38.77
N LEU H 28 -30.50 -17.65 -39.43
CA LEU H 28 -30.98 -16.38 -38.88
C LEU H 28 -32.48 -16.26 -38.97
N TRP H 29 -33.09 -16.70 -40.08
CA TRP H 29 -34.54 -16.71 -40.16
C TRP H 29 -35.14 -17.75 -39.21
N LEU H 30 -34.50 -18.92 -39.10
CA LEU H 30 -34.98 -19.94 -38.17
C LEU H 30 -34.94 -19.43 -36.73
N PHE H 31 -33.85 -18.76 -36.35
CA PHE H 31 -33.78 -18.16 -35.03
C PHE H 31 -34.82 -17.05 -34.88
N SER H 32 -35.04 -16.27 -35.94
CA SER H 32 -36.03 -15.20 -35.87
C SER H 32 -37.45 -15.75 -35.93
N ALA H 33 -37.67 -16.82 -36.71
CA ALA H 33 -39.01 -17.40 -36.78
C ALA H 33 -39.44 -17.94 -35.42
N VAL H 34 -38.53 -18.60 -34.70
CA VAL H 34 -38.84 -19.05 -33.35
C VAL H 34 -39.08 -17.86 -32.45
N ALA H 35 -38.28 -16.80 -32.60
CA ALA H 35 -38.48 -15.59 -31.81
C ALA H 35 -39.82 -14.93 -32.11
N VAL H 36 -40.22 -14.92 -33.39
CA VAL H 36 -41.50 -14.33 -33.78
C VAL H 36 -42.64 -15.11 -33.13
N VAL H 37 -42.57 -16.44 -33.18
CA VAL H 37 -43.62 -17.27 -32.57
C VAL H 37 -43.64 -17.06 -31.06
N ALA H 38 -42.47 -17.02 -30.43
CA ALA H 38 -42.40 -16.79 -28.99
C ALA H 38 -42.94 -15.41 -28.63
N HIS H 39 -42.59 -14.39 -29.41
CA HIS H 39 -43.08 -13.04 -29.15
C HIS H 39 -44.59 -12.97 -29.35
N LEU H 40 -45.12 -13.65 -30.36
CA LEU H 40 -46.55 -13.65 -30.59
C LEU H 40 -47.30 -14.29 -29.43
N ALA H 41 -46.78 -15.41 -28.91
CA ALA H 41 -47.42 -16.06 -27.77
C ALA H 41 -47.35 -15.17 -26.53
N THR H 42 -46.23 -14.49 -26.31
CA THR H 42 -46.11 -13.60 -25.16
C THR H 42 -47.09 -12.43 -25.26
N PHE H 43 -47.26 -11.88 -26.47
CA PHE H 43 -48.19 -10.76 -26.64
C PHE H 43 -49.62 -11.18 -26.35
N ILE H 44 -50.01 -12.37 -26.80
CA ILE H 44 -51.34 -12.89 -26.48
C ILE H 44 -51.49 -13.08 -24.98
N TRP H 45 -50.41 -13.53 -24.33
CA TRP H 45 -50.47 -13.76 -22.88
C TRP H 45 -50.54 -12.44 -22.12
N ARG H 46 -49.50 -11.60 -22.26
CA ARG H 46 -49.49 -10.27 -21.65
C ARG H 46 -48.97 -9.28 -22.69
N PRO H 47 -49.86 -8.55 -23.36
CA PRO H 47 -49.40 -7.52 -24.29
C PRO H 47 -48.71 -6.37 -23.57
N TRP H 48 -47.74 -5.76 -24.25
CA TRP H 48 -47.00 -4.66 -23.69
C TRP H 48 -47.25 -3.33 -24.41
N PHE H 49 -48.07 -3.33 -25.45
CA PHE H 49 -48.48 -2.08 -26.09
C PHE H 49 -49.84 -2.25 -26.76
N SER I 2 -27.38 -44.50 -28.92
CA SER I 2 -27.16 -44.50 -30.36
C SER I 2 -25.74 -44.94 -30.69
N LYS I 3 -24.91 -43.98 -31.08
CA LYS I 3 -23.51 -44.21 -31.42
C LYS I 3 -22.63 -43.13 -30.80
N PHE I 4 -22.92 -42.78 -29.55
CA PHE I 4 -22.21 -41.72 -28.83
C PHE I 4 -20.78 -42.09 -28.48
N TYR I 5 -20.29 -43.25 -28.88
CA TYR I 5 -18.93 -43.65 -28.53
C TYR I 5 -17.87 -42.73 -29.14
N LYS I 6 -18.23 -41.96 -30.17
CA LYS I 6 -17.29 -41.07 -30.81
C LYS I 6 -16.86 -39.91 -29.91
N ILE I 7 -17.52 -39.70 -28.77
CA ILE I 7 -17.14 -38.62 -27.87
C ILE I 7 -15.72 -38.82 -27.37
N TRP I 8 -15.26 -40.06 -27.26
CA TRP I 8 -13.91 -40.33 -26.81
C TRP I 8 -12.87 -40.13 -27.90
N LEU I 9 -13.28 -40.02 -29.16
CA LEU I 9 -12.36 -39.59 -30.20
C LEU I 9 -12.04 -38.11 -30.06
N ILE I 10 -12.98 -37.32 -29.55
CA ILE I 10 -12.78 -35.89 -29.35
C ILE I 10 -12.26 -35.59 -27.96
N PHE I 11 -12.91 -36.13 -26.93
CA PHE I 11 -12.48 -35.94 -25.56
C PHE I 11 -11.42 -36.96 -25.17
N ASP I 12 -10.40 -36.49 -24.47
CA ASP I 12 -9.40 -37.37 -23.90
C ASP I 12 -10.01 -38.10 -22.71
N PRO I 13 -10.02 -39.44 -22.69
CA PRO I 13 -10.64 -40.16 -21.57
C PRO I 13 -10.03 -39.82 -20.21
N ARG I 14 -8.72 -39.59 -20.16
CA ARG I 14 -8.09 -39.26 -18.89
C ARG I 14 -8.60 -37.93 -18.34
N ARG I 15 -8.73 -36.93 -19.21
CA ARG I 15 -9.08 -35.59 -18.75
C ARG I 15 -10.56 -35.47 -18.39
N VAL I 16 -11.44 -36.17 -19.10
CA VAL I 16 -12.86 -36.13 -18.79
C VAL I 16 -13.15 -36.87 -17.49
N PHE I 17 -12.51 -38.02 -17.30
CA PHE I 17 -12.80 -38.85 -16.13
C PHE I 17 -12.47 -38.12 -14.84
N VAL I 18 -11.33 -37.43 -14.78
CA VAL I 18 -11.02 -36.62 -13.62
C VAL I 18 -11.95 -35.42 -13.54
N ALA I 19 -12.31 -34.84 -14.69
CA ALA I 19 -13.21 -33.69 -14.69
C ALA I 19 -14.58 -34.05 -14.15
N GLN I 20 -15.12 -35.21 -14.56
CA GLN I 20 -16.42 -35.61 -14.04
C GLN I 20 -16.33 -36.14 -12.62
N GLY I 21 -15.16 -36.64 -12.22
CA GLY I 21 -15.01 -37.12 -10.85
C GLY I 21 -15.14 -36.01 -9.83
N VAL I 22 -14.46 -34.89 -10.08
CA VAL I 22 -14.57 -33.75 -9.18
C VAL I 22 -15.95 -33.11 -9.30
N PHE I 23 -16.50 -33.06 -10.51
CA PHE I 23 -17.82 -32.47 -10.71
C PHE I 23 -18.90 -33.27 -10.00
N LEU I 24 -18.83 -34.61 -10.10
CA LEU I 24 -19.87 -35.44 -9.50
C LEU I 24 -19.88 -35.29 -7.98
N PHE I 25 -18.69 -35.34 -7.35
CA PHE I 25 -18.64 -35.21 -5.91
C PHE I 25 -19.07 -33.82 -5.46
N LEU I 26 -18.61 -32.78 -6.16
CA LEU I 26 -19.01 -31.43 -5.79
C LEU I 26 -20.51 -31.23 -5.94
N LEU I 27 -21.09 -31.78 -7.01
CA LEU I 27 -22.54 -31.74 -7.15
C LEU I 27 -23.23 -32.52 -6.05
N ALA I 28 -22.73 -33.72 -5.75
CA ALA I 28 -23.32 -34.54 -4.69
C ALA I 28 -23.19 -33.86 -3.34
N ALA I 29 -22.02 -33.29 -3.05
CA ALA I 29 -21.84 -32.57 -1.80
C ALA I 29 -22.73 -31.34 -1.73
N MET I 30 -22.84 -30.61 -2.85
CA MET I 30 -23.65 -29.39 -2.86
C MET I 30 -25.12 -29.70 -2.61
N ILE I 31 -25.66 -30.74 -3.25
CA ILE I 31 -27.06 -31.08 -3.08
C ILE I 31 -27.32 -31.59 -1.67
N HIS I 32 -26.38 -32.35 -1.11
CA HIS I 32 -26.51 -32.79 0.28
C HIS I 32 -26.54 -31.60 1.23
N LEU I 33 -25.70 -30.60 0.97
CA LEU I 33 -25.69 -29.39 1.81
C LEU I 33 -26.98 -28.61 1.67
N VAL I 34 -27.55 -28.57 0.46
CA VAL I 34 -28.82 -27.88 0.27
C VAL I 34 -29.91 -28.51 1.11
N LEU I 35 -29.93 -29.85 1.16
CA LEU I 35 -30.88 -30.54 2.03
C LEU I 35 -30.64 -30.21 3.49
N LEU I 36 -29.37 -30.14 3.91
CA LEU I 36 -29.05 -29.83 5.30
C LEU I 36 -29.42 -28.40 5.66
N SER I 37 -29.57 -27.51 4.68
CA SER I 37 -29.95 -26.14 4.97
C SER I 37 -31.44 -25.96 5.15
N THR I 38 -32.24 -26.99 4.86
CA THR I 38 -33.69 -26.93 4.99
C THR I 38 -34.14 -27.64 6.25
N GLU I 39 -35.15 -27.08 6.92
CA GLU I 39 -35.68 -27.70 8.12
C GLU I 39 -36.32 -29.05 7.81
N HIS I 40 -37.03 -29.14 6.68
CA HIS I 40 -37.79 -30.34 6.38
C HIS I 40 -36.88 -31.52 6.05
N PHE I 41 -35.81 -31.28 5.30
CA PHE I 41 -34.99 -32.36 4.77
C PHE I 41 -33.68 -32.56 5.53
N ASN I 42 -33.52 -31.93 6.68
CA ASN I 42 -32.31 -32.12 7.49
C ASN I 42 -32.49 -33.39 8.31
N TRP I 43 -31.94 -34.50 7.82
CA TRP I 43 -32.12 -35.78 8.50
C TRP I 43 -31.43 -35.80 9.86
N PHE I 44 -30.39 -34.98 10.04
CA PHE I 44 -29.72 -34.93 11.33
C PHE I 44 -30.62 -34.30 12.39
N GLU I 45 -31.24 -33.17 12.06
CA GLU I 45 -32.12 -32.49 13.02
C GLU I 45 -33.43 -33.23 13.22
N LEU I 46 -33.84 -34.04 12.25
CA LEU I 46 -35.09 -34.79 12.38
C LEU I 46 -34.95 -35.97 13.33
N ALA I 47 -33.77 -36.58 13.39
CA ALA I 47 -33.54 -37.66 14.35
C ALA I 47 -33.69 -37.16 15.77
N ALA I 48 -33.20 -35.94 16.04
CA ALA I 48 -33.36 -35.36 17.38
C ALA I 48 -34.83 -35.15 17.71
N ALA I 49 -35.61 -34.65 16.76
CA ALA I 49 -37.03 -34.43 17.00
C ALA I 49 -37.77 -35.75 17.21
N ASN I 50 -37.45 -36.75 16.39
CA ASN I 50 -38.12 -38.04 16.51
C ASN I 50 -37.81 -38.73 17.83
N ALA I 51 -36.55 -38.63 18.28
CA ALA I 51 -36.17 -39.27 19.54
C ALA I 51 -36.90 -38.66 20.72
N ALA I 52 -37.05 -37.34 20.74
CA ALA I 52 -37.72 -36.65 21.83
C ALA I 52 -39.21 -37.00 21.85
N LEU J 7 -13.21 -22.77 -46.00
CA LEU J 7 -13.63 -24.13 -46.32
C LEU J 7 -13.65 -24.99 -45.07
N SER J 8 -12.51 -25.05 -44.36
CA SER J 8 -12.41 -25.84 -43.13
C SER J 8 -11.32 -25.20 -42.27
N PHE J 9 -11.74 -24.43 -41.26
CA PHE J 9 -10.78 -23.79 -40.37
C PHE J 9 -10.20 -24.74 -39.35
N THR J 10 -10.83 -25.89 -39.13
CA THR J 10 -10.37 -26.85 -38.12
C THR J 10 -9.62 -28.03 -38.72
N GLY J 11 -9.32 -27.98 -40.01
CA GLY J 11 -8.68 -29.12 -40.67
C GLY J 11 -9.53 -30.36 -40.61
N LEU J 12 -10.83 -30.22 -40.78
CA LEU J 12 -11.80 -31.30 -40.64
C LEU J 12 -12.61 -31.39 -41.92
N THR J 13 -12.71 -32.61 -42.46
CA THR J 13 -13.31 -32.79 -43.78
C THR J 13 -14.82 -32.57 -43.74
N ASP J 14 -15.38 -32.32 -44.92
CA ASP J 14 -16.83 -32.11 -45.03
C ASP J 14 -17.57 -33.38 -44.64
N GLU J 15 -17.10 -34.54 -45.08
CA GLU J 15 -17.75 -35.80 -44.73
C GLU J 15 -17.72 -36.03 -43.23
N GLN J 16 -16.59 -35.71 -42.59
CA GLN J 16 -16.49 -35.86 -41.14
C GLN J 16 -17.45 -34.92 -40.42
N ALA J 17 -17.60 -33.69 -40.91
CA ALA J 17 -18.48 -32.73 -40.27
C ALA J 17 -19.93 -33.21 -40.29
N GLN J 18 -20.38 -33.76 -41.42
CA GLN J 18 -21.73 -34.29 -41.49
C GLN J 18 -21.92 -35.46 -40.55
N GLU J 19 -20.89 -36.31 -40.41
CA GLU J 19 -20.96 -37.39 -39.44
C GLU J 19 -21.01 -36.85 -38.02
N LEU J 20 -20.20 -35.84 -37.72
CA LEU J 20 -20.18 -35.27 -36.37
C LEU J 20 -21.50 -34.60 -36.04
N HIS J 21 -22.07 -33.86 -37.00
CA HIS J 21 -23.32 -33.15 -36.73
C HIS J 21 -24.48 -34.11 -36.52
N SER J 22 -24.52 -35.20 -37.30
CA SER J 22 -25.62 -36.16 -37.17
C SER J 22 -25.64 -36.77 -35.77
N VAL J 23 -24.46 -37.10 -35.24
CA VAL J 23 -24.39 -37.60 -33.86
C VAL J 23 -24.74 -36.50 -32.88
N TYR J 24 -24.23 -35.28 -33.10
CA TYR J 24 -24.51 -34.18 -32.20
C TYR J 24 -25.99 -33.84 -32.17
N MET J 25 -26.65 -33.82 -33.33
CA MET J 25 -28.08 -33.56 -33.36
C MET J 25 -28.85 -34.66 -32.66
N SER J 26 -28.43 -35.92 -32.81
CA SER J 26 -29.08 -37.02 -32.12
C SER J 26 -28.97 -36.84 -30.62
N GLY J 27 -27.80 -36.42 -30.13
CA GLY J 27 -27.68 -36.12 -28.71
C GLY J 27 -28.49 -34.89 -28.31
N LEU J 28 -28.55 -33.89 -29.18
CA LEU J 28 -29.30 -32.67 -28.87
C LEU J 28 -30.78 -32.97 -28.70
N TRP J 29 -31.35 -33.77 -29.60
CA TRP J 29 -32.76 -34.12 -29.49
C TRP J 29 -33.02 -34.98 -28.25
N LEU J 30 -32.11 -35.90 -27.95
CA LEU J 30 -32.26 -36.71 -26.74
C LEU J 30 -32.22 -35.85 -25.48
N PHE J 31 -31.30 -34.88 -25.44
CA PHE J 31 -31.26 -33.95 -24.31
C PHE J 31 -32.52 -33.10 -24.28
N SER J 32 -33.01 -32.67 -25.44
CA SER J 32 -34.23 -31.88 -25.49
C SER J 32 -35.46 -32.72 -25.20
N ALA J 33 -35.46 -34.00 -25.60
CA ALA J 33 -36.59 -34.86 -25.32
C ALA J 33 -36.80 -35.05 -23.83
N VAL J 34 -35.70 -35.22 -23.08
CA VAL J 34 -35.79 -35.31 -21.63
C VAL J 34 -36.30 -34.00 -21.06
N ALA J 35 -35.83 -32.88 -21.60
CA ALA J 35 -36.26 -31.57 -21.10
C ALA J 35 -37.76 -31.35 -21.35
N VAL J 36 -38.25 -31.80 -22.50
CA VAL J 36 -39.68 -31.66 -22.79
C VAL J 36 -40.50 -32.45 -21.78
N VAL J 37 -40.08 -33.70 -21.50
CA VAL J 37 -40.76 -34.50 -20.48
C VAL J 37 -40.60 -33.87 -19.11
N ALA J 38 -39.40 -33.36 -18.81
CA ALA J 38 -39.16 -32.73 -17.52
C ALA J 38 -40.04 -31.49 -17.35
N HIS J 39 -40.14 -30.67 -18.40
CA HIS J 39 -40.98 -29.47 -18.32
C HIS J 39 -42.45 -29.83 -18.26
N LEU J 40 -42.86 -30.91 -18.95
CA LEU J 40 -44.25 -31.34 -18.88
C LEU J 40 -44.62 -31.79 -17.49
N ALA J 41 -43.73 -32.52 -16.82
CA ALA J 41 -43.99 -32.94 -15.44
C ALA J 41 -44.08 -31.74 -14.51
N THR J 42 -43.19 -30.76 -14.67
CA THR J 42 -43.21 -29.58 -13.83
C THR J 42 -44.48 -28.76 -14.04
N PHE J 43 -44.91 -28.62 -15.30
CA PHE J 43 -46.12 -27.84 -15.58
C PHE J 43 -47.34 -28.48 -14.94
N ILE J 44 -47.43 -29.82 -14.99
CA ILE J 44 -48.54 -30.51 -14.34
C ILE J 44 -48.47 -30.32 -12.83
N TRP J 45 -47.28 -30.47 -12.25
CA TRP J 45 -47.13 -30.33 -10.80
C TRP J 45 -47.36 -28.90 -10.35
N ARG J 46 -46.79 -27.93 -11.07
CA ARG J 46 -46.87 -26.52 -10.67
C ARG J 46 -46.84 -25.67 -11.92
N PRO J 47 -47.99 -25.40 -12.52
CA PRO J 47 -48.03 -24.61 -13.75
C PRO J 47 -47.58 -23.18 -13.50
N TRP J 48 -46.93 -22.60 -14.51
CA TRP J 48 -46.46 -21.22 -14.45
C TRP J 48 -47.17 -20.33 -15.47
N PHE J 49 -48.32 -20.76 -15.98
CA PHE J 49 -49.10 -19.96 -16.91
C PHE J 49 -50.57 -19.94 -16.50
N SER K 2 -30.48 -29.42 -42.07
CA SER K 2 -30.45 -28.89 -43.43
C SER K 2 -29.02 -28.83 -43.94
N LYS K 3 -28.30 -27.78 -43.56
CA LYS K 3 -26.91 -27.60 -44.00
C LYS K 3 -26.04 -27.10 -42.85
N PHE K 4 -26.56 -27.09 -41.62
CA PHE K 4 -25.84 -26.55 -40.47
C PHE K 4 -24.61 -27.37 -40.09
N TYR K 5 -24.43 -28.55 -40.68
CA TYR K 5 -23.29 -29.40 -40.31
C TYR K 5 -21.95 -28.72 -40.57
N LYS K 6 -21.91 -27.71 -41.43
CA LYS K 6 -20.67 -27.02 -41.75
C LYS K 6 -20.17 -26.15 -40.60
N ILE K 7 -20.96 -26.00 -39.53
CA ILE K 7 -20.51 -25.20 -38.38
C ILE K 7 -19.24 -25.80 -37.77
N TRP K 8 -19.04 -27.11 -37.94
CA TRP K 8 -17.85 -27.77 -37.41
C TRP K 8 -16.62 -27.57 -38.29
N LEU K 9 -16.80 -27.10 -39.52
CA LEU K 9 -15.65 -26.68 -40.31
C LEU K 9 -15.04 -25.38 -39.80
N ILE K 10 -15.77 -24.65 -38.95
CA ILE K 10 -15.29 -23.42 -38.34
C ILE K 10 -14.99 -23.62 -36.86
N PHE K 11 -15.95 -24.13 -36.10
CA PHE K 11 -15.77 -24.34 -34.68
C PHE K 11 -15.00 -25.63 -34.41
N ASP K 12 -14.07 -25.56 -33.48
CA ASP K 12 -13.35 -26.75 -33.04
C ASP K 12 -14.28 -27.62 -32.20
N PRO K 13 -14.52 -28.87 -32.57
CA PRO K 13 -15.48 -29.68 -31.80
C PRO K 13 -15.11 -29.84 -30.33
N ARG K 14 -13.83 -29.99 -30.02
CA ARG K 14 -13.44 -30.14 -28.62
C ARG K 14 -13.51 -28.83 -27.85
N ARG K 15 -13.25 -27.71 -28.53
CA ARG K 15 -13.30 -26.41 -27.87
C ARG K 15 -14.74 -25.96 -27.62
N VAL K 16 -15.68 -26.41 -28.46
CA VAL K 16 -17.07 -26.02 -28.29
C VAL K 16 -17.79 -26.95 -27.32
N PHE K 17 -17.51 -28.25 -27.40
CA PHE K 17 -18.15 -29.20 -26.50
C PHE K 17 -17.83 -28.89 -25.05
N VAL K 18 -16.59 -28.49 -24.76
CA VAL K 18 -16.23 -28.08 -23.42
C VAL K 18 -17.00 -26.83 -23.03
N ALA K 19 -17.08 -25.86 -23.94
CA ALA K 19 -17.84 -24.64 -23.67
C ALA K 19 -19.33 -24.93 -23.51
N GLN K 20 -19.86 -25.80 -24.35
CA GLN K 20 -21.28 -26.16 -24.24
C GLN K 20 -21.58 -26.87 -22.94
N GLY K 21 -20.69 -27.78 -22.52
CA GLY K 21 -20.91 -28.50 -21.27
C GLY K 21 -20.90 -27.58 -20.07
N VAL K 22 -19.96 -26.64 -20.03
CA VAL K 22 -19.92 -25.66 -18.94
C VAL K 22 -21.13 -24.75 -18.99
N PHE K 23 -21.49 -24.27 -20.18
CA PHE K 23 -22.62 -23.36 -20.32
C PHE K 23 -23.93 -24.04 -19.95
N LEU K 24 -24.13 -25.27 -20.41
CA LEU K 24 -25.40 -25.95 -20.17
C LEU K 24 -25.63 -26.21 -18.69
N PHE K 25 -24.60 -26.64 -17.96
CA PHE K 25 -24.77 -26.87 -16.53
C PHE K 25 -24.98 -25.57 -15.78
N LEU K 26 -24.21 -24.54 -16.11
CA LEU K 26 -24.38 -23.25 -15.45
C LEU K 26 -25.76 -22.66 -15.74
N LEU K 27 -26.24 -22.82 -16.97
CA LEU K 27 -27.60 -22.40 -17.29
C LEU K 27 -28.62 -23.20 -16.50
N ALA K 28 -28.42 -24.51 -16.40
CA ALA K 28 -29.34 -25.35 -15.63
C ALA K 28 -29.30 -24.99 -14.16
N ALA K 29 -28.10 -24.74 -13.62
CA ALA K 29 -27.99 -24.36 -12.22
C ALA K 29 -28.65 -23.01 -11.95
N MET K 30 -28.48 -22.06 -12.86
CA MET K 30 -29.06 -20.73 -12.67
C MET K 30 -30.59 -20.79 -12.61
N ILE K 31 -31.20 -21.54 -13.53
CA ILE K 31 -32.67 -21.62 -13.55
C ILE K 31 -33.17 -22.36 -12.32
N HIS K 32 -32.46 -23.38 -11.89
CA HIS K 32 -32.82 -24.05 -10.63
C HIS K 32 -32.69 -23.10 -9.45
N LEU K 33 -31.75 -22.16 -9.51
CA LEU K 33 -31.56 -21.22 -8.41
C LEU K 33 -32.67 -20.18 -8.38
N VAL K 34 -33.06 -19.64 -9.54
CA VAL K 34 -34.11 -18.64 -9.56
C VAL K 34 -35.46 -19.26 -9.19
N LEU K 35 -35.66 -20.55 -9.47
CA LEU K 35 -36.86 -21.23 -9.01
C LEU K 35 -36.89 -21.30 -7.49
N LEU K 36 -35.74 -21.58 -6.87
CA LEU K 36 -35.69 -21.66 -5.41
C LEU K 36 -35.84 -20.28 -4.78
N SER K 37 -35.46 -19.22 -5.49
CA SER K 37 -35.64 -17.87 -4.97
C SER K 37 -37.12 -17.53 -4.83
N THR K 38 -37.93 -17.91 -5.81
CA THR K 38 -39.36 -17.66 -5.75
C THR K 38 -40.00 -18.54 -4.69
N GLU K 39 -40.99 -17.98 -3.98
CA GLU K 39 -41.69 -18.74 -2.95
C GLU K 39 -42.66 -19.73 -3.55
N HIS K 40 -43.15 -19.48 -4.76
CA HIS K 40 -44.15 -20.36 -5.37
C HIS K 40 -43.54 -21.64 -5.91
N PHE K 41 -42.32 -21.59 -6.44
CA PHE K 41 -41.71 -22.72 -7.11
C PHE K 41 -40.59 -23.37 -6.29
N ASN K 42 -40.42 -22.97 -5.05
CA ASN K 42 -39.42 -23.59 -4.17
C ASN K 42 -39.97 -24.91 -3.67
N TRP K 43 -39.60 -26.00 -4.34
CA TRP K 43 -40.14 -27.32 -3.97
C TRP K 43 -39.67 -27.76 -2.60
N PHE K 44 -38.54 -27.23 -2.11
CA PHE K 44 -38.12 -27.56 -0.75
C PHE K 44 -39.03 -26.92 0.29
N GLU K 45 -39.42 -25.67 0.06
CA GLU K 45 -40.33 -25.00 1.00
C GLU K 45 -41.75 -25.51 0.85
N LEU K 46 -42.18 -25.85 -0.37
CA LEU K 46 -43.51 -26.40 -0.56
C LEU K 46 -43.66 -27.73 0.16
N ALA K 47 -42.63 -28.57 0.12
CA ALA K 47 -42.65 -29.82 0.86
C ALA K 47 -42.73 -29.56 2.36
N ALA K 48 -42.01 -28.53 2.83
CA ALA K 48 -42.09 -28.17 4.24
C ALA K 48 -43.49 -27.71 4.61
N ALA K 49 -44.12 -26.90 3.75
CA ALA K 49 -45.48 -26.44 4.04
C ALA K 49 -46.46 -27.59 4.06
N ASN K 50 -46.36 -28.51 3.11
CA ASN K 50 -47.24 -29.66 3.07
C ASN K 50 -46.93 -30.63 4.22
N ALA K 51 -47.96 -31.34 4.66
CA ALA K 51 -47.84 -32.29 5.76
C ALA K 51 -47.28 -31.63 7.01
N ALA K 52 -47.68 -30.39 7.25
CA ALA K 52 -47.22 -29.64 8.42
C ALA K 52 -48.17 -28.49 8.72
N ASP L 6 -12.38 -42.20 -39.08
CA ASP L 6 -11.10 -41.60 -39.43
C ASP L 6 -10.79 -40.41 -38.53
N LEU L 7 -11.85 -39.70 -38.12
CA LEU L 7 -11.68 -38.55 -37.24
C LEU L 7 -11.24 -39.00 -35.86
N SER L 8 -10.20 -38.33 -35.32
CA SER L 8 -9.72 -38.62 -33.98
C SER L 8 -8.83 -37.48 -33.53
N PHE L 9 -9.15 -36.88 -32.38
CA PHE L 9 -8.30 -35.86 -31.78
C PHE L 9 -7.49 -36.38 -30.61
N THR L 10 -7.78 -37.57 -30.12
CA THR L 10 -7.10 -38.14 -28.96
C THR L 10 -6.31 -39.41 -29.28
N GLY L 11 -6.31 -39.85 -30.54
CA GLY L 11 -5.54 -41.01 -30.93
C GLY L 11 -6.21 -42.35 -30.70
N LEU L 12 -7.38 -42.38 -30.08
CA LEU L 12 -8.10 -43.64 -29.90
C LEU L 12 -8.70 -44.11 -31.22
N THR L 13 -8.51 -45.38 -31.52
CA THR L 13 -9.11 -45.98 -32.70
C THR L 13 -10.63 -46.05 -32.55
N ASP L 14 -11.33 -45.92 -33.67
CA ASP L 14 -12.78 -46.01 -33.66
C ASP L 14 -13.23 -47.32 -33.02
N GLU L 15 -12.57 -48.42 -33.34
CA GLU L 15 -12.94 -49.72 -32.79
C GLU L 15 -12.77 -49.74 -31.27
N GLN L 16 -11.66 -49.20 -30.77
CA GLN L 16 -11.42 -49.24 -29.33
C GLN L 16 -12.11 -48.12 -28.58
N ALA L 17 -12.66 -47.12 -29.27
CA ALA L 17 -13.51 -46.16 -28.61
C ALA L 17 -14.82 -46.78 -28.17
N GLN L 18 -15.35 -47.71 -28.97
CA GLN L 18 -16.53 -48.45 -28.55
C GLN L 18 -16.25 -49.29 -27.31
N GLU L 19 -15.05 -49.88 -27.24
CA GLU L 19 -14.68 -50.67 -26.07
C GLU L 19 -14.70 -49.82 -24.80
N LEU L 20 -14.14 -48.62 -24.86
CA LEU L 20 -14.14 -47.75 -23.70
C LEU L 20 -15.55 -47.27 -23.38
N HIS L 21 -16.32 -46.87 -24.40
CA HIS L 21 -17.66 -46.36 -24.15
C HIS L 21 -18.61 -47.44 -23.67
N SER L 22 -18.38 -48.70 -24.08
CA SER L 22 -19.23 -49.79 -23.60
C SER L 22 -19.13 -49.95 -22.09
N VAL L 23 -17.90 -49.87 -21.56
CA VAL L 23 -17.72 -49.93 -20.12
C VAL L 23 -18.26 -48.67 -19.46
N TYR L 24 -18.08 -47.51 -20.12
CA TYR L 24 -18.51 -46.24 -19.52
C TYR L 24 -20.02 -46.19 -19.35
N MET L 25 -20.76 -46.72 -20.33
CA MET L 25 -22.20 -46.94 -20.13
C MET L 25 -22.47 -47.91 -19.00
N SER L 26 -21.69 -48.98 -18.89
CA SER L 26 -21.89 -49.94 -17.81
C SER L 26 -21.69 -49.29 -16.46
N GLY L 27 -20.67 -48.44 -16.33
CA GLY L 27 -20.52 -47.67 -15.11
C GLY L 27 -21.62 -46.65 -14.92
N LEU L 28 -22.09 -46.04 -16.01
CA LEU L 28 -23.12 -45.02 -15.92
C LEU L 28 -24.43 -45.61 -15.42
N TRP L 29 -24.86 -46.73 -16.00
CA TRP L 29 -26.12 -47.34 -15.59
C TRP L 29 -26.04 -47.86 -14.16
N LEU L 30 -24.90 -48.44 -13.77
CA LEU L 30 -24.72 -48.88 -12.40
C LEU L 30 -24.79 -47.71 -11.43
N PHE L 31 -24.13 -46.60 -11.78
CA PHE L 31 -24.21 -45.40 -10.94
C PHE L 31 -25.63 -44.84 -10.92
N SER L 32 -26.30 -44.84 -12.07
CA SER L 32 -27.66 -44.31 -12.13
C SER L 32 -28.66 -45.23 -11.44
N ALA L 33 -28.45 -46.55 -11.55
CA ALA L 33 -29.35 -47.49 -10.89
C ALA L 33 -29.32 -47.32 -9.38
N VAL L 34 -28.13 -47.13 -8.82
CA VAL L 34 -28.01 -46.85 -7.39
C VAL L 34 -28.70 -45.54 -7.05
N ALA L 35 -28.54 -44.53 -7.90
CA ALA L 35 -29.17 -43.23 -7.66
C ALA L 35 -30.68 -43.35 -7.67
N VAL L 36 -31.23 -44.16 -8.59
CA VAL L 36 -32.67 -44.34 -8.65
C VAL L 36 -33.18 -45.01 -7.38
N VAL L 37 -32.49 -46.05 -6.91
CA VAL L 37 -32.88 -46.71 -5.67
C VAL L 37 -32.75 -45.76 -4.50
N ALA L 38 -31.66 -45.00 -4.45
CA ALA L 38 -31.50 -44.01 -3.38
C ALA L 38 -32.58 -42.95 -3.46
N HIS L 39 -32.91 -42.48 -4.67
CA HIS L 39 -33.98 -41.51 -4.83
C HIS L 39 -35.34 -42.12 -4.51
N LEU L 40 -35.54 -43.37 -4.87
CA LEU L 40 -36.79 -44.06 -4.51
C LEU L 40 -36.91 -44.19 -3.00
N ALA L 41 -35.82 -44.55 -2.33
CA ALA L 41 -35.86 -44.73 -0.88
C ALA L 41 -36.16 -43.42 -0.17
N THR L 42 -35.52 -42.33 -0.61
CA THR L 42 -35.73 -41.05 0.07
C THR L 42 -37.08 -40.44 -0.24
N PHE L 43 -37.73 -40.82 -1.35
CA PHE L 43 -39.06 -40.32 -1.63
C PHE L 43 -40.10 -40.98 -0.74
N ILE L 44 -39.95 -42.28 -0.47
CA ILE L 44 -40.82 -42.95 0.49
C ILE L 44 -40.58 -42.39 1.89
N TRP L 45 -39.33 -42.02 2.20
CA TRP L 45 -39.03 -41.47 3.52
C TRP L 45 -39.72 -40.13 3.71
N ARG L 46 -39.35 -39.14 2.90
CA ARG L 46 -39.95 -37.80 2.99
C ARG L 46 -40.04 -37.22 1.59
N PRO L 47 -41.19 -37.38 0.94
CA PRO L 47 -41.31 -36.95 -0.46
C PRO L 47 -41.21 -35.45 -0.62
N TRP L 48 -40.68 -35.03 -1.77
CA TRP L 48 -40.59 -33.62 -2.12
C TRP L 48 -41.61 -33.19 -3.15
N PHE L 49 -42.62 -34.01 -3.39
CA PHE L 49 -43.68 -33.67 -4.34
C PHE L 49 -45.06 -33.84 -3.70
N ASP M 6 -5.27 -53.44 -26.17
CA ASP M 6 -4.48 -52.24 -26.39
C ASP M 6 -5.01 -51.08 -25.56
N LEU M 7 -4.71 -49.85 -26.01
CA LEU M 7 -5.15 -48.62 -25.36
C LEU M 7 -4.67 -48.58 -23.91
N SER M 8 -3.35 -48.51 -23.77
CA SER M 8 -2.70 -48.43 -22.47
C SER M 8 -2.10 -47.03 -22.35
N PHE M 9 -2.76 -46.16 -21.59
CA PHE M 9 -2.28 -44.80 -21.39
C PHE M 9 -1.21 -44.70 -20.32
N THR M 10 -1.00 -45.76 -19.52
CA THR M 10 -0.02 -45.74 -18.45
C THR M 10 1.00 -46.87 -18.53
N GLY M 11 0.97 -47.68 -19.60
CA GLY M 11 1.92 -48.75 -19.77
C GLY M 11 1.48 -50.10 -19.24
N LEU M 12 0.44 -50.14 -18.42
CA LEU M 12 -0.05 -51.41 -17.91
C LEU M 12 -0.69 -52.23 -19.02
N THR M 13 -0.43 -53.53 -19.01
CA THR M 13 -1.07 -54.42 -19.96
C THR M 13 -2.44 -54.83 -19.45
N ASP M 14 -3.18 -55.58 -20.28
CA ASP M 14 -4.52 -56.01 -19.89
C ASP M 14 -4.48 -56.93 -18.68
N GLU M 15 -3.51 -57.84 -18.63
CA GLU M 15 -3.42 -58.76 -17.50
C GLU M 15 -2.95 -58.05 -16.24
N GLN M 16 -2.02 -57.11 -16.38
CA GLN M 16 -1.56 -56.34 -15.21
C GLN M 16 -2.69 -55.51 -14.63
N ALA M 17 -3.47 -54.85 -15.49
CA ALA M 17 -4.60 -54.07 -15.01
C ALA M 17 -5.65 -54.96 -14.36
N GLN M 18 -5.92 -56.12 -14.96
CA GLN M 18 -6.89 -57.05 -14.37
C GLN M 18 -6.40 -57.58 -13.03
N GLU M 19 -5.11 -57.90 -12.94
CA GLU M 19 -4.55 -58.37 -11.68
C GLU M 19 -4.60 -57.29 -10.61
N LEU M 20 -4.26 -56.05 -10.98
CA LEU M 20 -4.29 -54.94 -10.02
C LEU M 20 -5.72 -54.67 -9.56
N HIS M 21 -6.68 -54.72 -10.48
CA HIS M 21 -8.07 -54.45 -10.11
C HIS M 21 -8.64 -55.57 -9.24
N SER M 22 -8.19 -56.80 -9.45
CA SER M 22 -8.66 -57.90 -8.61
C SER M 22 -8.26 -57.67 -7.16
N VAL M 23 -7.03 -57.22 -6.92
CA VAL M 23 -6.60 -56.89 -5.57
C VAL M 23 -7.30 -55.64 -5.07
N TYR M 24 -7.46 -54.65 -5.95
CA TYR M 24 -8.12 -53.41 -5.55
C TYR M 24 -9.58 -53.65 -5.16
N MET M 25 -10.28 -54.50 -5.93
CA MET M 25 -11.65 -54.84 -5.57
C MET M 25 -11.71 -55.57 -4.23
N SER M 26 -10.75 -56.45 -3.98
CA SER M 26 -10.70 -57.14 -2.69
C SER M 26 -10.48 -56.15 -1.57
N GLY M 27 -9.60 -55.17 -1.77
CA GLY M 27 -9.44 -54.12 -0.79
C GLY M 27 -10.67 -53.24 -0.65
N LEU M 28 -11.32 -52.93 -1.77
CA LEU M 28 -12.52 -52.09 -1.74
C LEU M 28 -13.64 -52.77 -0.96
N TRP M 29 -13.87 -54.05 -1.21
CA TRP M 29 -14.95 -54.76 -0.52
C TRP M 29 -14.68 -54.87 0.97
N LEU M 30 -13.41 -55.11 1.33
CA LEU M 30 -13.05 -55.15 2.75
C LEU M 30 -13.31 -53.81 3.43
N PHE M 31 -12.93 -52.72 2.77
CA PHE M 31 -13.22 -51.39 3.30
C PHE M 31 -14.72 -51.15 3.38
N SER M 32 -15.46 -51.56 2.35
CA SER M 32 -16.90 -51.37 2.36
C SER M 32 -17.58 -52.28 3.39
N ALA M 33 -17.07 -53.50 3.56
CA ALA M 33 -17.65 -54.40 4.56
C ALA M 33 -17.51 -53.83 5.96
N VAL M 34 -16.35 -53.24 6.27
CA VAL M 34 -16.16 -52.59 7.56
C VAL M 34 -17.11 -51.40 7.69
N ALA M 35 -17.28 -50.64 6.62
CA ALA M 35 -18.16 -49.48 6.66
C ALA M 35 -19.61 -49.88 6.93
N VAL M 36 -20.07 -50.98 6.30
CA VAL M 36 -21.44 -51.43 6.52
C VAL M 36 -21.63 -51.85 7.98
N VAL M 37 -20.67 -52.59 8.54
CA VAL M 37 -20.78 -53.00 9.94
C VAL M 37 -20.75 -51.79 10.85
N ALA M 38 -19.87 -50.82 10.56
CA ALA M 38 -19.85 -49.59 11.33
C ALA M 38 -21.17 -48.82 11.17
N HIS M 39 -21.70 -48.76 9.94
CA HIS M 39 -22.98 -48.12 9.73
C HIS M 39 -24.12 -48.92 10.36
N LEU M 40 -24.03 -50.24 10.33
CA LEU M 40 -25.05 -51.08 10.95
C LEU M 40 -25.07 -50.88 12.47
N ALA M 41 -23.89 -50.85 13.08
CA ALA M 41 -23.82 -50.65 14.53
C ALA M 41 -24.30 -49.26 14.93
N THR M 42 -23.94 -48.24 14.13
CA THR M 42 -24.35 -46.88 14.46
C THR M 42 -25.87 -46.72 14.40
N PHE M 43 -26.50 -47.33 13.40
CA PHE M 43 -27.95 -47.21 13.28
C PHE M 43 -28.66 -47.85 14.46
N ILE M 44 -28.17 -49.00 14.91
CA ILE M 44 -28.75 -49.64 16.10
C ILE M 44 -28.55 -48.74 17.33
N TRP M 45 -27.35 -48.16 17.47
CA TRP M 45 -27.07 -47.32 18.61
C TRP M 45 -27.94 -46.06 18.59
N ARG M 46 -27.94 -45.32 17.49
CA ARG M 46 -28.71 -44.10 17.36
C ARG M 46 -29.16 -43.95 15.91
N PRO M 47 -30.35 -44.44 15.58
CA PRO M 47 -30.81 -44.39 14.18
C PRO M 47 -31.05 -42.97 13.72
N TRP M 48 -30.83 -42.75 12.42
CA TRP M 48 -31.06 -41.46 11.79
C TRP M 48 -32.24 -41.49 10.83
N PHE M 49 -33.07 -42.52 10.89
CA PHE M 49 -34.25 -42.62 10.04
C PHE M 49 -35.48 -42.95 10.87
N ASP N 6 6.28 -58.67 -12.03
CA ASP N 6 5.86 -58.22 -13.35
C ASP N 6 5.82 -56.70 -13.43
N LEU N 7 4.86 -56.10 -12.73
CA LEU N 7 4.69 -54.66 -12.71
C LEU N 7 5.27 -54.10 -11.41
N SER N 8 6.19 -53.14 -11.53
CA SER N 8 6.82 -52.53 -10.37
C SER N 8 7.15 -51.08 -10.73
N PHE N 9 6.28 -50.16 -10.32
CA PHE N 9 6.49 -48.75 -10.63
C PHE N 9 7.73 -48.21 -9.93
N THR N 10 7.92 -48.55 -8.66
CA THR N 10 9.00 -47.98 -7.86
C THR N 10 10.27 -48.83 -7.87
N GLY N 11 10.25 -50.01 -8.50
CA GLY N 11 11.50 -50.69 -8.78
C GLY N 11 11.73 -52.04 -8.13
N LEU N 12 11.39 -52.19 -6.85
CA LEU N 12 11.75 -53.42 -6.15
C LEU N 12 10.96 -54.60 -6.69
N THR N 13 11.56 -55.78 -6.61
CA THR N 13 10.97 -56.98 -7.16
C THR N 13 9.77 -57.42 -6.32
N ASP N 14 9.04 -58.41 -6.84
CA ASP N 14 7.85 -58.91 -6.14
C ASP N 14 8.24 -59.55 -4.81
N GLU N 15 9.34 -60.32 -4.79
CA GLU N 15 9.78 -60.95 -3.56
C GLU N 15 10.18 -59.91 -2.51
N GLN N 16 10.88 -58.85 -2.94
CA GLN N 16 11.25 -57.79 -2.01
C GLN N 16 10.01 -57.10 -1.46
N ALA N 17 9.01 -56.86 -2.32
CA ALA N 17 7.75 -56.29 -1.84
C ALA N 17 7.01 -57.25 -0.93
N GLN N 18 7.14 -58.55 -1.16
CA GLN N 18 6.49 -59.53 -0.30
C GLN N 18 7.05 -59.49 1.12
N GLU N 19 8.37 -59.42 1.26
CA GLU N 19 8.97 -59.34 2.58
C GLU N 19 8.80 -57.97 3.21
N LEU N 20 8.70 -56.92 2.40
CA LEU N 20 8.42 -55.59 2.94
C LEU N 20 7.06 -55.53 3.61
N HIS N 21 6.05 -56.14 2.98
CA HIS N 21 4.71 -56.13 3.55
C HIS N 21 4.62 -57.02 4.78
N SER N 22 5.34 -58.14 4.77
CA SER N 22 5.32 -59.04 5.93
C SER N 22 5.85 -58.33 7.17
N VAL N 23 6.92 -57.56 7.02
CA VAL N 23 7.43 -56.77 8.13
C VAL N 23 6.47 -55.62 8.45
N TYR N 24 5.91 -55.00 7.41
CA TYR N 24 5.03 -53.86 7.63
C TYR N 24 3.79 -54.26 8.42
N MET N 25 3.17 -55.39 8.07
CA MET N 25 1.99 -55.83 8.81
C MET N 25 2.34 -56.19 10.25
N SER N 26 3.57 -56.65 10.49
CA SER N 26 3.98 -56.89 11.87
C SER N 26 3.96 -55.60 12.68
N GLY N 27 4.45 -54.51 12.11
CA GLY N 27 4.32 -53.22 12.77
C GLY N 27 2.89 -52.74 12.82
N LEU N 28 2.12 -52.95 11.74
CA LEU N 28 0.73 -52.53 11.73
C LEU N 28 -0.09 -53.28 12.77
N TRP N 29 0.12 -54.60 12.87
CA TRP N 29 -0.60 -55.36 13.87
C TRP N 29 -0.13 -55.01 15.28
N LEU N 30 1.17 -54.75 15.45
CA LEU N 30 1.67 -54.30 16.74
C LEU N 30 1.07 -52.94 17.11
N PHE N 31 1.01 -52.03 16.15
CA PHE N 31 0.40 -50.73 16.42
C PHE N 31 -1.08 -50.87 16.74
N SER N 32 -1.78 -51.74 16.01
CA SER N 32 -3.20 -51.95 16.27
C SER N 32 -3.43 -52.66 17.59
N ALA N 33 -2.55 -53.62 17.93
CA ALA N 33 -2.72 -54.35 19.19
C ALA N 33 -2.63 -53.42 20.39
N VAL N 34 -1.69 -52.49 20.38
CA VAL N 34 -1.61 -51.50 21.45
C VAL N 34 -2.82 -50.57 21.40
N ALA N 35 -3.27 -50.22 20.19
CA ALA N 35 -4.42 -49.35 20.05
C ALA N 35 -5.69 -50.01 20.58
N VAL N 36 -5.88 -51.30 20.28
CA VAL N 36 -7.07 -51.99 20.76
C VAL N 36 -7.06 -52.08 22.29
N VAL N 37 -5.90 -52.43 22.87
CA VAL N 37 -5.81 -52.51 24.33
C VAL N 37 -6.05 -51.14 24.94
N ALA N 38 -5.48 -50.08 24.35
CA ALA N 38 -5.73 -48.74 24.84
C ALA N 38 -7.20 -48.37 24.71
N HIS N 39 -7.82 -48.70 23.58
CA HIS N 39 -9.25 -48.44 23.40
C HIS N 39 -10.07 -49.30 24.36
N LEU N 40 -9.68 -50.55 24.57
CA LEU N 40 -10.41 -51.40 25.50
C LEU N 40 -10.29 -50.88 26.93
N ALA N 41 -9.10 -50.45 27.33
CA ALA N 41 -8.92 -49.91 28.67
C ALA N 41 -9.72 -48.62 28.87
N THR N 42 -9.72 -47.75 27.86
CA THR N 42 -10.43 -46.48 27.97
C THR N 42 -11.93 -46.70 28.09
N PHE N 43 -12.48 -47.66 27.34
CA PHE N 43 -13.92 -47.93 27.41
C PHE N 43 -14.32 -48.41 28.80
N ILE N 44 -13.50 -49.27 29.41
CA ILE N 44 -13.77 -49.69 30.79
C ILE N 44 -13.69 -48.51 31.74
N TRP N 45 -12.68 -47.65 31.56
CA TRP N 45 -12.52 -46.49 32.43
C TRP N 45 -13.69 -45.52 32.26
N ARG N 46 -13.98 -45.12 31.03
CA ARG N 46 -15.10 -44.21 30.74
C ARG N 46 -15.66 -44.57 29.37
N PRO N 47 -16.74 -45.36 29.33
CA PRO N 47 -17.32 -45.74 28.04
C PRO N 47 -17.91 -44.54 27.32
N TRP N 48 -17.84 -44.58 25.99
CA TRP N 48 -18.43 -43.55 25.15
C TRP N 48 -19.62 -44.06 24.35
N PHE N 49 -20.20 -45.19 24.77
CA PHE N 49 -21.36 -45.75 24.09
C PHE N 49 -22.42 -46.18 25.11
N SER O 2 -4.52 -62.50 1.53
CA SER O 2 -4.69 -61.70 0.33
C SER O 2 -3.36 -61.44 -0.37
N LYS O 3 -3.39 -60.59 -1.38
CA LYS O 3 -2.20 -60.20 -2.13
C LYS O 3 -1.93 -58.70 -1.97
N PHE O 4 -2.17 -58.18 -0.76
CA PHE O 4 -1.94 -56.77 -0.49
C PHE O 4 -0.47 -56.38 -0.51
N TYR O 5 0.44 -57.36 -0.54
CA TYR O 5 1.86 -57.06 -0.54
C TYR O 5 2.31 -56.32 -1.80
N LYS O 6 1.47 -56.29 -2.83
CA LYS O 6 1.83 -55.65 -4.08
C LYS O 6 1.59 -54.15 -4.08
N ILE O 7 1.08 -53.59 -2.98
CA ILE O 7 0.93 -52.14 -2.88
C ILE O 7 2.29 -51.46 -2.93
N TRP O 8 3.33 -52.13 -2.41
CA TRP O 8 4.68 -51.60 -2.47
C TRP O 8 5.25 -51.62 -3.88
N LEU O 9 4.62 -52.31 -4.82
CA LEU O 9 5.02 -52.26 -6.21
C LEU O 9 4.52 -51.01 -6.93
N ILE O 10 3.68 -50.22 -6.27
CA ILE O 10 3.19 -48.94 -6.79
C ILE O 10 3.69 -47.78 -5.94
N PHE O 11 3.42 -47.82 -4.64
CA PHE O 11 3.88 -46.78 -3.73
C PHE O 11 5.35 -46.95 -3.40
N ASP O 12 6.05 -45.83 -3.31
CA ASP O 12 7.43 -45.85 -2.83
C ASP O 12 7.44 -46.09 -1.33
N PRO O 13 8.19 -47.08 -0.83
CA PRO O 13 8.22 -47.32 0.62
C PRO O 13 8.68 -46.11 1.42
N ARG O 14 9.62 -45.32 0.88
CA ARG O 14 10.07 -44.11 1.56
C ARG O 14 8.93 -43.11 1.70
N ARG O 15 8.12 -42.95 0.65
CA ARG O 15 7.09 -41.92 0.66
C ARG O 15 5.95 -42.28 1.62
N VAL O 16 5.50 -43.53 1.60
CA VAL O 16 4.38 -43.91 2.44
C VAL O 16 4.73 -43.77 3.91
N PHE O 17 5.92 -44.23 4.30
CA PHE O 17 6.28 -44.26 5.71
C PHE O 17 6.36 -42.86 6.30
N VAL O 18 6.92 -41.91 5.54
CA VAL O 18 6.93 -40.52 6.01
C VAL O 18 5.52 -39.97 6.07
N ALA O 19 4.71 -40.23 5.05
CA ALA O 19 3.32 -39.79 5.08
C ALA O 19 2.54 -40.49 6.18
N GLN O 20 2.74 -41.80 6.33
CA GLN O 20 2.04 -42.54 7.37
C GLN O 20 2.47 -42.07 8.77
N GLY O 21 3.76 -41.80 8.94
CA GLY O 21 4.22 -41.32 10.24
C GLY O 21 3.68 -39.96 10.60
N VAL O 22 3.69 -39.03 9.65
CA VAL O 22 3.19 -37.68 9.92
C VAL O 22 1.69 -37.70 10.10
N PHE O 23 0.98 -38.46 9.27
CA PHE O 23 -0.48 -38.50 9.37
C PHE O 23 -0.94 -39.10 10.69
N LEU O 24 -0.26 -40.14 11.16
CA LEU O 24 -0.70 -40.81 12.38
C LEU O 24 -0.49 -39.94 13.62
N PHE O 25 0.64 -39.23 13.69
CA PHE O 25 0.86 -38.35 14.83
C PHE O 25 -0.14 -37.20 14.84
N LEU O 26 -0.36 -36.58 13.68
CA LEU O 26 -1.33 -35.49 13.60
C LEU O 26 -2.72 -35.99 13.93
N LEU O 27 -3.04 -37.21 13.54
CA LEU O 27 -4.29 -37.83 13.95
C LEU O 27 -4.36 -37.98 15.46
N ALA O 28 -3.32 -38.57 16.06
CA ALA O 28 -3.32 -38.81 17.49
C ALA O 28 -3.39 -37.50 18.28
N ALA O 29 -2.62 -36.49 17.85
CA ALA O 29 -2.69 -35.20 18.52
C ALA O 29 -4.07 -34.56 18.38
N MET O 30 -4.66 -34.65 17.18
CA MET O 30 -5.97 -34.05 16.96
C MET O 30 -7.05 -34.77 17.76
N ILE O 31 -7.02 -36.11 17.78
CA ILE O 31 -8.02 -36.86 18.54
C ILE O 31 -7.87 -36.58 20.03
N HIS O 32 -6.63 -36.53 20.52
CA HIS O 32 -6.42 -36.24 21.94
C HIS O 32 -6.95 -34.86 22.30
N LEU O 33 -6.76 -33.88 21.42
CA LEU O 33 -7.26 -32.53 21.68
C LEU O 33 -8.78 -32.49 21.71
N VAL O 34 -9.43 -33.29 20.86
CA VAL O 34 -10.89 -33.35 20.88
C VAL O 34 -11.38 -33.88 22.21
N LEU O 35 -10.72 -34.90 22.75
CA LEU O 35 -11.07 -35.42 24.07
C LEU O 35 -10.89 -34.35 25.15
N LEU O 36 -9.81 -33.56 25.05
CA LEU O 36 -9.60 -32.49 26.00
C LEU O 36 -10.67 -31.41 25.87
N SER O 37 -11.23 -31.23 24.67
CA SER O 37 -12.29 -30.24 24.49
C SER O 37 -13.53 -30.61 25.28
N THR O 38 -13.88 -31.90 25.31
CA THR O 38 -15.07 -32.35 26.01
C THR O 38 -14.87 -32.24 27.52
N GLU O 39 -15.99 -32.31 28.24
CA GLU O 39 -15.96 -32.28 29.69
C GLU O 39 -16.06 -33.66 30.34
N HIS O 40 -16.49 -34.67 29.58
CA HIS O 40 -16.62 -36.01 30.11
C HIS O 40 -15.37 -36.85 29.93
N PHE O 41 -14.52 -36.53 28.96
CA PHE O 41 -13.32 -37.31 28.68
C PHE O 41 -12.03 -36.55 28.95
N ASN O 42 -12.11 -35.33 29.48
CA ASN O 42 -10.91 -34.56 29.82
C ASN O 42 -10.33 -35.14 31.10
N TRP O 43 -9.33 -36.02 30.95
CA TRP O 43 -8.78 -36.71 32.11
C TRP O 43 -8.11 -35.74 33.09
N PHE O 44 -7.61 -34.62 32.60
CA PHE O 44 -7.07 -33.61 33.50
C PHE O 44 -8.15 -33.02 34.39
N GLU O 45 -9.33 -32.75 33.83
CA GLU O 45 -10.44 -32.22 34.62
C GLU O 45 -11.07 -33.29 35.50
N LEU O 46 -11.09 -34.54 35.04
CA LEU O 46 -11.64 -35.61 35.86
C LEU O 46 -10.83 -35.81 37.14
N ALA O 47 -9.51 -35.70 37.05
CA ALA O 47 -8.68 -35.82 38.25
C ALA O 47 -9.01 -34.71 39.25
N ALA O 48 -9.22 -33.49 38.77
CA ALA O 48 -9.60 -32.40 39.66
C ALA O 48 -10.96 -32.67 40.29
N ALA O 49 -11.92 -33.17 39.49
CA ALA O 49 -13.24 -33.48 40.02
C ALA O 49 -13.23 -34.66 40.97
N ASN O 50 -12.17 -35.47 40.96
CA ASN O 50 -12.04 -36.61 41.84
C ASN O 50 -11.40 -36.27 43.17
N ALA O 51 -11.04 -35.00 43.39
CA ALA O 51 -10.43 -34.60 44.65
C ALA O 51 -11.34 -33.62 45.39
N ASP P 6 19.53 -56.56 0.70
CA ASP P 6 19.42 -56.58 -0.75
C ASP P 6 18.83 -55.28 -1.27
N LEU P 7 17.87 -54.73 -0.53
CA LEU P 7 17.19 -53.49 -0.89
C LEU P 7 17.56 -52.40 0.11
N SER P 8 17.99 -51.25 -0.39
CA SER P 8 18.39 -50.15 0.47
C SER P 8 18.27 -48.85 -0.30
N PHE P 9 17.50 -47.91 0.22
CA PHE P 9 17.34 -46.59 -0.37
C PHE P 9 18.31 -45.56 0.21
N THR P 10 19.17 -45.96 1.15
CA THR P 10 20.12 -45.04 1.77
C THR P 10 21.57 -45.50 1.60
N GLY P 11 21.81 -46.54 0.82
CA GLY P 11 23.16 -47.04 0.62
C GLY P 11 23.79 -47.67 1.84
N LEU P 12 23.01 -48.42 2.63
CA LEU P 12 23.51 -49.14 3.78
C LEU P 12 23.25 -50.62 3.58
N THR P 13 24.23 -51.46 3.93
CA THR P 13 24.04 -52.88 3.83
C THR P 13 23.23 -53.40 5.02
N ASP P 14 22.79 -54.65 4.92
CA ASP P 14 21.89 -55.20 5.94
C ASP P 14 22.55 -55.23 7.32
N GLU P 15 23.81 -55.69 7.38
CA GLU P 15 24.48 -55.78 8.67
C GLU P 15 24.81 -54.40 9.23
N GLN P 16 25.07 -53.43 8.36
CA GLN P 16 25.39 -52.08 8.84
C GLN P 16 24.17 -51.43 9.49
N ALA P 17 23.00 -51.61 8.90
CA ALA P 17 21.76 -51.08 9.50
C ALA P 17 21.29 -51.95 10.66
N GLN P 18 21.63 -53.24 10.67
CA GLN P 18 21.22 -54.11 11.77
C GLN P 18 21.86 -53.68 13.08
N GLU P 19 23.16 -53.36 13.04
CA GLU P 19 23.82 -52.85 14.24
C GLU P 19 23.47 -51.39 14.50
N LEU P 20 23.06 -50.65 13.46
CA LEU P 20 22.51 -49.32 13.68
C LEU P 20 21.23 -49.36 14.51
N HIS P 21 20.36 -50.33 14.23
CA HIS P 21 19.13 -50.46 14.99
C HIS P 21 19.40 -50.88 16.42
N SER P 22 20.34 -51.82 16.62
CA SER P 22 20.59 -52.36 17.95
C SER P 22 21.06 -51.27 18.91
N VAL P 23 21.99 -50.42 18.45
CA VAL P 23 22.42 -49.30 19.29
C VAL P 23 21.33 -48.26 19.39
N TYR P 24 20.49 -48.11 18.34
CA TYR P 24 19.41 -47.12 18.40
C TYR P 24 18.39 -47.51 19.46
N MET P 25 17.95 -48.77 19.45
CA MET P 25 16.97 -49.22 20.43
C MET P 25 17.50 -49.09 21.85
N SER P 26 18.81 -49.33 22.04
CA SER P 26 19.41 -49.17 23.36
C SER P 26 19.19 -47.76 23.89
N GLY P 27 19.29 -46.75 23.01
CA GLY P 27 18.88 -45.42 23.39
C GLY P 27 17.38 -45.30 23.59
N LEU P 28 16.60 -45.95 22.73
CA LEU P 28 15.14 -45.88 22.84
C LEU P 28 14.66 -46.55 24.12
N TRP P 29 15.18 -47.74 24.44
CA TRP P 29 14.80 -48.39 25.68
C TRP P 29 15.28 -47.59 26.89
N LEU P 30 16.48 -47.04 26.83
CA LEU P 30 16.96 -46.19 27.92
C LEU P 30 16.08 -44.97 28.08
N PHE P 31 15.71 -44.33 26.97
CA PHE P 31 14.82 -43.18 27.05
C PHE P 31 13.45 -43.57 27.59
N SER P 32 12.93 -44.71 27.15
CA SER P 32 11.63 -45.15 27.64
C SER P 32 11.70 -45.61 29.09
N ALA P 33 12.81 -46.23 29.49
CA ALA P 33 12.93 -46.68 30.88
C ALA P 33 12.87 -45.52 31.85
N VAL P 34 13.54 -44.42 31.52
CA VAL P 34 13.46 -43.23 32.36
C VAL P 34 12.03 -42.67 32.34
N ALA P 35 11.40 -42.66 31.16
CA ALA P 35 10.03 -42.18 31.05
C ALA P 35 9.06 -43.06 31.82
N VAL P 36 9.26 -44.38 31.79
CA VAL P 36 8.39 -45.28 32.54
C VAL P 36 8.49 -45.00 34.02
N VAL P 37 9.71 -44.82 34.53
CA VAL P 37 9.89 -44.49 35.94
C VAL P 37 9.27 -43.14 36.25
N ALA P 38 9.43 -42.18 35.35
CA ALA P 38 8.88 -40.84 35.57
C ALA P 38 7.36 -40.87 35.65
N HIS P 39 6.71 -41.56 34.71
CA HIS P 39 5.25 -41.70 34.77
C HIS P 39 4.82 -42.50 35.99
N LEU P 40 5.56 -43.57 36.32
CA LEU P 40 5.23 -44.35 37.52
C LEU P 40 5.40 -43.51 38.78
N ALA P 41 6.44 -42.67 38.81
CA ALA P 41 6.64 -41.81 39.98
C ALA P 41 5.56 -40.75 40.08
N THR P 42 5.21 -40.09 38.96
CA THR P 42 4.23 -39.03 39.01
C THR P 42 2.80 -39.54 39.18
N PHE P 43 2.55 -40.81 38.84
CA PHE P 43 1.22 -41.38 39.12
C PHE P 43 1.04 -41.61 40.60
N ILE P 44 2.09 -42.05 41.29
CA ILE P 44 2.03 -42.17 42.74
C ILE P 44 1.85 -40.81 43.39
N TRP P 45 2.55 -39.80 42.87
CA TRP P 45 2.44 -38.45 43.41
C TRP P 45 1.01 -37.92 43.28
N ARG P 46 0.53 -37.77 42.04
CA ARG P 46 -0.84 -37.32 41.78
C ARG P 46 -1.38 -38.08 40.59
N PRO P 47 -2.15 -39.14 40.81
CA PRO P 47 -2.67 -39.93 39.69
C PRO P 47 -3.68 -39.14 38.88
N TRP P 48 -3.71 -39.43 37.58
CA TRP P 48 -4.68 -38.84 36.66
C TRP P 48 -5.76 -39.82 36.27
N PHE P 49 -5.84 -40.98 36.93
CA PHE P 49 -6.87 -41.97 36.64
C PHE P 49 -7.61 -42.37 37.90
N SER Q 2 12.26 -57.69 16.42
CA SER Q 2 11.81 -58.71 15.48
C SER Q 2 12.59 -58.63 14.16
N LYS Q 3 12.15 -57.72 13.30
CA LYS Q 3 12.78 -57.53 12.00
C LYS Q 3 12.91 -56.05 11.64
N PHE Q 4 12.54 -55.15 12.54
CA PHE Q 4 12.41 -53.73 12.24
C PHE Q 4 13.74 -53.05 11.93
N TYR Q 5 14.85 -53.80 12.02
CA TYR Q 5 16.15 -53.18 11.80
C TYR Q 5 16.35 -52.69 10.37
N LYS Q 6 15.49 -53.10 9.43
CA LYS Q 6 15.58 -52.63 8.06
C LYS Q 6 14.91 -51.29 7.84
N ILE Q 7 14.32 -50.68 8.88
CA ILE Q 7 13.73 -49.35 8.73
C ILE Q 7 14.81 -48.33 8.39
N TRP Q 8 16.06 -48.60 8.78
CA TRP Q 8 17.16 -47.70 8.45
C TRP Q 8 17.68 -47.89 7.03
N LEU Q 9 17.25 -48.94 6.34
CA LEU Q 9 17.64 -49.13 4.94
C LEU Q 9 16.94 -48.16 4.02
N ILE Q 10 15.92 -47.44 4.49
CA ILE Q 10 15.14 -46.56 3.63
C ILE Q 10 15.18 -45.14 4.17
N PHE Q 11 15.39 -44.98 5.47
CA PHE Q 11 15.51 -43.67 6.08
C PHE Q 11 16.96 -43.30 6.30
N ASP Q 12 17.29 -42.05 6.02
CA ASP Q 12 18.61 -41.53 6.34
C ASP Q 12 18.69 -41.31 7.85
N PRO Q 13 19.63 -41.96 8.55
CA PRO Q 13 19.71 -41.77 10.00
C PRO Q 13 19.94 -40.32 10.41
N ARG Q 14 20.74 -39.59 9.64
CA ARG Q 14 20.96 -38.18 9.94
C ARG Q 14 19.68 -37.37 9.77
N ARG Q 15 18.91 -37.65 8.71
CA ARG Q 15 17.71 -36.88 8.45
C ARG Q 15 16.61 -37.19 9.46
N VAL Q 16 16.51 -38.45 9.89
CA VAL Q 16 15.47 -38.82 10.85
C VAL Q 16 15.77 -38.24 12.22
N PHE Q 17 17.02 -38.36 12.66
CA PHE Q 17 17.36 -38.05 14.05
C PHE Q 17 17.09 -36.59 14.39
N VAL Q 18 17.40 -35.68 13.46
CA VAL Q 18 17.11 -34.27 13.71
C VAL Q 18 15.60 -34.06 13.80
N ALA Q 19 14.84 -34.66 12.89
CA ALA Q 19 13.38 -34.60 12.99
C ALA Q 19 12.88 -35.38 14.20
N GLN Q 20 13.46 -36.55 14.45
CA GLN Q 20 13.10 -37.35 15.62
C GLN Q 20 13.54 -36.69 16.92
N GLY Q 21 14.52 -35.79 16.87
CA GLY Q 21 15.00 -35.13 18.06
C GLY Q 21 14.22 -33.88 18.42
N VAL Q 22 13.97 -33.01 17.45
CA VAL Q 22 13.21 -31.80 17.73
C VAL Q 22 11.76 -32.13 18.05
N PHE Q 23 11.24 -33.23 17.50
CA PHE Q 23 9.86 -33.63 17.78
C PHE Q 23 9.67 -34.01 19.24
N LEU Q 24 10.64 -34.72 19.82
CA LEU Q 24 10.51 -35.14 21.21
C LEU Q 24 10.50 -33.94 22.15
N PHE Q 25 11.41 -32.98 21.94
CA PHE Q 25 11.41 -31.79 22.79
C PHE Q 25 10.14 -30.98 22.60
N LEU Q 26 9.70 -30.81 21.36
CA LEU Q 26 8.47 -30.08 21.12
C LEU Q 26 7.28 -30.79 21.75
N LEU Q 27 7.26 -32.12 21.72
CA LEU Q 27 6.24 -32.87 22.42
C LEU Q 27 6.36 -32.68 23.93
N ALA Q 28 7.57 -32.83 24.46
CA ALA Q 28 7.77 -32.72 25.91
C ALA Q 28 7.42 -31.32 26.40
N ALA Q 29 7.81 -30.29 25.64
CA ALA Q 29 7.45 -28.93 26.01
C ALA Q 29 5.95 -28.73 25.98
N MET Q 30 5.27 -29.25 24.95
CA MET Q 30 3.83 -29.08 24.86
C MET Q 30 3.11 -29.83 25.96
N ILE Q 31 3.53 -31.07 26.25
CA ILE Q 31 2.91 -31.82 27.34
C ILE Q 31 3.16 -31.13 28.67
N HIS Q 32 4.37 -30.64 28.89
CA HIS Q 32 4.67 -29.95 30.15
C HIS Q 32 3.83 -28.69 30.31
N LEU Q 33 3.49 -28.01 29.20
CA LEU Q 33 2.72 -26.79 29.30
C LEU Q 33 1.24 -27.05 29.57
N VAL Q 34 0.67 -28.10 28.96
CA VAL Q 34 -0.75 -28.38 29.18
C VAL Q 34 -1.02 -28.80 30.61
N LEU Q 35 -0.02 -29.32 31.32
CA LEU Q 35 -0.17 -29.56 32.75
C LEU Q 35 -0.10 -28.26 33.54
N LEU Q 36 0.71 -27.31 33.07
CA LEU Q 36 0.77 -26.01 33.73
C LEU Q 36 -0.55 -25.26 33.60
N SER Q 37 -1.18 -25.35 32.43
CA SER Q 37 -2.50 -24.74 32.25
C SER Q 37 -3.58 -25.43 33.08
N THR Q 38 -3.32 -26.65 33.52
CA THR Q 38 -4.28 -27.36 34.36
C THR Q 38 -4.11 -26.95 35.81
N GLU Q 39 -5.25 -26.78 36.50
CA GLU Q 39 -5.21 -26.41 37.91
C GLU Q 39 -4.74 -27.58 38.78
N HIS Q 40 -5.12 -28.80 38.40
CA HIS Q 40 -4.84 -29.97 39.23
C HIS Q 40 -3.41 -30.46 39.13
N PHE Q 41 -2.67 -30.07 38.08
CA PHE Q 41 -1.34 -30.61 37.84
C PHE Q 41 -0.26 -29.53 37.75
N ASN Q 42 -0.60 -28.27 38.00
CA ASN Q 42 0.38 -27.19 37.98
C ASN Q 42 1.22 -27.29 39.24
N TRP Q 43 2.38 -27.93 39.15
CA TRP Q 43 3.22 -28.14 40.33
C TRP Q 43 3.75 -26.83 40.90
N PHE Q 44 3.90 -25.81 40.06
CA PHE Q 44 4.31 -24.50 40.56
C PHE Q 44 3.24 -23.89 41.44
N GLU Q 45 1.99 -23.86 40.95
CA GLU Q 45 0.90 -23.30 41.73
C GLU Q 45 0.46 -24.23 42.85
N LEU Q 46 0.80 -25.52 42.77
CA LEU Q 46 0.41 -26.47 43.81
C LEU Q 46 1.28 -26.34 45.04
N ALA Q 47 2.57 -26.05 44.87
CA ALA Q 47 3.46 -25.89 46.01
C ALA Q 47 3.02 -24.73 46.89
N ALA Q 48 2.46 -23.67 46.29
CA ALA Q 48 1.90 -22.59 47.09
C ALA Q 48 0.73 -23.07 47.92
N ALA Q 49 -0.13 -23.92 47.34
CA ALA Q 49 -1.26 -24.46 48.09
C ALA Q 49 -0.79 -25.31 49.26
N ASN Q 50 0.25 -26.12 49.05
CA ASN Q 50 0.80 -26.92 50.14
C ASN Q 50 1.39 -26.03 51.23
N ALA Q 51 2.09 -24.96 50.83
CA ALA Q 51 2.62 -24.02 51.80
C ALA Q 51 1.50 -23.31 52.56
N ALA Q 52 0.45 -22.93 51.85
CA ALA Q 52 -0.71 -22.25 52.42
C ALA Q 52 -0.31 -21.00 53.19
N LEU R 7 30.11 -46.21 8.49
CA LEU R 7 29.64 -45.05 7.74
C LEU R 7 29.88 -43.77 8.52
N SER R 8 30.01 -42.66 7.79
CA SER R 8 30.24 -41.35 8.40
C SER R 8 29.70 -40.29 7.44
N PHE R 9 28.51 -39.76 7.74
CA PHE R 9 27.93 -38.73 6.89
C PHE R 9 28.67 -37.40 7.02
N THR R 10 29.39 -37.18 8.12
CA THR R 10 30.12 -35.95 8.35
C THR R 10 31.60 -36.05 7.99
N GLY R 11 32.02 -37.15 7.39
CA GLY R 11 33.42 -37.32 7.01
C GLY R 11 34.36 -37.34 8.20
N LEU R 12 34.00 -38.06 9.26
CA LEU R 12 34.77 -38.12 10.47
C LEU R 12 34.99 -39.58 10.85
N THR R 13 36.23 -39.95 11.13
CA THR R 13 36.56 -41.36 11.34
C THR R 13 36.03 -41.84 12.69
N ASP R 14 35.86 -43.16 12.79
CA ASP R 14 35.30 -43.76 13.99
C ASP R 14 36.22 -43.55 15.19
N GLU R 15 37.53 -43.67 14.99
CA GLU R 15 38.46 -43.56 16.12
C GLU R 15 38.38 -42.20 16.79
N GLN R 16 38.34 -41.13 16.01
CA GLN R 16 38.22 -39.80 16.59
C GLN R 16 36.81 -39.47 17.03
N ALA R 17 35.80 -40.18 16.50
CA ALA R 17 34.45 -40.04 17.03
C ALA R 17 34.37 -40.56 18.46
N GLN R 18 35.00 -41.70 18.74
CA GLN R 18 35.03 -42.23 20.09
C GLN R 18 35.76 -41.28 21.03
N GLU R 19 36.87 -40.69 20.57
CA GLU R 19 37.61 -39.74 21.39
C GLU R 19 36.82 -38.45 21.59
N LEU R 20 36.09 -38.01 20.55
CA LEU R 20 35.27 -36.82 20.69
C LEU R 20 34.13 -37.05 21.67
N HIS R 21 33.51 -38.23 21.62
CA HIS R 21 32.39 -38.52 22.51
C HIS R 21 32.85 -38.52 23.96
N SER R 22 34.02 -39.08 24.24
CA SER R 22 34.53 -39.12 25.62
C SER R 22 34.72 -37.71 26.16
N VAL R 23 35.24 -36.80 25.34
CA VAL R 23 35.39 -35.42 25.78
C VAL R 23 34.03 -34.77 25.96
N TYR R 24 33.11 -34.99 25.02
CA TYR R 24 31.77 -34.42 25.14
C TYR R 24 31.04 -34.99 26.35
N MET R 25 31.15 -36.30 26.57
CA MET R 25 30.48 -36.91 27.72
C MET R 25 31.03 -36.36 29.03
N SER R 26 32.34 -36.08 29.08
CA SER R 26 32.92 -35.48 30.28
C SER R 26 32.27 -34.15 30.60
N GLY R 27 32.01 -33.33 29.58
CA GLY R 27 31.26 -32.11 29.80
C GLY R 27 29.82 -32.37 30.21
N LEU R 28 29.21 -33.41 29.64
CA LEU R 28 27.83 -33.74 30.01
C LEU R 28 27.71 -34.14 31.47
N TRP R 29 28.61 -35.01 31.94
CA TRP R 29 28.58 -35.40 33.35
C TRP R 29 28.93 -34.23 34.25
N LEU R 30 29.90 -33.41 33.86
CA LEU R 30 30.25 -32.23 34.66
C LEU R 30 29.09 -31.25 34.71
N PHE R 31 28.45 -31.00 33.58
CA PHE R 31 27.31 -30.08 33.55
C PHE R 31 26.14 -30.64 34.35
N SER R 32 25.85 -31.94 34.19
CA SER R 32 24.74 -32.54 34.90
C SER R 32 25.01 -32.62 36.40
N ALA R 33 26.26 -32.86 36.79
CA ALA R 33 26.59 -32.98 38.20
C ALA R 33 26.30 -31.69 38.95
N VAL R 34 26.70 -30.55 38.37
CA VAL R 34 26.38 -29.27 38.98
C VAL R 34 24.86 -29.04 38.96
N ALA R 35 24.20 -29.44 37.87
CA ALA R 35 22.75 -29.32 37.81
C ALA R 35 22.07 -30.22 38.83
N VAL R 36 22.61 -31.43 39.04
CA VAL R 36 22.05 -32.33 40.04
C VAL R 36 22.21 -31.74 41.43
N VAL R 37 23.41 -31.22 41.73
CA VAL R 37 23.63 -30.58 43.03
C VAL R 37 22.74 -29.35 43.18
N ALA R 38 22.61 -28.57 42.11
CA ALA R 38 21.76 -27.37 42.17
C ALA R 38 20.31 -27.73 42.43
N HIS R 39 19.81 -28.77 41.77
CA HIS R 39 18.44 -29.21 42.03
C HIS R 39 18.30 -29.76 43.44
N LEU R 40 19.29 -30.53 43.90
CA LEU R 40 19.26 -31.03 45.26
C LEU R 40 19.32 -29.88 46.27
N ALA R 41 20.16 -28.89 46.01
CA ALA R 41 20.27 -27.75 46.91
C ALA R 41 18.98 -26.94 46.94
N THR R 42 18.35 -26.72 45.79
CA THR R 42 17.12 -25.94 45.75
C THR R 42 15.91 -26.73 46.21
N PHE R 43 15.99 -28.06 46.25
CA PHE R 43 14.88 -28.84 46.79
C PHE R 43 14.81 -28.72 48.31
N ILE R 44 15.96 -28.70 48.98
CA ILE R 44 15.98 -28.47 50.42
C ILE R 44 15.49 -27.07 50.73
N TRP R 45 15.90 -26.08 49.92
CA TRP R 45 15.49 -24.71 50.16
C TRP R 45 13.98 -24.56 50.03
N ARG R 46 13.42 -25.03 48.91
CA ARG R 46 11.97 -24.95 48.68
C ARG R 46 11.57 -26.13 47.81
N PRO R 47 11.10 -27.22 48.42
CA PRO R 47 10.67 -28.38 47.62
C PRO R 47 9.44 -28.03 46.79
N TRP R 48 9.39 -28.59 45.59
CA TRP R 48 8.23 -28.43 44.70
C TRP R 48 7.35 -29.67 44.66
N PHE R 49 7.58 -30.62 45.56
CA PHE R 49 6.76 -31.83 45.62
C PHE R 49 6.11 -31.97 46.99
N SER S 2 27.11 -46.22 26.50
CA SER S 2 27.12 -47.61 26.04
C SER S 2 27.88 -47.73 24.73
N LYS S 3 27.19 -47.42 23.64
CA LYS S 3 27.78 -47.48 22.30
C LYS S 3 27.36 -46.27 21.48
N PHE S 4 27.08 -45.16 22.15
CA PHE S 4 26.53 -43.97 21.53
C PHE S 4 27.59 -43.07 20.90
N TYR S 5 28.87 -43.45 20.96
CA TYR S 5 29.93 -42.58 20.47
C TYR S 5 29.83 -42.32 18.97
N LYS S 6 29.04 -43.11 18.25
CA LYS S 6 28.90 -42.97 16.81
C LYS S 6 27.81 -41.98 16.41
N ILE S 7 27.20 -41.29 17.38
CA ILE S 7 26.27 -40.21 17.04
C ILE S 7 26.98 -39.11 16.28
N TRP S 8 28.28 -38.92 16.54
CA TRP S 8 29.06 -37.91 15.84
C TRP S 8 29.47 -38.36 14.45
N LEU S 9 29.33 -39.65 14.13
CA LEU S 9 29.55 -40.09 12.75
C LEU S 9 28.50 -39.55 11.80
N ILE S 10 27.32 -39.18 12.31
CA ILE S 10 26.26 -38.67 11.47
C ILE S 10 25.94 -37.20 11.74
N PHE S 11 26.22 -36.70 12.95
CA PHE S 11 26.00 -35.30 13.29
C PHE S 11 27.32 -34.54 13.21
N ASP S 12 27.29 -33.39 12.57
CA ASP S 12 28.44 -32.51 12.53
C ASP S 12 28.61 -31.84 13.89
N PRO S 13 29.76 -31.97 14.55
CA PRO S 13 29.92 -31.37 15.88
C PRO S 13 29.73 -29.87 15.90
N ARG S 14 30.11 -29.17 14.83
CA ARG S 14 30.00 -27.71 14.82
C ARG S 14 28.54 -27.27 14.87
N ARG S 15 27.67 -27.89 14.08
CA ARG S 15 26.27 -27.49 14.08
C ARG S 15 25.53 -27.97 15.31
N VAL S 16 25.90 -29.14 15.84
CA VAL S 16 25.25 -29.65 17.04
C VAL S 16 25.61 -28.79 18.25
N PHE S 17 26.89 -28.48 18.41
CA PHE S 17 27.33 -27.72 19.58
C PHE S 17 26.72 -26.32 19.60
N VAL S 18 26.64 -25.67 18.43
CA VAL S 18 26.05 -24.34 18.36
C VAL S 18 24.58 -24.39 18.72
N ALA S 19 23.84 -25.34 18.13
CA ALA S 19 22.43 -25.48 18.44
C ALA S 19 22.23 -25.91 19.88
N GLN S 20 23.08 -26.81 20.38
CA GLN S 20 22.97 -27.26 21.76
C GLN S 20 23.25 -26.12 22.74
N GLY S 21 24.23 -25.28 22.41
CA GLY S 21 24.58 -24.18 23.31
C GLY S 21 23.45 -23.17 23.45
N VAL S 22 22.85 -22.75 22.34
CA VAL S 22 21.76 -21.79 22.40
C VAL S 22 20.53 -22.41 23.04
N PHE S 23 20.28 -23.70 22.76
CA PHE S 23 19.14 -24.38 23.35
C PHE S 23 19.24 -24.44 24.87
N LEU S 24 20.43 -24.74 25.39
CA LEU S 24 20.60 -24.87 26.83
C LEU S 24 20.36 -23.56 27.55
N PHE S 25 20.90 -22.45 27.02
CA PHE S 25 20.69 -21.16 27.66
C PHE S 25 19.24 -20.71 27.56
N LEU S 26 18.62 -20.90 26.39
CA LEU S 26 17.21 -20.54 26.24
C LEU S 26 16.33 -21.37 27.16
N LEU S 27 16.65 -22.66 27.31
CA LEU S 27 15.94 -23.48 28.28
C LEU S 27 16.20 -22.99 29.70
N ALA S 28 17.45 -22.67 30.03
CA ALA S 28 17.76 -22.19 31.37
C ALA S 28 17.10 -20.84 31.64
N ALA S 29 17.09 -19.95 30.64
CA ALA S 29 16.45 -18.66 30.81
C ALA S 29 14.94 -18.82 31.01
N MET S 30 14.32 -19.72 30.25
CA MET S 30 12.88 -19.93 30.36
C MET S 30 12.51 -20.47 31.75
N ILE S 31 13.22 -21.50 32.21
CA ILE S 31 12.92 -22.09 33.51
C ILE S 31 13.16 -21.08 34.62
N HIS S 32 14.25 -20.32 34.51
CA HIS S 32 14.52 -19.27 35.49
C HIS S 32 13.43 -18.20 35.45
N LEU S 33 12.91 -17.89 34.27
CA LEU S 33 11.91 -16.84 34.14
C LEU S 33 10.54 -17.28 34.64
N VAL S 34 10.13 -18.52 34.34
CA VAL S 34 8.82 -18.98 34.78
C VAL S 34 8.77 -19.10 36.30
N LEU S 35 9.90 -19.40 36.94
CA LEU S 35 9.94 -19.40 38.39
C LEU S 35 9.67 -18.02 38.97
N LEU S 36 10.23 -16.98 38.34
CA LEU S 36 9.99 -15.62 38.79
C LEU S 36 8.54 -15.20 38.60
N SER S 37 7.87 -15.75 37.58
CA SER S 37 6.47 -15.44 37.37
C SER S 37 5.59 -16.03 38.48
N THR S 38 5.99 -17.17 39.04
CA THR S 38 5.23 -17.77 40.11
C THR S 38 5.42 -16.98 41.41
N GLU S 39 4.49 -17.18 42.34
CA GLU S 39 4.57 -16.55 43.65
C GLU S 39 5.38 -17.36 44.64
N HIS S 40 5.38 -18.68 44.52
CA HIS S 40 6.03 -19.54 45.50
C HIS S 40 7.55 -19.55 45.34
N PHE S 41 8.04 -19.51 44.11
CA PHE S 41 9.46 -19.70 43.83
C PHE S 41 10.18 -18.44 43.38
N ASN S 42 9.53 -17.29 43.46
CA ASN S 42 10.18 -16.02 43.14
C ASN S 42 11.10 -15.65 44.30
N TRP S 43 12.39 -15.95 44.15
CA TRP S 43 13.32 -15.74 45.25
C TRP S 43 13.54 -14.25 45.52
N PHE S 44 13.39 -13.40 44.50
CA PHE S 44 13.49 -11.96 44.73
C PHE S 44 12.34 -11.46 45.59
N GLU S 45 11.11 -11.88 45.27
CA GLU S 45 9.97 -11.49 46.08
C GLU S 45 9.98 -12.20 47.43
N LEU S 46 10.53 -13.40 47.49
CA LEU S 46 10.61 -14.13 48.76
C LEU S 46 11.52 -13.41 49.74
N ALA S 47 12.65 -12.88 49.27
CA ALA S 47 13.57 -12.19 50.15
C ALA S 47 12.93 -10.97 50.78
N ALA S 48 12.14 -10.22 49.99
CA ALA S 48 11.41 -9.09 50.55
C ALA S 48 10.40 -9.54 51.60
N ALA S 49 9.69 -10.63 51.32
CA ALA S 49 8.72 -11.14 52.29
C ALA S 49 9.40 -11.74 53.50
N ASN S 50 10.52 -12.45 53.29
CA ASN S 50 11.24 -13.05 54.40
C ASN S 50 11.79 -11.98 55.34
N ALA S 51 12.36 -10.91 54.77
CA ALA S 51 12.85 -9.81 55.59
C ALA S 51 11.72 -9.11 56.33
N ALA S 52 10.59 -8.91 55.66
CA ALA S 52 9.42 -8.26 56.23
C ALA S 52 9.75 -6.89 56.83
N LEU T 7 42.08 -33.37 13.43
CA LEU T 7 40.70 -32.89 13.31
C LEU T 7 40.59 -31.45 13.80
N SER T 8 40.32 -30.54 12.87
CA SER T 8 40.19 -29.12 13.21
C SER T 8 39.36 -28.44 12.13
N PHE T 9 38.17 -27.97 12.51
CA PHE T 9 37.30 -27.28 11.57
C PHE T 9 37.67 -25.82 11.36
N THR T 10 38.54 -25.27 12.20
CA THR T 10 38.89 -23.86 12.16
C THR T 10 40.30 -23.60 11.64
N GLY T 11 41.09 -24.65 11.39
CA GLY T 11 42.44 -24.49 10.91
C GLY T 11 43.49 -24.40 12.00
N LEU T 12 43.10 -24.23 13.25
CA LEU T 12 44.06 -24.21 14.33
C LEU T 12 44.59 -25.62 14.59
N THR T 13 45.89 -25.74 14.79
CA THR T 13 46.46 -27.03 15.14
C THR T 13 46.16 -27.36 16.60
N ASP T 14 46.52 -28.57 17.01
CA ASP T 14 46.28 -28.98 18.39
C ASP T 14 47.09 -28.12 19.36
N GLU T 15 48.33 -27.79 18.99
CA GLU T 15 49.18 -27.00 19.87
C GLU T 15 48.61 -25.60 20.06
N GLN T 16 48.08 -24.99 18.99
CA GLN T 16 47.50 -23.66 19.11
C GLN T 16 46.28 -23.68 20.02
N ALA T 17 45.46 -24.74 19.93
CA ALA T 17 44.27 -24.82 20.77
C ALA T 17 44.63 -24.86 22.25
N GLN T 18 45.66 -25.63 22.62
CA GLN T 18 46.07 -25.68 24.01
C GLN T 18 46.58 -24.32 24.48
N GLU T 19 47.35 -23.63 23.63
CA GLU T 19 47.82 -22.30 23.98
C GLU T 19 46.67 -21.32 24.14
N LEU T 20 45.69 -21.39 23.23
CA LEU T 20 44.55 -20.48 23.30
C LEU T 20 43.64 -20.82 24.48
N HIS T 21 43.39 -22.11 24.70
CA HIS T 21 42.51 -22.52 25.79
C HIS T 21 43.10 -22.16 27.15
N SER T 22 44.41 -22.31 27.32
CA SER T 22 45.04 -22.02 28.61
C SER T 22 44.89 -20.55 28.96
N VAL T 23 45.06 -19.66 27.99
CA VAL T 23 44.85 -18.23 28.23
C VAL T 23 43.36 -17.96 28.44
N TYR T 24 42.50 -18.61 27.66
CA TYR T 24 41.06 -18.42 27.80
C TYR T 24 40.58 -18.86 29.18
N MET T 25 41.04 -20.01 29.65
CA MET T 25 40.64 -20.49 30.97
C MET T 25 41.17 -19.58 32.07
N SER T 26 42.38 -19.05 31.89
CA SER T 26 42.92 -18.10 32.87
C SER T 26 42.06 -16.85 32.95
N GLY T 27 41.58 -16.37 31.80
CA GLY T 27 40.63 -15.26 31.83
C GLY T 27 39.30 -15.64 32.44
N LEU T 28 38.83 -16.85 32.16
CA LEU T 28 37.56 -17.31 32.74
C LEU T 28 37.65 -17.39 34.25
N TRP T 29 38.75 -17.93 34.79
CA TRP T 29 38.90 -18.01 36.24
C TRP T 29 39.07 -16.63 36.85
N LEU T 30 39.79 -15.74 36.19
CA LEU T 30 39.91 -14.37 36.67
C LEU T 30 38.56 -13.67 36.67
N PHE T 31 37.78 -13.86 35.60
CA PHE T 31 36.44 -13.28 35.57
C PHE T 31 35.54 -13.90 36.63
N SER T 32 35.62 -15.22 36.82
CA SER T 32 34.79 -15.88 37.82
C SER T 32 35.23 -15.56 39.23
N ALA T 33 36.54 -15.36 39.46
CA ALA T 33 37.01 -15.05 40.80
C ALA T 33 36.46 -13.73 41.29
N VAL T 34 36.45 -12.71 40.43
CA VAL T 34 35.85 -11.43 40.81
C VAL T 34 34.35 -11.58 40.98
N ALA T 35 33.71 -12.39 40.13
CA ALA T 35 32.27 -12.61 40.24
C ALA T 35 31.94 -13.32 41.56
N VAL T 36 32.75 -14.28 41.97
CA VAL T 36 32.53 -14.95 43.25
C VAL T 36 32.70 -13.96 44.39
N VAL T 37 33.75 -13.14 44.34
CA VAL T 37 33.98 -12.14 45.38
C VAL T 37 32.83 -11.14 45.42
N ALA T 38 32.39 -10.69 44.24
CA ALA T 38 31.28 -9.74 44.19
C ALA T 38 30.00 -10.35 44.76
N HIS T 39 29.72 -11.61 44.41
CA HIS T 39 28.53 -12.27 44.95
C HIS T 39 28.65 -12.49 46.45
N LEU T 40 29.83 -12.88 46.92
CA LEU T 40 30.02 -13.09 48.35
C LEU T 40 29.82 -11.80 49.13
N ALA T 41 30.35 -10.69 48.62
CA ALA T 41 30.11 -9.39 49.26
C ALA T 41 28.64 -9.00 49.19
N THR T 42 27.98 -9.28 48.06
CA THR T 42 26.58 -8.94 47.92
C THR T 42 25.70 -9.78 48.84
N PHE T 43 26.07 -11.06 49.02
CA PHE T 43 25.29 -11.91 49.92
C PHE T 43 25.34 -11.41 51.36
N ILE T 44 26.52 -10.95 51.79
CA ILE T 44 26.63 -10.37 53.13
C ILE T 44 25.80 -9.10 53.21
N TRP T 45 25.82 -8.27 52.17
CA TRP T 45 25.07 -7.02 52.17
C TRP T 45 23.57 -7.27 52.25
N ARG T 46 23.05 -8.11 51.35
CA ARG T 46 21.62 -8.45 51.34
C ARG T 46 21.48 -9.86 50.81
N PRO T 47 21.42 -10.86 51.69
CA PRO T 47 21.28 -12.24 51.23
C PRO T 47 19.93 -12.47 50.54
N TRP T 48 19.96 -13.34 49.53
CA TRP T 48 18.76 -13.72 48.81
C TRP T 48 18.27 -15.12 49.16
N PHE T 49 18.84 -15.73 50.20
CA PHE T 49 18.41 -17.05 50.64
C PHE T 49 18.01 -17.03 52.10
N SER U 2 39.59 -31.30 32.12
CA SER U 2 39.85 -32.41 31.20
C SER U 2 40.72 -31.96 30.03
N LYS U 3 40.26 -32.22 28.82
CA LYS U 3 40.93 -31.80 27.59
C LYS U 3 39.95 -31.04 26.71
N PHE U 4 39.21 -30.11 27.32
CA PHE U 4 38.23 -29.29 26.61
C PHE U 4 38.87 -28.34 25.61
N TYR U 5 40.19 -28.28 25.53
CA TYR U 5 40.86 -27.36 24.61
C TYR U 5 40.47 -27.61 23.16
N LYS U 6 39.99 -28.81 22.84
CA LYS U 6 39.63 -29.14 21.47
C LYS U 6 38.40 -28.40 20.98
N ILE U 7 37.68 -27.70 21.86
CA ILE U 7 36.52 -26.92 21.43
C ILE U 7 36.92 -25.85 20.42
N TRP U 8 38.15 -25.36 20.52
CA TRP U 8 38.63 -24.34 19.59
C TRP U 8 38.98 -24.93 18.24
N LEU U 9 39.20 -26.24 18.16
CA LEU U 9 39.31 -26.89 16.85
C LEU U 9 37.99 -26.92 16.12
N ILE U 10 36.89 -26.67 16.82
CA ILE U 10 35.56 -26.63 16.23
C ILE U 10 35.05 -25.21 16.07
N PHE U 11 35.19 -24.40 17.11
CA PHE U 11 34.66 -23.04 17.13
C PHE U 11 35.76 -22.04 16.76
N ASP U 12 35.42 -21.11 15.88
CA ASP U 12 36.35 -20.04 15.53
C ASP U 12 36.51 -19.10 16.72
N PRO U 13 37.73 -18.84 17.18
CA PRO U 13 37.91 -17.96 18.34
C PRO U 13 37.35 -16.55 18.12
N ARG U 14 37.43 -16.03 16.90
CA ARG U 14 36.94 -14.68 16.65
C ARG U 14 35.44 -14.59 16.85
N ARG U 15 34.68 -15.56 16.32
CA ARG U 15 33.22 -15.48 16.40
C ARG U 15 32.72 -15.81 17.80
N VAL U 16 33.39 -16.72 18.50
CA VAL U 16 32.96 -17.07 19.86
C VAL U 16 33.24 -15.91 20.82
N PHE U 17 34.40 -15.27 20.68
CA PHE U 17 34.79 -14.23 21.62
C PHE U 17 33.87 -13.02 21.52
N VAL U 18 33.49 -12.62 20.31
CA VAL U 18 32.58 -11.48 20.17
C VAL U 18 31.18 -11.87 20.65
N ALA U 19 30.76 -13.11 20.37
CA ALA U 19 29.47 -13.57 20.88
C ALA U 19 29.48 -13.64 22.39
N GLN U 20 30.59 -14.12 22.98
CA GLN U 20 30.69 -14.19 24.43
C GLN U 20 30.68 -12.79 25.04
N GLY U 21 31.39 -11.84 24.43
CA GLY U 21 31.42 -10.49 24.97
C GLY U 21 30.06 -9.82 24.93
N VAL U 22 29.35 -9.96 23.82
CA VAL U 22 28.01 -9.41 23.72
C VAL U 22 27.06 -10.12 24.70
N PHE U 23 27.17 -11.45 24.77
CA PHE U 23 26.29 -12.21 25.66
C PHE U 23 26.55 -11.87 27.12
N LEU U 24 27.82 -11.72 27.50
CA LEU U 24 28.15 -11.49 28.91
C LEU U 24 27.62 -10.16 29.39
N PHE U 25 27.78 -9.09 28.60
CA PHE U 25 27.32 -7.79 29.03
C PHE U 25 25.79 -7.73 29.06
N LEU U 26 25.13 -8.27 28.03
CA LEU U 26 23.67 -8.28 28.02
C LEU U 26 23.12 -9.08 29.18
N LEU U 27 23.75 -10.22 29.49
CA LEU U 27 23.34 -10.98 30.67
C LEU U 27 23.60 -10.18 31.95
N ALA U 28 24.78 -9.55 32.05
CA ALA U 28 25.09 -8.77 33.24
C ALA U 28 24.17 -7.57 33.37
N ALA U 29 23.86 -6.91 32.25
CA ALA U 29 22.95 -5.77 32.30
C ALA U 29 21.55 -6.21 32.71
N MET U 30 21.10 -7.36 32.22
CA MET U 30 19.75 -7.83 32.55
C MET U 30 19.61 -8.09 34.04
N ILE U 31 20.59 -8.77 34.64
CA ILE U 31 20.52 -9.08 36.06
C ILE U 31 20.55 -7.81 36.89
N HIS U 32 21.37 -6.83 36.48
CA HIS U 32 21.37 -5.54 37.16
C HIS U 32 20.01 -4.86 37.02
N LEU U 33 19.39 -4.96 35.84
CA LEU U 33 18.07 -4.38 35.64
C LEU U 33 17.00 -5.13 36.40
N VAL U 34 17.10 -6.46 36.45
CA VAL U 34 16.11 -7.26 37.17
C VAL U 34 16.13 -6.91 38.66
N LEU U 35 17.32 -6.75 39.23
CA LEU U 35 17.43 -6.35 40.63
C LEU U 35 16.82 -4.97 40.86
N LEU U 36 17.02 -4.06 39.92
CA LEU U 36 16.47 -2.72 40.07
C LEU U 36 14.95 -2.73 40.05
N SER U 37 14.34 -3.73 39.41
CA SER U 37 12.88 -3.82 39.40
C SER U 37 12.33 -4.30 40.73
N THR U 38 13.08 -5.14 41.46
CA THR U 38 12.61 -5.65 42.73
C THR U 38 12.64 -4.57 43.81
N GLU U 39 11.70 -4.67 44.75
CA GLU U 39 11.64 -3.73 45.86
C GLU U 39 12.74 -3.99 46.89
N HIS U 40 13.28 -5.22 46.93
CA HIS U 40 14.23 -5.58 47.96
C HIS U 40 15.67 -5.20 47.59
N PHE U 41 16.11 -5.60 46.41
CA PHE U 41 17.51 -5.47 46.02
C PHE U 41 17.83 -4.19 45.25
N ASN U 42 16.87 -3.30 45.08
CA ASN U 42 17.13 -2.02 44.43
C ASN U 42 17.99 -1.17 45.37
N TRP U 43 19.29 -1.09 45.06
CA TRP U 43 20.20 -0.37 45.94
C TRP U 43 20.02 1.15 45.85
N PHE U 44 19.44 1.66 44.77
CA PHE U 44 19.18 3.09 44.67
C PHE U 44 18.05 3.49 45.62
N GLU U 45 16.95 2.73 45.62
CA GLU U 45 15.86 3.02 46.53
C GLU U 45 16.22 2.68 47.97
N LEU U 46 17.05 1.67 48.17
CA LEU U 46 17.47 1.31 49.52
C LEU U 46 18.30 2.42 50.15
N ALA U 47 19.19 3.04 49.37
CA ALA U 47 19.98 4.14 49.89
C ALA U 47 19.10 5.32 50.30
N ALA U 48 18.04 5.57 49.53
CA ALA U 48 17.09 6.61 49.90
C ALA U 48 16.39 6.28 51.22
N ALA U 49 16.03 5.02 51.41
CA ALA U 49 15.38 4.62 52.66
C ALA U 49 16.30 4.79 53.85
N ASN U 50 17.57 4.43 53.69
CA ASN U 50 18.54 4.56 54.78
C ASN U 50 18.86 6.01 55.11
N ALA U 51 18.49 6.95 54.25
CA ALA U 51 18.75 8.37 54.50
C ALA U 51 17.85 8.90 55.61
N LEU V 7 49.94 -18.10 15.38
CA LEU V 7 48.54 -17.77 15.15
C LEU V 7 48.31 -16.27 15.27
N SER V 8 47.83 -15.66 14.18
CA SER V 8 47.56 -14.22 14.18
C SER V 8 46.48 -13.97 13.13
N PHE V 9 45.24 -13.77 13.59
CA PHE V 9 44.15 -13.49 12.67
C PHE V 9 44.23 -12.07 12.11
N THR V 10 44.76 -11.14 12.89
CA THR V 10 44.77 -9.73 12.52
C THR V 10 46.04 -9.29 11.81
N GLY V 11 47.04 -10.17 11.67
CA GLY V 11 48.28 -9.83 11.02
C GLY V 11 49.32 -9.20 11.91
N LEU V 12 48.99 -8.88 13.15
CA LEU V 12 49.98 -8.38 14.08
C LEU V 12 50.93 -9.49 14.50
N THR V 13 52.20 -9.15 14.70
CA THR V 13 53.18 -10.12 15.15
C THR V 13 53.02 -10.36 16.64
N ASP V 14 53.82 -11.29 17.17
CA ASP V 14 53.77 -11.57 18.60
C ASP V 14 54.26 -10.39 19.43
N GLU V 15 55.13 -9.56 18.88
CA GLU V 15 55.65 -8.40 19.59
C GLU V 15 54.82 -7.14 19.40
N GLN V 16 54.17 -6.98 18.24
CA GLN V 16 53.31 -5.82 18.04
C GLN V 16 52.11 -5.86 18.97
N ALA V 17 51.51 -7.04 19.15
CA ALA V 17 50.39 -7.16 20.08
C ALA V 17 50.84 -6.93 21.51
N GLN V 18 52.02 -7.43 21.88
CA GLN V 18 52.54 -7.23 23.22
C GLN V 18 52.78 -5.75 23.50
N GLU V 19 53.35 -5.03 22.53
CA GLU V 19 53.57 -3.60 22.71
C GLU V 19 52.25 -2.84 22.69
N LEU V 20 51.31 -3.26 21.84
CA LEU V 20 49.99 -2.63 21.82
C LEU V 20 49.27 -2.83 23.14
N HIS V 21 49.37 -4.03 23.71
CA HIS V 21 48.67 -4.31 24.97
C HIS V 21 49.21 -3.45 26.11
N SER V 22 50.52 -3.22 26.14
CA SER V 22 51.12 -2.44 27.22
C SER V 22 50.58 -1.02 27.22
N VAL V 23 50.47 -0.40 26.04
CA VAL V 23 49.90 0.94 25.97
C VAL V 23 48.41 0.90 26.28
N TYR V 24 47.72 -0.13 25.81
CA TYR V 24 46.29 -0.26 26.11
C TYR V 24 46.07 -0.45 27.61
N MET V 25 46.90 -1.26 28.26
CA MET V 25 46.78 -1.44 29.70
C MET V 25 47.06 -0.15 30.45
N SER V 26 48.02 0.65 29.97
CA SER V 26 48.31 1.93 30.59
C SER V 26 47.10 2.85 30.53
N GLY V 27 46.41 2.86 29.39
CA GLY V 27 45.19 3.64 29.28
C GLY V 27 44.06 3.08 30.14
N LEU V 28 43.96 1.76 30.22
CA LEU V 28 42.90 1.15 31.02
C LEU V 28 43.08 1.46 32.50
N TRP V 29 44.31 1.36 33.01
CA TRP V 29 44.54 1.65 34.42
C TRP V 29 44.32 3.14 34.71
N LEU V 30 44.78 4.01 33.81
CA LEU V 30 44.58 5.44 34.01
C LEU V 30 43.09 5.79 33.98
N PHE V 31 42.35 5.20 33.04
CA PHE V 31 40.91 5.43 33.00
C PHE V 31 40.22 4.88 34.25
N SER V 32 40.66 3.70 34.71
CA SER V 32 40.08 3.13 35.91
C SER V 32 40.50 3.91 37.15
N ALA V 33 41.73 4.42 37.18
CA ALA V 33 42.19 5.18 38.34
C ALA V 33 41.37 6.45 38.53
N VAL V 34 41.07 7.15 37.44
CA VAL V 34 40.24 8.34 37.54
C VAL V 34 38.82 7.96 37.93
N ALA V 35 38.34 6.83 37.42
CA ALA V 35 37.00 6.36 37.79
C ALA V 35 36.92 5.99 39.27
N VAL V 36 37.98 5.37 39.79
CA VAL V 36 38.01 5.02 41.22
C VAL V 36 37.98 6.29 42.08
N VAL V 37 38.77 7.30 41.69
CA VAL V 37 38.76 8.56 42.42
C VAL V 37 37.39 9.22 42.34
N ALA V 38 36.76 9.19 41.16
CA ALA V 38 35.43 9.74 41.02
C ALA V 38 34.42 8.98 41.87
N HIS V 39 34.53 7.65 41.90
CA HIS V 39 33.62 6.84 42.72
C HIS V 39 33.84 7.11 44.20
N LEU V 40 35.09 7.28 44.61
CA LEU V 40 35.37 7.57 46.02
C LEU V 40 34.75 8.89 46.45
N ALA V 41 34.84 9.91 45.59
CA ALA V 41 34.21 11.19 45.89
C ALA V 41 32.69 11.08 45.94
N THR V 42 32.11 10.32 45.01
CA THR V 42 30.66 10.13 45.01
C THR V 42 30.20 9.39 46.25
N PHE V 43 30.95 8.37 46.67
CA PHE V 43 30.58 7.64 47.87
C PHE V 43 30.65 8.53 49.11
N ILE V 44 31.67 9.39 49.17
CA ILE V 44 31.75 10.36 50.26
C ILE V 44 30.59 11.33 50.20
N TRP V 45 30.25 11.79 48.99
CA TRP V 45 29.14 12.72 48.82
C TRP V 45 27.81 12.08 49.21
N ARG V 46 27.43 11.01 48.52
CA ARG V 46 26.22 10.25 48.85
C ARG V 46 26.51 8.77 48.69
N PRO V 47 26.78 8.06 49.78
CA PRO V 47 27.03 6.62 49.67
C PRO V 47 25.77 5.88 49.25
N TRP V 48 25.98 4.80 48.50
CA TRP V 48 24.90 3.93 48.07
C TRP V 48 24.88 2.60 48.81
N PHE V 49 25.62 2.50 49.91
CA PHE V 49 25.66 1.28 50.71
C PHE V 49 25.40 1.59 52.18
N SER W 2 49.07 -11.02 32.45
CA SER W 2 49.75 -12.30 32.32
C SER W 2 50.14 -12.56 30.87
N LYS W 3 49.19 -13.08 30.10
CA LYS W 3 49.44 -13.37 28.69
C LYS W 3 48.23 -12.94 27.85
N PHE W 4 47.44 -11.99 28.34
CA PHE W 4 46.24 -11.52 27.65
C PHE W 4 46.56 -10.72 26.40
N TYR W 5 47.82 -10.37 26.16
CA TYR W 5 48.18 -9.56 25.00
C TYR W 5 47.82 -10.24 23.69
N LYS W 6 47.61 -11.55 23.69
CA LYS W 6 47.29 -12.29 22.49
C LYS W 6 45.88 -12.00 21.96
N ILE W 7 45.06 -11.26 22.73
CA ILE W 7 43.72 -10.93 22.26
C ILE W 7 43.80 -10.07 20.99
N TRP W 8 44.85 -9.29 20.84
CA TRP W 8 45.02 -8.46 19.65
C TRP W 8 45.45 -9.27 18.44
N LEU W 9 45.94 -10.50 18.64
CA LEU W 9 46.14 -11.41 17.52
C LEU W 9 44.83 -11.96 17.00
N ILE W 10 43.75 -11.79 17.76
CA ILE W 10 42.42 -12.28 17.38
C ILE W 10 41.48 -11.13 17.04
N PHE W 11 41.46 -10.10 17.87
CA PHE W 11 40.66 -8.91 17.62
C PHE W 11 41.47 -7.85 16.88
N ASP W 12 40.86 -7.24 15.87
CA ASP W 12 41.47 -6.10 15.21
C ASP W 12 41.47 -4.91 16.17
N PRO W 13 42.63 -4.28 16.42
CA PRO W 13 42.64 -3.13 17.33
C PRO W 13 41.74 -2.00 16.89
N ARG W 14 41.59 -1.80 15.57
CA ARG W 14 40.76 -0.69 15.10
C ARG W 14 39.28 -0.92 15.40
N ARG W 15 38.78 -2.12 15.14
CA ARG W 15 37.36 -2.39 15.36
C ARG W 15 37.01 -2.41 16.84
N VAL W 16 37.89 -2.97 17.67
CA VAL W 16 37.61 -3.03 19.10
C VAL W 16 37.64 -1.64 19.72
N PHE W 17 38.64 -0.82 19.36
CA PHE W 17 38.76 0.51 19.94
C PHE W 17 37.55 1.37 19.60
N VAL W 18 37.07 1.29 18.36
CA VAL W 18 35.86 2.01 17.99
C VAL W 18 34.67 1.49 18.79
N ALA W 19 34.55 0.16 18.90
CA ALA W 19 33.48 -0.43 19.70
C ALA W 19 33.62 -0.07 21.16
N GLN W 20 34.85 -0.13 21.70
CA GLN W 20 35.05 0.19 23.11
C GLN W 20 34.72 1.64 23.41
N GLY W 21 35.14 2.56 22.53
CA GLY W 21 34.83 3.97 22.75
C GLY W 21 33.35 4.25 22.72
N VAL W 22 32.63 3.65 21.76
CA VAL W 22 31.19 3.80 21.69
C VAL W 22 30.53 3.16 22.91
N PHE W 23 30.96 1.94 23.27
CA PHE W 23 30.36 1.24 24.39
C PHE W 23 30.58 1.98 25.71
N LEU W 24 31.78 2.53 25.90
CA LEU W 24 32.09 3.18 27.18
C LEU W 24 31.23 4.42 27.39
N PHE W 25 31.04 5.24 26.35
CA PHE W 25 30.23 6.44 26.52
C PHE W 25 28.76 6.08 26.73
N LEU W 26 28.24 5.13 25.95
CA LEU W 26 26.85 4.72 26.13
C LEU W 26 26.62 4.12 27.50
N LEU W 27 27.58 3.34 27.99
CA LEU W 27 27.50 2.84 29.35
C LEU W 27 27.57 3.98 30.36
N ALA W 28 28.46 4.94 30.15
CA ALA W 28 28.57 6.09 31.05
C ALA W 28 27.31 6.93 31.01
N ALA W 29 26.75 7.15 29.81
CA ALA W 29 25.53 7.93 29.70
C ALA W 29 24.36 7.23 30.39
N MET W 30 24.27 5.90 30.24
CA MET W 30 23.16 5.17 30.84
C MET W 30 23.17 5.29 32.35
N ILE W 31 24.35 5.12 32.98
CA ILE W 31 24.42 5.15 34.44
C ILE W 31 24.11 6.56 34.95
N HIS W 32 24.58 7.58 34.24
CA HIS W 32 24.23 8.95 34.61
C HIS W 32 22.73 9.18 34.48
N LEU W 33 22.12 8.64 33.42
CA LEU W 33 20.68 8.76 33.26
C LEU W 33 19.93 7.97 34.34
N VAL W 34 20.48 6.82 34.74
CA VAL W 34 19.85 6.02 35.78
C VAL W 34 19.83 6.79 37.10
N LEU W 35 20.96 7.43 37.44
CA LEU W 35 21.03 8.20 38.68
C LEU W 35 20.05 9.38 38.66
N LEU W 36 19.91 10.03 37.50
CA LEU W 36 19.00 11.16 37.39
C LEU W 36 17.55 10.73 37.59
N SER W 37 17.20 9.52 37.19
CA SER W 37 15.84 9.03 37.38
C SER W 37 15.51 8.88 38.85
N THR W 38 16.45 8.38 39.64
CA THR W 38 16.23 8.22 41.07
C THR W 38 16.10 9.57 41.76
N GLU W 39 15.30 9.60 42.83
CA GLU W 39 15.07 10.82 43.58
C GLU W 39 16.12 11.07 44.66
N HIS W 40 17.02 10.13 44.89
CA HIS W 40 18.05 10.28 45.91
C HIS W 40 19.40 10.69 45.34
N PHE W 41 19.72 10.28 44.11
CA PHE W 41 21.02 10.57 43.52
C PHE W 41 20.93 11.61 42.40
N ASN W 42 19.77 12.23 42.22
CA ASN W 42 19.61 13.29 41.22
C ASN W 42 20.24 14.56 41.78
N TRP W 43 21.49 14.83 41.41
CA TRP W 43 22.19 15.99 41.94
C TRP W 43 21.57 17.30 41.49
N PHE W 44 20.84 17.30 40.38
CA PHE W 44 20.16 18.52 39.94
C PHE W 44 19.03 18.89 40.89
N GLU W 45 18.23 17.90 41.32
CA GLU W 45 17.15 18.17 42.25
C GLU W 45 17.66 18.40 43.67
N LEU W 46 18.82 17.83 44.01
CA LEU W 46 19.36 18.04 45.35
C LEU W 46 19.95 19.43 45.51
N ALA W 47 20.50 20.00 44.42
CA ALA W 47 20.99 21.38 44.48
C ALA W 47 19.84 22.34 44.75
N ALA W 48 18.69 22.11 44.14
CA ALA W 48 17.51 22.93 44.42
C ALA W 48 17.06 22.78 45.86
N ALA W 49 17.07 21.56 46.37
CA ALA W 49 16.65 21.33 47.75
C ALA W 49 17.58 22.02 48.75
N ASN W 50 18.89 21.93 48.50
CA ASN W 50 19.85 22.58 49.40
C ASN W 50 19.72 24.09 49.35
N ALA W 51 19.50 24.66 48.16
CA ALA W 51 19.33 26.11 48.04
C ALA W 51 18.09 26.58 48.80
N ALA W 52 16.99 25.84 48.69
CA ALA W 52 15.75 26.20 49.36
C ALA W 52 15.82 25.85 50.85
N ASP X 6 57.52 -1.59 12.90
CA ASP X 6 56.47 -1.24 13.83
C ASP X 6 55.09 -1.39 13.19
N LEU X 7 54.05 -1.03 13.93
CA LEU X 7 52.67 -1.18 13.48
C LEU X 7 52.09 0.20 13.17
N SER X 8 51.47 0.32 11.99
CA SER X 8 50.85 1.57 11.59
C SER X 8 49.78 1.26 10.56
N PHE X 9 48.51 1.36 10.96
CA PHE X 9 47.41 1.09 10.04
C PHE X 9 47.08 2.29 9.17
N THR X 10 47.35 3.51 9.64
CA THR X 10 46.95 4.73 8.95
C THR X 10 48.06 5.28 8.05
N GLY X 11 49.22 4.64 8.00
CA GLY X 11 50.31 5.11 7.18
C GLY X 11 51.16 6.19 7.80
N LEU X 12 50.74 6.77 8.92
CA LEU X 12 51.55 7.76 9.60
C LEU X 12 52.79 7.12 10.20
N THR X 13 53.90 7.84 10.16
CA THR X 13 55.13 7.36 10.77
C THR X 13 55.07 7.58 12.28
N ASP X 14 56.07 7.05 12.98
CA ASP X 14 56.13 7.22 14.43
C ASP X 14 56.30 8.68 14.81
N GLU X 15 57.15 9.40 14.08
CA GLU X 15 57.35 10.82 14.37
C GLU X 15 56.15 11.65 13.94
N GLN X 16 55.51 11.30 12.84
CA GLN X 16 54.34 12.04 12.38
C GLN X 16 53.20 11.93 13.39
N ALA X 17 52.96 10.73 13.92
CA ALA X 17 51.93 10.57 14.95
C ALA X 17 52.34 11.23 16.26
N GLN X 18 53.63 11.21 16.57
CA GLN X 18 54.10 11.85 17.81
C GLN X 18 53.85 13.35 17.77
N GLU X 19 54.12 13.99 16.64
CA GLU X 19 53.90 15.43 16.53
C GLU X 19 52.42 15.78 16.41
N LEU X 20 51.63 14.92 15.76
CA LEU X 20 50.20 15.16 15.67
C LEU X 20 49.54 15.10 17.05
N HIS X 21 49.95 14.14 17.88
CA HIS X 21 49.41 14.05 19.23
C HIS X 21 49.82 15.23 20.09
N SER X 22 51.04 15.75 19.90
CA SER X 22 51.51 16.86 20.71
C SER X 22 50.62 18.08 20.54
N VAL X 23 50.24 18.40 19.30
CA VAL X 23 49.36 19.53 19.06
C VAL X 23 47.95 19.20 19.52
N TYR X 24 47.51 17.95 19.32
CA TYR X 24 46.18 17.54 19.76
C TYR X 24 46.04 17.67 21.28
N MET X 25 47.07 17.25 22.02
CA MET X 25 47.03 17.41 23.47
C MET X 25 47.00 18.88 23.87
N SER X 26 47.73 19.72 23.14
CA SER X 26 47.69 21.15 23.41
C SER X 26 46.27 21.69 23.18
N GLY X 27 45.61 21.24 22.13
CA GLY X 27 44.22 21.61 21.93
C GLY X 27 43.31 21.03 23.00
N LEU X 28 43.57 19.80 23.42
CA LEU X 28 42.74 19.17 24.46
C LEU X 28 42.86 19.93 25.77
N TRP X 29 44.08 20.32 26.15
CA TRP X 29 44.27 21.04 27.40
C TRP X 29 43.66 22.44 27.32
N LEU X 30 43.83 23.12 26.19
CA LEU X 30 43.23 24.45 26.03
C LEU X 30 41.71 24.38 26.08
N PHE X 31 41.13 23.37 25.43
CA PHE X 31 39.68 23.19 25.51
C PHE X 31 39.26 22.85 26.93
N SER X 32 40.03 22.01 27.62
CA SER X 32 39.71 21.67 29.00
C SER X 32 39.93 22.85 29.93
N ALA X 33 40.99 23.64 29.68
CA ALA X 33 41.27 24.78 30.54
C ALA X 33 40.14 25.79 30.51
N VAL X 34 39.59 26.06 29.33
CA VAL X 34 38.45 26.97 29.22
C VAL X 34 37.23 26.37 29.91
N ALA X 35 37.04 25.05 29.77
CA ALA X 35 35.90 24.40 30.40
C ALA X 35 35.99 24.42 31.92
N VAL X 36 37.20 24.32 32.48
CA VAL X 36 37.36 24.42 33.92
C VAL X 36 36.97 25.82 34.41
N VAL X 37 37.40 26.85 33.69
CA VAL X 37 37.02 28.22 34.05
C VAL X 37 35.52 28.40 33.94
N ALA X 38 34.92 27.85 32.87
CA ALA X 38 33.47 27.93 32.72
C ALA X 38 32.76 27.20 33.84
N HIS X 39 33.26 26.01 34.21
CA HIS X 39 32.64 25.26 35.30
C HIS X 39 32.86 25.97 36.64
N LEU X 40 34.03 26.59 36.82
CA LEU X 40 34.28 27.33 38.05
C LEU X 40 33.34 28.52 38.19
N ALA X 41 33.12 29.25 37.09
CA ALA X 41 32.18 30.37 37.13
C ALA X 41 30.76 29.89 37.39
N THR X 42 30.35 28.78 36.78
CA THR X 42 29.02 28.25 37.01
C THR X 42 28.84 27.80 38.44
N PHE X 43 29.87 27.16 39.02
CA PHE X 43 29.78 26.72 40.41
C PHE X 43 29.63 27.90 41.36
N ILE X 44 30.37 28.98 41.10
CA ILE X 44 30.23 30.19 41.92
C ILE X 44 28.83 30.76 41.78
N TRP X 45 28.31 30.80 40.55
CA TRP X 45 26.99 31.36 40.30
C TRP X 45 25.89 30.46 40.87
N ARG X 46 25.82 29.22 40.40
CA ARG X 46 24.79 28.27 40.80
C ARG X 46 25.44 26.94 41.14
N PRO X 47 25.94 26.78 42.37
CA PRO X 47 26.63 25.54 42.73
C PRO X 47 25.67 24.34 42.72
N TRP X 48 26.22 23.18 42.36
CA TRP X 48 25.47 21.94 42.32
C TRP X 48 25.95 20.94 43.36
N PHE X 49 26.74 21.38 44.34
CA PHE X 49 27.20 20.50 45.40
C PHE X 49 27.06 21.18 46.76
N SER Y 2 53.62 9.75 28.18
CA SER Y 2 53.39 8.32 28.00
C SER Y 2 53.65 7.92 26.55
N LYS Y 3 52.84 7.01 26.03
CA LYS Y 3 52.96 6.52 24.66
C LYS Y 3 51.62 6.53 23.94
N PHE Y 4 50.71 7.41 24.39
CA PHE Y 4 49.38 7.47 23.80
C PHE Y 4 49.37 8.02 22.39
N TYR Y 5 50.49 8.58 21.91
CA TYR Y 5 50.53 9.14 20.57
C TYR Y 5 50.31 8.09 19.49
N LYS Y 6 50.50 6.81 19.82
CA LYS Y 6 50.32 5.74 18.85
C LYS Y 6 48.86 5.49 18.50
N ILE Y 7 47.92 6.16 19.16
CA ILE Y 7 46.52 6.02 18.80
C ILE Y 7 46.29 6.49 17.36
N TRP Y 8 47.12 7.43 16.88
CA TRP Y 8 47.03 7.89 15.51
C TRP Y 8 47.64 6.91 14.53
N LEU Y 9 48.40 5.92 14.99
CA LEU Y 9 48.78 4.80 14.17
C LEU Y 9 47.65 3.79 14.03
N ILE Y 10 46.61 3.91 14.83
CA ILE Y 10 45.43 3.04 14.75
C ILE Y 10 44.27 3.76 14.10
N PHE Y 11 43.96 4.97 14.57
CA PHE Y 11 42.86 5.76 14.04
C PHE Y 11 43.35 6.77 13.02
N ASP Y 12 42.53 6.98 11.99
CA ASP Y 12 42.79 8.05 11.04
C ASP Y 12 42.50 9.39 11.70
N PRO Y 13 43.47 10.31 11.77
CA PRO Y 13 43.21 11.58 12.46
C PRO Y 13 42.07 12.37 11.87
N ARG Y 14 41.89 12.31 10.56
CA ARG Y 14 40.87 13.09 9.88
C ARG Y 14 39.48 12.51 10.04
N ARG Y 15 39.35 11.27 10.52
CA ARG Y 15 38.05 10.70 10.82
C ARG Y 15 37.70 10.78 12.30
N VAL Y 16 38.70 10.80 13.18
CA VAL Y 16 38.43 10.98 14.61
C VAL Y 16 37.98 12.40 14.88
N PHE Y 17 38.61 13.39 14.23
CA PHE Y 17 38.33 14.78 14.54
C PHE Y 17 36.90 15.15 14.19
N VAL Y 18 36.39 14.69 13.05
CA VAL Y 18 34.98 14.91 12.74
C VAL Y 18 34.10 14.13 13.69
N ALA Y 19 34.54 12.94 14.12
CA ALA Y 19 33.76 12.15 15.06
C ALA Y 19 33.65 12.84 16.41
N GLN Y 20 34.77 13.38 16.92
CA GLN Y 20 34.71 14.08 18.19
C GLN Y 20 34.11 15.48 18.05
N GLY Y 21 34.28 16.11 16.89
CA GLY Y 21 33.67 17.42 16.69
C GLY Y 21 32.15 17.36 16.75
N VAL Y 22 31.57 16.33 16.14
CA VAL Y 22 30.14 16.11 16.26
C VAL Y 22 29.79 15.68 17.68
N PHE Y 23 30.60 14.78 18.25
CA PHE Y 23 30.32 14.28 19.60
C PHE Y 23 30.41 15.39 20.63
N LEU Y 24 31.43 16.25 20.54
CA LEU Y 24 31.61 17.28 21.55
C LEU Y 24 30.46 18.28 21.55
N PHE Y 25 30.00 18.69 20.36
CA PHE Y 25 28.88 19.62 20.30
C PHE Y 25 27.59 18.96 20.76
N LEU Y 26 27.34 17.71 20.33
CA LEU Y 26 26.16 17.00 20.80
C LEU Y 26 26.23 16.77 22.30
N LEU Y 27 27.43 16.54 22.83
CA LEU Y 27 27.61 16.57 24.28
C LEU Y 27 27.22 17.91 24.86
N ALA Y 28 27.77 18.99 24.31
CA ALA Y 28 27.54 20.32 24.85
C ALA Y 28 26.08 20.71 24.77
N ALA Y 29 25.43 20.41 23.66
CA ALA Y 29 24.01 20.74 23.51
C ALA Y 29 23.16 19.94 24.49
N MET Y 30 23.46 18.66 24.67
CA MET Y 30 22.63 17.82 25.53
C MET Y 30 22.74 18.25 26.98
N ILE Y 31 23.95 18.55 27.46
CA ILE Y 31 24.09 18.98 28.85
C ILE Y 31 23.44 20.34 29.05
N HIS Y 32 23.52 21.22 28.06
CA HIS Y 32 22.80 22.50 28.13
C HIS Y 32 21.29 22.26 28.18
N LEU Y 33 20.80 21.32 27.38
CA LEU Y 33 19.37 21.03 27.38
C LEU Y 33 18.94 20.34 28.67
N VAL Y 34 19.80 19.50 29.23
CA VAL Y 34 19.49 18.87 30.52
C VAL Y 34 19.39 19.93 31.61
N LEU Y 35 20.32 20.89 31.60
CA LEU Y 35 20.27 21.97 32.58
C LEU Y 35 19.01 22.82 32.42
N LEU Y 36 18.62 23.09 31.17
CA LEU Y 36 17.42 23.88 30.94
C LEU Y 36 16.16 23.17 31.41
N SER Y 37 16.15 21.83 31.35
CA SER Y 37 15.00 21.07 31.82
C SER Y 37 14.81 21.24 33.32
N THR Y 38 15.90 21.20 34.09
CA THR Y 38 15.81 21.39 35.52
C THR Y 38 15.38 22.82 35.84
N GLU Y 39 14.52 22.95 36.85
CA GLU Y 39 14.02 24.27 37.22
C GLU Y 39 15.05 25.08 37.99
N HIS Y 40 16.01 24.42 38.64
CA HIS Y 40 17.01 25.13 39.42
C HIS Y 40 18.08 25.76 38.53
N PHE Y 41 18.50 25.07 37.47
CA PHE Y 41 19.61 25.49 36.65
C PHE Y 41 19.19 26.13 35.33
N ASN Y 42 17.91 26.45 35.18
CA ASN Y 42 17.43 27.12 33.97
C ASN Y 42 17.68 28.61 34.13
N TRP Y 43 18.76 29.10 33.53
CA TRP Y 43 19.13 30.50 33.67
C TRP Y 43 18.15 31.44 32.99
N PHE Y 44 17.34 30.94 32.05
CA PHE Y 44 16.35 31.80 31.40
C PHE Y 44 15.20 32.13 32.35
N GLU Y 45 14.70 31.13 33.08
CA GLU Y 45 13.65 31.39 34.06
C GLU Y 45 14.20 32.09 35.29
N LEU Y 46 15.45 31.84 35.65
CA LEU Y 46 16.05 32.55 36.79
C LEU Y 46 16.17 34.04 36.50
N ALA Y 47 16.52 34.41 35.27
CA ALA Y 47 16.57 35.82 34.90
C ALA Y 47 15.19 36.45 34.98
N ALA Y 48 14.16 35.74 34.53
CA ALA Y 48 12.80 36.24 34.64
C ALA Y 48 12.39 36.40 36.10
N ALA Y 49 12.73 35.42 36.94
CA ALA Y 49 12.38 35.49 38.35
C ALA Y 49 13.11 36.64 39.05
N ASN Y 50 14.40 36.82 38.74
CA ASN Y 50 15.17 37.88 39.38
C ASN Y 50 14.64 39.25 39.00
N ALA Y 51 14.28 39.45 37.73
CA ALA Y 51 13.71 40.72 37.30
C ALA Y 51 12.39 40.99 38.00
N ALA Y 52 11.54 39.97 38.11
CA ALA Y 52 10.23 40.08 38.75
C ALA Y 52 9.40 41.20 38.16
N ASP Z 6 55.30 17.60 6.31
CA ASP Z 6 55.50 16.33 5.61
C ASP Z 6 54.18 15.58 5.48
N LEU Z 7 53.37 15.63 6.53
CA LEU Z 7 52.08 14.96 6.57
C LEU Z 7 50.99 15.96 6.25
N SER Z 8 50.21 15.69 5.20
CA SER Z 8 49.11 16.57 4.82
C SER Z 8 48.15 15.76 3.95
N PHE Z 9 46.93 15.56 4.44
CA PHE Z 9 45.93 14.84 3.67
C PHE Z 9 45.23 15.72 2.65
N THR Z 10 45.39 17.04 2.72
CA THR Z 10 44.71 17.96 1.84
C THR Z 10 45.58 18.51 0.72
N GLY Z 11 46.89 18.25 0.76
CA GLY Z 11 47.80 18.76 -0.23
C GLY Z 11 48.37 20.12 0.06
N LEU Z 12 47.91 20.79 1.12
CA LEU Z 12 48.47 22.08 1.49
C LEU Z 12 49.89 21.92 2.02
N THR Z 13 50.76 22.85 1.65
CA THR Z 13 52.11 22.85 2.18
C THR Z 13 52.11 23.38 3.62
N ASP Z 14 53.26 23.22 4.28
CA ASP Z 14 53.37 23.65 5.67
C ASP Z 14 53.17 25.16 5.79
N GLU Z 15 53.79 25.94 4.89
CA GLU Z 15 53.64 27.38 4.94
C GLU Z 15 52.30 27.84 4.40
N GLN Z 16 51.69 27.08 3.47
CA GLN Z 16 50.38 27.46 2.95
C GLN Z 16 49.32 27.38 4.04
N ALA Z 17 49.36 26.33 4.86
CA ALA Z 17 48.40 26.20 5.95
C ALA Z 17 48.58 27.31 6.98
N GLN Z 18 49.83 27.69 7.24
CA GLN Z 18 50.09 28.75 8.21
C GLN Z 18 49.51 30.08 7.74
N GLU Z 19 49.65 30.39 6.44
CA GLU Z 19 49.05 31.60 5.90
C GLU Z 19 47.53 31.55 5.96
N LEU Z 20 46.94 30.40 5.63
CA LEU Z 20 45.49 30.28 5.68
C LEU Z 20 44.96 30.41 7.10
N HIS Z 21 45.64 29.81 8.07
CA HIS Z 21 45.16 29.84 9.45
C HIS Z 21 45.26 31.24 10.04
N SER Z 22 46.30 31.99 9.68
CA SER Z 22 46.45 33.34 10.23
C SER Z 22 45.30 34.23 9.84
N VAL Z 23 44.84 34.13 8.59
CA VAL Z 23 43.66 34.89 8.18
C VAL Z 23 42.40 34.35 8.84
N TYR Z 24 42.32 33.03 9.00
CA TYR Z 24 41.15 32.43 9.64
C TYR Z 24 41.00 32.90 11.07
N MET Z 25 42.09 32.96 11.83
CA MET Z 25 42.03 33.47 13.19
C MET Z 25 41.66 34.94 13.21
N SER Z 26 42.18 35.71 12.25
CA SER Z 26 41.80 37.12 12.15
C SER Z 26 40.33 37.27 11.89
N GLY Z 27 39.76 36.42 11.02
CA GLY Z 27 38.31 36.41 10.86
C GLY Z 27 37.60 35.88 12.09
N LEU Z 28 38.18 34.90 12.76
CA LEU Z 28 37.55 34.35 13.96
C LEU Z 28 37.48 35.39 15.08
N TRP Z 29 38.56 36.15 15.27
CA TRP Z 29 38.56 37.17 16.31
C TRP Z 29 37.59 38.30 15.99
N LEU Z 30 37.53 38.69 14.71
CA LEU Z 30 36.60 39.74 14.31
C LEU Z 30 35.15 39.30 14.52
N PHE Z 31 34.83 38.06 14.15
CA PHE Z 31 33.50 37.53 14.41
C PHE Z 31 33.23 37.43 15.90
N SER Z 32 34.23 37.01 16.68
CA SER Z 32 34.06 36.92 18.13
C SER Z 32 33.96 38.31 18.76
N ALA Z 33 34.72 39.27 18.24
CA ALA Z 33 34.68 40.63 18.78
C ALA Z 33 33.29 41.24 18.59
N VAL Z 34 32.67 40.98 17.43
CA VAL Z 34 31.31 41.45 17.22
C VAL Z 34 30.34 40.79 18.20
N ALA Z 35 30.51 39.49 18.42
CA ALA Z 35 29.64 38.77 19.35
C ALA Z 35 29.79 39.29 20.77
N VAL Z 36 31.02 39.61 21.18
CA VAL Z 36 31.24 40.12 22.52
C VAL Z 36 30.53 41.45 22.72
N VAL Z 37 30.64 42.35 21.73
CA VAL Z 37 29.89 43.60 21.79
C VAL Z 37 28.40 43.34 21.72
N ALA Z 38 27.98 42.38 20.90
CA ALA Z 38 26.58 42.01 20.82
C ALA Z 38 26.08 41.45 22.15
N HIS Z 39 26.88 40.58 22.79
CA HIS Z 39 26.51 40.08 24.10
C HIS Z 39 26.51 41.19 25.14
N LEU Z 40 27.49 42.09 25.06
CA LEU Z 40 27.58 43.18 26.03
C LEU Z 40 26.37 44.09 25.94
N ALA Z 41 25.94 44.43 24.73
CA ALA Z 41 24.76 45.27 24.57
C ALA Z 41 23.51 44.58 25.09
N THR Z 42 23.38 43.28 24.83
CA THR Z 42 22.21 42.54 25.31
C THR Z 42 22.20 42.45 26.83
N PHE Z 43 23.38 42.27 27.44
CA PHE Z 43 23.43 42.15 28.90
C PHE Z 43 22.98 43.44 29.57
N ILE Z 44 23.39 44.59 29.03
CA ILE Z 44 22.89 45.86 29.56
C ILE Z 44 21.39 45.98 29.32
N TRP Z 45 20.92 45.49 28.17
CA TRP Z 45 19.49 45.51 27.88
C TRP Z 45 18.71 44.65 28.89
N ARG Z 46 18.99 43.35 28.91
CA ARG Z 46 18.37 42.42 29.86
C ARG Z 46 19.42 41.44 30.35
N PRO Z 47 20.01 41.68 31.52
CA PRO Z 47 21.00 40.73 32.04
C PRO Z 47 20.37 39.38 32.34
N TRP Z 48 21.16 38.33 32.12
CA TRP Z 48 20.74 36.96 32.41
C TRP Z 48 21.53 36.34 33.56
N PHE Z 49 22.21 37.16 34.34
CA PHE Z 49 22.95 36.68 35.51
C PHE Z 49 22.61 37.52 36.74
N SER AA 2 50.62 28.75 18.73
CA SER AA 2 51.10 27.38 18.71
C SER AA 2 51.15 26.83 17.30
N LYS AA 3 50.83 25.55 17.15
CA LYS AA 3 50.83 24.87 15.86
C LYS AA 3 49.43 24.43 15.45
N PHE AA 4 48.40 25.19 15.84
CA PHE AA 4 47.04 24.86 15.46
C PHE AA 4 46.78 25.00 13.96
N TYR AA 5 47.68 25.66 13.23
CA TYR AA 5 47.50 25.82 11.79
C TYR AA 5 47.53 24.50 11.05
N LYS AA 6 48.03 23.43 11.68
CA LYS AA 6 48.11 22.13 11.04
C LYS AA 6 46.76 21.45 10.88
N ILE AA 7 45.70 22.04 11.44
CA ILE AA 7 44.35 21.53 11.20
C ILE AA 7 44.02 21.55 9.72
N TRP AA 8 44.62 22.48 8.96
CA TRP AA 8 44.37 22.56 7.54
C TRP AA 8 45.16 21.54 6.74
N LEU AA 9 46.19 20.94 7.35
CA LEU AA 9 46.84 19.79 6.74
C LEU AA 9 46.01 18.53 6.92
N ILE AA 10 45.06 18.54 7.85
CA ILE AA 10 44.17 17.42 8.08
C ILE AA 10 42.80 17.66 7.44
N PHE AA 11 42.28 18.88 7.57
CA PHE AA 11 40.95 19.24 7.09
C PHE AA 11 41.07 20.13 5.86
N ASP AA 12 40.26 19.85 4.86
CA ASP AA 12 40.21 20.71 3.67
C ASP AA 12 39.60 22.06 4.05
N PRO AA 13 40.22 23.17 3.69
CA PRO AA 13 39.66 24.49 4.04
C PRO AA 13 38.28 24.72 3.45
N ARG AA 14 38.00 24.18 2.26
CA ARG AA 14 36.71 24.43 1.63
C ARG AA 14 35.58 23.76 2.41
N ARG AA 15 35.77 22.50 2.80
CA ARG AA 15 34.70 21.76 3.45
C ARG AA 15 34.48 22.21 4.88
N VAL AA 16 35.53 22.63 5.57
CA VAL AA 16 35.37 23.12 6.94
C VAL AA 16 34.66 24.46 6.94
N PHE AA 17 35.02 25.36 6.02
CA PHE AA 17 34.39 26.67 5.98
C PHE AA 17 32.90 26.55 5.67
N VAL AA 18 32.55 25.65 4.74
CA VAL AA 18 31.14 25.36 4.49
C VAL AA 18 30.49 24.73 5.72
N ALA AA 19 31.22 23.85 6.40
CA ALA AA 19 30.67 23.19 7.58
C ALA AA 19 30.34 24.18 8.68
N GLN AA 20 31.24 25.13 8.95
CA GLN AA 20 30.97 26.08 10.01
C GLN AA 20 29.94 27.12 9.57
N GLY AA 21 29.93 27.48 8.28
CA GLY AA 21 28.93 28.42 7.80
C GLY AA 21 27.51 27.90 8.00
N VAL AA 22 27.30 26.61 7.74
CA VAL AA 22 26.01 26.00 8.05
C VAL AA 22 25.82 25.89 9.56
N PHE AA 23 26.86 25.45 10.27
CA PHE AA 23 26.74 25.24 11.71
C PHE AA 23 26.54 26.56 12.45
N LEU AA 24 27.31 27.59 12.09
CA LEU AA 24 27.22 28.85 12.82
C LEU AA 24 25.87 29.52 12.63
N PHE AA 25 25.32 29.46 11.42
CA PHE AA 25 23.98 30.02 11.20
C PHE AA 25 22.93 29.20 11.94
N LEU AA 26 23.06 27.88 11.93
CA LEU AA 26 22.13 27.05 12.69
C LEU AA 26 22.26 27.30 14.18
N LEU AA 27 23.47 27.56 14.66
CA LEU AA 27 23.65 28.09 16.00
C LEU AA 27 22.85 29.37 16.19
N ALA AA 28 23.06 30.34 15.30
CA ALA AA 28 22.44 31.65 15.45
C ALA AA 28 20.93 31.55 15.36
N ALA AA 29 20.42 30.74 14.43
CA ALA AA 29 18.98 30.54 14.31
C ALA AA 29 18.42 29.85 15.55
N MET AA 30 19.12 28.84 16.06
CA MET AA 30 18.59 28.09 17.21
C MET AA 30 18.56 28.95 18.47
N ILE AA 31 19.65 29.64 18.77
CA ILE AA 31 19.71 30.44 19.98
C ILE AA 31 18.68 31.56 19.94
N HIS AA 32 18.56 32.23 18.79
CA HIS AA 32 17.56 33.27 18.64
C HIS AA 32 16.15 32.72 18.87
N LEU AA 33 15.88 31.51 18.38
CA LEU AA 33 14.57 30.91 18.60
C LEU AA 33 14.38 30.48 20.04
N VAL AA 34 15.46 30.10 20.73
CA VAL AA 34 15.36 29.71 22.13
C VAL AA 34 14.90 30.90 22.98
N LEU AA 35 15.51 32.07 22.75
CA LEU AA 35 15.07 33.27 23.46
C LEU AA 35 13.64 33.63 23.11
N LEU AA 36 13.26 33.52 21.84
CA LEU AA 36 11.89 33.82 21.44
C LEU AA 36 10.88 32.90 22.09
N SER AA 37 11.31 31.71 22.53
CA SER AA 37 10.40 30.84 23.27
C SER AA 37 10.18 31.35 24.69
N THR AA 38 11.23 31.90 25.30
CA THR AA 38 11.11 32.41 26.67
C THR AA 38 10.24 33.66 26.70
N GLU AA 39 9.54 33.84 27.83
CA GLU AA 39 8.68 35.00 28.00
C GLU AA 39 9.46 36.25 28.38
N HIS AA 40 10.70 36.10 28.86
CA HIS AA 40 11.48 37.23 29.33
C HIS AA 40 12.37 37.82 28.24
N PHE AA 41 12.96 36.98 27.39
CA PHE AA 41 13.89 37.42 26.37
C PHE AA 41 13.25 37.52 24.99
N ASN AA 42 11.94 37.43 24.90
CA ASN AA 42 11.23 37.61 23.63
C ASN AA 42 11.08 39.10 23.39
N TRP AA 43 12.02 39.67 22.61
CA TRP AA 43 12.02 41.10 22.37
C TRP AA 43 10.81 41.56 21.58
N PHE AA 44 10.15 40.67 20.85
CA PHE AA 44 8.97 41.06 20.09
C PHE AA 44 7.78 41.30 21.01
N GLU AA 45 7.55 40.41 21.98
CA GLU AA 45 6.47 40.61 22.93
C GLU AA 45 6.77 41.77 23.88
N LEU AA 46 8.04 41.96 24.24
CA LEU AA 46 8.40 43.04 25.13
C LEU AA 46 8.13 44.41 24.51
N ALA AA 47 8.27 44.52 23.19
CA ALA AA 47 7.91 45.76 22.52
C ALA AA 47 6.43 46.06 22.67
N ALA AA 48 5.59 45.03 22.57
CA ALA AA 48 4.17 45.21 22.79
C ALA AA 48 3.87 45.61 24.22
N ALA AA 49 4.54 44.96 25.19
CA ALA AA 49 4.33 45.31 26.59
C ALA AA 49 4.80 46.73 26.89
N ASN AA 50 5.96 47.12 26.35
CA ASN AA 50 6.47 48.46 26.61
C ASN AA 50 5.62 49.53 25.93
N ALA AA 51 5.03 49.21 24.77
CA ALA AA 51 4.17 50.18 24.10
C ALA AA 51 2.94 50.51 24.93
N ALA AA 52 2.33 49.48 25.54
CA ALA AA 52 1.15 49.64 26.38
C ALA AA 52 0.02 50.38 25.66
N ASP BA 6 51.21 30.29 -2.39
CA ASP BA 6 50.59 30.38 -3.71
C ASP BA 6 49.37 29.49 -3.82
N LEU BA 7 48.71 29.26 -2.68
CA LEU BA 7 47.53 28.42 -2.65
C LEU BA 7 46.39 29.10 -3.40
N SER BA 8 45.75 28.36 -4.31
CA SER BA 8 44.59 28.87 -5.04
C SER BA 8 43.75 27.66 -5.48
N PHE BA 9 42.68 27.39 -4.75
CA PHE BA 9 41.80 26.28 -5.09
C PHE BA 9 40.89 26.59 -6.27
N THR BA 10 40.77 27.87 -6.67
CA THR BA 10 39.87 28.26 -7.74
C THR BA 10 40.57 28.73 -8.99
N GLY BA 11 41.89 28.89 -8.96
CA GLY BA 11 42.64 29.36 -10.11
C GLY BA 11 42.77 30.86 -10.22
N LEU BA 12 42.06 31.61 -9.40
CA LEU BA 12 42.20 33.06 -9.40
C LEU BA 12 43.53 33.47 -8.79
N THR BA 13 44.23 34.39 -9.45
CA THR BA 13 45.47 34.88 -8.89
C THR BA 13 45.18 35.85 -7.74
N ASP BA 14 46.24 36.26 -7.05
CA ASP BA 14 46.07 37.15 -5.90
C ASP BA 14 45.45 38.48 -6.31
N GLU BA 15 45.90 39.05 -7.44
CA GLU BA 15 45.32 40.30 -7.91
C GLU BA 15 43.91 40.10 -8.44
N GLN BA 16 43.64 38.95 -9.07
CA GLN BA 16 42.31 38.70 -9.62
C GLN BA 16 41.25 38.67 -8.53
N ALA BA 17 41.54 38.01 -7.40
CA ALA BA 17 40.60 37.97 -6.30
C ALA BA 17 40.58 39.26 -5.51
N GLN BA 18 41.72 39.96 -5.45
CA GLN BA 18 41.77 41.24 -4.74
C GLN BA 18 40.83 42.25 -5.37
N GLU BA 19 40.80 42.30 -6.69
CA GLU BA 19 39.89 43.22 -7.38
C GLU BA 19 38.45 42.72 -7.35
N LEU BA 20 38.25 41.41 -7.32
CA LEU BA 20 36.89 40.89 -7.19
C LEU BA 20 36.33 41.13 -5.79
N HIS BA 21 37.16 40.94 -4.77
CA HIS BA 21 36.72 41.19 -3.40
C HIS BA 21 36.46 42.67 -3.15
N SER BA 22 37.17 43.55 -3.86
CA SER BA 22 36.89 44.98 -3.75
C SER BA 22 35.48 45.30 -4.19
N VAL BA 23 35.02 44.65 -5.27
CA VAL BA 23 33.64 44.84 -5.72
C VAL BA 23 32.67 44.21 -4.73
N TYR BA 24 33.04 43.07 -4.14
CA TYR BA 24 32.13 42.39 -3.23
C TYR BA 24 31.79 43.26 -2.02
N MET BA 25 32.80 43.89 -1.42
CA MET BA 25 32.54 44.83 -0.33
C MET BA 25 31.75 46.04 -0.80
N SER BA 26 31.94 46.47 -2.05
CA SER BA 26 31.12 47.56 -2.57
C SER BA 26 29.65 47.17 -2.57
N GLY BA 27 29.35 45.94 -2.99
CA GLY BA 27 27.99 45.45 -2.88
C GLY BA 27 27.58 45.19 -1.44
N LEU BA 28 28.48 44.63 -0.64
CA LEU BA 28 28.15 44.29 0.74
C LEU BA 28 27.86 45.55 1.56
N TRP BA 29 28.71 46.57 1.41
CA TRP BA 29 28.49 47.80 2.17
C TRP BA 29 27.25 48.54 1.69
N LEU BA 30 27.02 48.55 0.37
CA LEU BA 30 25.82 49.18 -0.15
C LEU BA 30 24.57 48.46 0.34
N PHE BA 31 24.59 47.12 0.34
CA PHE BA 31 23.47 46.36 0.88
C PHE BA 31 23.29 46.62 2.36
N SER BA 32 24.39 46.70 3.11
CA SER BA 32 24.31 47.00 4.53
C SER BA 32 23.87 48.44 4.77
N ALA BA 33 24.33 49.37 3.93
CA ALA BA 33 23.94 50.76 4.09
C ALA BA 33 22.43 50.94 3.90
N VAL BA 34 21.86 50.27 2.91
CA VAL BA 34 20.41 50.32 2.73
C VAL BA 34 19.70 49.65 3.89
N ALA BA 35 20.28 48.56 4.41
CA ALA BA 35 19.69 47.88 5.55
C ALA BA 35 19.69 48.76 6.79
N VAL BA 36 20.77 49.53 6.99
CA VAL BA 36 20.84 50.41 8.16
C VAL BA 36 19.75 51.47 8.10
N VAL BA 37 19.58 52.11 6.94
CA VAL BA 37 18.54 53.12 6.80
C VAL BA 37 17.16 52.49 6.96
N ALA BA 38 16.97 51.29 6.42
CA ALA BA 38 15.71 50.59 6.61
C ALA BA 38 15.48 50.25 8.08
N HIS BA 39 16.53 49.81 8.77
CA HIS BA 39 16.39 49.51 10.19
C HIS BA 39 16.24 50.78 11.01
N LEU BA 40 16.95 51.84 10.63
CA LEU BA 40 16.82 53.11 11.34
C LEU BA 40 15.41 53.68 11.21
N ALA BA 41 14.83 53.60 10.00
CA ALA BA 41 13.47 54.12 9.81
C ALA BA 41 12.45 53.29 10.58
N THR BA 42 12.61 51.97 10.57
CA THR BA 42 11.66 51.11 11.29
C THR BA 42 11.72 51.34 12.79
N PHE BA 43 12.92 51.54 13.34
CA PHE BA 43 13.04 51.78 14.77
C PHE BA 43 12.35 53.07 15.18
N ILE BA 44 12.48 54.12 14.37
CA ILE BA 44 11.74 55.35 14.63
C ILE BA 44 10.24 55.10 14.51
N TRP BA 45 9.84 54.26 13.55
CA TRP BA 45 8.43 53.92 13.40
C TRP BA 45 7.90 53.21 14.64
N ARG BA 46 8.43 52.01 14.92
CA ARG BA 46 8.01 51.23 16.08
C ARG BA 46 9.24 50.54 16.67
N PRO BA 47 9.86 51.16 17.68
CA PRO BA 47 11.09 50.59 18.24
C PRO BA 47 10.85 49.25 18.91
N TRP BA 48 11.86 48.39 18.83
CA TRP BA 48 11.83 47.09 19.49
C TRP BA 48 12.76 47.04 20.70
N PHE BA 49 13.18 48.20 21.20
CA PHE BA 49 14.04 48.28 22.38
C PHE BA 49 13.54 49.35 23.34
N SER CA 2 42.85 44.47 5.83
CA SER CA 2 43.05 43.04 6.07
C SER CA 2 43.32 42.32 4.75
N LYS CA 3 43.21 41.00 4.77
CA LYS CA 3 43.42 40.17 3.59
C LYS CA 3 42.33 39.11 3.47
N PHE CA 4 41.08 39.50 3.73
CA PHE CA 4 39.95 38.62 3.52
C PHE CA 4 39.70 38.33 2.04
N TYR CA 5 40.35 39.06 1.14
CA TYR CA 5 40.17 38.84 -0.29
C TYR CA 5 40.59 37.45 -0.72
N LYS CA 6 41.38 36.76 0.09
CA LYS CA 6 41.82 35.40 -0.24
C LYS CA 6 40.71 34.38 -0.13
N ILE CA 7 39.53 34.76 0.36
CA ILE CA 7 38.42 33.83 0.43
C ILE CA 7 38.00 33.39 -0.96
N TRP CA 8 38.27 34.21 -1.98
CA TRP CA 8 37.99 33.83 -3.35
C TRP CA 8 39.08 32.96 -3.95
N LEU CA 9 40.17 32.73 -3.22
CA LEU CA 9 41.19 31.79 -3.65
C LEU CA 9 40.80 30.34 -3.37
N ILE CA 10 39.78 30.10 -2.54
CA ILE CA 10 39.37 28.74 -2.22
C ILE CA 10 37.90 28.54 -2.55
N PHE CA 11 37.13 29.63 -2.55
CA PHE CA 11 35.72 29.60 -2.95
C PHE CA 11 35.55 30.27 -4.30
N ASP CA 12 34.88 29.58 -5.21
CA ASP CA 12 34.66 30.11 -6.54
C ASP CA 12 33.49 31.10 -6.51
N PRO CA 13 33.62 32.25 -7.18
CA PRO CA 13 32.58 33.28 -7.06
C PRO CA 13 31.19 32.84 -7.51
N ARG CA 14 31.09 32.02 -8.55
CA ARG CA 14 29.77 31.67 -9.06
C ARG CA 14 29.13 30.50 -8.32
N ARG CA 15 29.80 29.94 -7.33
CA ARG CA 15 29.20 28.94 -6.48
C ARG CA 15 28.86 29.46 -5.08
N VAL CA 16 29.48 30.56 -4.66
CA VAL CA 16 29.16 31.20 -3.38
C VAL CA 16 28.06 32.22 -3.54
N PHE CA 17 28.08 33.00 -4.63
CA PHE CA 17 27.03 33.98 -4.86
C PHE CA 17 25.66 33.32 -4.97
N VAL CA 18 25.61 32.12 -5.54
CA VAL CA 18 24.37 31.34 -5.52
C VAL CA 18 24.04 30.94 -4.08
N ALA CA 19 25.05 30.57 -3.30
CA ALA CA 19 24.81 30.17 -1.92
C ALA CA 19 24.27 31.33 -1.09
N GLN CA 20 24.88 32.51 -1.22
CA GLN CA 20 24.42 33.65 -0.44
C GLN CA 20 23.13 34.24 -1.00
N GLY CA 21 22.89 34.09 -2.30
CA GLY CA 21 21.64 34.58 -2.87
C GLY CA 21 20.44 33.89 -2.28
N VAL CA 22 20.49 32.57 -2.15
CA VAL CA 22 19.42 31.84 -1.48
C VAL CA 22 19.36 32.22 -0.01
N PHE CA 23 20.53 32.29 0.64
CA PHE CA 23 20.57 32.56 2.07
C PHE CA 23 20.05 33.97 2.38
N LEU CA 24 20.46 34.97 1.59
CA LEU CA 24 20.01 36.33 1.84
C LEU CA 24 18.51 36.46 1.64
N PHE CA 25 17.97 35.85 0.58
CA PHE CA 25 16.52 35.88 0.40
C PHE CA 25 15.81 35.01 1.43
N LEU CA 26 16.45 33.94 1.88
CA LEU CA 26 15.88 33.14 2.95
C LEU CA 26 15.72 33.97 4.22
N LEU CA 27 16.74 34.75 4.57
CA LEU CA 27 16.63 35.63 5.74
C LEU CA 27 15.58 36.70 5.51
N ALA CA 28 15.59 37.32 4.33
CA ALA CA 28 14.67 38.43 4.06
C ALA CA 28 13.22 37.95 4.12
N ALA CA 29 12.94 36.77 3.57
CA ALA CA 29 11.58 36.23 3.61
C ALA CA 29 11.22 35.69 4.99
N MET CA 30 12.18 35.07 5.68
CA MET CA 30 11.87 34.46 6.98
C MET CA 30 11.64 35.51 8.05
N ILE CA 31 12.49 36.53 8.11
CA ILE CA 31 12.35 37.55 9.15
C ILE CA 31 11.06 38.33 8.96
N HIS CA 32 10.70 38.63 7.71
CA HIS CA 32 9.44 39.33 7.45
C HIS CA 32 8.26 38.52 7.94
N LEU CA 33 8.28 37.21 7.71
CA LEU CA 33 7.19 36.35 8.19
C LEU CA 33 7.16 36.27 9.71
N VAL CA 34 8.32 36.33 10.36
CA VAL CA 34 8.36 36.34 11.82
C VAL CA 34 7.68 37.59 12.35
N LEU CA 35 7.95 38.74 11.72
CA LEU CA 35 7.28 39.97 12.12
C LEU CA 35 5.78 39.88 11.90
N LEU CA 36 5.37 39.29 10.77
CA LEU CA 36 3.94 39.15 10.49
C LEU CA 36 3.27 38.22 11.49
N SER CA 37 4.02 37.30 12.09
CA SER CA 37 3.45 36.41 13.10
C SER CA 37 3.14 37.18 14.38
N THR CA 38 4.01 38.10 14.77
CA THR CA 38 3.79 38.87 15.99
C THR CA 38 2.62 39.84 15.80
N GLU CA 39 1.91 40.10 16.91
CA GLU CA 39 0.80 41.03 16.88
C GLU CA 39 1.24 42.49 16.96
N HIS CA 40 2.50 42.75 17.34
CA HIS CA 40 2.98 44.11 17.47
C HIS CA 40 3.64 44.65 16.20
N PHE CA 41 4.30 43.78 15.43
CA PHE CA 41 5.04 44.19 14.25
C PHE CA 41 4.37 43.75 12.95
N ASN CA 42 3.09 43.35 13.02
CA ASN CA 42 2.34 42.97 11.83
C ASN CA 42 1.76 44.25 11.24
N TRP CA 43 2.55 44.90 10.37
CA TRP CA 43 2.15 46.19 9.82
C TRP CA 43 0.86 46.12 9.02
N PHE CA 44 0.45 44.93 8.57
CA PHE CA 44 -0.79 44.81 7.82
C PHE CA 44 -2.00 45.02 8.71
N GLU CA 45 -2.04 44.35 9.87
CA GLU CA 45 -3.17 44.51 10.77
C GLU CA 45 -3.12 45.82 11.54
N LEU CA 46 -1.93 46.39 11.72
CA LEU CA 46 -1.81 47.67 12.40
C LEU CA 46 -2.47 48.79 11.59
N ALA CA 47 -2.41 48.70 10.25
CA ALA CA 47 -3.13 49.66 9.43
C ALA CA 47 -4.63 49.59 9.69
N ALA CA 48 -5.16 48.37 9.80
CA ALA CA 48 -6.57 48.21 10.14
C ALA CA 48 -6.87 48.75 11.53
N ALA CA 49 -6.01 48.46 12.50
CA ALA CA 49 -6.22 48.96 13.86
C ALA CA 49 -6.09 50.48 13.90
N ASN CA 50 -5.10 51.05 13.21
CA ASN CA 50 -4.92 52.49 13.21
C ASN CA 50 -6.10 53.21 12.57
N ALA CA 51 -6.62 52.66 11.47
CA ALA CA 51 -7.75 53.27 10.79
C ALA CA 51 -9.08 52.96 11.46
N ALA CA 52 -9.10 52.03 12.41
CA ALA CA 52 -10.31 51.63 13.12
C ALA CA 52 -11.42 51.19 12.17
N ASP DA 6 39.75 40.27 -17.35
CA ASP DA 6 40.59 39.08 -17.52
C ASP DA 6 39.87 37.83 -17.03
N LEU DA 7 38.95 38.02 -16.07
CA LEU DA 7 38.18 36.93 -15.50
C LEU DA 7 36.81 36.90 -16.17
N SER DA 8 36.47 35.76 -16.78
CA SER DA 8 35.17 35.62 -17.46
C SER DA 8 34.80 34.15 -17.43
N PHE DA 9 33.91 33.78 -16.53
CA PHE DA 9 33.37 32.42 -16.50
C PHE DA 9 32.25 32.22 -17.51
N THR DA 10 31.79 33.29 -18.17
CA THR DA 10 30.71 33.22 -19.14
C THR DA 10 31.14 33.51 -20.56
N GLY DA 11 32.38 33.93 -20.77
CA GLY DA 11 32.87 34.26 -22.09
C GLY DA 11 32.65 35.69 -22.52
N LEU DA 12 31.93 36.48 -21.73
CA LEU DA 12 31.73 37.89 -22.05
C LEU DA 12 33.02 38.66 -21.77
N THR DA 13 33.29 39.68 -22.59
CA THR DA 13 34.40 40.56 -22.35
C THR DA 13 33.97 41.72 -21.47
N ASP DA 14 34.94 42.54 -21.06
CA ASP DA 14 34.64 43.68 -20.20
C ASP DA 14 33.71 44.66 -20.89
N GLU DA 15 33.96 44.95 -22.17
CA GLU DA 15 33.11 45.88 -22.90
C GLU DA 15 31.70 45.33 -23.07
N GLN DA 16 31.58 44.05 -23.40
CA GLN DA 16 30.26 43.45 -23.53
C GLN DA 16 29.52 43.41 -22.20
N ALA DA 17 30.22 43.06 -21.11
CA ALA DA 17 29.60 43.08 -19.79
C ALA DA 17 29.23 44.50 -19.39
N GLN DA 18 30.09 45.46 -19.67
CA GLN DA 18 29.79 46.85 -19.36
C GLN DA 18 28.59 47.34 -20.14
N GLU DA 19 28.51 46.99 -21.42
CA GLU DA 19 27.38 47.44 -22.24
C GLU DA 19 26.09 46.76 -21.81
N LEU DA 20 26.15 45.47 -21.51
CA LEU DA 20 24.95 44.76 -21.09
C LEU DA 20 24.44 45.29 -19.74
N HIS DA 21 25.35 45.57 -18.82
CA HIS DA 21 24.95 46.05 -17.51
C HIS DA 21 24.41 47.48 -17.58
N SER DA 22 24.95 48.31 -18.46
CA SER DA 22 24.44 49.66 -18.61
C SER DA 22 22.98 49.66 -19.04
N VAL DA 23 22.63 48.75 -19.96
CA VAL DA 23 21.24 48.58 -20.34
C VAL DA 23 20.44 47.96 -19.19
N TYR DA 24 21.07 47.07 -18.42
CA TYR DA 24 20.34 46.37 -17.36
C TYR DA 24 19.83 47.34 -16.30
N MET DA 25 20.68 48.27 -15.87
CA MET DA 25 20.23 49.29 -14.91
C MET DA 25 19.18 50.22 -15.52
N SER DA 26 19.21 50.42 -16.84
CA SER DA 26 18.13 51.17 -17.47
C SER DA 26 16.79 50.47 -17.27
N GLY DA 27 16.78 49.14 -17.43
CA GLY DA 27 15.59 48.39 -17.10
C GLY DA 27 15.31 48.35 -15.61
N LEU DA 28 16.37 48.20 -14.80
CA LEU DA 28 16.20 48.15 -13.35
C LEU DA 28 15.65 49.45 -12.81
N TRP DA 29 16.18 50.58 -13.28
CA TRP DA 29 15.69 51.87 -12.79
C TRP DA 29 14.31 52.17 -13.32
N LEU DA 30 14.00 51.77 -14.54
CA LEU DA 30 12.64 51.93 -15.06
C LEU DA 30 11.65 51.10 -14.27
N PHE DA 31 12.02 49.86 -13.94
CA PHE DA 31 11.16 49.02 -13.12
C PHE DA 31 10.96 49.62 -11.74
N SER DA 32 12.03 50.16 -11.14
CA SER DA 32 11.91 50.78 -9.83
C SER DA 32 11.13 52.09 -9.90
N ALA DA 33 11.32 52.86 -10.96
CA ALA DA 33 10.60 54.12 -11.09
C ALA DA 33 9.10 53.89 -11.17
N VAL DA 34 8.67 52.87 -11.91
CA VAL DA 34 7.26 52.52 -11.95
C VAL DA 34 6.79 52.03 -10.59
N ALA DA 35 7.61 51.23 -9.92
CA ALA DA 35 7.23 50.71 -8.61
C ALA DA 35 7.16 51.82 -7.57
N VAL DA 36 8.06 52.79 -7.65
CA VAL DA 36 8.04 53.91 -6.70
C VAL DA 36 6.74 54.70 -6.84
N VAL DA 37 6.36 55.00 -8.09
CA VAL DA 37 5.09 55.69 -8.32
C VAL DA 37 3.93 54.81 -7.88
N ALA DA 38 4.03 53.50 -8.15
CA ALA DA 38 3.00 52.57 -7.70
C ALA DA 38 2.89 52.55 -6.18
N HIS DA 39 4.04 52.50 -5.49
CA HIS DA 39 4.02 52.49 -4.03
C HIS DA 39 3.58 53.84 -3.47
N LEU DA 40 4.00 54.93 -4.10
CA LEU DA 40 3.60 56.25 -3.63
C LEU DA 40 2.10 56.45 -3.76
N ALA DA 41 1.51 56.00 -4.86
CA ALA DA 41 0.07 56.13 -5.04
C ALA DA 41 -0.69 55.33 -4.01
N THR DA 42 -0.21 54.11 -3.72
CA THR DA 42 -0.89 53.26 -2.73
C THR DA 42 -0.86 53.88 -1.35
N PHE DA 43 0.29 54.47 -0.95
CA PHE DA 43 0.38 55.08 0.36
C PHE DA 43 -0.60 56.25 0.50
N ILE DA 44 -0.72 57.07 -0.54
CA ILE DA 44 -1.73 58.12 -0.54
C ILE DA 44 -3.13 57.51 -0.47
N TRP DA 45 -3.33 56.37 -1.13
CA TRP DA 45 -4.62 55.71 -1.12
C TRP DA 45 -4.91 55.12 0.26
N ARG DA 46 -4.05 54.20 0.71
CA ARG DA 46 -4.33 53.44 1.94
C ARG DA 46 -2.99 53.02 2.53
N PRO DA 47 -2.40 53.86 3.37
CA PRO DA 47 -1.01 53.64 3.81
C PRO DA 47 -0.87 52.44 4.74
N TRP DA 48 0.32 51.84 4.73
CA TRP DA 48 0.68 50.79 5.65
C TRP DA 48 1.49 51.31 6.84
N PHE DA 49 1.61 52.64 6.97
CA PHE DA 49 2.29 53.24 8.10
C PHE DA 49 1.40 54.26 8.80
N SER EA 2 28.85 50.96 -9.03
CA SER EA 2 30.22 51.43 -9.21
C SER EA 2 30.92 50.63 -10.30
N LYS EA 3 31.14 49.34 -10.04
CA LYS EA 3 31.78 48.44 -10.99
C LYS EA 3 31.05 47.10 -11.01
N PHE EA 4 29.73 47.13 -10.80
CA PHE EA 4 28.94 45.91 -10.73
C PHE EA 4 28.72 45.27 -12.09
N TYR EA 5 29.19 45.89 -13.18
CA TYR EA 5 29.02 45.30 -14.49
C TYR EA 5 29.72 43.97 -14.63
N LYS EA 6 30.68 43.67 -13.75
CA LYS EA 6 31.42 42.42 -13.83
C LYS EA 6 30.61 41.22 -13.34
N ILE EA 7 29.40 41.44 -12.84
CA ILE EA 7 28.57 40.31 -12.41
C ILE EA 7 28.20 39.43 -13.61
N TRP EA 8 28.18 40.01 -14.80
CA TRP EA 8 27.92 39.22 -16.01
C TRP EA 8 29.15 38.49 -16.50
N LEU EA 9 30.32 38.77 -15.94
CA LEU EA 9 31.52 37.98 -16.22
C LEU EA 9 31.52 36.65 -15.49
N ILE EA 10 30.63 36.45 -14.53
CA ILE EA 10 30.56 35.20 -13.78
C ILE EA 10 29.19 34.54 -13.86
N PHE EA 11 28.13 35.28 -14.19
CA PHE EA 11 26.79 34.72 -14.33
C PHE EA 11 26.30 34.95 -15.75
N ASP EA 12 25.74 33.92 -16.35
CA ASP EA 12 25.28 34.01 -17.73
C ASP EA 12 24.10 34.98 -17.83
N PRO EA 13 24.18 36.01 -18.66
CA PRO EA 13 23.06 36.98 -18.72
C PRO EA 13 21.72 36.36 -19.11
N ARG EA 14 21.71 35.41 -20.05
CA ARG EA 14 20.43 34.85 -20.46
C ARG EA 14 19.88 33.87 -19.44
N ARG EA 15 20.75 33.22 -18.66
CA ARG EA 15 20.28 32.33 -17.61
C ARG EA 15 19.76 33.11 -16.41
N VAL EA 16 20.42 34.23 -16.08
CA VAL EA 16 19.99 35.03 -14.94
C VAL EA 16 18.67 35.73 -15.23
N PHE EA 17 18.51 36.25 -16.45
CA PHE EA 17 17.31 37.00 -16.79
C PHE EA 17 16.06 36.13 -16.67
N VAL EA 18 16.14 34.88 -17.14
CA VAL EA 18 15.02 33.97 -16.98
C VAL EA 18 14.76 33.69 -15.50
N ALA EA 19 15.83 33.44 -14.74
CA ALA EA 19 15.67 33.13 -13.33
C ALA EA 19 15.09 34.30 -12.56
N GLN EA 20 15.58 35.51 -12.81
CA GLN EA 20 15.05 36.67 -12.10
C GLN EA 20 13.70 37.12 -12.62
N GLY EA 21 13.37 36.79 -13.88
CA GLY EA 21 12.03 37.04 -14.37
C GLY EA 21 10.99 36.19 -13.66
N VAL EA 22 11.31 34.91 -13.45
CA VAL EA 22 10.41 34.04 -12.69
C VAL EA 22 10.32 34.51 -11.25
N PHE EA 23 11.46 34.88 -10.65
CA PHE EA 23 11.46 35.34 -9.27
C PHE EA 23 10.64 36.63 -9.11
N LEU EA 24 10.77 37.56 -10.05
CA LEU EA 24 10.07 38.84 -9.91
C LEU EA 24 8.56 38.67 -10.01
N PHE EA 25 8.09 37.82 -10.94
CA PHE EA 25 6.65 37.61 -11.04
C PHE EA 25 6.11 36.85 -9.84
N LEU EA 26 6.80 35.79 -9.42
CA LEU EA 26 6.33 35.02 -8.27
C LEU EA 26 6.31 35.88 -7.01
N LEU EA 27 7.32 36.73 -6.84
CA LEU EA 27 7.30 37.68 -5.73
C LEU EA 27 6.14 38.67 -5.88
N ALA EA 28 5.92 39.17 -7.09
CA ALA EA 28 4.82 40.11 -7.31
C ALA EA 28 3.47 39.43 -7.08
N ALA EA 29 3.31 38.21 -7.55
CA ALA EA 29 2.07 37.47 -7.31
C ALA EA 29 1.89 37.16 -5.83
N MET EA 30 2.98 36.79 -5.15
CA MET EA 30 2.89 36.46 -3.73
C MET EA 30 2.46 37.65 -2.90
N ILE EA 31 3.06 38.82 -3.15
CA ILE EA 31 2.74 40.00 -2.36
C ILE EA 31 1.30 40.45 -2.63
N HIS EA 32 0.86 40.36 -3.88
CA HIS EA 32 -0.52 40.69 -4.20
C HIS EA 32 -1.49 39.78 -3.46
N LEU EA 33 -1.19 38.49 -3.39
CA LEU EA 33 -2.04 37.56 -2.67
C LEU EA 33 -2.00 37.81 -1.17
N VAL EA 34 -0.86 38.25 -0.64
CA VAL EA 34 -0.77 38.60 0.76
C VAL EA 34 -1.71 39.76 1.07
N LEU EA 35 -1.74 40.77 0.19
CA LEU EA 35 -2.68 41.88 0.36
C LEU EA 35 -4.11 41.40 0.28
N LEU EA 36 -4.40 40.48 -0.64
CA LEU EA 36 -5.77 39.97 -0.77
C LEU EA 36 -6.20 39.17 0.45
N SER EA 37 -5.25 38.57 1.17
CA SER EA 37 -5.60 37.77 2.34
C SER EA 37 -6.07 38.66 3.49
N THR EA 38 -5.60 39.90 3.54
CA THR EA 38 -6.01 40.80 4.62
C THR EA 38 -7.37 41.42 4.32
N GLU EA 39 -7.90 42.12 5.30
CA GLU EA 39 -9.14 42.88 5.15
C GLU EA 39 -8.90 44.34 4.82
N HIS EA 40 -7.85 44.94 5.38
CA HIS EA 40 -7.56 46.35 5.14
C HIS EA 40 -7.10 46.60 3.71
N PHE EA 41 -6.35 45.67 3.13
CA PHE EA 41 -5.71 45.88 1.84
C PHE EA 41 -6.29 45.00 0.74
N ASN EA 42 -7.52 44.54 0.90
CA ASN EA 42 -8.23 43.77 -0.13
C ASN EA 42 -9.09 44.75 -0.92
N TRP EA 43 -8.55 45.25 -2.03
CA TRP EA 43 -9.26 46.26 -2.81
C TRP EA 43 -10.57 45.73 -3.38
N PHE EA 44 -10.64 44.43 -3.66
CA PHE EA 44 -11.89 43.85 -4.13
C PHE EA 44 -12.98 43.92 -3.06
N GLU EA 45 -12.63 43.61 -1.81
CA GLU EA 45 -13.60 43.66 -0.73
C GLU EA 45 -13.91 45.09 -0.31
N LEU EA 46 -12.93 46.00 -0.40
CA LEU EA 46 -13.16 47.38 -0.01
C LEU EA 46 -14.20 48.04 -0.92
N ALA EA 47 -14.13 47.76 -2.22
CA ALA EA 47 -15.09 48.36 -3.15
C ALA EA 47 -16.51 47.95 -2.81
N ALA EA 48 -16.72 46.66 -2.49
CA ALA EA 48 -18.05 46.21 -2.09
C ALA EA 48 -18.49 46.89 -0.80
N ALA EA 49 -17.60 46.97 0.18
CA ALA EA 49 -17.94 47.64 1.44
C ALA EA 49 -18.16 49.13 1.24
N ASN EA 50 -17.31 49.76 0.43
CA ASN EA 50 -17.45 51.20 0.19
C ASN EA 50 -18.76 51.52 -0.53
N ALA EA 51 -19.14 50.70 -1.50
CA ALA EA 51 -20.38 50.92 -2.26
C ALA EA 51 -21.55 50.32 -1.50
N ALA EA 52 -21.92 50.99 -0.41
CA ALA EA 52 -23.03 50.59 0.45
C ALA EA 52 -22.88 49.15 0.93
N ASP FA 6 28.96 41.27 -32.53
CA ASP FA 6 29.18 41.59 -31.12
C ASP FA 6 28.70 40.45 -30.23
N LEU FA 7 27.81 40.74 -29.30
CA LEU FA 7 27.26 39.76 -28.39
C LEU FA 7 25.91 39.29 -28.92
N SER FA 8 25.79 38.00 -29.19
CA SER FA 8 24.53 37.45 -29.70
C SER FA 8 24.49 35.97 -29.34
N PHE FA 9 23.74 35.65 -28.28
CA PHE FA 9 23.53 34.25 -27.89
C PHE FA 9 22.48 33.55 -28.76
N THR FA 10 21.71 34.31 -29.54
CA THR FA 10 20.64 33.76 -30.35
C THR FA 10 20.91 33.82 -31.85
N GLY FA 11 21.97 34.49 -32.28
CA GLY FA 11 22.34 34.54 -33.68
C GLY FA 11 21.73 35.66 -34.47
N LEU FA 12 20.77 36.40 -33.90
CA LEU FA 12 20.21 37.55 -34.59
C LEU FA 12 21.23 38.68 -34.71
N THR FA 13 21.25 39.32 -35.88
CA THR FA 13 22.08 40.48 -36.08
C THR FA 13 21.53 41.66 -35.29
N ASP FA 14 22.41 42.60 -34.95
CA ASP FA 14 21.99 43.78 -34.20
C ASP FA 14 20.88 44.53 -34.93
N GLU FA 15 20.99 44.64 -36.26
CA GLU FA 15 19.91 45.25 -37.03
C GLU FA 15 18.63 44.42 -36.97
N GLN FA 16 18.77 43.09 -37.02
CA GLN FA 16 17.60 42.22 -36.92
C GLN FA 16 16.94 42.34 -35.55
N ALA FA 17 17.74 42.41 -34.49
CA ALA FA 17 17.17 42.61 -33.15
C ALA FA 17 16.48 43.96 -33.04
N GLN FA 18 17.10 45.00 -33.61
CA GLN FA 18 16.47 46.32 -33.61
C GLN FA 18 15.16 46.30 -34.40
N GLU FA 19 15.15 45.62 -35.55
CA GLU FA 19 13.93 45.52 -36.33
C GLU FA 19 12.86 44.74 -35.59
N LEU FA 20 13.23 43.64 -34.94
CA LEU FA 20 12.25 42.80 -34.26
C LEU FA 20 11.63 43.53 -33.08
N HIS FA 21 12.43 44.32 -32.35
CA HIS FA 21 11.90 45.07 -31.22
C HIS FA 21 10.87 46.11 -31.66
N SER FA 22 11.12 46.77 -32.80
CA SER FA 22 10.17 47.75 -33.30
C SER FA 22 8.82 47.12 -33.60
N VAL FA 23 8.83 45.93 -34.20
CA VAL FA 23 7.58 45.20 -34.40
C VAL FA 23 7.00 44.76 -33.07
N TYR FA 24 7.85 44.26 -32.16
CA TYR FA 24 7.37 43.78 -30.88
C TYR FA 24 6.78 44.91 -30.04
N MET FA 25 7.47 46.06 -29.99
CA MET FA 25 6.98 47.17 -29.17
C MET FA 25 5.69 47.74 -29.72
N SER FA 26 5.50 47.73 -31.04
CA SER FA 26 4.24 48.18 -31.61
C SER FA 26 3.09 47.30 -31.16
N GLY FA 27 3.30 45.98 -31.13
CA GLY FA 27 2.29 45.10 -30.59
C GLY FA 27 2.07 45.29 -29.11
N LEU FA 28 3.15 45.51 -28.36
CA LEU FA 28 3.02 45.74 -26.92
C LEU FA 28 2.22 47.00 -26.63
N TRP FA 29 2.49 48.07 -27.38
CA TRP FA 29 1.72 49.30 -27.20
C TRP FA 29 0.28 49.12 -27.65
N LEU FA 30 0.07 48.38 -28.74
CA LEU FA 30 -1.29 48.07 -29.17
C LEU FA 30 -2.02 47.25 -28.12
N PHE FA 31 -1.33 46.25 -27.55
CA PHE FA 31 -1.93 45.45 -26.49
C PHE FA 31 -2.22 46.30 -25.26
N SER FA 32 -1.29 47.17 -24.88
CA SER FA 32 -1.49 48.02 -23.72
C SER FA 32 -2.58 49.06 -23.97
N ALA FA 33 -2.63 49.62 -25.18
CA ALA FA 33 -3.64 50.64 -25.47
C ALA FA 33 -5.05 50.09 -25.33
N VAL FA 34 -5.27 48.86 -25.79
CA VAL FA 34 -6.57 48.22 -25.59
C VAL FA 34 -6.81 47.98 -24.10
N ALA FA 35 -5.77 47.57 -23.38
CA ALA FA 35 -5.90 47.32 -21.95
C ALA FA 35 -6.23 48.60 -21.19
N VAL FA 36 -5.59 49.72 -21.56
CA VAL FA 36 -5.87 50.98 -20.88
C VAL FA 36 -7.32 51.40 -21.10
N VAL FA 37 -7.79 51.30 -22.34
CA VAL FA 37 -9.18 51.62 -22.63
C VAL FA 37 -10.11 50.68 -21.88
N ALA FA 38 -9.77 49.39 -21.86
CA ALA FA 38 -10.58 48.43 -21.10
C ALA FA 38 -10.56 48.74 -19.61
N HIS FA 39 -9.39 49.08 -19.07
CA HIS FA 39 -9.30 49.42 -17.66
C HIS FA 39 -10.00 50.74 -17.36
N LEU FA 40 -9.85 51.73 -18.25
CA LEU FA 40 -10.51 53.01 -18.04
C LEU FA 40 -12.03 52.86 -18.09
N ALA FA 41 -12.54 52.06 -19.04
CA ALA FA 41 -13.98 51.85 -19.15
C ALA FA 41 -14.51 51.07 -17.95
N THR FA 42 -13.75 50.09 -17.47
CA THR FA 42 -14.20 49.31 -16.32
C THR FA 42 -14.28 50.16 -15.07
N PHE FA 43 -13.32 51.07 -14.88
CA PHE FA 43 -13.32 51.91 -13.69
C PHE FA 43 -14.55 52.80 -13.62
N ILE FA 44 -14.98 53.35 -14.77
CA ILE FA 44 -16.20 54.13 -14.79
C ILE FA 44 -17.40 53.24 -14.49
N TRP FA 45 -17.44 52.04 -15.06
CA TRP FA 45 -18.55 51.14 -14.83
C TRP FA 45 -18.59 50.66 -13.37
N ARG FA 46 -17.45 50.31 -12.81
CA ARG FA 46 -17.39 49.82 -11.43
C ARG FA 46 -15.99 50.07 -10.88
N PRO FA 47 -15.78 51.24 -10.27
CA PRO FA 47 -14.43 51.55 -9.76
C PRO FA 47 -14.06 50.65 -8.59
N TRP FA 48 -12.77 50.31 -8.52
CA TRP FA 48 -12.22 49.56 -7.41
C TRP FA 48 -11.38 50.42 -6.48
N PHE FA 49 -11.47 51.74 -6.61
CA PHE FA 49 -10.73 52.64 -5.74
C PHE FA 49 -11.66 53.69 -5.12
N SER GA 2 14.96 53.62 -25.84
CA SER GA 2 16.30 53.51 -25.27
C SER GA 2 17.15 52.54 -26.07
N LYS GA 3 17.58 51.46 -25.42
CA LYS GA 3 18.42 50.46 -26.07
C LYS GA 3 17.96 49.05 -25.68
N PHE GA 4 16.66 48.90 -25.42
CA PHE GA 4 16.11 47.62 -24.99
C PHE GA 4 16.03 46.60 -26.12
N TYR GA 5 16.30 47.00 -27.35
CA TYR GA 5 16.19 46.09 -28.49
C TYR GA 5 17.20 44.95 -28.44
N LYS GA 6 18.20 45.05 -27.57
CA LYS GA 6 19.24 44.02 -27.49
C LYS GA 6 18.82 42.81 -26.67
N ILE GA 7 17.60 42.80 -26.13
CA ILE GA 7 17.14 41.63 -25.39
C ILE GA 7 16.98 40.43 -26.32
N TRP GA 8 16.71 40.69 -27.61
CA TRP GA 8 16.62 39.60 -28.58
C TRP GA 8 17.99 39.05 -28.95
N LEU GA 9 19.06 39.79 -28.73
CA LEU GA 9 20.40 39.23 -28.77
C LEU GA 9 20.67 38.31 -27.59
N ILE GA 10 19.79 38.32 -26.59
CA ILE GA 10 19.92 37.48 -25.40
C ILE GA 10 18.87 36.39 -25.37
N PHE GA 11 17.61 36.77 -25.53
CA PHE GA 11 16.49 35.82 -25.49
C PHE GA 11 16.18 35.32 -26.90
N ASP GA 12 15.80 34.05 -26.98
CA ASP GA 12 15.36 33.50 -28.26
C ASP GA 12 13.96 34.02 -28.57
N PRO GA 13 13.76 34.73 -29.69
CA PRO GA 13 12.43 35.30 -29.96
C PRO GA 13 11.32 34.26 -30.03
N ARG GA 14 11.60 33.07 -30.57
CA ARG GA 14 10.59 32.03 -30.61
C ARG GA 14 10.28 31.50 -29.21
N ARG GA 15 11.29 31.38 -28.36
CA ARG GA 15 11.10 30.80 -27.05
C ARG GA 15 10.41 31.77 -26.09
N VAL GA 16 10.74 33.06 -26.16
CA VAL GA 16 10.10 34.02 -25.27
C VAL GA 16 8.64 34.22 -25.64
N PHE GA 17 8.34 34.21 -26.95
CA PHE GA 17 6.97 34.52 -27.39
C PHE GA 17 5.98 33.47 -26.92
N VAL GA 18 6.35 32.19 -26.98
CA VAL GA 18 5.45 31.15 -26.49
C VAL GA 18 5.30 31.24 -24.98
N ALA GA 19 6.39 31.53 -24.27
CA ALA GA 19 6.29 31.74 -22.83
C ALA GA 19 5.46 32.98 -22.52
N GLN GA 20 5.63 34.04 -23.31
CA GLN GA 20 4.82 35.24 -23.13
C GLN GA 20 3.35 34.97 -23.43
N GLY GA 21 3.07 34.20 -24.48
CA GLY GA 21 1.69 33.92 -24.84
C GLY GA 21 0.96 33.12 -23.77
N VAL GA 22 1.61 32.08 -23.26
CA VAL GA 22 1.00 31.27 -22.21
C VAL GA 22 0.83 32.10 -20.94
N PHE GA 23 1.86 32.88 -20.58
CA PHE GA 23 1.79 33.67 -19.36
C PHE GA 23 0.69 34.73 -19.44
N LEU GA 24 0.59 35.41 -20.59
CA LEU GA 24 -0.40 36.47 -20.73
C LEU GA 24 -1.82 35.93 -20.66
N PHE GA 25 -2.08 34.80 -21.31
CA PHE GA 25 -3.42 34.23 -21.25
C PHE GA 25 -3.74 33.67 -19.87
N LEU GA 26 -2.78 32.97 -19.27
CA LEU GA 26 -3.00 32.41 -17.94
C LEU GA 26 -3.24 33.51 -16.93
N LEU GA 27 -2.49 34.60 -17.03
CA LEU GA 27 -2.75 35.75 -16.16
C LEU GA 27 -4.12 36.35 -16.41
N ALA GA 28 -4.49 36.52 -17.69
CA ALA GA 28 -5.79 37.08 -18.02
C ALA GA 28 -6.92 36.20 -17.54
N ALA GA 29 -6.79 34.88 -17.74
CA ALA GA 29 -7.81 33.96 -17.28
C ALA GA 29 -7.90 33.94 -15.75
N MET GA 30 -6.75 33.97 -15.08
CA MET GA 30 -6.75 33.96 -13.63
C MET GA 30 -7.39 35.22 -13.06
N ILE GA 31 -7.07 36.38 -13.62
CA ILE GA 31 -7.64 37.63 -13.12
C ILE GA 31 -9.14 37.66 -13.34
N HIS GA 32 -9.60 37.24 -14.52
CA HIS GA 32 -11.03 37.21 -14.79
C HIS GA 32 -11.76 36.30 -13.80
N LEU GA 33 -11.16 35.16 -13.48
CA LEU GA 33 -11.79 34.24 -12.53
C LEU GA 33 -11.80 34.80 -11.12
N VAL GA 34 -10.79 35.61 -10.76
CA VAL GA 34 -10.77 36.22 -9.43
C VAL GA 34 -11.96 37.14 -9.24
N LEU GA 35 -12.28 37.95 -10.26
CA LEU GA 35 -13.45 38.81 -10.17
C LEU GA 35 -14.73 38.00 -10.04
N LEU GA 36 -14.84 36.90 -10.79
CA LEU GA 36 -16.00 36.01 -10.63
C LEU GA 36 -16.09 35.44 -9.22
N SER GA 37 -14.93 35.17 -8.59
CA SER GA 37 -14.93 34.66 -7.23
C SER GA 37 -15.44 35.68 -6.22
N THR GA 38 -15.45 36.96 -6.58
CA THR GA 38 -15.95 38.00 -5.69
C THR GA 38 -17.44 38.20 -5.90
N GLU GA 39 -18.01 39.16 -5.18
CA GLU GA 39 -19.41 39.52 -5.30
C GLU GA 39 -19.63 40.87 -5.99
N HIS GA 40 -18.78 41.85 -5.70
CA HIS GA 40 -18.93 43.17 -6.31
C HIS GA 40 -18.61 43.13 -7.80
N PHE GA 41 -17.47 42.54 -8.16
CA PHE GA 41 -17.02 42.52 -9.56
C PHE GA 41 -17.40 41.21 -10.24
N ASN GA 42 -18.69 40.91 -10.23
CA ASN GA 42 -19.25 39.75 -10.92
C ASN GA 42 -20.33 40.27 -11.86
N TRP GA 43 -19.93 40.56 -13.11
CA TRP GA 43 -20.86 41.16 -14.06
C TRP GA 43 -22.03 40.23 -14.37
N PHE GA 44 -21.84 38.92 -14.22
CA PHE GA 44 -22.94 38.00 -14.39
C PHE GA 44 -23.97 38.15 -13.27
N GLU GA 45 -23.50 38.18 -12.01
CA GLU GA 45 -24.42 38.37 -10.90
C GLU GA 45 -24.91 39.81 -10.82
N LEU GA 46 -24.09 40.77 -11.25
CA LEU GA 46 -24.51 42.17 -11.24
C LEU GA 46 -25.67 42.40 -12.20
N ALA GA 47 -25.64 41.76 -13.37
CA ALA GA 47 -26.72 41.94 -14.34
C ALA GA 47 -28.03 41.42 -13.78
N ALA GA 48 -28.00 40.29 -13.06
CA ALA GA 48 -29.21 39.75 -12.47
C ALA GA 48 -29.78 40.70 -11.42
N ALA GA 49 -28.92 41.33 -10.63
CA ALA GA 49 -29.39 42.25 -9.60
C ALA GA 49 -30.12 43.44 -10.20
N ASN GA 50 -29.60 43.98 -11.31
CA ASN GA 50 -30.26 45.11 -11.96
C ASN GA 50 -31.61 44.70 -12.56
N ALA GA 51 -31.73 43.45 -13.00
CA ALA GA 51 -32.99 42.99 -13.58
C ALA GA 51 -34.12 43.03 -12.54
N ALA GA 52 -33.83 42.61 -11.31
CA ALA GA 52 -34.84 42.60 -10.26
C ALA GA 52 -35.15 44.02 -9.79
N ASP HA 6 17.94 35.95 -44.56
CA ASP HA 6 17.40 36.90 -43.60
C ASP HA 6 16.89 36.14 -42.37
N LEU HA 7 16.28 36.85 -41.43
CA LEU HA 7 15.82 36.25 -40.19
C LEU HA 7 14.60 35.38 -40.47
N SER HA 8 14.72 34.08 -40.18
CA SER HA 8 13.61 33.15 -40.37
C SER HA 8 13.89 31.89 -39.55
N PHE HA 9 13.06 31.64 -38.55
CA PHE HA 9 13.18 30.44 -37.73
C PHE HA 9 12.33 29.28 -38.23
N THR HA 10 11.54 29.48 -39.29
CA THR HA 10 10.66 28.45 -39.81
C THR HA 10 10.93 28.11 -41.27
N GLY HA 11 11.88 28.77 -41.92
CA GLY HA 11 12.20 28.52 -43.30
C GLY HA 11 11.43 29.38 -44.29
N LEU HA 12 10.35 30.02 -43.87
CA LEU HA 12 9.61 30.91 -44.76
C LEU HA 12 10.40 32.20 -44.97
N THR HA 13 10.30 32.75 -46.17
CA THR HA 13 10.95 34.01 -46.47
C THR HA 13 10.02 35.17 -46.10
N ASP HA 14 10.51 36.40 -46.29
CA ASP HA 14 9.73 37.58 -45.93
C ASP HA 14 8.46 37.65 -46.75
N GLU HA 15 8.55 37.44 -48.06
CA GLU HA 15 7.38 37.51 -48.92
C GLU HA 15 6.41 36.38 -48.62
N GLN HA 16 6.93 35.18 -48.30
CA GLN HA 16 6.05 34.06 -47.99
C GLN HA 16 5.25 34.33 -46.72
N ALA HA 17 5.88 34.89 -45.69
CA ALA HA 17 5.18 35.21 -44.46
C ALA HA 17 4.11 36.27 -44.68
N GLN HA 18 4.44 37.31 -45.47
CA GLN HA 18 3.47 38.35 -45.75
C GLN HA 18 2.27 37.80 -46.52
N GLU HA 19 2.52 36.93 -47.50
CA GLU HA 19 1.42 36.32 -48.25
C GLU HA 19 0.59 35.41 -47.35
N LEU HA 20 1.25 34.65 -46.48
CA LEU HA 20 0.52 33.74 -45.59
C LEU HA 20 -0.23 34.52 -44.51
N HIS HA 21 0.23 35.72 -44.17
CA HIS HA 21 -0.46 36.52 -43.16
C HIS HA 21 -1.76 37.10 -43.70
N SER HA 22 -1.81 37.41 -45.00
CA SER HA 22 -3.01 38.02 -45.57
C SER HA 22 -4.21 37.07 -45.48
N VAL HA 23 -4.01 35.79 -45.81
CA VAL HA 23 -5.10 34.83 -45.70
C VAL HA 23 -5.44 34.58 -44.24
N TYR HA 24 -4.44 34.54 -43.36
CA TYR HA 24 -4.69 34.37 -41.93
C TYR HA 24 -5.49 35.53 -41.38
N MET HA 25 -5.12 36.76 -41.75
CA MET HA 25 -5.86 37.93 -41.26
C MET HA 25 -7.29 37.93 -41.77
N SER HA 26 -7.49 37.53 -43.02
CA SER HA 26 -8.85 37.45 -43.56
C SER HA 26 -9.69 36.46 -42.76
N GLY HA 27 -9.11 35.31 -42.42
CA GLY HA 27 -9.83 34.36 -41.58
C GLY HA 27 -10.09 34.90 -40.18
N LEU HA 28 -9.10 35.57 -39.59
CA LEU HA 28 -9.29 36.15 -38.26
C LEU HA 28 -10.36 37.24 -38.28
N TRP HA 29 -10.33 38.12 -39.28
CA TRP HA 29 -11.35 39.16 -39.37
C TRP HA 29 -12.72 38.56 -39.64
N LEU HA 30 -12.80 37.53 -40.49
CA LEU HA 30 -14.07 36.85 -40.72
C LEU HA 30 -14.56 36.19 -39.45
N PHE HA 31 -13.66 35.54 -38.71
CA PHE HA 31 -14.05 34.93 -37.44
C PHE HA 31 -14.47 35.99 -36.43
N SER HA 32 -13.76 37.12 -36.38
CA SER HA 32 -14.11 38.19 -35.46
C SER HA 32 -15.40 38.89 -35.86
N ALA HA 33 -15.63 39.06 -37.17
CA ALA HA 33 -16.85 39.73 -37.62
C ALA HA 33 -18.09 38.97 -37.19
N VAL HA 34 -18.05 37.64 -37.28
CA VAL HA 34 -19.15 36.83 -36.79
C VAL HA 34 -19.30 37.01 -35.28
N ALA HA 35 -18.18 37.09 -34.56
CA ALA HA 35 -18.23 37.27 -33.12
C ALA HA 35 -18.76 38.65 -32.74
N VAL HA 36 -18.38 39.68 -33.50
CA VAL HA 36 -18.83 41.04 -33.18
C VAL HA 36 -20.33 41.16 -33.32
N VAL HA 37 -20.89 40.66 -34.42
CA VAL HA 37 -22.33 40.72 -34.60
C VAL HA 37 -23.03 39.78 -33.60
N ALA HA 38 -22.37 38.68 -33.23
CA ALA HA 38 -22.94 37.80 -32.22
C ALA HA 38 -23.04 38.50 -30.88
N HIS HA 39 -22.00 39.26 -30.50
CA HIS HA 39 -22.04 39.99 -29.24
C HIS HA 39 -23.01 41.17 -29.31
N LEU HA 40 -23.10 41.81 -30.47
CA LEU HA 40 -24.07 42.89 -30.64
C LEU HA 40 -25.49 42.36 -30.52
N ALA HA 41 -25.78 41.21 -31.10
CA ALA HA 41 -27.10 40.61 -30.96
C ALA HA 41 -27.38 40.20 -29.53
N THR HA 42 -26.37 39.65 -28.85
CA THR HA 42 -26.56 39.23 -27.46
C THR HA 42 -26.80 40.43 -26.54
N PHE HA 43 -26.05 41.52 -26.76
CA PHE HA 43 -26.19 42.69 -25.89
C PHE HA 43 -27.58 43.31 -26.03
N ILE HA 44 -28.10 43.40 -27.26
CA ILE HA 44 -29.45 43.91 -27.44
C ILE HA 44 -30.46 42.96 -26.81
N TRP HA 45 -30.28 41.66 -27.00
CA TRP HA 45 -31.21 40.69 -26.43
C TRP HA 45 -31.10 40.63 -24.91
N ARG HA 46 -29.88 40.64 -24.38
CA ARG HA 46 -29.67 40.50 -22.94
C ARG HA 46 -28.35 41.17 -22.58
N PRO HA 47 -28.39 42.47 -22.28
CA PRO HA 47 -27.15 43.19 -21.95
C PRO HA 47 -26.57 42.74 -20.62
N TRP HA 48 -25.24 42.80 -20.53
CA TRP HA 48 -24.53 42.50 -19.29
C TRP HA 48 -23.93 43.74 -18.65
N PHE HA 49 -24.30 44.94 -19.12
CA PHE HA 49 -23.80 46.17 -18.54
C PHE HA 49 -24.95 47.10 -18.17
N SER IA 2 0.11 46.51 -38.62
CA SER IA 2 1.27 47.31 -39.02
C SER IA 2 2.26 46.47 -39.80
N LYS IA 3 3.12 45.75 -39.07
CA LYS IA 3 4.11 44.86 -39.66
C LYS IA 3 4.13 43.54 -38.90
N PHE IA 4 2.94 43.06 -38.53
CA PHE IA 4 2.80 41.85 -37.74
C PHE IA 4 2.94 40.59 -38.58
N TYR IA 5 3.08 40.71 -39.89
CA TYR IA 5 3.19 39.55 -40.75
C TYR IA 5 4.45 38.73 -40.51
N LYS IA 6 5.42 39.28 -39.79
CA LYS IA 6 6.68 38.60 -39.53
C LYS IA 6 6.62 37.67 -38.33
N ILE IA 7 5.46 37.51 -37.70
CA ILE IA 7 5.34 36.54 -36.61
C ILE IA 7 5.53 35.12 -37.14
N TRP IA 8 5.14 34.88 -38.40
CA TRP IA 8 5.34 33.57 -39.00
C TRP IA 8 6.79 33.29 -39.35
N LEU IA 9 7.66 34.31 -39.29
CA LEU IA 9 9.08 34.08 -39.50
C LEU IA 9 9.73 33.40 -38.30
N ILE IA 10 9.05 33.34 -37.15
CA ILE IA 10 9.54 32.66 -35.96
C ILE IA 10 8.57 31.59 -35.50
N PHE IA 11 7.27 31.90 -35.50
CA PHE IA 11 6.25 30.88 -35.22
C PHE IA 11 6.00 30.04 -36.46
N ASP IA 12 5.72 28.76 -36.24
CA ASP IA 12 5.38 27.86 -37.33
C ASP IA 12 3.88 27.94 -37.60
N PRO IA 13 3.46 28.42 -38.76
CA PRO IA 13 2.01 28.53 -39.02
C PRO IA 13 1.28 27.19 -38.96
N ARG IA 14 1.97 26.09 -39.27
CA ARG IA 14 1.33 24.78 -39.18
C ARG IA 14 0.95 24.45 -37.74
N ARG IA 15 1.87 24.70 -36.80
CA ARG IA 15 1.59 24.40 -35.39
C ARG IA 15 0.69 25.44 -34.75
N VAL IA 16 0.83 26.71 -35.14
CA VAL IA 16 0.02 27.77 -34.54
C VAL IA 16 -1.45 27.58 -34.89
N PHE IA 17 -1.73 27.20 -36.15
CA PHE IA 17 -3.11 27.02 -36.58
C PHE IA 17 -3.81 25.93 -35.77
N VAL IA 18 -3.11 24.80 -35.53
CA VAL IA 18 -3.71 23.72 -34.76
C VAL IA 18 -3.83 24.12 -33.30
N ALA IA 19 -2.81 24.80 -32.76
CA ALA IA 19 -2.83 25.16 -31.35
C ALA IA 19 -3.95 26.14 -31.03
N GLN IA 20 -4.16 27.13 -31.91
CA GLN IA 20 -5.22 28.11 -31.64
C GLN IA 20 -6.60 27.51 -31.86
N GLY IA 21 -6.71 26.49 -32.71
CA GLY IA 21 -8.00 25.84 -32.89
C GLY IA 21 -8.48 25.16 -31.63
N VAL IA 22 -7.58 24.46 -30.94
CA VAL IA 22 -7.92 23.85 -29.66
C VAL IA 22 -8.20 24.94 -28.63
N PHE IA 23 -7.39 25.99 -28.62
CA PHE IA 23 -7.59 27.08 -27.66
C PHE IA 23 -8.93 27.77 -27.89
N LEU IA 24 -9.30 28.02 -29.14
CA LEU IA 24 -10.54 28.72 -29.42
C LEU IA 24 -11.76 27.90 -29.01
N PHE IA 25 -11.76 26.60 -29.30
CA PHE IA 25 -12.89 25.78 -28.89
C PHE IA 25 -13.01 25.68 -27.38
N LEU IA 26 -11.88 25.48 -26.69
CA LEU IA 26 -11.92 25.42 -25.23
C LEU IA 26 -12.40 26.74 -24.65
N LEU IA 27 -12.01 27.85 -25.26
CA LEU IA 27 -12.53 29.16 -24.83
C LEU IA 27 -14.03 29.24 -25.04
N ALA IA 28 -14.50 28.82 -26.22
CA ALA IA 28 -15.93 28.88 -26.50
C ALA IA 28 -16.73 27.95 -25.60
N ALA IA 29 -16.23 26.74 -25.38
CA ALA IA 29 -16.91 25.81 -24.48
C ALA IA 29 -16.92 26.34 -23.06
N MET IA 30 -15.80 26.92 -22.62
CA MET IA 30 -15.74 27.48 -21.27
C MET IA 30 -16.72 28.62 -21.08
N ILE IA 31 -16.71 29.59 -22.00
CA ILE IA 31 -17.56 30.76 -21.85
C ILE IA 31 -19.03 30.38 -21.91
N HIS IA 32 -19.38 29.47 -22.83
CA HIS IA 32 -20.76 29.03 -22.94
C HIS IA 32 -21.24 28.34 -21.67
N LEU IA 33 -20.38 27.52 -21.07
CA LEU IA 33 -20.79 26.80 -19.86
C LEU IA 33 -20.85 27.72 -18.65
N VAL IA 34 -20.11 28.83 -18.66
CA VAL IA 34 -20.20 29.81 -17.59
C VAL IA 34 -21.57 30.49 -17.61
N LEU IA 35 -22.08 30.79 -18.80
CA LEU IA 35 -23.38 31.45 -18.91
C LEU IA 35 -24.49 30.56 -18.36
N LEU IA 36 -24.39 29.25 -18.58
CA LEU IA 36 -25.41 28.34 -18.08
C LEU IA 36 -25.49 28.34 -16.56
N SER IA 37 -24.35 28.52 -15.89
CA SER IA 37 -24.35 28.59 -14.43
C SER IA 37 -25.08 29.83 -13.93
N THR IA 38 -25.04 30.92 -14.69
CA THR IA 38 -25.64 32.17 -14.26
C THR IA 38 -27.17 32.05 -14.27
N GLU IA 39 -27.79 32.78 -13.34
CA GLU IA 39 -29.25 32.82 -13.27
C GLU IA 39 -29.86 33.85 -14.21
N HIS IA 40 -29.04 34.69 -14.84
CA HIS IA 40 -29.53 35.76 -15.71
C HIS IA 40 -29.24 35.51 -17.18
N PHE IA 41 -28.23 34.71 -17.52
CA PHE IA 41 -27.85 34.47 -18.90
C PHE IA 41 -28.04 33.03 -19.32
N ASN IA 42 -28.66 32.19 -18.50
CA ASN IA 42 -28.97 30.82 -18.86
C ASN IA 42 -30.17 30.86 -19.80
N TRP IA 43 -29.88 30.94 -21.10
CA TRP IA 43 -30.95 31.12 -22.09
C TRP IA 43 -31.95 29.99 -22.09
N PHE IA 44 -31.56 28.80 -21.60
CA PHE IA 44 -32.53 27.73 -21.43
C PHE IA 44 -33.58 28.10 -20.38
N GLU IA 45 -33.14 28.70 -19.27
CA GLU IA 45 -34.07 29.09 -18.22
C GLU IA 45 -34.87 30.32 -18.61
N LEU IA 46 -34.28 31.23 -19.41
CA LEU IA 46 -35.02 32.39 -19.86
C LEU IA 46 -36.19 32.01 -20.74
N ALA IA 47 -36.04 30.95 -21.55
CA ALA IA 47 -37.16 30.48 -22.35
C ALA IA 47 -38.30 30.01 -21.47
N ALA IA 48 -37.99 29.31 -20.37
CA ALA IA 48 -39.03 28.90 -19.44
C ALA IA 48 -39.73 30.09 -18.81
N ALA IA 49 -38.96 31.10 -18.40
CA ALA IA 49 -39.55 32.31 -17.85
C ALA IA 49 -40.34 33.07 -18.92
N ASN IA 50 -39.84 33.10 -20.15
CA ASN IA 50 -40.55 33.79 -21.22
C ASN IA 50 -41.90 33.13 -21.50
N ALA IA 51 -41.95 31.80 -21.49
CA ALA IA 51 -43.21 31.11 -21.71
C ALA IA 51 -44.20 31.41 -20.61
N ALA IA 52 -43.75 31.44 -19.35
CA ALA IA 52 -44.62 31.74 -18.23
C ALA IA 52 -44.82 33.24 -18.07
N PRO JA 2 6.59 9.19 -26.58
CA PRO JA 2 7.75 9.39 -25.72
C PRO JA 2 8.70 8.20 -25.72
N GLU JA 3 9.76 8.27 -24.92
CA GLU JA 3 10.69 7.16 -24.83
C GLU JA 3 10.00 5.95 -24.21
N TYR JA 4 10.44 4.76 -24.63
CA TYR JA 4 9.83 3.52 -24.16
C TYR JA 4 10.12 3.32 -22.69
N GLN JA 5 9.10 3.51 -21.85
CA GLN JA 5 9.20 3.17 -20.44
C GLN JA 5 9.02 1.67 -20.30
N ASN JA 6 10.02 0.99 -19.75
CA ASN JA 6 10.03 -0.47 -19.68
C ASN JA 6 9.05 -0.90 -18.59
N ILE JA 7 7.76 -0.84 -18.91
CA ILE JA 7 6.70 -1.25 -18.02
C ILE JA 7 5.99 -2.50 -18.52
N PHE JA 8 5.76 -2.58 -19.83
CA PHE JA 8 5.21 -3.77 -20.46
C PHE JA 8 6.09 -4.16 -21.63
N THR JA 9 6.47 -5.42 -21.70
CA THR JA 9 7.27 -5.91 -22.82
C THR JA 9 6.47 -5.81 -24.10
N GLN JA 10 7.06 -5.24 -25.14
CA GLN JA 10 6.34 -5.03 -26.39
C GLN JA 10 6.48 -6.19 -27.37
N VAL JA 11 7.29 -7.19 -27.05
CA VAL JA 11 7.39 -8.40 -27.87
C VAL JA 11 7.85 -9.56 -26.99
N GLN JA 12 7.15 -10.69 -27.10
CA GLN JA 12 7.45 -11.86 -26.29
C GLN JA 12 7.99 -12.98 -27.16
N VAL JA 13 9.02 -13.67 -26.66
CA VAL JA 13 9.59 -14.83 -27.31
C VAL JA 13 9.42 -16.02 -26.37
N GLN JA 14 8.95 -17.14 -26.92
CA GLN JA 14 8.74 -18.35 -26.15
C GLN JA 14 9.51 -19.49 -26.80
N GLY JA 15 10.36 -20.15 -26.03
CA GLY JA 15 11.10 -21.29 -26.49
C GLY JA 15 10.77 -22.53 -25.70
N PRO JA 16 11.68 -23.50 -25.69
CA PRO JA 16 11.47 -24.68 -24.85
C PRO JA 16 11.40 -24.30 -23.38
N ALA JA 17 10.54 -24.99 -22.64
CA ALA JA 17 10.35 -24.70 -21.24
C ALA JA 17 11.64 -24.95 -20.46
N GLU JA 18 11.96 -24.02 -19.56
CA GLU JA 18 13.16 -24.12 -18.74
C GLU JA 18 12.82 -24.95 -17.49
N LEU JA 19 13.31 -26.19 -17.46
CA LEU JA 19 13.02 -27.08 -16.35
C LEU JA 19 13.82 -26.77 -15.09
N GLY JA 20 14.85 -25.95 -15.20
CA GLY JA 20 15.62 -25.54 -14.04
C GLY JA 20 16.99 -26.21 -14.01
N VAL JA 21 17.86 -25.65 -13.16
CA VAL JA 21 19.22 -26.16 -13.01
C VAL JA 21 19.20 -27.38 -12.10
N ASP JA 22 20.30 -28.12 -12.07
CA ASP JA 22 20.40 -29.32 -11.25
C ASP JA 22 21.84 -29.49 -10.79
N ASN JA 23 21.99 -30.27 -9.73
CA ASN JA 23 23.31 -30.60 -9.18
C ASN JA 23 23.23 -32.00 -8.58
N GLU JA 24 24.21 -32.36 -7.75
CA GLU JA 24 24.22 -33.69 -7.16
C GLU JA 24 23.07 -33.91 -6.20
N ASN JA 25 22.40 -32.84 -5.75
CA ASN JA 25 21.24 -32.99 -4.89
C ASN JA 25 20.03 -33.54 -5.64
N ASN JA 26 20.08 -33.58 -6.97
CA ASN JA 26 19.07 -34.24 -7.80
C ASN JA 26 17.68 -33.63 -7.56
N LEU JA 27 17.56 -32.35 -7.92
CA LEU JA 27 16.29 -31.64 -7.77
C LEU JA 27 15.20 -32.22 -8.65
N THR JA 28 15.57 -32.76 -9.82
CA THR JA 28 14.58 -33.16 -10.82
C THR JA 28 13.72 -34.33 -10.39
N GLU JA 29 14.08 -35.06 -9.33
CA GLU JA 29 13.28 -36.19 -8.90
C GLU JA 29 11.89 -35.76 -8.44
N GLU JA 30 11.81 -34.66 -7.69
CA GLU JA 30 10.56 -34.22 -7.09
C GLU JA 30 9.89 -33.09 -7.86
N ARG JA 31 10.40 -32.73 -9.03
CA ARG JA 31 9.77 -31.71 -9.85
C ARG JA 31 8.62 -32.31 -10.65
N THR JA 32 7.60 -31.49 -10.92
CA THR JA 32 6.41 -31.98 -11.59
C THR JA 32 6.63 -32.23 -13.08
N THR JA 33 7.60 -31.55 -13.70
CA THR JA 33 7.87 -31.67 -15.13
C THR JA 33 6.65 -31.33 -15.97
N GLY JA 34 5.79 -30.44 -15.46
CA GLY JA 34 4.65 -29.97 -16.21
C GLY JA 34 4.65 -28.45 -16.29
N THR JA 35 4.81 -27.92 -17.50
CA THR JA 35 4.99 -26.48 -17.69
C THR JA 35 3.86 -25.92 -18.55
N GLY JA 36 3.54 -24.66 -18.28
CA GLY JA 36 2.58 -23.93 -19.09
C GLY JA 36 3.04 -22.50 -19.25
N PHE JA 37 2.67 -21.90 -20.38
CA PHE JA 37 3.05 -20.54 -20.70
C PHE JA 37 1.81 -19.66 -20.77
N SER JA 38 1.83 -18.58 -20.00
CA SER JA 38 0.73 -17.62 -19.97
C SER JA 38 1.22 -16.32 -20.59
N GLN JA 39 0.66 -15.96 -21.74
CA GLN JA 39 1.07 -14.74 -22.43
C GLN JA 39 0.53 -13.50 -21.74
N LEU JA 40 -0.51 -13.62 -20.93
CA LEU JA 40 -1.04 -12.46 -20.21
C LEU JA 40 -0.08 -11.99 -19.14
N ILE JA 41 0.43 -12.91 -18.33
CA ILE JA 41 1.40 -12.55 -17.31
C ILE JA 41 2.76 -12.24 -17.92
N GLY JA 42 2.98 -12.65 -19.16
CA GLY JA 42 4.25 -12.38 -19.82
C GLY JA 42 4.45 -10.95 -20.25
N TRP JA 43 3.40 -10.13 -20.21
CA TRP JA 43 3.54 -8.72 -20.56
C TRP JA 43 4.38 -7.97 -19.53
N ILE JA 44 4.22 -8.31 -18.25
CA ILE JA 44 4.89 -7.59 -17.18
C ILE JA 44 6.05 -8.42 -16.63
N GLY JA 45 5.93 -9.75 -16.73
CA GLY JA 45 6.96 -10.61 -16.19
C GLY JA 45 7.26 -11.81 -17.07
N ASN JA 46 7.90 -12.82 -16.49
CA ASN JA 46 8.20 -14.03 -17.25
C ASN JA 46 6.93 -14.84 -17.45
N ALA JA 47 6.78 -15.42 -18.64
CA ALA JA 47 5.53 -16.02 -19.06
C ALA JA 47 5.40 -17.50 -18.74
N GLN JA 48 6.45 -18.14 -18.23
CA GLN JA 48 6.44 -19.58 -18.04
C GLN JA 48 5.95 -19.92 -16.64
N LEU JA 49 4.88 -20.72 -16.56
CA LEU JA 49 4.39 -21.27 -15.30
C LEU JA 49 5.10 -22.61 -15.08
N GLY JA 50 6.36 -22.52 -14.66
CA GLY JA 50 7.24 -23.65 -14.67
C GLY JA 50 6.89 -24.68 -13.62
N PRO JA 51 7.62 -25.78 -13.63
CA PRO JA 51 7.34 -26.87 -12.67
C PRO JA 51 7.69 -26.45 -11.25
N ILE JA 52 6.95 -27.03 -10.30
CA ILE JA 52 7.14 -26.75 -8.89
C ILE JA 52 7.75 -27.97 -8.23
N TYR JA 53 8.78 -27.76 -7.43
CA TYR JA 53 9.40 -28.83 -6.67
C TYR JA 53 8.48 -29.17 -5.50
N LEU JA 54 7.91 -30.36 -5.52
CA LEU JA 54 7.06 -30.84 -4.44
C LEU JA 54 7.86 -31.87 -3.63
N GLY JA 55 8.24 -31.49 -2.42
CA GLY JA 55 8.93 -32.36 -1.50
C GLY JA 55 8.01 -32.90 -0.44
N TRP JA 56 8.56 -33.13 0.75
CA TRP JA 56 7.72 -33.51 1.87
C TRP JA 56 7.33 -32.34 2.75
N PHE JA 57 8.19 -31.33 2.88
CA PHE JA 57 7.78 -30.11 3.55
C PHE JA 57 6.68 -29.40 2.75
N GLY JA 58 6.80 -29.40 1.42
CA GLY JA 58 5.77 -28.78 0.60
C GLY JA 58 4.43 -29.51 0.67
N ILE JA 59 4.46 -30.84 0.59
CA ILE JA 59 3.22 -31.61 0.61
C ILE JA 59 2.56 -31.52 1.99
N ILE JA 60 3.34 -31.68 3.05
CA ILE JA 60 2.77 -31.59 4.40
C ILE JA 60 2.18 -30.22 4.65
N SER JA 61 2.89 -29.17 4.23
CA SER JA 61 2.37 -27.81 4.38
C SER JA 61 1.10 -27.63 3.57
N LEU JA 62 1.07 -28.13 2.33
CA LEU JA 62 -0.12 -28.01 1.50
C LEU JA 62 -1.28 -28.80 2.09
N VAL JA 63 -1.02 -30.02 2.56
CA VAL JA 63 -2.08 -30.86 3.10
C VAL JA 63 -2.62 -30.27 4.40
N THR JA 64 -1.71 -29.93 5.33
CA THR JA 64 -2.15 -29.38 6.61
C THR JA 64 -2.78 -28.01 6.46
N GLY JA 65 -2.27 -27.20 5.53
CA GLY JA 65 -2.91 -25.92 5.27
C GLY JA 65 -4.33 -26.06 4.78
N THR JA 66 -4.59 -27.09 3.96
CA THR JA 66 -5.95 -27.38 3.52
C THR JA 66 -6.83 -27.79 4.70
N LEU JA 67 -6.29 -28.59 5.62
CA LEU JA 67 -7.06 -28.98 6.80
C LEU JA 67 -7.46 -27.76 7.62
N TRP JA 68 -6.53 -26.83 7.85
CA TRP JA 68 -6.89 -25.59 8.52
C TRP JA 68 -7.91 -24.81 7.69
N PHE JA 69 -7.69 -24.73 6.38
CA PHE JA 69 -8.64 -24.06 5.50
C PHE JA 69 -9.99 -24.73 5.53
N ASN JA 70 -10.01 -26.08 5.50
CA ASN JA 70 -11.27 -26.80 5.48
C ASN JA 70 -11.99 -26.72 6.82
N ILE JA 71 -11.26 -26.88 7.93
CA ILE JA 71 -11.88 -26.83 9.24
C ILE JA 71 -12.50 -25.45 9.48
N VAL JA 72 -11.79 -24.39 9.12
CA VAL JA 72 -12.37 -23.06 9.19
C VAL JA 72 -13.58 -22.97 8.27
N GLY JA 73 -13.43 -23.45 7.03
CA GLY JA 73 -14.54 -23.36 6.08
C GLY JA 73 -15.73 -24.22 6.47
N PHE JA 74 -15.49 -25.44 6.96
CA PHE JA 74 -16.58 -26.29 7.38
C PHE JA 74 -17.32 -25.68 8.57
N ASN JA 75 -16.59 -25.08 9.50
CA ASN JA 75 -17.23 -24.39 10.61
C ASN JA 75 -18.04 -23.21 10.13
N MET JA 76 -17.47 -22.38 9.27
CA MET JA 76 -18.20 -21.23 8.74
C MET JA 76 -19.45 -21.66 7.99
N LEU JA 77 -19.35 -22.72 7.20
CA LEU JA 77 -20.52 -23.25 6.50
C LEU JA 77 -21.56 -23.78 7.50
N SER JA 78 -21.11 -24.47 8.54
CA SER JA 78 -22.03 -24.94 9.57
C SER JA 78 -22.52 -23.81 10.45
N GLN JA 79 -21.81 -22.69 10.51
CA GLN JA 79 -22.25 -21.55 11.31
C GLN JA 79 -23.53 -20.95 10.75
N VAL JA 80 -23.68 -20.96 9.42
CA VAL JA 80 -24.86 -20.41 8.78
C VAL JA 80 -25.89 -21.51 8.49
N GLY JA 81 -25.77 -22.66 9.13
CA GLY JA 81 -26.69 -23.77 8.92
C GLY JA 81 -26.59 -24.39 7.54
N TYR JA 82 -25.38 -24.49 6.99
CA TYR JA 82 -25.13 -25.13 5.70
C TYR JA 82 -25.90 -24.46 4.56
N SER JA 83 -26.22 -23.18 4.73
CA SER JA 83 -26.88 -22.39 3.69
C SER JA 83 -25.80 -21.80 2.79
N ILE JA 84 -25.63 -22.39 1.60
CA ILE JA 84 -24.61 -21.90 0.68
C ILE JA 84 -24.84 -20.45 0.26
N PRO JA 85 -26.06 -20.02 -0.10
CA PRO JA 85 -26.24 -18.58 -0.41
C PRO JA 85 -25.91 -17.67 0.75
N GLU JA 86 -26.22 -18.09 1.98
CA GLU JA 86 -25.87 -17.26 3.14
C GLU JA 86 -24.38 -17.34 3.44
N PHE JA 87 -23.76 -18.49 3.20
CA PHE JA 87 -22.31 -18.61 3.40
C PHE JA 87 -21.55 -17.69 2.47
N ILE JA 88 -21.97 -17.61 1.20
CA ILE JA 88 -21.33 -16.70 0.26
C ILE JA 88 -21.59 -15.26 0.65
N ARG JA 89 -22.83 -14.94 1.04
CA ARG JA 89 -23.18 -13.57 1.40
C ARG JA 89 -22.40 -13.09 2.61
N GLN JA 90 -22.24 -13.95 3.62
CA GLN JA 90 -21.55 -13.61 4.85
C GLN JA 90 -20.09 -14.08 4.85
N LEU JA 91 -19.54 -14.38 3.68
CA LEU JA 91 -18.20 -14.95 3.62
C LEU JA 91 -17.17 -14.02 4.26
N PHE JA 92 -17.26 -12.71 3.98
CA PHE JA 92 -16.34 -11.76 4.56
C PHE JA 92 -16.63 -11.48 6.04
N TRP JA 93 -17.78 -11.88 6.54
CA TRP JA 93 -18.16 -11.61 7.93
C TRP JA 93 -17.99 -12.81 8.85
N LEU JA 94 -18.13 -14.03 8.34
CA LEU JA 94 -17.99 -15.21 9.18
C LEU JA 94 -16.52 -15.45 9.52
N ALA JA 95 -16.30 -16.22 10.59
CA ALA JA 95 -14.96 -16.55 11.03
C ALA JA 95 -15.00 -17.76 11.95
N LEU JA 96 -13.82 -18.22 12.33
CA LEU JA 96 -13.64 -19.21 13.38
C LEU JA 96 -13.10 -18.46 14.60
N GLU JA 97 -14.00 -18.05 15.49
CA GLU JA 97 -13.63 -17.17 16.57
C GLU JA 97 -12.71 -17.90 17.56
N PRO JA 98 -11.73 -17.21 18.14
CA PRO JA 98 -10.88 -17.82 19.16
C PRO JA 98 -11.69 -18.24 20.37
N PRO JA 99 -11.12 -19.06 21.25
CA PRO JA 99 -11.86 -19.51 22.44
C PRO JA 99 -12.23 -18.34 23.34
N SER JA 100 -13.28 -18.55 24.13
CA SER JA 100 -13.68 -17.55 25.11
C SER JA 100 -12.60 -17.38 26.16
N PRO JA 101 -12.45 -16.18 26.72
CA PRO JA 101 -11.38 -15.95 27.72
C PRO JA 101 -11.56 -16.75 28.99
N GLU JA 102 -12.76 -17.27 29.26
CA GLU JA 102 -12.98 -17.99 30.51
C GLU JA 102 -12.22 -19.31 30.58
N TYR JA 103 -11.76 -19.82 29.45
CA TYR JA 103 -11.08 -21.11 29.42
C TYR JA 103 -9.57 -21.01 29.59
N GLY JA 104 -9.02 -19.80 29.61
CA GLY JA 104 -7.59 -19.65 29.77
C GLY JA 104 -6.83 -20.35 28.67
N LEU JA 105 -5.79 -21.08 29.04
CA LEU JA 105 -4.99 -21.86 28.09
C LEU JA 105 -5.46 -23.31 27.99
N ARG JA 106 -6.53 -23.68 28.68
CA ARG JA 106 -7.06 -25.02 28.58
C ARG JA 106 -7.78 -25.22 27.26
N MET JA 107 -8.03 -26.48 26.92
CA MET JA 107 -8.71 -26.80 25.68
C MET JA 107 -10.18 -26.47 25.79
N PRO JA 108 -10.72 -25.61 24.93
CA PRO JA 108 -12.12 -25.21 25.05
C PRO JA 108 -13.02 -26.18 24.31
N PRO JA 109 -14.34 -26.08 24.50
CA PRO JA 109 -15.25 -26.93 23.74
C PRO JA 109 -15.17 -26.65 22.25
N LEU JA 110 -15.50 -27.67 21.45
CA LEU JA 110 -15.32 -27.58 20.00
C LEU JA 110 -16.12 -26.42 19.42
N ASP JA 111 -17.32 -26.16 19.94
CA ASP JA 111 -18.12 -25.05 19.45
C ASP JA 111 -17.69 -23.70 20.01
N ASP JA 112 -16.85 -23.69 21.04
CA ASP JA 112 -16.47 -22.43 21.68
C ASP JA 112 -14.96 -22.31 21.57
N GLY JA 113 -14.44 -22.49 20.35
CA GLY JA 113 -13.02 -22.34 20.10
C GLY JA 113 -12.21 -23.61 20.12
N GLY JA 114 -12.82 -24.76 20.39
CA GLY JA 114 -12.08 -26.01 20.34
C GLY JA 114 -11.59 -26.34 18.95
N TRP JA 115 -12.45 -26.15 17.94
CA TRP JA 115 -12.01 -26.33 16.56
C TRP JA 115 -11.02 -25.26 16.13
N PHE JA 116 -11.04 -24.09 16.79
CA PHE JA 116 -10.06 -23.06 16.49
C PHE JA 116 -8.65 -23.53 16.82
N ILE JA 117 -8.47 -24.16 17.98
CA ILE JA 117 -7.15 -24.65 18.38
C ILE JA 117 -6.68 -25.74 17.43
N ILE JA 118 -7.56 -26.66 17.06
CA ILE JA 118 -7.21 -27.73 16.14
C ILE JA 118 -6.86 -27.15 14.77
N ALA JA 119 -7.68 -26.23 14.27
CA ALA JA 119 -7.37 -25.56 13.02
C ALA JA 119 -6.08 -24.78 13.11
N SER JA 120 -5.86 -24.11 14.24
CA SER JA 120 -4.60 -23.38 14.45
C SER JA 120 -3.42 -24.34 14.52
N PHE JA 121 -3.62 -25.53 15.08
CA PHE JA 121 -2.54 -26.50 15.14
C PHE JA 121 -2.10 -26.92 13.74
N PHE JA 122 -3.06 -27.14 12.84
CA PHE JA 122 -2.71 -27.51 11.48
C PHE JA 122 -2.10 -26.34 10.73
N LEU JA 123 -2.58 -25.12 10.99
CA LEU JA 123 -2.00 -23.93 10.36
C LEU JA 123 -0.57 -23.73 10.82
N LEU JA 124 -0.30 -23.93 12.11
CA LEU JA 124 1.06 -23.79 12.61
C LEU JA 124 1.99 -24.81 11.98
N VAL JA 125 1.55 -26.07 11.85
CA VAL JA 125 2.35 -27.09 11.19
C VAL JA 125 2.51 -26.74 9.72
N SER JA 126 1.46 -26.23 9.07
CA SER JA 126 1.54 -25.89 7.66
C SER JA 126 2.53 -24.75 7.41
N VAL JA 127 2.51 -23.73 8.26
CA VAL JA 127 3.40 -22.59 8.05
C VAL JA 127 4.85 -22.98 8.31
N ILE JA 128 5.10 -23.71 9.39
CA ILE JA 128 6.47 -24.13 9.70
C ILE JA 128 7.00 -25.06 8.62
N SER JA 129 6.15 -25.96 8.11
CA SER JA 129 6.59 -26.87 7.05
C SER JA 129 6.98 -26.10 5.79
N TRP JA 130 6.22 -25.07 5.44
CA TRP JA 130 6.57 -24.25 4.29
C TRP JA 130 7.91 -23.53 4.51
N TRP JA 131 8.15 -23.07 5.74
CA TRP JA 131 9.44 -22.47 6.04
C TRP JA 131 10.57 -23.48 5.90
N LEU JA 132 10.35 -24.71 6.37
CA LEU JA 132 11.36 -25.76 6.20
C LEU JA 132 11.61 -26.03 4.73
N ARG JA 133 10.57 -25.95 3.90
CA ARG JA 133 10.75 -26.12 2.47
C ARG JA 133 11.64 -25.02 1.89
N SER JA 134 11.43 -23.78 2.32
CA SER JA 134 12.28 -22.68 1.88
C SER JA 134 13.73 -22.89 2.32
N TYR JA 135 13.92 -23.31 3.57
CA TYR JA 135 15.27 -23.59 4.05
C TYR JA 135 15.89 -24.76 3.30
N GLN JA 136 15.13 -25.83 3.09
CA GLN JA 136 15.67 -27.01 2.42
C GLN JA 136 15.97 -26.72 0.95
N LEU JA 137 15.09 -25.97 0.28
CA LEU JA 137 15.30 -25.67 -1.13
C LEU JA 137 16.56 -24.82 -1.31
N ALA JA 138 16.78 -23.84 -0.44
CA ALA JA 138 18.00 -23.04 -0.52
C ALA JA 138 19.23 -23.90 -0.29
N GLU JA 139 19.17 -24.82 0.67
CA GLU JA 139 20.31 -25.70 0.93
C GLU JA 139 20.54 -26.65 -0.24
N MET JA 140 19.47 -27.15 -0.86
CA MET JA 140 19.61 -28.04 -2.00
C MET JA 140 19.93 -27.30 -3.29
N HIS JA 141 19.69 -25.99 -3.34
CA HIS JA 141 20.12 -25.17 -4.46
C HIS JA 141 21.49 -24.55 -4.24
N LYS JA 142 22.11 -24.80 -3.08
CA LYS JA 142 23.44 -24.30 -2.75
C LYS JA 142 23.49 -22.77 -2.80
N MET JA 143 22.43 -22.12 -2.33
CA MET JA 143 22.41 -20.68 -2.20
C MET JA 143 22.22 -20.29 -0.74
N GLY JA 144 22.28 -18.99 -0.49
CA GLY JA 144 22.07 -18.49 0.85
C GLY JA 144 20.65 -18.69 1.31
N LYS JA 145 20.46 -18.64 2.63
CA LYS JA 145 19.16 -18.86 3.25
C LYS JA 145 18.44 -17.56 3.56
N HIS JA 146 18.64 -16.52 2.73
CA HIS JA 146 17.99 -15.24 2.98
C HIS JA 146 16.48 -15.34 2.80
N VAL JA 147 16.01 -16.19 1.89
CA VAL JA 147 14.57 -16.39 1.73
C VAL JA 147 13.97 -17.00 2.98
N ALA JA 148 14.63 -18.02 3.54
CA ALA JA 148 14.16 -18.64 4.76
C ALA JA 148 14.27 -17.68 5.95
N TRP JA 149 15.37 -16.94 6.03
CA TRP JA 149 15.55 -15.99 7.12
C TRP JA 149 14.54 -14.87 7.07
N ALA JA 150 14.25 -14.35 5.87
CA ALA JA 150 13.22 -13.32 5.74
C ALA JA 150 11.84 -13.88 6.07
N PHE JA 151 11.57 -15.11 5.67
CA PHE JA 151 10.30 -15.75 6.02
C PHE JA 151 10.17 -15.91 7.52
N ALA JA 152 11.26 -16.29 8.19
CA ALA JA 152 11.23 -16.46 9.64
C ALA JA 152 10.86 -15.17 10.34
N ALA JA 153 11.26 -14.02 9.78
CA ALA JA 153 10.85 -12.74 10.35
C ALA JA 153 9.34 -12.57 10.26
N ALA JA 154 8.75 -12.93 9.11
CA ALA JA 154 7.29 -12.87 8.98
C ALA JA 154 6.61 -13.85 9.93
N ILE JA 155 7.20 -15.04 10.08
CA ILE JA 155 6.64 -16.03 11.01
C ILE JA 155 6.73 -15.53 12.44
N TRP JA 156 7.73 -14.70 12.75
CA TRP JA 156 7.89 -14.18 14.11
C TRP JA 156 6.65 -13.41 14.54
N LEU JA 157 6.17 -12.49 13.69
CA LEU JA 157 4.92 -11.80 13.97
C LEU JA 157 3.75 -12.78 13.93
N PHE JA 158 3.80 -13.73 13.00
CA PHE JA 158 2.74 -14.75 12.91
C PHE JA 158 2.69 -15.59 14.18
N LEU JA 159 3.85 -15.96 14.72
CA LEU JA 159 3.88 -16.76 15.94
C LEU JA 159 3.48 -15.93 17.15
N VAL JA 160 3.93 -14.67 17.21
CA VAL JA 160 3.59 -13.81 18.34
C VAL JA 160 2.10 -13.55 18.39
N LEU JA 161 1.48 -13.30 17.23
CA LEU JA 161 0.07 -12.93 17.20
C LEU JA 161 -0.82 -14.06 17.72
N GLY JA 162 -0.50 -15.30 17.37
CA GLY JA 162 -1.40 -16.40 17.68
C GLY JA 162 -0.89 -17.45 18.64
N LEU JA 163 0.42 -17.51 18.85
CA LEU JA 163 0.98 -18.56 19.70
C LEU JA 163 1.73 -18.02 20.91
N PHE JA 164 2.63 -17.05 20.73
CA PHE JA 164 3.49 -16.63 21.82
C PHE JA 164 2.76 -15.71 22.80
N ARG JA 165 2.13 -14.66 22.27
CA ARG JA 165 1.40 -13.74 23.15
C ARG JA 165 0.23 -14.40 23.87
N PRO JA 166 -0.61 -15.22 23.23
CA PRO JA 166 -1.65 -15.92 24.00
C PRO JA 166 -1.10 -16.78 25.13
N ILE JA 167 0.06 -17.41 24.92
CA ILE JA 167 0.68 -18.19 25.99
C ILE JA 167 1.15 -17.27 27.11
N LEU JA 168 1.83 -16.19 26.75
CA LEU JA 168 2.30 -15.24 27.76
C LEU JA 168 1.12 -14.57 28.47
N MET JA 169 0.07 -14.24 27.73
CA MET JA 169 -1.12 -13.65 28.34
C MET JA 169 -1.95 -14.68 29.11
N GLY JA 170 -1.64 -15.97 28.98
CA GLY JA 170 -2.35 -16.98 29.73
C GLY JA 170 -3.75 -17.27 29.25
N SER JA 171 -4.06 -17.00 27.99
CA SER JA 171 -5.40 -17.24 27.47
C SER JA 171 -5.32 -17.41 25.96
N TRP JA 172 -6.00 -18.43 25.45
CA TRP JA 172 -6.09 -18.62 24.00
C TRP JA 172 -6.99 -17.59 23.34
N SER JA 173 -7.77 -16.83 24.12
CA SER JA 173 -8.66 -15.82 23.57
C SER JA 173 -7.92 -14.66 22.94
N GLU JA 174 -6.61 -14.53 23.17
CA GLU JA 174 -5.84 -13.44 22.61
C GLU JA 174 -5.45 -13.67 21.16
N ALA JA 175 -5.77 -14.83 20.60
CA ALA JA 175 -5.44 -15.11 19.22
C ALA JA 175 -6.34 -14.30 18.28
N VAL JA 176 -6.01 -14.35 17.00
CA VAL JA 176 -6.68 -13.56 15.97
C VAL JA 176 -7.73 -14.45 15.29
N PRO JA 177 -8.98 -14.00 15.17
CA PRO JA 177 -10.00 -14.83 14.52
C PRO JA 177 -9.69 -15.05 13.03
N TYR JA 178 -10.14 -16.20 12.53
CA TYR JA 178 -9.91 -16.58 11.15
C TYR JA 178 -11.06 -16.06 10.29
N GLY JA 179 -11.03 -14.76 10.04
CA GLY JA 179 -12.05 -14.14 9.21
C GLY JA 179 -11.49 -12.94 8.47
N ILE JA 180 -12.17 -12.57 7.40
CA ILE JA 180 -11.75 -11.44 6.58
C ILE JA 180 -11.94 -10.15 7.37
N PHE JA 181 -13.18 -9.87 7.72
CA PHE JA 181 -13.51 -8.70 8.54
C PHE JA 181 -13.17 -8.93 10.01
N PRO JA 182 -13.41 -10.12 10.58
CA PRO JA 182 -13.11 -10.32 12.00
C PRO JA 182 -11.66 -10.07 12.40
N HIS JA 183 -10.67 -10.36 11.55
CA HIS JA 183 -9.32 -10.04 11.97
C HIS JA 183 -9.02 -8.56 11.78
N LEU JA 184 -9.84 -7.85 11.01
CA LEU JA 184 -9.84 -6.39 10.99
C LEU JA 184 -10.52 -5.83 12.24
N ASP JA 185 -11.62 -6.44 12.66
CA ASP JA 185 -12.24 -6.05 13.93
C ASP JA 185 -11.30 -6.32 15.09
N TRP JA 186 -10.60 -7.45 15.07
CA TRP JA 186 -9.61 -7.73 16.09
C TRP JA 186 -8.49 -6.70 16.06
N THR JA 187 -8.05 -6.32 14.86
CA THR JA 187 -7.00 -5.32 14.74
C THR JA 187 -7.43 -3.99 15.33
N THR JA 188 -8.67 -3.57 15.07
CA THR JA 188 -9.17 -2.33 15.66
C THR JA 188 -9.41 -2.49 17.16
N ALA JA 189 -10.00 -3.61 17.58
CA ALA JA 189 -10.27 -3.82 18.99
C ALA JA 189 -8.98 -3.95 19.80
N PHE JA 190 -7.94 -4.55 19.21
CA PHE JA 190 -6.67 -4.67 19.90
C PHE JA 190 -6.08 -3.29 20.19
N SER JA 191 -6.15 -2.38 19.23
CA SER JA 191 -5.66 -1.03 19.44
C SER JA 191 -6.47 -0.30 20.50
N ILE JA 192 -7.80 -0.46 20.47
CA ILE JA 192 -8.66 0.24 21.44
C ILE JA 192 -8.48 -0.33 22.83
N ARG JA 193 -8.38 -1.65 22.95
CA ARG JA 193 -8.34 -2.28 24.27
C ARG JA 193 -7.12 -1.83 25.05
N TYR JA 194 -5.97 -1.71 24.38
CA TYR JA 194 -4.70 -1.42 25.05
C TYR JA 194 -4.27 0.02 24.85
N GLY JA 195 -5.23 0.94 24.89
CA GLY JA 195 -4.94 2.37 24.76
C GLY JA 195 -5.04 2.83 23.31
N ASN JA 196 -3.90 3.19 22.72
CA ASN JA 196 -3.83 3.58 21.32
C ASN JA 196 -2.54 2.99 20.77
N LEU JA 197 -2.66 2.01 19.87
CA LEU JA 197 -1.47 1.35 19.36
C LEU JA 197 -0.62 2.27 18.49
N TYR JA 198 -1.14 3.44 18.10
CA TYR JA 198 -0.32 4.43 17.42
C TYR JA 198 0.86 4.85 18.30
N TYR JA 199 0.64 4.94 19.61
CA TYR JA 199 1.66 5.39 20.54
C TYR JA 199 2.57 4.26 21.00
N ASN JA 200 2.39 3.06 20.48
CA ASN JA 200 3.37 2.00 20.70
C ASN JA 200 4.62 2.32 19.90
N PRO JA 201 5.78 2.49 20.53
CA PRO JA 201 6.99 2.83 19.76
C PRO JA 201 7.36 1.79 18.74
N PHE JA 202 7.14 0.50 19.04
CA PHE JA 202 7.46 -0.54 18.07
C PHE JA 202 6.46 -0.61 16.94
N HIS JA 203 5.18 -0.30 17.22
CA HIS JA 203 4.23 -0.13 16.13
C HIS JA 203 4.63 1.05 15.25
N ALA JA 204 5.06 2.14 15.86
CA ALA JA 204 5.61 3.26 15.09
C ALA JA 204 6.88 2.84 14.36
N LEU JA 205 7.74 2.06 15.02
CA LEU JA 205 8.96 1.59 14.37
C LEU JA 205 8.63 0.66 13.21
N SER JA 206 7.67 -0.25 13.40
CA SER JA 206 7.28 -1.15 12.31
C SER JA 206 6.71 -0.38 11.14
N ILE JA 207 5.97 0.69 11.42
CA ILE JA 207 5.44 1.53 10.35
C ILE JA 207 6.57 2.23 9.60
N VAL JA 208 7.63 2.60 10.32
CA VAL JA 208 8.79 3.23 9.67
C VAL JA 208 9.39 2.28 8.64
N PHE JA 209 9.56 1.02 9.00
CA PHE JA 209 10.10 0.05 8.05
C PHE JA 209 9.07 -0.42 7.04
N LEU JA 210 7.78 -0.41 7.40
CA LEU JA 210 6.75 -0.69 6.41
C LEU JA 210 6.67 0.43 5.37
N TYR JA 211 6.69 1.68 5.83
CA TYR JA 211 6.78 2.80 4.90
C TYR JA 211 8.09 2.77 4.13
N GLY JA 212 9.19 2.48 4.81
CA GLY JA 212 10.47 2.41 4.14
C GLY JA 212 10.55 1.29 3.13
N SER JA 213 9.90 0.15 3.42
CA SER JA 213 9.91 -0.96 2.48
C SER JA 213 9.23 -0.60 1.18
N VAL JA 214 8.05 0.02 1.26
CA VAL JA 214 7.36 0.46 0.05
C VAL JA 214 8.11 1.61 -0.59
N LEU JA 215 8.69 2.50 0.23
CA LEU JA 215 9.46 3.61 -0.31
C LEU JA 215 10.71 3.12 -1.03
N LEU JA 216 11.43 2.18 -0.43
CA LEU JA 216 12.64 1.65 -1.07
C LEU JA 216 12.30 0.88 -2.33
N PHE JA 217 11.25 0.07 -2.28
CA PHE JA 217 11.00 -0.87 -3.36
C PHE JA 217 10.26 -0.18 -4.49
N ALA JA 218 9.70 1.00 -4.23
CA ALA JA 218 9.36 1.93 -5.29
C ALA JA 218 10.59 2.60 -5.87
N MET JA 219 11.52 3.01 -5.01
CA MET JA 219 12.78 3.61 -5.43
C MET JA 219 13.64 2.62 -6.20
N HIS JA 220 13.81 1.41 -5.65
CA HIS JA 220 14.62 0.40 -6.32
C HIS JA 220 13.99 -0.03 -7.63
N GLY JA 221 12.67 -0.21 -7.64
CA GLY JA 221 11.99 -0.59 -8.87
C GLY JA 221 12.09 0.48 -9.94
N ALA JA 222 11.92 1.74 -9.56
CA ALA JA 222 12.03 2.84 -10.52
C ALA JA 222 13.47 3.04 -10.98
N THR JA 223 14.42 2.96 -10.05
CA THR JA 223 15.82 3.16 -10.43
C THR JA 223 16.30 2.09 -11.38
N ILE JA 224 15.96 0.82 -11.11
CA ILE JA 224 16.37 -0.26 -12.00
C ILE JA 224 15.71 -0.12 -13.36
N LEU JA 225 14.42 0.21 -13.38
CA LEU JA 225 13.74 0.44 -14.65
C LEU JA 225 14.29 1.68 -15.36
N ALA JA 226 14.80 2.65 -14.60
CA ALA JA 226 15.42 3.82 -15.23
C ALA JA 226 16.76 3.47 -15.86
N VAL JA 227 17.48 2.51 -15.28
CA VAL JA 227 18.77 2.07 -15.79
C VAL JA 227 18.66 0.73 -16.49
N THR JA 228 17.45 0.24 -16.74
CA THR JA 228 17.30 -1.02 -17.47
C THR JA 228 17.73 -0.89 -18.92
N ARG JA 229 17.87 0.34 -19.43
CA ARG JA 229 18.46 0.55 -20.74
C ARG JA 229 19.94 0.22 -20.78
N PHE JA 230 20.57 0.09 -19.61
CA PHE JA 230 21.96 -0.35 -19.51
C PHE JA 230 22.08 -1.76 -18.97
N GLY JA 231 21.03 -2.57 -19.11
CA GLY JA 231 21.01 -3.90 -18.53
C GLY JA 231 21.01 -3.89 -17.02
N GLY JA 232 20.29 -2.94 -16.42
CA GLY JA 232 20.22 -2.86 -14.96
C GLY JA 232 19.39 -3.95 -14.33
N ASP JA 233 18.45 -4.54 -15.09
CA ASP JA 233 17.64 -5.63 -14.55
C ASP JA 233 18.46 -6.88 -14.29
N ARG JA 234 19.61 -7.02 -14.95
CA ARG JA 234 20.52 -8.13 -14.69
C ARG JA 234 21.47 -7.74 -13.54
N GLU JA 235 20.88 -7.67 -12.35
CA GLU JA 235 21.61 -7.15 -11.20
C GLU JA 235 22.79 -8.04 -10.81
N LEU JA 236 22.62 -9.36 -10.93
CA LEU JA 236 23.68 -10.27 -10.51
C LEU JA 236 24.95 -10.06 -11.33
N GLU JA 237 24.82 -9.94 -12.65
CA GLU JA 237 25.98 -9.67 -13.48
C GLU JA 237 26.56 -8.29 -13.18
N GLN JA 238 25.73 -7.36 -12.71
CA GLN JA 238 26.21 -6.05 -12.32
C GLN JA 238 26.92 -6.08 -10.97
N ILE JA 239 26.75 -7.14 -10.19
CA ILE JA 239 27.46 -7.27 -8.93
C ILE JA 239 28.86 -7.85 -9.18
N TYR JA 240 28.94 -8.90 -9.99
CA TYR JA 240 30.23 -9.51 -10.27
C TYR JA 240 31.07 -8.67 -11.22
N ASP JA 241 30.41 -7.88 -12.08
CA ASP JA 241 31.12 -7.00 -13.01
C ASP JA 241 30.28 -5.73 -13.17
N ARG JA 242 30.65 -4.69 -12.42
CA ARG JA 242 29.86 -3.46 -12.42
C ARG JA 242 29.88 -2.80 -13.79
N GLY JA 243 28.70 -2.60 -14.36
CA GLY JA 243 28.55 -1.85 -15.59
C GLY JA 243 28.12 -0.42 -15.34
N THR JA 244 27.82 0.28 -16.42
CA THR JA 244 27.34 1.65 -16.27
C THR JA 244 25.95 1.70 -15.65
N ALA JA 245 25.20 0.60 -15.67
CA ALA JA 245 23.90 0.59 -15.02
C ALA JA 245 24.03 0.79 -13.52
N SER JA 246 25.01 0.12 -12.90
CA SER JA 246 25.23 0.32 -11.47
C SER JA 246 25.82 1.68 -11.18
N GLU JA 247 26.65 2.21 -12.10
CA GLU JA 247 27.27 3.50 -11.87
C GLU JA 247 26.25 4.63 -11.93
N ARG JA 248 25.39 4.63 -12.96
CA ARG JA 248 24.39 5.69 -13.09
C ARG JA 248 23.32 5.58 -12.02
N ALA JA 249 22.94 4.34 -11.66
CA ALA JA 249 21.98 4.17 -10.57
C ALA JA 249 22.55 4.70 -9.26
N GLY JA 250 23.83 4.43 -8.99
CA GLY JA 250 24.47 4.98 -7.82
C GLY JA 250 24.62 6.49 -7.89
N LEU JA 251 25.03 7.01 -9.05
CA LEU JA 251 25.27 8.44 -9.17
C LEU JA 251 23.97 9.24 -9.17
N PHE JA 252 22.86 8.63 -9.61
CA PHE JA 252 21.57 9.31 -9.52
C PHE JA 252 21.21 9.60 -8.08
N TRP JA 253 21.40 8.62 -7.19
CA TRP JA 253 21.07 8.80 -5.79
C TRP JA 253 22.16 9.52 -5.01
N ARG JA 254 23.41 9.45 -5.48
CA ARG JA 254 24.46 10.23 -4.86
C ARG JA 254 24.28 11.72 -5.12
N TRP JA 255 23.88 12.07 -6.34
CA TRP JA 255 23.65 13.48 -6.67
C TRP JA 255 22.33 14.00 -6.12
N THR JA 256 21.40 13.11 -5.77
CA THR JA 256 20.10 13.52 -5.26
C THR JA 256 20.13 13.73 -3.75
N MET JA 257 20.64 12.74 -3.01
CA MET JA 257 20.59 12.77 -1.55
C MET JA 257 21.94 12.52 -0.89
N GLY JA 258 23.04 12.62 -1.64
CA GLY JA 258 24.36 12.64 -1.06
C GLY JA 258 24.99 11.30 -0.77
N PHE JA 259 24.27 10.19 -0.98
CA PHE JA 259 24.85 8.88 -0.75
C PHE JA 259 24.03 7.85 -1.51
N ASN JA 260 24.65 6.70 -1.77
CA ASN JA 260 24.05 5.68 -2.61
C ASN JA 260 24.43 4.30 -2.07
N ALA JA 261 24.18 3.28 -2.88
CA ALA JA 261 24.49 1.90 -2.57
C ALA JA 261 25.13 1.24 -3.78
N THR JA 262 25.49 -0.03 -3.62
CA THR JA 262 25.94 -0.85 -4.73
C THR JA 262 24.78 -1.70 -5.22
N MET JA 263 25.02 -2.42 -6.33
CA MET JA 263 23.98 -3.29 -6.87
C MET JA 263 23.67 -4.45 -5.93
N GLU JA 264 24.64 -4.88 -5.13
CA GLU JA 264 24.39 -5.88 -4.10
C GLU JA 264 23.92 -5.24 -2.80
N GLY JA 265 24.48 -4.09 -2.42
CA GLY JA 265 24.13 -3.45 -1.17
C GLY JA 265 22.72 -2.90 -1.14
N ILE JA 266 22.12 -2.67 -2.31
CA ILE JA 266 20.72 -2.22 -2.34
C ILE JA 266 19.81 -3.29 -1.77
N HIS JA 267 20.11 -4.56 -2.02
CA HIS JA 267 19.24 -5.63 -1.55
C HIS JA 267 19.43 -5.89 -0.06
N ARG JA 268 20.60 -5.54 0.48
CA ARG JA 268 20.78 -5.59 1.93
C ARG JA 268 19.90 -4.54 2.62
N TRP JA 269 19.83 -3.34 2.05
CA TRP JA 269 18.83 -2.37 2.51
C TRP JA 269 17.43 -2.91 2.27
N ALA JA 270 17.19 -3.51 1.11
CA ALA JA 270 15.89 -4.06 0.78
C ALA JA 270 15.52 -5.19 1.74
N TRP JA 271 16.46 -6.10 2.00
CA TRP JA 271 16.17 -7.23 2.87
C TRP JA 271 15.89 -6.78 4.30
N TRP JA 272 16.69 -5.86 4.82
CA TRP JA 272 16.62 -5.56 6.25
C TRP JA 272 15.41 -4.70 6.59
N PHE JA 273 15.05 -3.76 5.71
CA PHE JA 273 13.86 -2.95 5.97
C PHE JA 273 12.60 -3.80 5.97
N ALA JA 274 12.49 -4.74 5.02
CA ALA JA 274 11.34 -5.62 5.01
C ALA JA 274 11.35 -6.57 6.19
N VAL JA 275 12.53 -7.10 6.55
CA VAL JA 275 12.62 -8.03 7.67
C VAL JA 275 12.32 -7.34 8.99
N LEU JA 276 12.71 -6.08 9.13
CA LEU JA 276 12.47 -5.37 10.38
C LEU JA 276 11.02 -4.96 10.58
N THR JA 277 10.19 -5.05 9.54
CA THR JA 277 8.78 -4.69 9.69
C THR JA 277 8.03 -5.62 10.65
N PRO JA 278 8.12 -6.96 10.54
CA PRO JA 278 7.42 -7.80 11.51
C PRO JA 278 8.21 -8.03 12.78
N ILE JA 279 9.53 -7.87 12.71
CA ILE JA 279 10.36 -8.06 13.90
C ILE JA 279 10.04 -7.02 14.96
N THR JA 280 9.95 -5.75 14.55
CA THR JA 280 9.53 -4.71 15.49
C THR JA 280 8.05 -4.86 15.84
N GLY JA 281 7.23 -5.24 14.86
CA GLY JA 281 5.82 -5.48 15.15
C GLY JA 281 5.61 -6.62 16.12
N GLY JA 282 6.38 -7.70 15.96
CA GLY JA 282 6.29 -8.81 16.90
C GLY JA 282 6.67 -8.40 18.30
N ILE JA 283 7.69 -7.56 18.44
CA ILE JA 283 8.08 -7.07 19.76
C ILE JA 283 7.01 -6.15 20.33
N GLY JA 284 6.44 -5.28 19.49
CA GLY JA 284 5.40 -4.38 19.97
C GLY JA 284 4.14 -5.10 20.41
N ILE JA 285 3.75 -6.14 19.68
CA ILE JA 285 2.59 -6.93 20.08
C ILE JA 285 2.89 -7.74 21.33
N LEU JA 286 4.11 -8.28 21.42
CA LEU JA 286 4.49 -9.06 22.60
C LEU JA 286 4.53 -8.20 23.85
N LEU JA 287 4.88 -6.93 23.72
CA LEU JA 287 4.89 -6.01 24.85
C LEU JA 287 3.51 -5.43 25.15
N THR JA 288 2.51 -5.71 24.32
CA THR JA 288 1.17 -5.19 24.51
C THR JA 288 0.36 -6.16 25.37
N GLY JA 289 -0.13 -5.68 26.49
CA GLY JA 289 -0.87 -6.53 27.42
C GLY JA 289 0.00 -7.28 28.39
N THR JA 290 1.07 -7.90 27.88
CA THR JA 290 2.00 -8.60 28.77
C THR JA 290 2.76 -7.63 29.66
N VAL JA 291 2.96 -6.39 29.21
CA VAL JA 291 3.74 -5.40 29.92
C VAL JA 291 2.94 -4.12 30.16
N VAL JA 292 2.35 -3.56 29.10
CA VAL JA 292 1.89 -2.18 29.14
C VAL JA 292 0.39 -2.06 29.45
N ASP JA 293 -0.46 -2.62 28.59
CA ASP JA 293 -1.92 -2.59 28.73
C ASP JA 293 -2.54 -1.23 28.43
N ASN JA 294 -1.72 -0.19 28.23
CA ASN JA 294 -2.25 1.11 27.84
C ASN JA 294 -1.11 1.94 27.26
N TRP JA 295 -1.16 2.23 25.97
CA TRP JA 295 -0.04 2.84 25.29
C TRP JA 295 -0.09 4.37 25.32
N PHE JA 296 -1.27 4.97 25.24
CA PHE JA 296 -1.35 6.43 25.32
C PHE JA 296 -0.91 6.92 26.70
N LEU JA 297 -1.33 6.22 27.76
CA LEU JA 297 -0.84 6.55 29.08
C LEU JA 297 0.66 6.31 29.19
N TRP JA 298 1.17 5.29 28.50
CA TRP JA 298 2.61 5.10 28.39
C TRP JA 298 3.27 6.29 27.71
N ALA JA 299 2.62 6.82 26.66
CA ALA JA 299 3.14 8.00 25.98
C ALA JA 299 3.11 9.22 26.90
N VAL JA 300 2.02 9.38 27.65
CA VAL JA 300 1.93 10.51 28.60
C VAL JA 300 3.00 10.38 29.67
N GLU JA 301 3.21 9.17 30.16
CA GLU JA 301 4.23 8.95 31.20
C GLU JA 301 5.62 9.28 30.67
N HIS JA 302 5.91 8.91 29.43
CA HIS JA 302 7.22 9.13 28.84
C HIS JA 302 7.31 10.45 28.08
N ASN JA 303 6.25 11.27 28.12
CA ASN JA 303 6.29 12.64 27.62
C ASN JA 303 6.57 12.70 26.12
N PHE JA 304 5.76 11.98 25.36
CA PHE JA 304 5.74 12.20 23.91
C PHE JA 304 4.32 12.18 23.35
N ALA JA 305 3.31 12.33 24.21
CA ALA JA 305 1.93 12.49 23.75
C ALA JA 305 1.61 13.97 23.62
N PRO JA 306 1.21 14.46 22.46
CA PRO JA 306 0.94 15.90 22.32
C PRO JA 306 -0.20 16.35 23.19
N ASP JA 307 -0.13 17.60 23.62
CA ASP JA 307 -1.16 18.22 24.45
C ASP JA 307 -1.81 19.36 23.68
N TYR JA 308 -3.13 19.42 23.73
CA TYR JA 308 -3.92 20.41 23.01
C TYR JA 308 -4.58 21.37 23.97
N THR JA 309 -4.61 22.65 23.60
CA THR JA 309 -5.17 23.68 24.45
C THR JA 309 -6.56 24.15 24.03
N GLN JA 310 -6.98 23.82 22.81
CA GLN JA 310 -8.29 24.25 22.34
C GLN JA 310 -9.39 23.41 23.00
N ASP JA 311 -10.62 23.91 22.90
CA ASP JA 311 -11.77 23.22 23.46
C ASP JA 311 -12.16 22.03 22.58
N TYR JA 312 -13.01 21.17 23.14
CA TYR JA 312 -13.32 19.89 22.51
C TYR JA 312 -14.72 19.80 21.92
N GLY JA 313 -15.70 20.48 22.52
CA GLY JA 313 -17.06 20.38 22.01
C GLY JA 313 -17.24 21.09 20.69
N TYR JA 314 -18.30 20.70 19.98
CA TYR JA 314 -18.64 21.40 18.74
C TYR JA 314 -19.24 22.77 19.04
N GLU JA 315 -19.86 22.94 20.21
CA GLU JA 315 -20.41 24.24 20.59
C GLU JA 315 -19.33 25.30 20.71
N ALA JA 316 -18.08 24.90 20.93
CA ALA JA 316 -16.99 25.85 21.03
C ALA JA 316 -16.57 26.40 19.66
N TYR JA 317 -16.97 25.76 18.57
CA TYR JA 317 -16.60 26.18 17.23
C TYR JA 317 -17.77 26.57 16.36
N THR JA 318 -18.94 26.01 16.57
CA THR JA 318 -20.12 26.33 15.77
C THR JA 318 -21.36 26.00 16.58
N THR JA 319 -22.53 26.23 15.97
CA THR JA 319 -23.81 25.90 16.57
C THR JA 319 -24.51 24.85 15.72
N TYR JA 320 -25.43 24.13 16.35
CA TYR JA 320 -26.18 23.10 15.62
C TYR JA 320 -26.99 23.72 14.50
N ASP JA 321 -27.64 24.85 14.76
CA ASP JA 321 -28.38 25.54 13.71
C ASP JA 321 -27.44 26.09 12.65
N GLY JA 322 -26.28 26.61 13.07
CA GLY JA 322 -25.32 27.11 12.10
C GLY JA 322 -24.79 26.03 11.18
N PHE JA 323 -24.50 24.85 11.74
CA PHE JA 323 -24.06 23.73 10.91
C PHE JA 323 -25.15 23.31 9.94
N LEU JA 324 -26.40 23.25 10.41
CA LEU JA 324 -27.52 22.89 9.55
C LEU JA 324 -27.87 23.99 8.56
N GLY JA 325 -27.27 25.18 8.68
CA GLY JA 325 -27.60 26.29 7.80
C GLY JA 325 -28.99 26.83 7.98
N ARG JA 326 -29.46 26.93 9.22
CA ARG JA 326 -30.79 27.46 9.50
C ARG JA 326 -30.73 28.51 10.60
N ALA KA 2 33.11 15.01 -2.39
CA ALA KA 2 34.07 14.51 -3.36
C ALA KA 2 33.39 13.61 -4.38
N LEU KA 3 34.18 13.11 -5.33
CA LEU KA 3 33.66 12.26 -6.40
C LEU KA 3 33.67 10.80 -5.96
N LEU KA 4 33.41 9.90 -6.89
CA LEU KA 4 33.57 8.47 -6.70
C LEU KA 4 34.73 8.00 -7.57
N SER KA 5 34.98 6.68 -7.54
CA SER KA 5 36.02 6.12 -8.40
C SER KA 5 35.62 6.14 -9.87
N PHE KA 6 34.35 6.41 -10.18
CA PHE KA 6 33.87 6.41 -11.56
C PHE KA 6 32.99 7.61 -11.87
N GLU KA 7 32.88 8.59 -10.97
CA GLU KA 7 31.93 9.68 -11.11
C GLU KA 7 32.36 10.73 -12.12
N ARG KA 8 33.68 10.85 -12.38
CA ARG KA 8 34.16 11.98 -13.17
C ARG KA 8 33.60 11.98 -14.59
N LYS KA 9 33.52 10.81 -15.21
CA LYS KA 9 33.07 10.75 -16.60
C LYS KA 9 31.58 11.06 -16.75
N TYR KA 10 30.82 11.12 -15.66
CA TYR KA 10 29.40 11.41 -15.73
C TYR KA 10 29.06 12.88 -15.44
N ARG KA 11 29.96 13.62 -14.80
CA ARG KA 11 29.70 15.00 -14.41
C ARG KA 11 29.93 15.92 -15.60
N VAL KA 12 28.99 15.88 -16.53
CA VAL KA 12 29.08 16.66 -17.76
C VAL KA 12 28.09 17.81 -17.69
N ARG KA 13 28.38 18.85 -18.47
CA ARG KA 13 27.52 20.01 -18.57
C ARG KA 13 26.28 19.69 -19.40
N GLY KA 14 25.16 20.25 -19.02
CA GLY KA 14 23.91 20.08 -19.74
C GLY KA 14 22.90 19.26 -18.96
N GLY KA 15 21.76 19.04 -19.59
CA GLY KA 15 20.68 18.27 -19.01
C GLY KA 15 19.74 19.06 -18.14
N THR KA 16 19.93 20.37 -17.99
CA THR KA 16 19.05 21.18 -17.16
C THR KA 16 17.73 21.42 -17.87
N LEU KA 17 16.70 21.67 -17.06
CA LEU KA 17 15.40 22.09 -17.60
C LEU KA 17 15.28 23.60 -17.69
N ILE KA 18 15.91 24.33 -16.78
CA ILE KA 18 15.89 25.79 -16.77
C ILE KA 18 17.09 26.26 -15.97
N GLY KA 19 17.67 27.37 -16.39
CA GLY KA 19 18.81 27.95 -15.72
C GLY KA 19 20.15 27.66 -16.36
N GLY KA 20 20.22 26.62 -17.19
CA GLY KA 20 21.45 26.33 -17.91
C GLY KA 20 22.61 26.08 -16.98
N ASP KA 21 23.75 26.69 -17.28
CA ASP KA 21 24.96 26.53 -16.50
C ASP KA 21 25.09 27.54 -15.37
N LEU KA 22 24.09 28.41 -15.18
CA LEU KA 22 24.13 29.36 -14.07
C LEU KA 22 24.15 28.65 -12.73
N PHE KA 23 23.33 27.61 -12.58
CA PHE KA 23 23.31 26.81 -11.37
C PHE KA 23 23.91 25.42 -11.56
N ASP KA 24 24.33 25.07 -12.77
CA ASP KA 24 24.76 23.70 -13.08
C ASP KA 24 26.12 23.44 -12.46
N PHE KA 25 26.10 23.06 -11.18
CA PHE KA 25 27.30 22.65 -10.47
C PHE KA 25 26.90 21.73 -9.33
N TRP KA 26 27.91 21.14 -8.70
CA TRP KA 26 27.71 20.23 -7.57
C TRP KA 26 28.25 20.86 -6.30
N VAL KA 27 27.49 20.76 -5.22
CA VAL KA 27 27.94 21.14 -3.89
C VAL KA 27 28.10 19.84 -3.11
N GLY KA 28 29.35 19.46 -2.86
CA GLY KA 28 29.63 18.16 -2.30
C GLY KA 28 29.22 17.06 -3.25
N PRO KA 29 28.46 16.08 -2.75
CA PRO KA 29 27.95 15.04 -3.64
C PRO KA 29 26.63 15.45 -4.29
N PHE KA 30 25.92 16.38 -3.66
CA PHE KA 30 24.62 16.81 -4.15
C PHE KA 30 24.75 17.57 -5.46
N TYR KA 31 23.80 17.36 -6.36
CA TYR KA 31 23.69 18.16 -7.57
C TYR KA 31 22.81 19.36 -7.28
N VAL KA 32 23.29 20.55 -7.62
CA VAL KA 32 22.55 21.79 -7.46
C VAL KA 32 22.10 22.23 -8.83
N GLY KA 33 20.78 22.35 -9.03
CA GLY KA 33 20.23 22.92 -10.22
C GLY KA 33 19.44 24.19 -9.92
N PHE KA 34 18.62 24.60 -10.89
CA PHE KA 34 17.65 25.65 -10.61
C PHE KA 34 16.67 25.19 -9.55
N PHE KA 35 16.24 23.92 -9.63
CA PHE KA 35 15.33 23.36 -8.64
C PHE KA 35 16.05 22.88 -7.39
N GLY KA 36 17.37 22.75 -7.43
CA GLY KA 36 18.12 22.57 -6.20
C GLY KA 36 18.25 23.85 -5.42
N VAL KA 37 18.25 24.99 -6.11
CA VAL KA 37 18.22 26.29 -5.44
C VAL KA 37 16.87 26.50 -4.78
N THR KA 38 15.78 26.23 -5.51
CA THR KA 38 14.45 26.39 -4.95
C THR KA 38 14.17 25.35 -3.86
N THR KA 39 14.72 24.15 -3.99
CA THR KA 39 14.60 23.17 -2.92
C THR KA 39 15.27 23.69 -1.66
N ALA KA 40 16.46 24.27 -1.79
CA ALA KA 40 17.16 24.80 -0.62
C ALA KA 40 16.37 25.93 0.02
N PHE KA 41 15.78 26.81 -0.79
CA PHE KA 41 15.00 27.92 -0.25
C PHE KA 41 13.74 27.42 0.44
N PHE KA 42 12.99 26.55 -0.22
CA PHE KA 42 11.71 26.10 0.34
C PHE KA 42 11.92 25.19 1.55
N ALA KA 43 12.87 24.26 1.47
CA ALA KA 43 13.10 23.35 2.59
C ALA KA 43 13.62 24.09 3.80
N LEU KA 44 14.54 25.03 3.61
CA LEU KA 44 15.08 25.78 4.75
C LEU KA 44 14.01 26.72 5.33
N LEU KA 45 13.26 27.41 4.47
CA LEU KA 45 12.21 28.29 4.97
C LEU KA 45 11.14 27.50 5.70
N GLY KA 46 10.73 26.36 5.15
CA GLY KA 46 9.75 25.53 5.83
C GLY KA 46 10.26 24.98 7.14
N THR KA 47 11.51 24.52 7.16
CA THR KA 47 12.09 23.97 8.39
C THR KA 47 12.23 25.05 9.46
N ILE KA 48 12.69 26.24 9.08
CA ILE KA 48 12.85 27.31 10.06
C ILE KA 48 11.50 27.75 10.61
N LEU KA 49 10.49 27.88 9.75
CA LEU KA 49 9.17 28.28 10.20
C LEU KA 49 8.57 27.27 11.15
N ILE KA 50 8.90 25.98 10.97
CA ILE KA 50 8.46 24.96 11.93
C ILE KA 50 9.06 25.24 13.30
N PHE KA 51 10.36 25.55 13.34
CA PHE KA 51 11.00 25.82 14.62
C PHE KA 51 10.61 27.19 15.16
N TRP KA 52 10.30 28.14 14.30
CA TRP KA 52 9.73 29.41 14.76
C TRP KA 52 8.37 29.19 15.39
N GLY KA 53 7.53 28.36 14.76
CA GLY KA 53 6.26 28.01 15.37
C GLY KA 53 6.43 27.18 16.62
N ALA KA 54 7.45 26.31 16.65
CA ALA KA 54 7.73 25.55 17.85
C ALA KA 54 8.16 26.44 19.00
N SER KA 55 8.93 27.50 18.70
CA SER KA 55 9.39 28.41 19.75
C SER KA 55 8.21 29.09 20.42
N GLN KA 56 7.27 29.62 19.64
CA GLN KA 56 6.12 30.29 20.23
C GLN KA 56 5.13 29.29 20.80
N GLN KA 57 5.13 28.05 20.31
CA GLN KA 57 4.30 27.01 20.91
C GLN KA 57 4.72 26.69 22.34
N GLY KA 58 5.97 26.99 22.70
CA GLY KA 58 6.45 26.81 24.05
C GLY KA 58 7.33 25.59 24.24
N THR KA 59 7.41 24.69 23.27
CA THR KA 59 8.22 23.49 23.39
C THR KA 59 9.04 23.28 22.13
N PHE KA 60 10.26 22.80 22.30
CA PHE KA 60 11.11 22.38 21.20
C PHE KA 60 11.24 20.87 21.11
N ASN KA 61 10.50 20.14 21.93
CA ASN KA 61 10.53 18.68 21.93
C ASN KA 61 10.04 18.18 20.57
N PRO KA 62 10.85 17.43 19.82
CA PRO KA 62 10.41 16.98 18.49
C PRO KA 62 9.13 16.16 18.53
N TRP KA 63 8.90 15.41 19.61
CA TRP KA 63 7.65 14.67 19.72
C TRP KA 63 6.46 15.60 19.91
N LEU KA 64 6.64 16.68 20.68
CA LEU KA 64 5.53 17.56 21.04
C LEU KA 64 5.38 18.76 20.12
N ILE KA 65 6.28 18.96 19.16
CA ILE KA 65 6.11 20.05 18.21
C ILE KA 65 4.85 19.79 17.38
N ASN KA 66 4.02 20.81 17.25
CA ASN KA 66 2.73 20.66 16.58
C ASN KA 66 2.34 21.98 15.93
N ILE KA 67 2.46 22.04 14.61
CA ILE KA 67 1.96 23.16 13.83
C ILE KA 67 0.67 22.70 13.18
N ALA KA 68 -0.45 23.13 13.74
CA ALA KA 68 -1.76 22.65 13.33
C ALA KA 68 -2.39 23.58 12.30
N PRO KA 69 -3.26 23.05 11.44
CA PRO KA 69 -3.98 23.89 10.49
C PRO KA 69 -4.97 24.79 11.21
N PRO KA 70 -5.51 25.80 10.52
CA PRO KA 70 -6.49 26.68 11.16
C PRO KA 70 -7.79 25.93 11.47
N ASP KA 71 -8.69 26.66 12.14
CA ASP KA 71 -10.00 26.11 12.43
C ASP KA 71 -10.82 25.98 11.14
N LEU KA 72 -11.85 25.13 11.21
CA LEU KA 72 -12.73 24.96 10.06
C LEU KA 72 -13.54 26.21 9.75
N SER KA 73 -13.63 27.14 10.71
CA SER KA 73 -14.37 28.38 10.47
C SER KA 73 -13.65 29.28 9.47
N TYR KA 74 -12.33 29.20 9.39
CA TYR KA 74 -11.58 30.05 8.46
C TYR KA 74 -11.80 29.66 7.01
N GLY KA 75 -12.35 28.46 6.75
CA GLY KA 75 -12.61 28.07 5.38
C GLY KA 75 -11.32 27.91 4.59
N LEU KA 76 -11.37 28.34 3.33
CA LEU KA 76 -10.23 28.26 2.44
C LEU KA 76 -9.38 29.51 2.43
N GLY KA 77 -9.74 30.52 3.24
CA GLY KA 77 -8.96 31.74 3.29
C GLY KA 77 -7.75 31.62 4.21
N MET KA 78 -6.93 32.66 4.17
CA MET KA 78 -5.74 32.69 5.02
C MET KA 78 -6.14 32.99 6.46
N ALA KA 79 -5.44 32.37 7.39
CA ALA KA 79 -5.66 32.54 8.82
C ALA KA 79 -4.50 33.29 9.44
N PRO KA 80 -4.67 33.82 10.66
CA PRO KA 80 -3.54 34.42 11.36
C PRO KA 80 -2.42 33.41 11.52
N LEU KA 81 -1.18 33.90 11.40
CA LEU KA 81 -0.04 32.99 11.28
C LEU KA 81 0.10 32.10 12.50
N MET KA 82 -0.33 32.56 13.67
CA MET KA 82 -0.27 31.73 14.86
C MET KA 82 -1.62 31.14 15.22
N GLU KA 83 -2.63 31.33 14.39
CA GLU KA 83 -3.93 30.67 14.53
C GLU KA 83 -4.13 29.65 13.41
N GLY KA 84 -3.04 29.09 12.89
CA GLY KA 84 -3.08 28.16 11.79
C GLY KA 84 -2.52 28.67 10.49
N GLY KA 85 -2.11 29.94 10.42
CA GLY KA 85 -1.58 30.48 9.18
C GLY KA 85 -0.18 30.00 8.86
N LEU KA 86 0.62 29.70 9.90
CA LEU KA 86 1.96 29.19 9.66
C LEU KA 86 1.92 27.83 8.98
N TRP KA 87 0.95 27.00 9.35
CA TRP KA 87 0.77 25.71 8.68
C TRP KA 87 0.52 25.89 7.19
N GLN KA 88 -0.23 26.94 6.82
CA GLN KA 88 -0.52 27.19 5.42
C GLN KA 88 0.74 27.58 4.66
N ILE KA 89 1.61 28.38 5.27
CA ILE KA 89 2.85 28.77 4.60
C ILE KA 89 3.80 27.58 4.49
N ILE KA 90 3.92 26.80 5.56
CA ILE KA 90 4.79 25.63 5.53
C ILE KA 90 4.30 24.64 4.49
N THR KA 91 2.97 24.51 4.34
CA THR KA 91 2.42 23.67 3.29
C THR KA 91 2.82 24.17 1.92
N ILE KA 92 2.78 25.48 1.71
CA ILE KA 92 3.23 26.05 0.44
C ILE KA 92 4.71 25.79 0.24
N CYS KA 93 5.50 25.97 1.30
CA CYS KA 93 6.93 25.66 1.22
C CYS KA 93 7.16 24.18 0.99
N ALA KA 94 6.39 23.33 1.68
CA ALA KA 94 6.55 21.88 1.49
C ALA KA 94 6.18 21.45 0.09
N ILE KA 95 5.08 21.98 -0.45
CA ILE KA 95 4.69 21.66 -1.82
C ILE KA 95 5.74 22.15 -2.80
N GLY KA 96 6.24 23.37 -2.59
CA GLY KA 96 7.30 23.89 -3.44
C GLY KA 96 8.59 23.10 -3.32
N ALA KA 97 8.89 22.60 -2.11
CA ALA KA 97 10.10 21.80 -1.94
C ALA KA 97 9.96 20.42 -2.57
N PHE KA 98 8.79 19.81 -2.44
CA PHE KA 98 8.59 18.48 -3.00
C PHE KA 98 8.59 18.51 -4.52
N VAL KA 99 7.90 19.49 -5.11
CA VAL KA 99 7.88 19.61 -6.57
C VAL KA 99 9.27 19.92 -7.09
N SER KA 100 9.99 20.81 -6.41
CA SER KA 100 11.36 21.13 -6.81
C SER KA 100 12.26 19.89 -6.68
N TRP KA 101 12.06 19.11 -5.63
CA TRP KA 101 12.85 17.88 -5.46
C TRP KA 101 12.59 16.91 -6.60
N ALA KA 102 11.32 16.74 -6.99
CA ALA KA 102 11.01 15.88 -8.12
C ALA KA 102 11.59 16.43 -9.41
N LEU KA 103 11.49 17.75 -9.61
CA LEU KA 103 12.04 18.36 -10.81
C LEU KA 103 13.56 18.35 -10.81
N ARG KA 104 14.17 18.43 -9.62
CA ARG KA 104 15.62 18.31 -9.53
C ARG KA 104 16.05 16.91 -9.94
N GLU KA 105 15.29 15.89 -9.55
CA GLU KA 105 15.59 14.52 -9.97
C GLU KA 105 15.49 14.36 -11.48
N VAL KA 106 14.57 15.11 -12.12
CA VAL KA 106 14.47 15.06 -13.57
C VAL KA 106 15.76 15.55 -14.22
N GLU KA 107 16.32 16.65 -13.69
CA GLU KA 107 17.58 17.16 -14.21
C GLU KA 107 18.71 16.17 -13.99
N ILE KA 108 18.72 15.50 -12.83
CA ILE KA 108 19.79 14.56 -12.52
C ILE KA 108 19.74 13.36 -13.48
N CYS KA 109 18.56 12.77 -13.65
CA CYS KA 109 18.44 11.60 -14.52
C CYS KA 109 18.51 11.97 -15.98
N ARG KA 110 18.23 13.23 -16.34
CA ARG KA 110 18.45 13.68 -17.71
C ARG KA 110 19.93 13.83 -18.01
N LYS KA 111 20.70 14.29 -17.02
CA LYS KA 111 22.15 14.42 -17.20
C LYS KA 111 22.83 13.07 -17.24
N LEU KA 112 22.23 12.04 -16.64
CA LEU KA 112 22.78 10.70 -16.65
C LEU KA 112 22.23 9.84 -17.79
N GLY KA 113 21.32 10.38 -18.60
CA GLY KA 113 20.78 9.63 -19.72
C GLY KA 113 20.00 8.40 -19.32
N MET KA 114 19.29 8.46 -18.20
CA MET KA 114 18.48 7.35 -17.73
C MET KA 114 17.02 7.74 -17.72
N GLY KA 115 16.16 6.76 -17.45
CA GLY KA 115 14.74 7.00 -17.48
C GLY KA 115 14.27 7.87 -16.34
N TYR KA 116 13.07 8.44 -16.53
CA TYR KA 116 12.44 9.32 -15.55
C TYR KA 116 11.51 8.57 -14.61
N HIS KA 117 11.76 7.29 -14.37
CA HIS KA 117 10.89 6.49 -13.51
C HIS KA 117 10.89 7.01 -12.07
N VAL KA 118 12.07 7.35 -11.55
CA VAL KA 118 12.15 7.80 -10.16
C VAL KA 118 11.39 9.10 -9.91
N PRO KA 119 11.59 10.16 -10.69
CA PRO KA 119 10.77 11.36 -10.46
C PRO KA 119 9.29 11.12 -10.64
N PHE KA 120 8.91 10.23 -11.56
CA PHE KA 120 7.50 9.88 -11.69
C PHE KA 120 7.00 9.14 -10.46
N ALA KA 121 7.80 8.20 -9.95
CA ALA KA 121 7.40 7.47 -8.76
C ALA KA 121 7.31 8.39 -7.55
N PHE KA 122 8.24 9.34 -7.43
CA PHE KA 122 8.15 10.32 -6.36
C PHE KA 122 6.93 11.20 -6.50
N SER KA 123 6.53 11.49 -7.74
CA SER KA 123 5.34 12.31 -7.97
C SER KA 123 4.08 11.64 -7.42
N VAL KA 124 4.06 10.31 -7.40
CA VAL KA 124 2.95 9.61 -6.76
C VAL KA 124 2.96 9.84 -5.26
N ALA KA 125 4.14 9.81 -4.65
CA ALA KA 125 4.25 10.16 -3.23
C ALA KA 125 3.85 11.60 -2.99
N ILE KA 126 4.25 12.50 -3.89
CA ILE KA 126 3.81 13.89 -3.79
C ILE KA 126 2.30 13.97 -3.93
N PHE KA 127 1.73 13.24 -4.90
CA PHE KA 127 0.29 13.23 -5.09
C PHE KA 127 -0.43 12.73 -3.84
N ALA KA 128 0.14 11.71 -3.19
CA ALA KA 128 -0.45 11.22 -1.95
C ALA KA 128 -0.40 12.28 -0.86
N TYR KA 129 0.67 13.07 -0.82
CA TYR KA 129 0.73 14.17 0.13
C TYR KA 129 -0.17 15.32 -0.31
N VAL KA 130 -0.18 15.63 -1.61
CA VAL KA 130 -1.00 16.71 -2.13
C VAL KA 130 -2.48 16.44 -1.90
N THR KA 131 -2.93 15.21 -2.16
CA THR KA 131 -4.32 14.87 -1.91
C THR KA 131 -4.67 14.88 -0.43
N LEU KA 132 -3.67 14.89 0.46
CA LEU KA 132 -3.91 14.92 1.89
C LEU KA 132 -3.95 16.32 2.46
N VAL KA 133 -3.33 17.29 1.81
CA VAL KA 133 -3.08 18.59 2.45
C VAL KA 133 -3.80 19.70 1.71
N VAL KA 134 -4.04 19.53 0.40
CA VAL KA 134 -4.73 20.58 -0.34
C VAL KA 134 -5.97 20.05 -1.06
N PHE KA 135 -5.86 18.90 -1.73
CA PHE KA 135 -6.99 18.41 -2.51
C PHE KA 135 -8.17 18.05 -1.62
N ARG KA 136 -7.94 17.24 -0.59
CA ARG KA 136 -9.03 16.90 0.32
C ARG KA 136 -9.54 18.11 1.09
N PRO KA 137 -8.69 18.98 1.66
CA PRO KA 137 -9.24 20.21 2.25
C PRO KA 137 -10.01 21.09 1.27
N LEU KA 138 -9.58 21.14 0.01
CA LEU KA 138 -10.31 21.93 -0.98
C LEU KA 138 -11.71 21.37 -1.21
N LEU KA 139 -11.82 20.04 -1.32
CA LEU KA 139 -13.11 19.42 -1.53
C LEU KA 139 -14.02 19.58 -0.31
N MET KA 140 -13.44 19.54 0.88
CA MET KA 140 -14.21 19.65 2.11
C MET KA 140 -14.37 21.09 2.57
N GLY KA 141 -13.77 22.06 1.86
CA GLY KA 141 -14.07 23.46 2.08
C GLY KA 141 -13.34 24.15 3.20
N ALA KA 142 -12.28 23.55 3.74
CA ALA KA 142 -11.53 24.19 4.81
C ALA KA 142 -10.13 23.62 4.86
N TRP KA 143 -9.14 24.50 5.10
CA TRP KA 143 -7.76 24.05 5.25
C TRP KA 143 -7.53 23.30 6.55
N GLY KA 144 -8.46 23.34 7.49
CA GLY KA 144 -8.30 22.64 8.75
C GLY KA 144 -8.41 21.14 8.66
N HIS KA 145 -8.72 20.60 7.49
CA HIS KA 145 -8.83 19.17 7.29
C HIS KA 145 -7.50 18.51 6.95
N GLY KA 146 -6.44 19.30 6.75
CA GLY KA 146 -5.12 18.73 6.55
C GLY KA 146 -4.52 18.23 7.84
N PHE KA 147 -3.54 17.35 7.71
CA PHE KA 147 -2.92 16.83 8.92
C PHE KA 147 -1.92 17.84 9.48
N PRO KA 148 -1.78 17.91 10.80
CA PRO KA 148 -0.83 18.84 11.39
C PRO KA 148 0.60 18.37 11.18
N TYR KA 149 1.54 19.28 11.39
CA TYR KA 149 2.95 19.01 11.17
C TYR KA 149 3.61 18.71 12.51
N GLY KA 150 3.35 17.50 13.01
CA GLY KA 150 3.97 17.03 14.23
C GLY KA 150 4.27 15.56 14.12
N ILE KA 151 5.34 15.13 14.79
CA ILE KA 151 5.76 13.74 14.71
C ILE KA 151 4.69 12.82 15.29
N TRP KA 152 4.15 13.18 16.45
CA TRP KA 152 3.05 12.43 17.05
C TRP KA 152 1.71 13.14 16.94
N SER KA 153 1.70 14.44 16.68
CA SER KA 153 0.44 15.16 16.51
C SER KA 153 -0.27 14.74 15.24
N HIS KA 154 0.47 14.40 14.18
CA HIS KA 154 -0.16 13.96 12.94
C HIS KA 154 -0.63 12.52 13.00
N LEU KA 155 -0.26 11.77 14.05
CA LEU KA 155 -0.86 10.47 14.27
C LEU KA 155 -2.25 10.58 14.87
N ASP KA 156 -2.50 11.61 15.68
CA ASP KA 156 -3.84 11.83 16.21
C ASP KA 156 -4.81 12.20 15.11
N TRP KA 157 -4.35 12.94 14.11
CA TRP KA 157 -5.20 13.26 12.96
C TRP KA 157 -5.58 11.99 12.21
N VAL KA 158 -4.63 11.08 12.00
CA VAL KA 158 -4.93 9.83 11.33
C VAL KA 158 -5.92 9.01 12.16
N SER KA 159 -5.70 8.96 13.47
CA SER KA 159 -6.59 8.19 14.34
C SER KA 159 -7.99 8.78 14.35
N ASN KA 160 -8.11 10.11 14.43
CA ASN KA 160 -9.43 10.74 14.45
C ASN KA 160 -10.11 10.65 13.09
N THR KA 161 -9.36 10.89 12.01
CA THR KA 161 -9.94 10.76 10.68
C THR KA 161 -10.33 9.31 10.39
N GLY KA 162 -9.57 8.35 10.90
CA GLY KA 162 -9.95 6.96 10.74
C GLY KA 162 -11.27 6.63 11.42
N TYR KA 163 -11.43 7.11 12.65
CA TYR KA 163 -12.67 6.87 13.40
C TYR KA 163 -13.76 7.87 13.05
N ALA KA 164 -13.49 8.84 12.17
CA ALA KA 164 -14.55 9.69 11.68
C ALA KA 164 -15.52 8.95 10.78
N TYR KA 165 -15.21 7.70 10.41
CA TYR KA 165 -16.08 6.88 9.59
C TYR KA 165 -16.37 5.54 10.26
N LEU KA 166 -16.16 5.49 11.57
CA LEU KA 166 -16.67 4.51 12.54
C LEU KA 166 -15.98 3.15 12.49
N HIS KA 167 -15.34 2.80 11.38
CA HIS KA 167 -14.41 1.70 11.36
C HIS KA 167 -13.64 1.81 10.05
N PHE KA 168 -12.41 2.31 10.08
CA PHE KA 168 -11.84 2.72 8.80
C PHE KA 168 -11.26 1.55 8.03
N HIS KA 169 -11.15 0.37 8.66
CA HIS KA 169 -10.68 -0.81 7.95
C HIS KA 169 -11.66 -1.23 6.86
N TYR KA 170 -12.95 -0.94 7.04
CA TYR KA 170 -13.97 -1.31 6.06
C TYR KA 170 -13.96 -0.42 4.82
N ASN KA 171 -13.08 0.56 4.77
CA ASN KA 171 -12.93 1.36 3.56
C ASN KA 171 -12.44 0.45 2.44
N PRO KA 172 -13.19 0.29 1.34
CA PRO KA 172 -12.74 -0.63 0.28
C PRO KA 172 -11.42 -0.23 -0.35
N ALA KA 173 -11.16 1.07 -0.49
CA ALA KA 173 -9.89 1.51 -1.04
C ALA KA 173 -8.75 1.37 -0.04
N HIS KA 174 -9.05 1.47 1.26
CA HIS KA 174 -8.05 1.17 2.27
C HIS KA 174 -7.62 -0.29 2.21
N MET KA 175 -8.59 -1.20 2.00
CA MET KA 175 -8.25 -2.61 1.87
C MET KA 175 -7.32 -2.86 0.70
N ILE KA 176 -7.62 -2.25 -0.44
CA ILE KA 176 -6.76 -2.38 -1.62
C ILE KA 176 -5.40 -1.77 -1.34
N ALA KA 177 -5.36 -0.58 -0.73
CA ALA KA 177 -4.10 0.08 -0.47
C ALA KA 177 -3.26 -0.68 0.56
N VAL KA 178 -3.90 -1.17 1.63
CA VAL KA 178 -3.16 -1.92 2.64
C VAL KA 178 -2.63 -3.23 2.06
N THR KA 179 -3.44 -3.89 1.25
CA THR KA 179 -3.00 -5.11 0.59
C THR KA 179 -1.76 -4.87 -0.26
N PHE KA 180 -1.61 -3.66 -0.81
CA PHE KA 180 -0.43 -3.35 -1.60
C PHE KA 180 0.79 -3.12 -0.73
N PHE KA 181 0.62 -2.51 0.45
CA PHE KA 181 1.76 -2.32 1.35
C PHE KA 181 2.31 -3.64 1.86
N PHE KA 182 1.42 -4.53 2.33
CA PHE KA 182 1.88 -5.79 2.90
C PHE KA 182 2.48 -6.71 1.85
N THR KA 183 2.12 -6.52 0.57
CA THR KA 183 2.66 -7.25 -0.56
C THR KA 183 3.90 -6.59 -1.14
N THR KA 184 3.96 -5.25 -1.15
CA THR KA 184 5.17 -4.57 -1.56
C THR KA 184 6.33 -4.93 -0.64
N THR KA 185 6.06 -5.02 0.66
CA THR KA 185 7.08 -5.49 1.59
C THR KA 185 7.32 -6.98 1.41
N LEU KA 186 6.28 -7.74 1.04
CA LEU KA 186 6.47 -9.13 0.64
C LEU KA 186 7.39 -9.25 -0.56
N ALA KA 187 7.16 -8.44 -1.59
CA ALA KA 187 8.00 -8.50 -2.77
C ALA KA 187 9.41 -8.01 -2.47
N LEU KA 188 9.53 -6.96 -1.65
CA LEU KA 188 10.85 -6.46 -1.28
C LEU KA 188 11.65 -7.49 -0.48
N ALA KA 189 11.00 -8.19 0.45
CA ALA KA 189 11.71 -9.17 1.26
C ALA KA 189 12.20 -10.33 0.40
N LEU KA 190 11.36 -10.83 -0.50
CA LEU KA 190 11.75 -11.99 -1.30
C LEU KA 190 12.72 -11.59 -2.41
N HIS KA 191 12.48 -10.45 -3.06
CA HIS KA 191 13.39 -10.02 -4.12
C HIS KA 191 14.77 -9.70 -3.55
N GLY KA 192 14.83 -8.98 -2.42
CA GLY KA 192 16.10 -8.75 -1.78
C GLY KA 192 16.76 -10.03 -1.31
N ALA KA 193 15.96 -11.04 -0.96
CA ALA KA 193 16.52 -12.31 -0.51
C ALA KA 193 17.13 -13.10 -1.67
N LEU KA 194 16.48 -13.08 -2.83
CA LEU KA 194 17.00 -13.87 -3.95
C LEU KA 194 18.36 -13.38 -4.40
N VAL KA 195 18.49 -12.07 -4.59
CA VAL KA 195 19.77 -11.51 -5.03
C VAL KA 195 20.85 -11.76 -3.98
N LEU KA 196 20.52 -11.57 -2.71
CA LEU KA 196 21.48 -11.83 -1.64
C LEU KA 196 21.83 -13.31 -1.56
N SER KA 197 20.82 -14.19 -1.68
CA SER KA 197 21.09 -15.62 -1.61
C SER KA 197 21.94 -16.09 -2.79
N ALA KA 198 21.68 -15.58 -3.99
CA ALA KA 198 22.47 -15.98 -5.15
C ALA KA 198 23.87 -15.41 -5.09
N ALA KA 199 24.01 -14.14 -4.71
CA ALA KA 199 25.32 -13.51 -4.64
C ALA KA 199 26.12 -13.93 -3.42
N ASN KA 200 25.46 -14.45 -2.39
CA ASN KA 200 26.12 -14.89 -1.17
C ASN KA 200 25.72 -16.32 -0.87
N PRO KA 201 26.28 -17.28 -1.60
CA PRO KA 201 25.99 -18.69 -1.32
C PRO KA 201 26.72 -19.15 -0.07
N PRO KA 202 26.53 -20.39 0.37
CA PRO KA 202 27.31 -20.89 1.50
C PRO KA 202 28.80 -20.82 1.20
N LYS KA 203 29.58 -20.56 2.26
CA LYS KA 203 31.01 -20.34 2.11
C LYS KA 203 31.69 -21.51 1.42
N GLY KA 204 32.55 -21.21 0.46
CA GLY KA 204 33.25 -22.22 -0.30
C GLY KA 204 32.54 -22.69 -1.55
N GLU KA 205 31.46 -22.03 -1.96
CA GLU KA 205 30.71 -22.42 -3.14
C GLU KA 205 30.56 -21.23 -4.08
N GLU KA 206 30.47 -21.54 -5.37
CA GLU KA 206 30.42 -20.49 -6.39
C GLU KA 206 29.14 -19.68 -6.29
N VAL KA 207 29.24 -18.40 -6.64
CA VAL KA 207 28.05 -17.57 -6.73
C VAL KA 207 27.16 -18.05 -7.86
N LYS KA 208 25.88 -17.69 -7.78
CA LYS KA 208 24.87 -18.14 -8.72
C LYS KA 208 24.49 -17.03 -9.67
N GLY KA 209 23.98 -17.42 -10.83
CA GLY KA 209 23.53 -16.48 -11.82
C GLY KA 209 22.02 -16.28 -11.78
N PRO KA 210 21.48 -15.56 -12.76
CA PRO KA 210 20.02 -15.34 -12.79
C PRO KA 210 19.22 -16.63 -12.92
N ASP KA 211 19.80 -17.67 -13.51
CA ASP KA 211 19.07 -18.92 -13.69
C ASP KA 211 18.75 -19.58 -12.36
N ASN KA 212 19.71 -19.54 -11.42
CA ASN KA 212 19.52 -20.23 -10.15
C ASN KA 212 18.40 -19.62 -9.34
N GLU KA 213 18.30 -18.28 -9.32
CA GLU KA 213 17.16 -17.65 -8.64
C GLU KA 213 15.89 -17.77 -9.46
N ASP KA 214 16.01 -17.86 -10.79
CA ASP KA 214 14.84 -18.07 -11.63
C ASP KA 214 14.19 -19.42 -11.35
N THR KA 215 15.01 -20.45 -11.15
CA THR KA 215 14.51 -21.78 -10.87
C THR KA 215 14.25 -22.02 -9.39
N PHE KA 216 14.61 -21.08 -8.51
CA PHE KA 216 14.39 -21.30 -7.08
C PHE KA 216 12.91 -21.10 -6.73
N PHE KA 217 12.35 -19.93 -7.03
CA PHE KA 217 10.93 -19.74 -6.83
C PHE KA 217 10.09 -20.58 -7.78
N ARG KA 218 10.66 -21.02 -8.90
CA ARG KA 218 10.00 -22.06 -9.67
C ARG KA 218 9.89 -23.34 -8.85
N ASP KA 219 10.96 -23.70 -8.15
CA ASP KA 219 10.89 -24.84 -7.24
C ASP KA 219 10.12 -24.50 -5.97
N PHE KA 220 10.10 -23.22 -5.59
CA PHE KA 220 9.47 -22.81 -4.33
C PHE KA 220 7.97 -22.64 -4.50
N ILE KA 221 7.54 -21.71 -5.34
CA ILE KA 221 6.13 -21.37 -5.49
C ILE KA 221 5.59 -21.72 -6.86
N GLY KA 222 6.39 -22.38 -7.69
CA GLY KA 222 5.93 -22.83 -8.99
C GLY KA 222 5.96 -21.78 -10.08
N TYR KA 223 6.41 -20.57 -9.79
CA TYR KA 223 6.46 -19.52 -10.80
C TYR KA 223 7.48 -18.47 -10.40
N SER KA 224 8.23 -17.97 -11.39
CA SER KA 224 9.18 -16.89 -11.19
C SER KA 224 8.91 -15.80 -12.21
N ILE KA 225 8.77 -14.56 -11.74
CA ILE KA 225 8.44 -13.45 -12.63
C ILE KA 225 9.65 -12.92 -13.37
N GLY KA 226 10.86 -13.32 -12.97
CA GLY KA 226 12.07 -12.93 -13.67
C GLY KA 226 12.77 -11.76 -13.00
N THR KA 227 13.99 -11.52 -13.47
CA THR KA 227 14.78 -10.42 -12.92
C THR KA 227 14.22 -9.07 -13.32
N LEU KA 228 13.83 -8.91 -14.58
CA LEU KA 228 13.25 -7.65 -15.02
C LEU KA 228 11.81 -7.51 -14.54
N GLY KA 229 11.05 -8.60 -14.53
CA GLY KA 229 9.65 -8.53 -14.18
C GLY KA 229 9.42 -8.08 -12.75
N ILE KA 230 10.31 -8.48 -11.83
CA ILE KA 230 10.10 -8.15 -10.43
C ILE KA 230 10.21 -6.65 -10.19
N HIS KA 231 11.09 -5.97 -10.93
CA HIS KA 231 11.18 -4.52 -10.80
C HIS KA 231 9.99 -3.84 -11.47
N ARG KA 232 9.48 -4.43 -12.54
CA ARG KA 232 8.31 -3.85 -13.22
C ARG KA 232 7.07 -4.00 -12.35
N VAL KA 233 6.81 -5.20 -11.85
CA VAL KA 233 5.68 -5.39 -10.94
C VAL KA 233 5.98 -4.68 -9.63
N GLY KA 234 7.25 -4.59 -9.26
CA GLY KA 234 7.61 -3.96 -8.00
C GLY KA 234 7.31 -2.48 -7.95
N LEU KA 235 7.64 -1.76 -9.02
CA LEU KA 235 7.25 -0.35 -9.09
C LEU KA 235 5.74 -0.21 -9.11
N LEU KA 236 5.05 -1.07 -9.86
CA LEU KA 236 3.59 -0.99 -9.94
C LEU KA 236 2.94 -1.29 -8.60
N LEU KA 237 3.46 -2.27 -7.86
CA LEU KA 237 2.90 -2.59 -6.55
C LEU KA 237 3.01 -1.39 -5.60
N ALA KA 238 4.16 -0.73 -5.60
CA ALA KA 238 4.36 0.40 -4.69
C ALA KA 238 3.64 1.65 -5.17
N LEU KA 239 3.61 1.87 -6.49
CA LEU KA 239 2.85 3.01 -7.02
C LEU KA 239 1.37 2.85 -6.76
N ASN KA 240 0.84 1.63 -6.92
CA ASN KA 240 -0.56 1.37 -6.57
C ASN KA 240 -0.79 1.54 -5.08
N ALA KA 241 0.20 1.21 -4.25
CA ALA KA 241 0.09 1.45 -2.83
C ALA KA 241 -0.05 2.94 -2.53
N GLY KA 242 0.77 3.77 -3.19
CA GLY KA 242 0.65 5.20 -3.01
C GLY KA 242 -0.63 5.76 -3.61
N PHE KA 243 -1.02 5.25 -4.78
CA PHE KA 243 -2.21 5.78 -5.45
C PHE KA 243 -3.49 5.42 -4.70
N TRP KA 244 -3.62 4.15 -4.30
CA TRP KA 244 -4.85 3.74 -3.63
C TRP KA 244 -4.96 4.32 -2.23
N SER KA 245 -3.81 4.58 -1.58
CA SER KA 245 -3.86 5.31 -0.32
C SER KA 245 -4.35 6.73 -0.53
N ALA KA 246 -3.96 7.35 -1.64
CA ALA KA 246 -4.51 8.65 -1.99
C ALA KA 246 -6.01 8.56 -2.23
N VAL KA 247 -6.46 7.46 -2.83
CA VAL KA 247 -7.88 7.30 -3.13
C VAL KA 247 -8.70 7.11 -1.86
N CYS KA 248 -8.19 6.29 -0.92
CA CYS KA 248 -9.00 5.92 0.24
C CYS KA 248 -9.28 7.13 1.14
N ILE KA 249 -8.39 8.13 1.13
CA ILE KA 249 -8.61 9.31 1.96
C ILE KA 249 -9.35 10.42 1.22
N ILE KA 250 -9.30 10.45 -0.10
CA ILE KA 250 -10.02 11.48 -0.84
C ILE KA 250 -11.49 11.11 -1.01
N ILE KA 251 -11.86 9.84 -0.82
CA ILE KA 251 -13.26 9.46 -0.83
C ILE KA 251 -13.86 9.44 0.56
N SER KA 252 -13.05 9.61 1.60
CA SER KA 252 -13.52 9.61 2.98
C SER KA 252 -13.85 11.05 3.36
N GLY KA 253 -15.09 11.44 3.14
CA GLY KA 253 -15.57 12.76 3.50
C GLY KA 253 -16.04 13.60 2.33
N PRO KA 254 -15.28 13.62 1.23
CA PRO KA 254 -15.79 14.30 0.03
C PRO KA 254 -16.75 13.43 -0.78
N VAL KA 255 -16.62 12.11 -0.66
CA VAL KA 255 -17.44 11.20 -1.46
C VAL KA 255 -18.28 10.32 -0.55
N TRP KA 256 -17.79 10.04 0.65
CA TRP KA 256 -18.49 9.19 1.61
C TRP KA 256 -18.45 9.85 2.97
N THR KA 257 -19.63 10.13 3.54
CA THR KA 257 -19.73 10.79 4.84
C THR KA 257 -20.22 9.87 5.94
N LYS KA 258 -20.92 8.80 5.62
CA LYS KA 258 -21.39 7.86 6.63
C LYS KA 258 -20.25 6.94 7.05
N GLY KA 259 -20.57 5.98 7.93
CA GLY KA 259 -19.58 5.01 8.32
C GLY KA 259 -19.18 4.11 7.16
N TRP KA 260 -17.92 3.66 7.21
CA TRP KA 260 -17.42 2.80 6.14
C TRP KA 260 -18.01 1.39 6.17
N PRO KA 261 -18.32 0.82 7.34
CA PRO KA 261 -19.09 -0.43 7.34
C PRO KA 261 -20.42 -0.30 6.60
N GLU KA 262 -21.08 0.84 6.71
CA GLU KA 262 -22.35 1.05 6.01
C GLU KA 262 -22.18 1.01 4.49
N TRP KA 263 -20.97 1.22 3.99
CA TRP KA 263 -20.75 1.14 2.55
C TRP KA 263 -21.03 -0.26 2.02
N TRP KA 264 -20.61 -1.29 2.77
CA TRP KA 264 -20.79 -2.67 2.35
C TRP KA 264 -22.24 -3.11 2.39
N ASN KA 265 -23.18 -2.22 2.71
CA ASN KA 265 -24.59 -2.58 2.68
C ASN KA 265 -25.08 -2.88 1.27
N TRP KA 266 -24.38 -2.40 0.24
CA TRP KA 266 -24.75 -2.74 -1.12
C TRP KA 266 -24.63 -4.24 -1.37
N TRP KA 267 -23.59 -4.86 -0.82
CA TRP KA 267 -23.40 -6.30 -1.00
C TRP KA 267 -24.38 -7.11 -0.18
N LEU KA 268 -24.64 -6.68 1.06
CA LEU KA 268 -25.49 -7.47 1.95
C LEU KA 268 -26.91 -7.58 1.43
N GLU KA 269 -27.53 -6.45 1.12
CA GLU KA 269 -28.92 -6.44 0.65
C GLU KA 269 -29.02 -6.40 -0.87
N MET KA 270 -28.32 -7.30 -1.55
CA MET KA 270 -28.54 -7.45 -2.98
C MET KA 270 -29.85 -8.22 -3.21
N PRO KA 271 -30.54 -7.95 -4.32
CA PRO KA 271 -31.80 -8.66 -4.59
C PRO KA 271 -31.64 -10.16 -4.72
N ILE KA 272 -30.46 -10.65 -5.12
CA ILE KA 272 -30.29 -12.08 -5.32
C ILE KA 272 -30.29 -12.82 -3.99
N TRP KA 273 -29.81 -12.19 -2.92
CA TRP KA 273 -29.72 -12.87 -1.63
C TRP KA 273 -31.11 -13.13 -1.07
N PRO KA 274 -31.43 -14.37 -0.71
CA PRO KA 274 -32.74 -14.64 -0.11
C PRO KA 274 -32.86 -14.01 1.27
N SER KA 275 -34.07 -13.64 1.63
CA SER KA 275 -34.34 -13.03 2.92
C SER KA 275 -34.31 -14.08 4.03
N MET LA 1 5.78 -8.38 32.78
CA MET LA 1 5.99 -7.73 34.07
C MET LA 1 5.72 -6.24 33.97
N GLU LA 2 5.04 -5.68 34.98
CA GLU LA 2 4.55 -4.31 34.95
C GLU LA 2 5.34 -3.38 35.86
N GLU LA 3 6.56 -3.77 36.24
CA GLU LA 3 7.39 -2.95 37.12
C GLU LA 3 8.44 -2.22 36.30
N THR LA 4 8.78 -1.01 36.73
CA THR LA 4 9.82 -0.24 36.07
C THR LA 4 11.19 -0.56 36.68
N PHE LA 5 12.20 -0.70 35.82
CA PHE LA 5 13.55 -0.92 36.31
C PHE LA 5 14.05 0.27 37.10
N PHE LA 6 13.83 1.48 36.58
CA PHE LA 6 14.18 2.70 37.28
C PHE LA 6 13.36 3.84 36.69
N GLY LA 7 12.82 4.68 37.55
CA GLY LA 7 11.97 5.76 37.10
C GLY LA 7 10.76 5.25 36.34
N ASN LA 8 10.75 5.47 35.02
CA ASN LA 8 9.71 4.98 34.14
C ASN LA 8 10.31 4.21 32.98
N PHE LA 9 11.33 3.41 33.27
CA PHE LA 9 12.06 2.62 32.28
C PHE LA 9 11.69 1.16 32.49
N ASP LA 10 10.66 0.72 31.79
CA ASP LA 10 10.12 -0.63 31.95
C ASP LA 10 10.72 -1.57 30.89
N LEU LA 11 10.16 -2.77 30.81
CA LEU LA 11 10.63 -3.74 29.81
C LEU LA 11 10.35 -3.24 28.40
N ALA LA 12 9.23 -2.54 28.20
CA ALA LA 12 8.93 -1.97 26.89
C ALA LA 12 9.95 -0.90 26.53
N SER LA 13 10.36 -0.08 27.49
CA SER LA 13 11.38 0.92 27.23
C SER LA 13 12.75 0.28 27.02
N LEU LA 14 13.03 -0.81 27.72
CA LEU LA 14 14.31 -1.48 27.55
C LEU LA 14 14.45 -2.06 26.14
N SER LA 15 13.38 -2.67 25.63
CA SER LA 15 13.43 -3.22 24.28
C SER LA 15 13.60 -2.13 23.24
N LEU LA 16 13.03 -0.94 23.49
CA LEU LA 16 13.17 0.17 22.54
C LEU LA 16 14.62 0.61 22.43
N TRP LA 17 15.32 0.73 23.57
CA TRP LA 17 16.71 1.15 23.53
C TRP LA 17 17.62 0.05 23.01
N LEU LA 18 17.25 -1.21 23.23
CA LEU LA 18 18.01 -2.31 22.64
C LEU LA 18 17.93 -2.28 21.13
N PHE LA 19 16.77 -1.92 20.59
CA PHE LA 19 16.64 -1.80 19.14
C PHE LA 19 17.39 -0.59 18.60
N TYR LA 20 17.47 0.50 19.39
CA TYR LA 20 18.24 1.65 18.96
C TYR LA 20 19.71 1.30 18.78
N GLY LA 21 20.27 0.51 19.70
CA GLY LA 21 21.64 0.06 19.53
C GLY LA 21 21.80 -0.86 18.34
N PHE LA 22 20.86 -1.79 18.15
CA PHE LA 22 20.93 -2.69 17.00
C PHE LA 22 20.79 -1.94 15.69
N PHE LA 23 19.85 -0.99 15.62
CA PHE LA 23 19.65 -0.25 14.38
C PHE LA 23 20.86 0.60 14.03
N ALA LA 24 21.48 1.22 15.05
CA ALA LA 24 22.70 1.99 14.81
C ALA LA 24 23.80 1.09 14.26
N LEU LA 25 23.95 -0.11 14.84
CA LEU LA 25 24.91 -1.06 14.29
C LEU LA 25 24.50 -1.51 12.89
N LEU LA 26 23.21 -1.73 12.67
CA LEU LA 26 22.73 -2.15 11.35
C LEU LA 26 22.98 -1.07 10.30
N ILE LA 27 22.74 0.19 10.65
CA ILE LA 27 22.98 1.29 9.72
C ILE LA 27 24.45 1.35 9.35
N TYR LA 28 25.33 1.20 10.34
CA TYR LA 28 26.75 1.15 10.07
C TYR LA 28 27.10 -0.03 9.18
N TYR LA 29 26.53 -1.20 9.46
CA TYR LA 29 26.80 -2.37 8.63
C TYR LA 29 26.27 -2.18 7.22
N LEU LA 30 25.05 -1.65 7.08
CA LEU LA 30 24.46 -1.48 5.76
C LEU LA 30 25.23 -0.47 4.93
N GLN LA 31 25.67 0.63 5.54
CA GLN LA 31 26.38 1.66 4.79
C GLN LA 31 27.76 1.20 4.35
N THR LA 32 28.49 0.50 5.22
CA THR LA 32 29.80 -0.01 4.84
C THR LA 32 29.69 -1.04 3.72
N GLU LA 33 28.68 -1.91 3.78
CA GLU LA 33 28.45 -2.87 2.70
C GLU LA 33 28.13 -2.18 1.39
N ASN LA 34 27.65 -0.93 1.43
CA ASN LA 34 27.38 -0.16 0.23
C ASN LA 34 28.62 0.50 -0.34
N MET LA 35 29.76 0.38 0.33
CA MET LA 35 30.98 1.08 -0.06
C MET LA 35 32.01 0.15 -0.69
N ARG LA 36 31.59 -1.04 -1.12
CA ARG LA 36 32.52 -1.98 -1.73
C ARG LA 36 32.95 -1.54 -3.12
N GLU LA 37 32.27 -0.57 -3.73
CA GLU LA 37 32.61 -0.10 -5.06
C GLU LA 37 32.55 1.42 -5.09
N GLY LA 38 33.52 2.03 -5.76
CA GLY LA 38 33.55 3.47 -5.93
C GLY LA 38 34.48 4.22 -5.00
N TYR LA 39 35.00 3.55 -3.98
CA TYR LA 39 35.85 4.21 -2.99
C TYR LA 39 37.28 3.73 -3.12
N PRO LA 40 38.28 4.59 -2.79
CA PRO LA 40 38.23 5.94 -2.22
C PRO LA 40 37.57 6.99 -3.12
N LEU LA 41 37.24 8.14 -2.53
CA LEU LA 41 36.38 9.11 -3.19
C LEU LA 41 37.08 9.79 -4.36
N GLU LA 42 38.32 10.25 -4.15
CA GLU LA 42 39.07 11.04 -5.13
C GLU LA 42 38.37 12.37 -5.43
N ASP LA 43 39.02 13.21 -6.24
CA ASP LA 43 38.43 14.50 -6.62
C ASP LA 43 38.43 14.68 -8.12
N ASP LA 44 38.14 15.89 -8.59
CA ASP LA 44 38.08 16.15 -10.03
C ASP LA 44 39.43 15.92 -10.69
N ASP LA 45 40.51 16.34 -10.03
CA ASP LA 45 41.85 16.19 -10.60
C ASP LA 45 42.32 14.74 -10.63
N GLY LA 46 41.61 13.82 -9.97
CA GLY LA 46 41.95 12.42 -9.95
C GLY LA 46 42.72 11.98 -8.73
N ASN LA 47 43.28 12.91 -7.97
CA ASN LA 47 43.98 12.55 -6.75
C ASN LA 47 42.99 12.11 -5.68
N THR LA 48 43.49 11.33 -4.72
CA THR LA 48 42.64 10.89 -3.62
C THR LA 48 42.17 12.09 -2.81
N ALA LA 49 40.86 12.12 -2.52
CA ALA LA 49 40.28 13.26 -1.82
C ALA LA 49 40.73 13.28 -0.36
N ALA LA 50 40.79 14.49 0.19
CA ALA LA 50 41.14 14.64 1.61
C ALA LA 50 40.08 14.01 2.50
N ASN LA 51 38.81 14.16 2.14
CA ASN LA 51 37.71 13.62 2.92
C ASN LA 51 37.27 12.28 2.34
N GLN LA 52 37.03 11.31 3.23
CA GLN LA 52 36.62 9.99 2.82
C GLN LA 52 35.28 9.55 3.43
N GLY LA 53 34.68 10.38 4.27
CA GLY LA 53 33.40 10.05 4.85
C GLY LA 53 33.53 9.47 6.24
N PRO LA 54 32.47 9.57 7.04
CA PRO LA 54 32.51 9.02 8.41
C PRO LA 54 32.71 7.52 8.46
N PHE LA 55 32.20 6.78 7.48
CA PHE LA 55 32.26 5.33 7.49
C PHE LA 55 33.57 4.84 6.89
N PRO LA 56 34.29 3.95 7.57
CA PRO LA 56 35.48 3.36 6.97
C PRO LA 56 35.11 2.30 5.94
N LEU LA 57 36.09 1.97 5.10
CA LEU LA 57 35.88 0.93 4.09
C LEU LA 57 35.70 -0.43 4.77
N PRO LA 58 34.82 -1.27 4.25
CA PRO LA 58 34.59 -2.58 4.87
C PRO LA 58 35.72 -3.55 4.59
N LYS LA 59 35.74 -4.63 5.36
CA LYS LA 59 36.69 -5.71 5.10
C LYS LA 59 36.37 -6.39 3.78
N GLU LA 60 37.41 -6.88 3.12
CA GLU LA 60 37.24 -7.48 1.80
C GLU LA 60 36.40 -8.74 1.87
N LYS LA 61 35.44 -8.85 0.97
CA LYS LA 61 34.66 -10.06 0.78
C LYS LA 61 35.00 -10.65 -0.58
N THR LA 62 34.98 -11.97 -0.67
CA THR LA 62 35.45 -12.67 -1.85
C THR LA 62 34.28 -13.39 -2.52
N PHE LA 63 34.11 -13.14 -3.82
CA PHE LA 63 33.09 -13.82 -4.62
C PHE LA 63 33.74 -14.91 -5.44
N LYS LA 64 33.21 -16.13 -5.34
CA LYS LA 64 33.69 -17.26 -6.13
C LYS LA 64 32.88 -17.29 -7.41
N LEU LA 65 33.39 -16.62 -8.44
CA LEU LA 65 32.68 -16.55 -9.72
C LEU LA 65 32.62 -17.92 -10.38
N GLN LA 66 31.51 -18.16 -11.08
CA GLN LA 66 31.28 -19.44 -11.73
C GLN LA 66 31.93 -19.46 -13.11
N HIS LA 67 31.85 -20.62 -13.76
CA HIS LA 67 32.41 -20.84 -15.11
C HIS LA 67 33.92 -20.59 -15.14
N GLY LA 68 34.59 -20.84 -14.03
CA GLY LA 68 36.04 -20.72 -13.98
C GLY LA 68 36.56 -19.32 -14.28
N ARG LA 69 35.90 -18.30 -13.74
CA ARG LA 69 36.30 -16.92 -13.95
C ARG LA 69 37.07 -16.34 -12.78
N GLY LA 70 37.56 -17.19 -11.89
CA GLY LA 70 38.39 -16.74 -10.79
C GLY LA 70 37.59 -16.18 -9.63
N GLU LA 71 38.32 -15.56 -8.70
CA GLU LA 71 37.71 -14.98 -7.53
C GLU LA 71 37.44 -13.49 -7.77
N LEU LA 72 36.83 -12.83 -6.79
CA LEU LA 72 36.56 -11.41 -6.91
C LEU LA 72 36.39 -10.81 -5.53
N THR LA 73 37.25 -9.85 -5.18
CA THR LA 73 37.14 -9.09 -3.94
C THR LA 73 36.80 -7.66 -4.30
N LEU LA 74 35.57 -7.23 -3.95
CA LEU LA 74 35.11 -5.91 -4.35
C LEU LA 74 35.95 -4.77 -3.77
N PRO LA 75 36.27 -4.73 -2.46
CA PRO LA 75 37.09 -3.62 -1.98
C PRO LA 75 38.52 -3.75 -2.48
N GLY LA 76 38.88 -2.90 -3.43
CA GLY LA 76 40.19 -2.95 -4.03
C GLY LA 76 40.22 -2.15 -5.31
N GLU LA 77 41.30 -2.33 -6.07
CA GLU LA 77 41.43 -1.66 -7.35
C GLU LA 77 40.30 -2.08 -8.28
N ASP LA 78 39.67 -1.10 -8.92
CA ASP LA 78 38.51 -1.37 -9.77
C ASP LA 78 38.96 -1.55 -11.21
N VAL LA 79 38.70 -2.73 -11.78
CA VAL LA 79 39.09 -3.01 -13.16
C VAL LA 79 38.19 -2.34 -14.17
N GLN LA 80 37.09 -1.73 -13.73
CA GLN LA 80 36.17 -1.04 -14.62
C GLN LA 80 36.54 0.42 -14.83
N ARG LA 81 37.64 0.88 -14.24
CA ARG LA 81 38.07 2.25 -14.42
C ARG LA 81 38.42 2.53 -15.87
N ARG LA 82 37.96 3.68 -16.38
CA ARG LA 82 38.25 4.09 -17.74
C ARG LA 82 39.37 5.13 -17.74
N ASP LA 83 40.33 4.97 -18.64
CA ASP LA 83 41.47 5.86 -18.75
C ASP LA 83 41.38 6.66 -20.04
N ASN LA 84 42.15 7.76 -20.07
CA ASN LA 84 42.21 8.65 -21.22
C ASN LA 84 40.83 9.18 -21.59
N LEU LA 85 40.08 9.60 -20.57
CA LEU LA 85 38.77 10.20 -20.81
C LEU LA 85 38.91 11.54 -21.52
N ALA LA 86 38.04 11.78 -22.49
CA ALA LA 86 38.08 13.01 -23.28
C ALA LA 86 37.19 14.07 -22.64
N LEU LA 87 37.68 14.60 -21.52
CA LEU LA 87 36.98 15.65 -20.79
C LEU LA 87 38.00 16.67 -20.30
N ARG LA 88 37.53 17.90 -20.09
CA ARG LA 88 38.32 18.95 -19.46
C ARG LA 88 37.46 19.65 -18.42
N LYS LA 89 38.10 20.09 -17.34
CA LYS LA 89 37.40 20.77 -16.27
C LYS LA 89 37.05 22.20 -16.70
N THR LA 90 35.80 22.59 -16.47
CA THR LA 90 35.37 23.95 -16.75
C THR LA 90 35.78 24.93 -15.65
N ALA LA 91 36.20 24.42 -14.50
CA ALA LA 91 36.67 25.26 -13.41
C ALA LA 91 37.92 24.64 -12.79
N HIS LA 92 38.75 25.49 -12.19
CA HIS LA 92 39.95 25.00 -11.53
C HIS LA 92 39.66 24.32 -10.21
N GLY LA 93 38.48 24.56 -9.63
CA GLY LA 93 38.10 23.95 -8.37
C GLY LA 93 37.32 22.67 -8.57
N ASN LA 94 36.64 22.26 -7.51
CA ASN LA 94 35.85 21.03 -7.53
C ASN LA 94 34.36 21.35 -7.69
N GLY LA 95 33.59 20.30 -7.91
CA GLY LA 95 32.15 20.42 -8.02
C GLY LA 95 31.64 21.19 -9.21
N PHE LA 96 32.29 21.06 -10.36
CA PHE LA 96 31.84 21.70 -11.58
C PHE LA 96 31.84 20.70 -12.72
N PRO LA 97 30.93 20.85 -13.67
CA PRO LA 97 30.82 19.86 -14.76
C PRO LA 97 32.04 19.86 -15.66
N MET LA 98 32.30 18.71 -16.27
CA MET LA 98 33.37 18.57 -17.24
C MET LA 98 32.84 18.82 -18.64
N GLU LA 99 33.67 19.47 -19.47
CA GLU LA 99 33.31 19.74 -20.85
C GLU LA 99 34.00 18.73 -21.75
N PRO LA 100 33.28 17.95 -22.54
CA PRO LA 100 33.93 17.01 -23.45
C PRO LA 100 34.82 17.74 -24.46
N THR LA 101 35.96 17.13 -24.75
CA THR LA 101 36.94 17.73 -25.66
C THR LA 101 36.69 17.38 -27.12
N GLY LA 102 35.77 16.47 -27.41
CA GLY LA 102 35.46 16.11 -28.78
C GLY LA 102 34.00 15.78 -28.97
N ASP LA 103 33.73 14.65 -29.62
CA ASP LA 103 32.36 14.18 -29.77
C ASP LA 103 32.02 13.36 -28.53
N PRO LA 104 31.07 13.81 -27.69
CA PRO LA 104 30.79 13.07 -26.45
C PRO LA 104 30.31 11.65 -26.69
N MET LA 105 29.55 11.41 -27.75
CA MET LA 105 29.07 10.05 -28.02
C MET LA 105 30.21 9.16 -28.51
N LEU LA 106 31.09 9.70 -29.36
CA LEU LA 106 32.22 8.92 -29.84
C LEU LA 106 33.21 8.62 -28.72
N ASP LA 107 33.50 9.62 -27.87
CA ASP LA 107 34.47 9.44 -26.80
C ASP LA 107 33.90 8.67 -25.62
N GLY LA 108 32.57 8.55 -25.53
CA GLY LA 108 31.95 7.84 -24.43
C GLY LA 108 32.12 8.54 -23.10
N VAL LA 109 31.59 9.75 -22.97
CA VAL LA 109 31.63 10.52 -21.74
C VAL LA 109 30.25 11.08 -21.47
N GLY LA 110 29.87 11.13 -20.20
CA GLY LA 110 28.57 11.63 -19.81
C GLY LA 110 27.49 10.57 -19.95
N PRO LA 111 26.35 10.94 -20.49
CA PRO LA 111 25.30 9.94 -20.77
C PRO LA 111 25.75 8.87 -21.75
N ALA LA 112 26.75 9.15 -22.57
CA ALA LA 112 27.28 8.17 -23.51
C ALA LA 112 28.43 7.35 -22.93
N SER LA 113 28.75 7.55 -21.66
CA SER LA 113 29.90 6.89 -21.07
C SER LA 113 29.57 5.43 -20.72
N TRP LA 114 30.52 4.55 -21.03
CA TRP LA 114 30.44 3.13 -20.72
C TRP LA 114 31.46 2.80 -19.64
N SER LA 115 31.49 1.53 -19.24
CA SER LA 115 32.39 1.05 -18.21
C SER LA 115 33.19 -0.12 -18.75
N LYS LA 116 34.46 -0.21 -18.34
CA LYS LA 116 35.38 -1.22 -18.85
C LYS LA 116 35.07 -2.56 -18.19
N ARG LA 117 33.99 -3.19 -18.64
CA ARG LA 117 33.63 -4.50 -18.15
C ARG LA 117 34.51 -5.56 -18.80
N ARG LA 118 34.26 -6.82 -18.45
CA ARG LA 118 34.99 -7.92 -19.05
C ARG LA 118 34.64 -8.04 -20.53
N ASP LA 119 35.64 -8.33 -21.35
CA ASP LA 119 35.41 -8.52 -22.78
C ASP LA 119 35.07 -9.98 -23.09
N VAL LA 120 34.10 -10.51 -22.35
CA VAL LA 120 33.60 -11.86 -22.58
C VAL LA 120 32.09 -11.85 -22.46
N PRO LA 121 31.42 -12.71 -23.23
CA PRO LA 121 29.95 -12.76 -23.17
C PRO LA 121 29.47 -13.26 -21.82
N GLU LA 122 28.30 -12.77 -21.42
CA GLU LA 122 27.63 -13.30 -20.24
C GLU LA 122 27.15 -14.71 -20.51
N LEU LA 123 27.35 -15.60 -19.54
CA LEU LA 123 27.02 -17.01 -19.70
C LEU LA 123 25.91 -17.39 -18.74
N ASP LA 124 25.03 -18.28 -19.20
CA ASP LA 124 23.96 -18.80 -18.37
C ASP LA 124 24.47 -20.01 -17.59
N ALA LA 125 23.55 -20.77 -17.00
CA ALA LA 125 23.95 -21.90 -16.16
C ALA LA 125 24.70 -22.96 -16.96
N HIS LA 126 24.26 -23.21 -18.20
CA HIS LA 126 24.91 -24.24 -19.01
C HIS LA 126 26.35 -23.88 -19.32
N GLY LA 127 26.61 -22.62 -19.64
CA GLY LA 127 27.98 -22.19 -19.92
C GLY LA 127 28.12 -21.42 -21.22
N HIS LA 128 27.23 -21.69 -22.18
CA HIS LA 128 27.27 -20.97 -23.44
C HIS LA 128 26.77 -19.54 -23.24
N PRO LA 129 27.06 -18.64 -24.19
CA PRO LA 129 26.67 -17.23 -24.00
C PRO LA 129 25.18 -17.06 -23.77
N LYS LA 130 24.85 -16.12 -22.89
CA LYS LA 130 23.46 -15.94 -22.47
C LYS LA 130 22.61 -15.34 -23.58
N ILE LA 131 23.12 -14.32 -24.26
CA ILE LA 131 22.36 -13.60 -25.28
C ILE LA 131 22.79 -14.10 -26.65
N VAL LA 132 21.86 -14.64 -27.41
CA VAL LA 132 22.13 -15.13 -28.76
C VAL LA 132 21.01 -14.70 -29.68
N PRO LA 133 21.32 -14.55 -30.98
CA PRO LA 133 20.28 -14.25 -31.95
C PRO LA 133 19.30 -15.41 -32.08
N MET LA 134 18.06 -15.08 -32.44
CA MET LA 134 17.04 -16.11 -32.61
C MET LA 134 17.41 -17.11 -33.69
N SER LA 135 18.18 -16.68 -34.70
CA SER LA 135 18.65 -17.61 -35.71
C SER LA 135 19.52 -18.70 -35.08
N ALA LA 136 20.39 -18.31 -34.14
CA ALA LA 136 21.19 -19.29 -33.42
C ALA LA 136 20.37 -20.03 -32.36
N ALA LA 137 19.42 -19.34 -31.73
CA ALA LA 137 18.59 -19.98 -30.71
C ALA LA 137 17.67 -21.02 -31.33
N GLU LA 138 17.52 -22.15 -30.65
CA GLU LA 138 16.75 -23.27 -31.16
C GLU LA 138 15.42 -23.36 -30.43
N GLY LA 139 14.35 -23.47 -31.20
CA GLY LA 139 13.02 -23.64 -30.63
C GLY LA 139 12.36 -22.36 -30.16
N PHE LA 140 12.96 -21.20 -30.42
CA PHE LA 140 12.41 -19.92 -29.97
C PHE LA 140 11.65 -19.24 -31.09
N GLY LA 141 10.57 -18.56 -30.72
CA GLY LA 141 9.76 -17.83 -31.67
C GLY LA 141 8.91 -16.80 -30.96
N VAL LA 142 8.34 -15.90 -31.75
CA VAL LA 142 7.51 -14.83 -31.20
C VAL LA 142 6.19 -15.43 -30.72
N SER LA 143 5.83 -15.15 -29.47
CA SER LA 143 4.60 -15.66 -28.89
C SER LA 143 3.54 -14.60 -28.66
N ALA LA 144 3.92 -13.33 -28.56
CA ALA LA 144 2.96 -12.26 -28.35
C ALA LA 144 3.58 -10.95 -28.82
N GLY LA 145 2.72 -9.94 -29.00
CA GLY LA 145 3.18 -8.63 -29.41
C GLY LA 145 3.54 -8.58 -30.87
N THR LA 146 4.06 -7.42 -31.27
CA THR LA 146 4.45 -7.19 -32.65
C THR LA 146 5.87 -7.70 -32.88
N ASP LA 147 6.04 -8.50 -33.93
CA ASP LA 147 7.37 -8.97 -34.31
C ASP LA 147 8.11 -7.85 -35.03
N PRO LA 148 9.23 -7.35 -34.48
CA PRO LA 148 9.92 -6.22 -35.12
C PRO LA 148 10.77 -6.60 -36.31
N ARG LA 149 10.95 -7.89 -36.59
CA ARG LA 149 11.81 -8.29 -37.69
C ARG LA 149 11.23 -7.86 -39.03
N GLY LA 150 12.06 -7.17 -39.83
CA GLY LA 150 11.64 -6.67 -41.11
C GLY LA 150 11.08 -5.26 -41.10
N LEU LA 151 10.69 -4.76 -39.94
CA LEU LA 151 10.14 -3.41 -39.86
C LEU LA 151 11.25 -2.37 -40.04
N PRO LA 152 10.97 -1.27 -40.71
CA PRO LA 152 11.98 -0.20 -40.81
C PRO LA 152 12.23 0.45 -39.46
N VAL LA 153 13.43 0.99 -39.31
CA VAL LA 153 13.85 1.65 -38.07
C VAL LA 153 13.86 3.15 -38.32
N MET LA 154 13.14 3.90 -37.50
CA MET LA 154 13.08 5.35 -37.59
C MET LA 154 13.91 5.98 -36.47
N ALA LA 155 14.75 6.93 -36.84
CA ALA LA 155 15.64 7.59 -35.89
C ALA LA 155 14.88 8.68 -35.15
N GLY LA 156 15.59 9.47 -34.34
CA GLY LA 156 14.97 10.54 -33.59
C GLY LA 156 14.52 11.71 -34.44
N ASP LA 157 15.12 11.89 -35.61
CA ASP LA 157 14.75 12.97 -36.51
C ASP LA 157 13.85 12.50 -37.64
N GLY LA 158 13.32 11.28 -37.56
CA GLY LA 158 12.42 10.76 -38.57
C GLY LA 158 13.07 10.01 -39.71
N GLU LA 159 14.39 9.97 -39.76
CA GLU LA 159 15.07 9.27 -40.83
C GLU LA 159 14.92 7.76 -40.69
N ILE LA 160 14.76 7.07 -41.81
CA ILE LA 160 14.72 5.61 -41.85
C ILE LA 160 16.13 5.12 -42.11
N VAL LA 161 16.74 4.49 -41.11
CA VAL LA 161 18.14 4.11 -41.16
C VAL LA 161 18.34 2.64 -41.48
N GLY LA 162 17.28 1.93 -41.83
CA GLY LA 162 17.37 0.53 -42.17
C GLY LA 162 16.18 -0.22 -41.63
N LEU LA 163 16.30 -1.54 -41.62
CA LEU LA 163 15.24 -2.42 -41.15
C LEU LA 163 15.81 -3.47 -40.21
N VAL LA 164 14.97 -3.95 -39.30
CA VAL LA 164 15.41 -4.93 -38.32
C VAL LA 164 15.56 -6.29 -39.00
N SER LA 165 16.79 -6.81 -39.03
CA SER LA 165 17.06 -8.10 -39.63
C SER LA 165 16.90 -9.24 -38.65
N ASP LA 166 17.27 -9.05 -37.39
CA ASP LA 166 17.15 -10.07 -36.37
C ASP LA 166 17.10 -9.38 -35.01
N MET LA 167 16.68 -10.12 -34.00
CA MET LA 167 16.67 -9.60 -32.64
C MET LA 167 17.28 -10.63 -31.70
N TRP LA 168 18.15 -10.15 -30.81
CA TRP LA 168 18.86 -11.00 -29.87
C TRP LA 168 18.03 -11.22 -28.62
N ILE LA 169 18.01 -12.46 -28.15
CA ILE LA 169 17.16 -12.85 -27.03
C ILE LA 169 18.01 -13.45 -25.93
N ASP LA 170 17.49 -13.37 -24.71
CA ASP LA 170 18.10 -14.01 -23.54
C ASP LA 170 17.38 -15.34 -23.36
N GLU LA 171 17.89 -16.39 -24.00
CA GLU LA 171 17.23 -17.68 -23.97
C GLU LA 171 17.17 -18.26 -22.57
N ALA LA 172 18.06 -17.84 -21.67
CA ALA LA 172 17.97 -18.29 -20.28
C ALA LA 172 16.70 -17.78 -19.62
N GLU LA 173 16.33 -16.52 -19.88
CA GLU LA 173 15.14 -15.92 -19.31
C GLU LA 173 14.02 -15.75 -20.32
N GLN LA 174 14.22 -16.17 -21.58
CA GLN LA 174 13.23 -16.04 -22.64
C GLN LA 174 12.76 -14.59 -22.78
N LEU LA 175 13.73 -13.68 -22.88
CA LEU LA 175 13.46 -12.25 -22.99
C LEU LA 175 14.26 -11.67 -24.14
N VAL LA 176 13.65 -10.72 -24.85
CA VAL LA 176 14.32 -10.05 -25.95
C VAL LA 176 15.25 -8.98 -25.40
N ARG LA 177 16.50 -8.99 -25.87
CA ARG LA 177 17.51 -8.04 -25.40
C ARG LA 177 17.81 -6.94 -26.40
N TYR LA 178 18.13 -7.30 -27.65
CA TYR LA 178 18.51 -6.32 -28.65
C TYR LA 178 17.73 -6.58 -29.94
N LEU LA 179 17.84 -5.63 -30.86
CA LEU LA 179 17.37 -5.78 -32.22
C LEU LA 179 18.52 -5.44 -33.15
N GLU LA 180 18.85 -6.33 -34.07
CA GLU LA 180 19.81 -5.99 -35.11
C GLU LA 180 19.18 -5.04 -36.11
N ILE LA 181 19.96 -4.04 -36.53
CA ILE LA 181 19.52 -3.09 -37.55
C ILE LA 181 20.44 -3.25 -38.74
N GLU LA 182 19.87 -3.58 -39.89
CA GLU LA 182 20.63 -3.65 -41.13
C GLU LA 182 20.69 -2.23 -41.70
N LEU LA 183 21.76 -1.53 -41.36
CA LEU LA 183 21.88 -0.12 -41.73
C LEU LA 183 21.91 0.03 -43.24
N ASP LA 184 21.13 0.99 -43.75
CA ASP LA 184 21.12 1.27 -45.16
C ASP LA 184 22.48 1.84 -45.58
N PRO LA 185 22.91 1.59 -46.82
CA PRO LA 185 24.19 2.14 -47.28
C PRO LA 185 24.25 3.66 -47.21
N GLU LA 186 23.11 4.33 -47.35
CA GLU LA 186 23.08 5.79 -47.25
C GLU LA 186 23.37 6.26 -45.84
N TRP LA 187 23.12 5.42 -44.84
CA TRP LA 187 23.33 5.77 -43.44
C TRP LA 187 24.50 5.04 -42.80
N GLY LA 188 24.53 3.72 -42.91
CA GLY LA 188 25.60 2.94 -42.32
C GLY LA 188 26.20 1.93 -43.26
N ASP LA 189 26.95 0.96 -42.72
CA ASP LA 189 27.60 -0.06 -43.53
C ASP LA 189 27.14 -1.47 -43.22
N GLY LA 190 27.00 -1.82 -41.94
CA GLY LA 190 26.66 -3.18 -41.58
C GLY LA 190 25.50 -3.31 -40.62
N LYS LA 191 25.69 -4.11 -39.56
CA LYS LA 191 24.65 -4.37 -38.58
C LYS LA 191 24.99 -3.69 -37.25
N ARG LA 192 23.99 -3.07 -36.64
CA ARG LA 192 24.15 -2.43 -35.34
C ARG LA 192 23.09 -2.95 -34.40
N LEU LA 193 23.45 -3.09 -33.13
CA LEU LA 193 22.53 -3.54 -32.10
C LEU LA 193 21.92 -2.36 -31.38
N VAL LA 194 20.62 -2.46 -31.09
CA VAL LA 194 19.92 -1.50 -30.25
C VAL LA 194 19.19 -2.28 -29.17
N GLN LA 195 19.34 -1.86 -27.92
CA GLN LA 195 18.70 -2.55 -26.82
C GLN LA 195 17.19 -2.40 -26.90
N ARG LA 196 16.47 -3.42 -26.41
CA ARG LA 196 15.02 -3.40 -26.45
C ARG LA 196 14.43 -2.27 -25.61
N GLU LA 197 15.16 -1.79 -24.61
CA GLU LA 197 14.62 -0.80 -23.68
C GLU LA 197 14.66 0.61 -24.24
N MET LA 198 15.34 0.85 -25.35
CA MET LA 198 15.40 2.17 -25.96
C MET LA 198 14.69 2.24 -27.30
N VAL LA 199 13.94 1.22 -27.67
CA VAL LA 199 13.23 1.17 -28.94
C VAL LA 199 11.75 0.91 -28.67
N ARG LA 200 10.89 1.69 -29.30
CA ARG LA 200 9.44 1.52 -29.20
C ARG LA 200 8.95 0.89 -30.49
N ILE LA 201 8.29 -0.25 -30.37
CA ILE LA 201 7.88 -1.06 -31.52
C ILE LA 201 6.43 -0.73 -31.85
N LYS LA 202 6.20 -0.20 -33.05
CA LYS LA 202 4.87 0.11 -33.53
C LYS LA 202 4.40 -0.99 -34.50
N SER LA 203 3.21 -0.81 -35.06
CA SER LA 203 2.65 -1.80 -35.96
C SER LA 203 3.48 -1.93 -37.23
N ASP LA 204 3.95 -0.81 -37.79
CA ASP LA 204 4.64 -0.81 -39.06
C ASP LA 204 6.11 -0.45 -38.97
N ARG LA 205 6.61 -0.05 -37.81
CA ARG LA 205 7.98 0.40 -37.68
C ARG LA 205 8.42 0.29 -36.23
N VAL LA 206 9.73 0.37 -36.03
CA VAL LA 206 10.32 0.49 -34.71
C VAL LA 206 11.03 1.83 -34.64
N LYS LA 207 10.75 2.59 -33.59
CA LYS LA 207 11.25 3.96 -33.46
C LYS LA 207 12.19 4.07 -32.28
N VAL LA 208 13.40 4.57 -32.54
CA VAL LA 208 14.34 4.95 -31.50
C VAL LA 208 14.54 6.46 -31.60
N ARG LA 209 14.22 7.18 -30.52
CA ARG LA 209 14.21 8.63 -30.53
C ARG LA 209 15.49 9.25 -30.01
N SER LA 210 16.33 8.47 -29.31
CA SER LA 210 17.53 9.03 -28.71
C SER LA 210 18.60 9.35 -29.76
N ILE LA 211 18.68 8.53 -30.80
CA ILE LA 211 19.75 8.61 -31.79
C ILE LA 211 19.18 9.10 -33.11
N TYR LA 212 19.82 10.13 -33.67
CA TYR LA 212 19.41 10.65 -34.97
C TYR LA 212 19.92 9.74 -36.08
N GLY LA 213 19.54 10.05 -37.31
CA GLY LA 213 19.92 9.20 -38.44
C GLY LA 213 21.42 9.18 -38.66
N LYS LA 214 22.09 10.30 -38.44
CA LYS LA 214 23.51 10.43 -38.72
C LYS LA 214 24.39 9.77 -37.66
N HIS LA 215 23.83 9.32 -36.54
CA HIS LA 215 24.63 8.74 -35.47
C HIS LA 215 24.66 7.22 -35.50
N PHE LA 216 23.91 6.57 -36.39
CA PHE LA 216 23.93 5.11 -36.45
C PHE LA 216 25.22 4.55 -37.03
N LYS LA 217 25.85 5.26 -37.95
CA LYS LA 217 27.10 4.78 -38.52
C LYS LA 217 28.21 4.70 -37.48
N ASN LA 218 28.07 5.40 -36.35
CA ASN LA 218 29.06 5.41 -35.30
C ASN LA 218 28.68 4.54 -34.10
N VAL LA 219 27.59 3.80 -34.21
CA VAL LA 219 27.20 2.90 -33.11
C VAL LA 219 28.26 1.82 -32.97
N PRO LA 220 28.72 1.49 -31.75
CA PRO LA 220 29.74 0.46 -31.60
C PRO LA 220 29.28 -0.88 -32.14
N LYS LA 221 30.22 -1.60 -32.76
CA LYS LA 221 29.94 -2.89 -33.38
C LYS LA 221 30.43 -4.02 -32.47
N THR LA 222 30.01 -5.22 -32.81
CA THR LA 222 30.42 -6.43 -32.11
C THR LA 222 31.51 -7.15 -32.90
N LYS LA 223 32.43 -7.79 -32.17
CA LYS LA 223 33.50 -8.54 -32.82
C LYS LA 223 32.94 -9.70 -33.63
N SER LA 224 31.94 -10.39 -33.10
CA SER LA 224 31.34 -11.52 -33.78
C SER LA 224 29.82 -11.33 -33.86
N PRO LA 225 29.19 -11.85 -34.91
CA PRO LA 225 27.74 -11.73 -35.04
C PRO LA 225 26.95 -12.78 -34.29
N ASN LA 226 27.61 -13.68 -33.57
CA ASN LA 226 26.93 -14.74 -32.84
C ASN LA 226 26.86 -14.49 -31.33
N GLN LA 227 27.62 -13.53 -30.82
CA GLN LA 227 27.61 -13.24 -29.39
C GLN LA 227 28.09 -11.81 -29.18
N VAL LA 228 27.73 -11.26 -28.02
CA VAL LA 228 28.14 -9.92 -27.63
C VAL LA 228 28.77 -9.98 -26.25
N THR LA 229 29.95 -9.40 -26.11
CA THR LA 229 30.64 -9.37 -24.83
C THR LA 229 30.04 -8.30 -23.93
N LEU LA 230 30.38 -8.38 -22.64
CA LEU LA 230 29.91 -7.38 -21.69
C LEU LA 230 30.46 -6.00 -22.01
N LEU LA 231 31.67 -5.93 -22.58
CA LEU LA 231 32.25 -4.64 -22.95
C LEU LA 231 31.51 -4.05 -24.13
N GLU LA 232 31.26 -4.85 -25.17
CA GLU LA 232 30.48 -4.37 -26.31
C GLU LA 232 29.06 -4.03 -25.88
N GLU LA 233 28.49 -4.83 -24.98
CA GLU LA 233 27.18 -4.51 -24.43
C GLU LA 233 27.17 -3.15 -23.74
N ASP LA 234 28.20 -2.87 -22.96
CA ASP LA 234 28.24 -1.60 -22.24
C ASP LA 234 28.46 -0.44 -23.20
N LYS LA 235 29.25 -0.63 -24.24
CA LYS LA 235 29.50 0.44 -25.21
C LYS LA 235 28.26 0.70 -26.06
N ILE LA 236 27.56 -0.35 -26.48
CA ILE LA 236 26.40 -0.17 -27.35
C ILE LA 236 25.27 0.53 -26.60
N MET LA 237 24.94 0.06 -25.40
CA MET LA 237 23.83 0.64 -24.65
C MET LA 237 24.11 2.08 -24.27
N ALA LA 238 25.34 2.40 -23.87
CA ALA LA 238 25.66 3.75 -23.46
C ALA LA 238 25.57 4.73 -24.63
N TYR LA 239 25.88 4.28 -25.85
CA TYR LA 239 25.85 5.17 -27.00
C TYR LA 239 24.44 5.71 -27.25
N TYR LA 240 23.44 4.83 -27.19
CA TYR LA 240 22.05 5.26 -27.41
C TYR LA 240 21.59 6.22 -26.33
N ALA LA 241 21.91 5.93 -25.07
CA ALA LA 241 21.50 6.82 -23.99
C ALA LA 241 22.21 8.17 -24.08
N GLY LA 242 23.44 8.18 -24.60
CA GLY LA 242 24.13 9.43 -24.81
C GLY LA 242 23.46 10.32 -25.84
N GLY LA 243 22.69 9.74 -26.75
CA GLY LA 243 21.94 10.54 -27.71
C GLY LA 243 20.80 11.30 -27.10
N THR LA 244 20.34 10.91 -25.92
CA THR LA 244 19.28 11.65 -25.24
C THR LA 244 19.71 13.05 -24.84
N LEU LA 245 21.01 13.33 -24.88
CA LEU LA 245 21.52 14.64 -24.50
C LEU LA 245 22.39 15.24 -25.59
N TYR LA 246 22.97 14.40 -26.45
CA TYR LA 246 23.97 14.82 -27.40
C TYR LA 246 23.53 14.69 -28.85
N ALA LA 247 22.28 14.30 -29.11
CA ALA LA 247 21.82 14.19 -30.49
C ALA LA 247 21.82 15.55 -31.17
N ASP LA 248 21.37 16.59 -30.47
CA ASP LA 248 21.38 17.94 -31.00
C ASP LA 248 21.55 18.91 -29.84
N GLU LA 249 21.94 20.14 -30.19
CA GLU LA 249 22.19 21.16 -29.16
C GLU LA 249 20.93 21.47 -28.36
N SER LA 250 19.75 21.30 -28.96
CA SER LA 250 18.51 21.60 -28.26
C SER LA 250 18.33 20.70 -27.05
N ARG LA 251 18.69 19.42 -27.16
CA ARG LA 251 18.55 18.50 -26.04
C ARG LA 251 19.49 18.87 -24.90
N LEU LA 252 20.72 19.28 -25.21
CA LEU LA 252 21.68 19.61 -24.17
C LEU LA 252 21.32 20.93 -23.49
N GLU LA 253 20.92 21.93 -24.27
CA GLU LA 253 20.57 23.22 -23.71
C GLU LA 253 19.29 23.12 -22.88
N PRO LA 254 19.11 24.03 -21.92
CA PRO LA 254 17.91 23.97 -21.08
C PRO LA 254 16.63 24.11 -21.88
N GLN LA 255 15.60 23.40 -21.44
CA GLN LA 255 14.32 23.41 -22.13
C GLN LA 255 13.51 24.67 -21.88
N LEU LA 256 13.89 25.48 -20.91
CA LEU LA 256 13.18 26.73 -20.61
C LEU LA 256 14.15 27.86 -20.29
N TRP MA 9 3.48 27.63 -53.40
CA TRP MA 9 4.62 27.17 -52.62
C TRP MA 9 4.18 26.59 -51.28
N ASN MA 10 5.03 25.76 -50.70
CA ASN MA 10 4.74 25.16 -49.40
C ASN MA 10 6.04 24.66 -48.80
N SER MA 11 6.00 24.38 -47.50
CA SER MA 11 7.14 23.83 -46.78
C SER MA 11 6.91 22.34 -46.55
N LYS MA 12 7.89 21.53 -46.94
CA LYS MA 12 7.78 20.08 -46.85
C LYS MA 12 8.69 19.49 -45.77
N ASN MA 13 9.24 20.33 -44.91
CA ASN MA 13 10.08 19.85 -43.82
C ASN MA 13 9.24 19.23 -42.71
N PRO MA 14 9.79 18.25 -41.98
CA PRO MA 14 9.02 17.59 -40.92
C PRO MA 14 8.66 18.55 -39.80
N THR MA 15 7.54 18.27 -39.13
CA THR MA 15 7.06 19.12 -38.05
C THR MA 15 6.09 18.33 -37.18
N ASP MA 16 6.33 18.34 -35.88
CA ASP MA 16 5.40 17.75 -34.90
C ASP MA 16 4.27 18.75 -34.69
N ILE MA 17 3.21 18.61 -35.48
CA ILE MA 17 2.17 19.63 -35.51
C ILE MA 17 1.24 19.55 -34.31
N TYR MA 18 1.09 18.38 -33.70
CA TYR MA 18 0.21 18.25 -32.54
C TYR MA 18 0.92 18.48 -31.21
N LYS MA 19 2.22 18.73 -31.22
CA LYS MA 19 2.93 18.96 -29.96
C LYS MA 19 2.43 20.20 -29.21
N PRO MA 20 2.28 21.37 -29.82
CA PRO MA 20 1.76 22.52 -29.06
C PRO MA 20 0.27 22.44 -28.79
N ALA MA 21 -0.49 21.71 -29.61
CA ALA MA 21 -1.92 21.61 -29.37
C ALA MA 21 -2.23 20.86 -28.08
N ILE MA 22 -1.47 19.81 -27.79
CA ILE MA 22 -1.74 18.99 -26.61
C ILE MA 22 -1.53 19.79 -25.34
N VAL MA 23 -0.43 20.53 -25.24
CA VAL MA 23 -0.17 21.30 -24.03
C VAL MA 23 -1.17 22.43 -23.87
N VAL MA 24 -1.62 23.02 -24.98
CA VAL MA 24 -2.67 24.04 -24.91
C VAL MA 24 -3.98 23.41 -24.42
N GLY MA 25 -4.31 22.22 -24.93
CA GLY MA 25 -5.51 21.53 -24.48
C GLY MA 25 -5.44 21.07 -23.03
N VAL MA 26 -4.25 20.97 -22.47
CA VAL MA 26 -4.10 20.62 -21.06
C VAL MA 26 -4.11 21.86 -20.18
N ALA MA 27 -3.33 22.88 -20.56
CA ALA MA 27 -3.37 24.14 -19.83
C ALA MA 27 -4.74 24.80 -19.91
N GLY MA 28 -5.36 24.76 -21.10
CA GLY MA 28 -6.71 25.26 -21.22
C GLY MA 28 -7.72 24.44 -20.45
N GLY MA 29 -7.49 23.12 -20.36
CA GLY MA 29 -8.38 22.29 -19.57
C GLY MA 29 -8.36 22.63 -18.10
N ALA MA 30 -7.18 22.95 -17.56
CA ALA MA 30 -7.09 23.40 -16.18
C ALA MA 30 -7.85 24.70 -15.97
N VAL MA 31 -7.73 25.64 -16.92
CA VAL MA 31 -8.53 26.86 -16.86
C VAL MA 31 -10.01 26.53 -17.06
N PHE MA 32 -10.32 25.60 -17.95
CA PHE MA 32 -11.70 25.19 -18.17
C PHE MA 32 -12.33 24.62 -16.90
N ALA MA 33 -11.58 23.76 -16.20
CA ALA MA 33 -12.09 23.21 -14.94
C ALA MA 33 -12.22 24.29 -13.87
N ALA MA 34 -11.25 25.18 -13.79
CA ALA MA 34 -11.29 26.23 -12.76
C ALA MA 34 -12.48 27.17 -12.97
N ALA MA 35 -12.77 27.52 -14.23
CA ALA MA 35 -13.90 28.39 -14.50
C ALA MA 35 -15.22 27.72 -14.12
N LEU MA 36 -15.35 26.43 -14.40
CA LEU MA 36 -16.55 25.70 -13.98
C LEU MA 36 -16.65 25.61 -12.47
N LEU MA 37 -15.52 25.37 -11.79
CA LEU MA 37 -15.53 25.31 -10.33
C LEU MA 37 -15.75 26.68 -9.70
N VAL MA 38 -15.60 27.76 -10.46
CA VAL MA 38 -15.90 29.09 -9.95
C VAL MA 38 -17.33 29.51 -10.31
N SER MA 39 -17.77 29.16 -11.52
CA SER MA 39 -19.10 29.55 -11.97
C SER MA 39 -20.18 28.72 -11.27
N TRP MA 40 -20.14 27.40 -11.47
CA TRP MA 40 -21.08 26.52 -10.78
C TRP MA 40 -20.67 26.30 -9.34
N GLY MA 41 -19.51 25.69 -9.13
CA GLY MA 41 -18.89 25.64 -7.82
C GLY MA 41 -19.21 24.43 -6.97
N GLN MA 42 -18.23 23.54 -6.82
CA GLN MA 42 -18.21 22.49 -5.80
C GLN MA 42 -19.51 21.69 -5.80
N PRO MA 43 -19.70 20.78 -6.76
CA PRO MA 43 -20.98 20.06 -6.86
C PRO MA 43 -21.42 19.37 -5.58
N LEU MA 44 -20.48 18.82 -4.81
CA LEU MA 44 -20.79 18.17 -3.54
C LEU MA 44 -19.97 18.88 -2.45
N ALA MA 45 -20.61 19.81 -1.74
CA ALA MA 45 -19.86 20.72 -0.87
C ALA MA 45 -19.38 20.04 0.40
N THR MA 46 -20.09 19.03 0.88
CA THR MA 46 -19.74 18.21 2.05
C THR MA 46 -19.12 19.05 3.18
N ASP MA 47 -19.90 20.02 3.65
CA ASP MA 47 -19.46 20.86 4.75
C ASP MA 47 -19.29 20.04 6.03
N SER MA 48 -18.30 20.41 6.83
CA SER MA 48 -17.96 19.68 8.04
C SER MA 48 -18.09 20.59 9.26
N MET MA 49 -18.33 19.97 10.41
CA MET MA 49 -18.45 20.66 11.68
C MET MA 49 -17.31 20.24 12.58
N GLN MA 50 -16.66 21.21 13.21
CA GLN MA 50 -15.49 20.93 14.03
C GLN MA 50 -15.90 20.52 15.43
N THR MA 51 -15.45 19.34 15.86
CA THR MA 51 -15.73 18.84 17.20
C THR MA 51 -14.46 18.56 17.99
N GLY MA 52 -13.43 19.38 17.84
CA GLY MA 52 -12.19 19.20 18.56
C GLY MA 52 -11.17 20.26 18.21
N PRO MA 53 -10.00 20.19 18.83
CA PRO MA 53 -8.95 21.16 18.53
C PRO MA 53 -8.52 21.09 17.07
N ARG MA 54 -8.11 22.24 16.53
CA ARG MA 54 -7.70 22.29 15.14
C ARG MA 54 -6.48 21.39 14.91
N GLY MA 55 -6.53 20.63 13.82
CA GLY MA 55 -5.47 19.69 13.49
C GLY MA 55 -5.65 18.31 14.07
N THR MA 56 -6.52 18.15 15.07
CA THR MA 56 -6.74 16.83 15.65
C THR MA 56 -7.51 15.91 14.72
N GLY MA 57 -8.19 16.47 13.72
CA GLY MA 57 -9.02 15.67 12.83
C GLY MA 57 -10.39 15.36 13.37
N MET MA 58 -10.77 15.90 14.52
CA MET MA 58 -12.07 15.64 15.13
C MET MA 58 -13.10 16.53 14.45
N SER MA 59 -13.76 15.98 13.44
CA SER MA 59 -14.81 16.71 12.72
C SER MA 59 -15.80 15.72 12.15
N VAL MA 60 -17.00 16.21 11.88
CA VAL MA 60 -18.07 15.37 11.34
C VAL MA 60 -18.43 15.85 9.93
N PRO MA 61 -18.03 15.13 8.89
CA PRO MA 61 -18.39 15.53 7.53
C PRO MA 61 -19.86 15.21 7.23
N GLU MA 62 -20.49 16.11 6.49
CA GLU MA 62 -21.89 15.95 6.11
C GLU MA 62 -22.14 16.65 4.79
N PHE MA 63 -22.85 16.00 3.88
CA PHE MA 63 -23.19 16.62 2.61
C PHE MA 63 -24.14 17.79 2.84
N VAL MA 64 -23.90 18.89 2.12
CA VAL MA 64 -24.76 20.06 2.26
C VAL MA 64 -26.17 19.75 1.78
N SER MA 65 -26.29 18.92 0.74
CA SER MA 65 -27.61 18.46 0.33
C SER MA 65 -28.30 17.69 1.45
N ASP MA 66 -27.54 16.85 2.17
CA ASP MA 66 -28.09 16.20 3.35
C ASP MA 66 -28.39 17.20 4.46
N LEU MA 67 -27.51 18.19 4.63
CA LEU MA 67 -27.73 19.21 5.65
C LEU MA 67 -28.97 20.04 5.32
N ASP MA 68 -29.14 20.40 4.06
CA ASP MA 68 -30.29 21.20 3.65
C ASP MA 68 -31.59 20.41 3.70
N THR MA 69 -31.53 19.09 3.85
CA THR MA 69 -32.73 18.28 3.96
C THR MA 69 -33.00 18.01 5.44
N PRO MA 70 -34.05 18.57 6.02
CA PRO MA 70 -34.35 18.33 7.44
C PRO MA 70 -34.98 16.96 7.63
N ASP MA 71 -35.31 16.67 8.88
CA ASP MA 71 -36.00 15.43 9.22
C ASP MA 71 -37.38 15.45 8.56
N PRO MA 72 -37.73 14.45 7.74
CA PRO MA 72 -39.03 14.48 7.05
C PRO MA 72 -40.22 14.49 8.00
N THR MA 73 -40.03 14.06 9.25
CA THR MA 73 -41.12 14.03 10.22
C THR MA 73 -41.22 15.32 11.03
N ILE MA 74 -40.37 16.31 10.77
CA ILE MA 74 -40.46 17.57 11.50
C ILE MA 74 -41.76 18.28 11.17
N GLU MA 75 -42.09 18.41 9.89
CA GLU MA 75 -43.32 19.07 9.50
C GLU MA 75 -44.55 18.22 9.83
N VAL MA 76 -44.39 16.90 9.94
CA VAL MA 76 -45.51 16.06 10.34
C VAL MA 76 -45.94 16.38 11.76
N PHE MA 77 -44.96 16.53 12.66
CA PHE MA 77 -45.28 16.93 14.03
C PHE MA 77 -45.86 18.34 14.07
N LEU MA 78 -45.31 19.25 13.26
CA LEU MA 78 -45.80 20.63 13.26
C LEU MA 78 -47.24 20.70 12.77
N ALA MA 79 -47.63 19.80 11.86
CA ALA MA 79 -49.01 19.76 11.39
C ALA MA 79 -49.96 19.08 12.37
N SER MA 80 -49.43 18.40 13.39
CA SER MA 80 -50.27 17.71 14.35
C SER MA 80 -50.27 18.34 15.73
N THR MA 81 -49.27 19.15 16.06
CA THR MA 81 -49.23 19.81 17.35
C THR MA 81 -50.16 21.02 17.37
N SER MA 82 -50.40 21.52 18.58
CA SER MA 82 -51.26 22.69 18.75
C SER MA 82 -50.90 23.37 20.07
N ASP MA 83 -51.26 24.64 20.16
CA ASP MA 83 -50.95 25.41 21.36
C ASP MA 83 -51.79 24.90 22.54
N PRO MA 84 -51.23 24.85 23.74
CA PRO MA 84 -52.02 24.45 24.91
C PRO MA 84 -53.07 25.49 25.26
N VAL MA 85 -54.16 25.02 25.85
CA VAL MA 85 -55.23 25.89 26.30
C VAL MA 85 -55.10 26.07 27.81
N ILE MA 86 -54.93 27.32 28.24
CA ILE MA 86 -54.74 27.62 29.65
C ILE MA 86 -56.06 27.38 30.39
N PRO MA 87 -56.08 26.51 31.39
CA PRO MA 87 -57.32 26.27 32.13
C PRO MA 87 -57.73 27.49 32.94
N GLU MA 88 -59.04 27.63 33.11
CA GLU MA 88 -59.61 28.67 33.95
C GLU MA 88 -59.84 28.14 35.36
N GLU MA 89 -60.22 29.04 36.26
CA GLU MA 89 -60.41 28.69 37.66
C GLU MA 89 -61.56 27.70 37.83
N GLY MA 90 -61.24 26.49 38.27
CA GLY MA 90 -62.26 25.46 38.43
C GLY MA 90 -62.88 24.98 37.13
N ALA MA 91 -62.05 24.77 36.10
CA ALA MA 91 -62.56 24.29 34.82
C ALA MA 91 -62.95 22.82 34.92
N GLN MA 92 -63.84 22.41 34.01
CA GLN MA 92 -64.30 21.04 33.98
C GLN MA 92 -63.16 20.10 33.59
N THR MA 93 -63.04 18.99 34.32
CA THR MA 93 -61.99 18.01 34.09
C THR MA 93 -62.53 16.84 33.27
N ALA MA 94 -61.60 16.10 32.65
CA ALA MA 94 -61.97 14.97 31.82
C ALA MA 94 -62.54 13.81 32.64
N GLY MA 95 -62.21 13.72 33.93
CA GLY MA 95 -62.72 12.63 34.74
C GLY MA 95 -64.23 12.68 34.89
N GLU MA 96 -64.79 13.88 35.04
CA GLU MA 96 -66.22 14.03 35.20
C GLU MA 96 -66.95 14.23 33.88
N ALA MA 97 -66.28 14.81 32.88
CA ALA MA 97 -66.93 15.02 31.58
C ALA MA 97 -67.15 13.70 30.85
N TYR MA 98 -66.17 12.81 30.89
CA TYR MA 98 -66.22 11.53 30.20
C TYR MA 98 -66.25 10.40 31.24
N GLU MA 99 -66.21 9.16 30.74
CA GLU MA 99 -66.27 7.98 31.59
C GLU MA 99 -65.12 7.05 31.22
N ASN MA 100 -64.75 6.20 32.18
CA ASN MA 100 -63.68 5.23 32.02
C ASN MA 100 -62.37 5.90 31.60
N VAL MA 101 -62.07 7.03 32.21
CA VAL MA 101 -60.85 7.78 31.95
C VAL MA 101 -59.85 7.46 33.05
N ASP MA 102 -58.65 7.04 32.66
CA ASP MA 102 -57.64 6.63 33.62
C ASP MA 102 -57.21 7.84 34.45
N PRO MA 103 -56.95 7.64 35.76
CA PRO MA 103 -56.57 8.78 36.61
C PRO MA 103 -55.27 9.47 36.19
N VAL MA 104 -54.44 8.83 35.37
CA VAL MA 104 -53.20 9.45 34.94
C VAL MA 104 -53.49 10.71 34.14
N LEU MA 105 -54.55 10.69 33.33
CA LEU MA 105 -54.91 11.83 32.49
C LEU MA 105 -56.35 12.29 32.72
N ALA MA 106 -57.00 11.80 33.78
CA ALA MA 106 -58.36 12.24 34.09
C ALA MA 106 -58.41 13.63 34.72
N ASP MA 107 -57.31 14.09 35.29
CA ASP MA 107 -57.27 15.41 35.91
C ASP MA 107 -57.13 16.54 34.91
N LEU MA 108 -56.90 16.23 33.64
CA LEU MA 108 -56.77 17.26 32.62
C LEU MA 108 -58.14 17.88 32.32
N THR MA 109 -58.11 19.12 31.83
CA THR MA 109 -59.35 19.78 31.44
C THR MA 109 -59.90 19.14 30.17
N VAL MA 110 -61.18 19.44 29.89
CA VAL MA 110 -61.87 18.81 28.78
C VAL MA 110 -61.18 19.16 27.46
N GLU MA 111 -60.88 20.44 27.27
CA GLU MA 111 -60.24 20.87 26.03
C GLU MA 111 -58.80 20.36 25.92
N ASN MA 112 -58.10 20.26 27.04
CA ASN MA 112 -56.73 19.73 27.01
C ASN MA 112 -56.73 18.22 26.80
N TYR MA 113 -57.66 17.51 27.44
CA TYR MA 113 -57.75 16.07 27.27
C TYR MA 113 -58.07 15.71 25.83
N ASP MA 114 -59.02 16.42 25.22
CA ASP MA 114 -59.35 16.16 23.83
C ASP MA 114 -58.18 16.50 22.92
N ARG MA 115 -57.48 17.60 23.21
CA ARG MA 115 -56.34 17.99 22.39
C ARG MA 115 -55.22 16.97 22.48
N LEU MA 116 -54.90 16.53 23.70
CA LEU MA 116 -53.81 15.56 23.87
C LEU MA 116 -54.20 14.19 23.32
N LEU MA 117 -55.43 13.74 23.60
CA LEU MA 117 -55.86 12.43 23.15
C LEU MA 117 -55.91 12.36 21.62
N ALA MA 118 -56.36 13.43 20.97
CA ALA MA 118 -56.33 13.46 19.51
C ALA MA 118 -54.91 13.43 18.99
N ALA MA 119 -53.99 14.13 19.66
CA ALA MA 119 -52.60 14.16 19.23
C ALA MA 119 -51.95 12.79 19.33
N MET MA 120 -52.21 12.07 20.43
CA MET MA 120 -51.59 10.76 20.61
C MET MA 120 -52.04 9.78 19.54
N ARG MA 121 -53.32 9.85 19.14
CA ARG MA 121 -53.79 9.00 18.06
C ARG MA 121 -53.05 9.29 16.77
N SER MA 122 -52.85 10.57 16.45
CA SER MA 122 -52.08 10.92 15.26
C SER MA 122 -50.61 10.56 15.45
N TRP MA 123 -50.06 10.78 16.64
CA TRP MA 123 -48.65 10.49 16.88
C TRP MA 123 -48.38 8.99 16.79
N THR MA 124 -49.24 8.18 17.37
CA THR MA 124 -49.05 6.73 17.39
C THR MA 124 -49.72 6.03 16.22
N GLY MA 125 -50.44 6.75 15.36
CA GLY MA 125 -51.07 6.14 14.21
C GLY MA 125 -52.17 5.16 14.55
N ILE MA 126 -52.80 5.32 15.71
CA ILE MA 126 -53.89 4.45 16.14
C ILE MA 126 -55.16 5.27 16.25
N PRO MA 127 -56.03 5.22 15.25
CA PRO MA 127 -57.25 6.05 15.27
C PRO MA 127 -58.23 5.68 16.37
N ASP MA 128 -58.09 4.51 17.00
CA ASP MA 128 -58.99 4.09 18.07
C ASP MA 128 -58.30 4.04 19.42
N LEU MA 129 -57.21 4.78 19.59
CA LEU MA 129 -56.46 4.75 20.84
C LEU MA 129 -57.29 5.33 21.98
N LEU MA 130 -57.16 4.71 23.15
CA LEU MA 130 -57.87 5.15 24.36
C LEU MA 130 -59.37 5.19 24.18
N GLU MA 131 -59.91 4.30 23.33
CA GLU MA 131 -61.35 4.16 23.17
C GLU MA 131 -61.91 3.03 24.01
N ASP MA 132 -61.26 1.87 24.00
CA ASP MA 132 -61.64 0.76 24.86
C ASP MA 132 -60.61 0.62 25.97
N PRO MA 133 -60.97 0.87 27.23
CA PRO MA 133 -59.98 0.76 28.31
C PRO MA 133 -59.37 -0.63 28.44
N ASP MA 134 -60.13 -1.68 28.13
CA ASP MA 134 -59.61 -3.04 28.23
C ASP MA 134 -58.69 -3.42 27.08
N HIS MA 135 -58.62 -2.60 26.03
CA HIS MA 135 -57.72 -2.87 24.93
C HIS MA 135 -56.27 -2.83 25.41
N TYR MA 136 -55.46 -3.75 24.88
CA TYR MA 136 -54.05 -3.79 25.29
C TYR MA 136 -53.32 -2.54 24.85
N GLN MA 137 -53.65 -2.00 23.67
CA GLN MA 137 -53.00 -0.77 23.21
C GLN MA 137 -53.32 0.39 24.14
N SER MA 138 -54.57 0.49 24.58
CA SER MA 138 -54.92 1.54 25.54
C SER MA 138 -54.20 1.36 26.86
N LYS MA 139 -54.11 0.12 27.34
CA LYS MA 139 -53.45 -0.13 28.62
C LYS MA 139 -51.95 0.12 28.52
N VAL MA 140 -51.35 -0.20 27.37
CA VAL MA 140 -49.94 0.13 27.15
C VAL MA 140 -49.75 1.64 27.12
N ALA MA 141 -50.65 2.35 26.44
CA ALA MA 141 -50.54 3.79 26.31
C ALA MA 141 -50.63 4.49 27.67
N ILE MA 142 -51.50 4.01 28.55
CA ILE MA 142 -51.66 4.63 29.87
C ILE MA 142 -50.35 4.54 30.65
N ASN MA 143 -49.73 3.36 30.67
CA ASN MA 143 -48.43 3.24 31.31
C ASN MA 143 -47.38 4.06 30.57
N MET MA 144 -47.46 4.07 29.25
CA MET MA 144 -46.46 4.77 28.45
C MET MA 144 -46.62 6.28 28.50
N ILE MA 145 -47.81 6.78 28.84
CA ILE MA 145 -47.97 8.20 29.13
C ILE MA 145 -47.14 8.57 30.34
N GLN MA 146 -47.17 7.73 31.38
CA GLN MA 146 -46.36 7.98 32.57
C GLN MA 146 -44.88 7.93 32.25
N MET MA 147 -44.47 6.99 31.40
CA MET MA 147 -43.05 6.90 31.03
C MET MA 147 -42.60 8.15 30.29
N ASN MA 148 -43.44 8.65 29.38
CA ASN MA 148 -43.10 9.86 28.64
C ASN MA 148 -42.94 11.05 29.59
N GLN MA 149 -43.83 11.16 30.57
CA GLN MA 149 -43.69 12.22 31.57
C GLN MA 149 -42.43 12.03 32.40
N THR MA 150 -42.06 10.79 32.68
CA THR MA 150 -40.85 10.51 33.44
C THR MA 150 -39.61 10.96 32.67
N ILE MA 151 -39.59 10.74 31.35
CA ILE MA 151 -38.44 11.12 30.54
C ILE MA 151 -38.23 12.63 30.60
N ASN MA 152 -39.30 13.40 30.46
CA ASN MA 152 -39.18 14.85 30.44
C ASN MA 152 -38.91 15.44 31.81
N GLU MA 153 -39.18 14.69 32.89
CA GLU MA 153 -39.01 15.19 34.24
C GLU MA 153 -37.77 14.61 34.92
N GLU MA 154 -37.67 13.29 35.03
CA GLU MA 154 -36.52 12.70 35.70
C GLU MA 154 -35.27 12.80 34.85
N TRP MA 155 -35.36 12.47 33.58
CA TRP MA 155 -34.22 12.53 32.67
C TRP MA 155 -34.16 13.86 31.92
N ALA MA 156 -34.19 14.96 32.66
CA ALA MA 156 -34.08 16.27 32.05
C ALA MA 156 -32.64 16.61 31.67
N GLY MA 157 -31.66 15.90 32.23
CA GLY MA 157 -30.28 16.17 31.88
C GLY MA 157 -29.88 15.70 30.49
N HIS MA 158 -30.73 14.91 29.83
CA HIS MA 158 -30.46 14.42 28.49
C HIS MA 158 -31.37 15.05 27.45
N VAL MA 159 -32.69 15.05 27.69
CA VAL MA 159 -33.61 15.63 26.72
C VAL MA 159 -33.62 17.15 26.74
N TYR MA 160 -33.14 17.76 27.82
CA TYR MA 160 -32.98 19.21 27.91
C TYR MA 160 -31.51 19.59 27.97
N ALA MA 161 -30.67 18.87 27.21
CA ALA MA 161 -29.23 19.06 27.30
C ALA MA 161 -28.83 20.48 26.90
N ASN MA 162 -29.09 20.85 25.65
CA ASN MA 162 -28.72 22.18 25.15
C ASN MA 162 -29.87 23.16 25.30
N ALA MA 163 -31.02 22.85 24.70
CA ALA MA 163 -32.22 23.67 24.80
C ALA MA 163 -33.37 22.80 25.30
N GLU MA 164 -34.57 23.37 25.33
CA GLU MA 164 -35.77 22.64 25.75
C GLU MA 164 -36.32 21.90 24.53
N VAL MA 165 -35.69 20.77 24.22
CA VAL MA 165 -36.11 19.94 23.10
C VAL MA 165 -37.27 19.07 23.56
N GLY MA 166 -37.03 18.23 24.56
CA GLY MA 166 -38.07 17.40 25.14
C GLY MA 166 -38.36 16.16 24.31
N VAL MA 167 -39.16 15.28 24.90
CA VAL MA 167 -39.58 14.04 24.26
C VAL MA 167 -41.10 13.94 24.35
N THR MA 168 -41.74 13.67 23.23
CA THR MA 168 -43.18 13.46 23.16
C THR MA 168 -43.45 12.09 22.55
N CYS MA 169 -44.73 11.72 22.47
CA CYS MA 169 -45.10 10.43 21.93
C CYS MA 169 -44.69 10.30 20.47
N PHE MA 170 -44.64 11.42 19.74
CA PHE MA 170 -44.23 11.41 18.35
C PHE MA 170 -42.74 11.18 18.17
N THR MA 171 -41.95 11.36 19.23
CA THR MA 171 -40.50 11.24 19.11
C THR MA 171 -40.09 9.84 18.69
N CYS MA 172 -40.70 8.81 19.29
CA CYS MA 172 -40.35 7.44 18.98
C CYS MA 172 -41.24 6.84 17.90
N HIS MA 173 -42.52 7.21 17.87
CA HIS MA 173 -43.45 6.55 16.95
C HIS MA 173 -43.37 7.14 15.56
N ARG MA 174 -43.43 8.47 15.46
CA ARG MA 174 -43.45 9.17 14.17
C ARG MA 174 -44.58 8.67 13.27
N GLY MA 175 -45.75 8.46 13.87
CA GLY MA 175 -46.92 8.05 13.13
C GLY MA 175 -47.07 6.55 12.94
N GLN MA 176 -46.39 5.73 13.72
CA GLN MA 176 -46.47 4.28 13.61
C GLN MA 176 -46.98 3.68 14.90
N ALA MA 177 -47.71 2.58 14.77
CA ALA MA 177 -48.20 1.86 15.95
C ALA MA 177 -47.04 1.35 16.79
N VAL MA 178 -46.03 0.79 16.15
CA VAL MA 178 -44.82 0.32 16.81
C VAL MA 178 -43.67 1.25 16.42
N PRO MA 179 -42.90 1.78 17.37
CA PRO MA 179 -41.80 2.67 17.02
C PRO MA 179 -40.77 1.95 16.16
N SER MA 180 -40.19 2.70 15.22
CA SER MA 180 -39.14 2.17 14.38
C SER MA 180 -37.83 2.08 15.16
N GLU MA 181 -36.87 1.35 14.59
CA GLU MA 181 -35.55 1.15 15.19
C GLU MA 181 -35.65 0.57 16.60
N VAL MA 182 -36.60 -0.33 16.80
CA VAL MA 182 -36.63 -1.14 18.01
C VAL MA 182 -35.85 -2.42 17.75
N TRP MA 183 -35.35 -3.03 18.82
CA TRP MA 183 -34.48 -4.19 18.69
C TRP MA 183 -34.95 -5.32 19.59
N TYR MA 184 -34.67 -6.54 19.14
CA TYR MA 184 -34.91 -7.75 19.90
C TYR MA 184 -33.58 -8.45 20.13
N ARG MA 185 -33.56 -9.37 21.09
CA ARG MA 185 -32.35 -10.11 21.44
C ARG MA 185 -32.15 -11.23 20.43
N ILE MA 186 -31.46 -10.94 19.34
CA ILE MA 186 -31.00 -11.99 18.42
C ILE MA 186 -29.62 -12.39 18.89
N ASP MA 187 -29.58 -13.19 19.95
CA ASP MA 187 -28.32 -13.56 20.57
C ASP MA 187 -27.58 -14.67 19.83
N PRO MA 188 -28.21 -15.85 19.61
CA PRO MA 188 -27.43 -16.97 19.05
C PRO MA 188 -26.85 -16.71 17.68
N VAL MA 189 -27.54 -15.94 16.83
CA VAL MA 189 -27.18 -15.65 15.44
C VAL MA 189 -26.52 -16.84 14.74
N THR MA 190 -25.36 -17.27 15.22
CA THR MA 190 -24.63 -18.40 14.69
C THR MA 190 -25.22 -19.70 15.23
N GLU MA 191 -25.20 -20.75 14.40
CA GLU MA 191 -25.83 -22.03 14.72
C GLU MA 191 -24.92 -23.01 15.44
N ASN MA 192 -23.65 -23.11 15.04
CA ASN MA 192 -22.79 -24.19 15.50
C ASN MA 192 -21.79 -23.75 16.58
N THR MA 193 -21.97 -22.55 17.14
CA THR MA 193 -21.02 -22.03 18.10
C THR MA 193 -21.72 -21.66 19.40
N SER MA 194 -20.91 -21.54 20.45
CA SER MA 194 -21.38 -21.11 21.76
C SER MA 194 -20.32 -20.19 22.38
N GLY MA 195 -20.76 -19.36 23.32
CA GLY MA 195 -19.85 -18.43 23.96
C GLY MA 195 -19.67 -17.15 23.17
N TRP MA 196 -18.44 -16.63 23.13
CA TRP MA 196 -18.17 -15.40 22.40
C TRP MA 196 -18.30 -15.58 20.89
N ALA MA 197 -18.23 -16.83 20.40
CA ALA MA 197 -18.37 -17.08 18.98
C ALA MA 197 -19.82 -17.09 18.50
N SER MA 198 -20.79 -17.16 19.42
CA SER MA 198 -22.19 -17.25 19.07
C SER MA 198 -22.90 -15.91 19.15
N VAL MA 199 -22.16 -14.82 19.37
CA VAL MA 199 -22.76 -13.50 19.46
C VAL MA 199 -22.25 -12.56 18.37
N GLN MA 200 -21.41 -13.03 17.46
CA GLN MA 200 -20.74 -12.16 16.51
C GLN MA 200 -20.37 -12.91 15.24
N ASN MA 201 -19.49 -12.34 14.43
CA ASN MA 201 -18.96 -12.96 13.23
C ASN MA 201 -20.04 -13.13 12.17
N ARG MA 202 -21.02 -12.22 12.16
CA ARG MA 202 -22.11 -12.29 11.20
C ARG MA 202 -22.73 -10.91 11.08
N ALA MA 203 -23.03 -10.50 9.85
CA ALA MA 203 -23.61 -9.18 9.59
C ALA MA 203 -25.10 -9.25 9.86
N THR MA 204 -25.48 -8.87 11.08
CA THR MA 204 -26.88 -8.91 11.49
C THR MA 204 -27.45 -7.49 11.49
N SER MA 205 -28.69 -7.35 11.97
CA SER MA 205 -29.32 -6.03 12.02
C SER MA 205 -28.67 -5.15 13.07
N LEU MA 206 -28.29 -5.74 14.22
CA LEU MA 206 -27.71 -4.97 15.31
C LEU MA 206 -26.20 -4.88 15.25
N SER MA 207 -25.55 -5.55 14.30
CA SER MA 207 -24.11 -5.51 14.19
C SER MA 207 -23.59 -4.28 13.46
N GLN MA 208 -24.48 -3.46 12.91
CA GLN MA 208 -24.10 -2.23 12.20
C GLN MA 208 -23.18 -2.52 11.02
N PHE MA 209 -23.59 -3.48 10.19
CA PHE MA 209 -22.88 -3.86 8.98
C PHE MA 209 -21.47 -4.36 9.26
N THR MA 210 -21.21 -4.84 10.47
CA THR MA 210 -19.90 -5.35 10.86
C THR MA 210 -20.03 -6.79 11.34
N SER MA 211 -18.89 -7.40 11.61
CA SER MA 211 -18.84 -8.71 12.27
C SER MA 211 -18.69 -8.58 13.77
N LEU MA 212 -18.95 -7.40 14.33
CA LEU MA 212 -18.88 -7.15 15.75
C LEU MA 212 -20.08 -7.77 16.46
N PRO MA 213 -19.99 -7.96 17.78
CA PRO MA 213 -21.07 -8.66 18.49
C PRO MA 213 -22.43 -8.00 18.31
N SER MA 214 -23.46 -8.83 18.16
CA SER MA 214 -24.84 -8.37 18.03
C SER MA 214 -25.58 -8.35 19.35
N ASP MA 215 -24.93 -8.76 20.44
CA ASP MA 215 -25.54 -8.73 21.77
C ASP MA 215 -25.12 -7.52 22.57
N ALA MA 216 -24.46 -6.55 21.94
CA ALA MA 216 -23.99 -5.37 22.66
C ALA MA 216 -25.15 -4.56 23.21
N LEU MA 217 -26.22 -4.41 22.44
CA LEU MA 217 -27.40 -3.72 22.95
C LEU MA 217 -28.02 -4.48 24.11
N TYR MA 218 -28.08 -5.81 24.01
CA TYR MA 218 -28.68 -6.62 25.06
C TYR MA 218 -27.85 -6.56 26.35
N GLN MA 219 -26.53 -6.70 26.24
CA GLN MA 219 -25.69 -6.74 27.43
C GLN MA 219 -25.53 -5.37 28.07
N TYR MA 220 -25.34 -4.33 27.26
CA TYR MA 220 -25.00 -3.02 27.80
C TYR MA 220 -26.22 -2.15 28.10
N LEU MA 221 -27.21 -2.14 27.21
CA LEU MA 221 -28.37 -1.27 27.37
C LEU MA 221 -29.54 -1.97 28.05
N LEU MA 222 -29.40 -3.23 28.44
CA LEU MA 222 -30.48 -3.92 29.15
C LEU MA 222 -29.97 -4.65 30.39
N ASN MA 223 -28.71 -5.07 30.37
CA ASN MA 223 -28.16 -5.93 31.41
C ASN MA 223 -27.11 -5.26 32.29
N TYR MA 224 -26.88 -3.96 32.09
CA TYR MA 224 -25.96 -3.17 32.91
C TYR MA 224 -24.54 -3.74 32.90
N GLU MA 225 -24.12 -4.31 31.78
CA GLU MA 225 -22.74 -4.79 31.68
C GLU MA 225 -21.78 -3.61 31.59
N GLN MA 226 -20.53 -3.86 31.97
CA GLN MA 226 -19.53 -2.80 31.97
C GLN MA 226 -19.10 -2.46 30.55
N ILE MA 227 -19.21 -1.19 30.19
CA ILE MA 227 -18.84 -0.73 28.85
C ILE MA 227 -17.38 -0.34 28.77
N ALA MA 228 -16.84 0.25 29.84
CA ALA MA 228 -15.44 0.67 29.83
C ALA MA 228 -14.52 -0.53 29.78
N VAL MA 229 -13.48 -0.42 28.95
CA VAL MA 229 -12.54 -1.52 28.75
C VAL MA 229 -11.09 -1.13 28.91
N HIS MA 230 -10.74 0.15 28.87
CA HIS MA 230 -9.35 0.57 28.95
C HIS MA 230 -8.80 0.36 30.35
N ASP MA 231 -7.47 0.24 30.43
CA ASP MA 231 -6.76 0.23 31.69
C ASP MA 231 -6.41 1.66 32.07
N LEU MA 232 -6.68 2.03 33.32
CA LEU MA 232 -6.65 3.43 33.72
C LEU MA 232 -5.27 3.94 34.09
N GLU MA 233 -4.24 3.10 34.06
CA GLU MA 233 -2.88 3.54 34.32
C GLU MA 233 -1.95 2.93 33.28
N SER MA 234 -0.68 3.37 33.33
CA SER MA 234 0.27 3.03 32.27
C SER MA 234 0.53 1.53 32.20
N ARG MA 235 0.62 0.87 33.35
CA ARG MA 235 0.87 -0.57 33.41
C ARG MA 235 0.04 -1.18 34.52
N VAL MA 236 -0.64 -2.29 34.23
CA VAL MA 236 -1.46 -2.99 35.20
C VAL MA 236 -1.09 -4.47 35.17
N GLU MA 237 -1.49 -5.18 36.23
CA GLU MA 237 -1.39 -6.63 36.28
C GLU MA 237 -2.65 -7.22 35.68
N THR MA 238 -2.51 -7.85 34.51
CA THR MA 238 -3.66 -8.34 33.75
C THR MA 238 -4.17 -9.62 34.41
N LEU MA 239 -4.87 -9.45 35.52
CA LEU MA 239 -5.46 -10.56 36.25
C LEU MA 239 -6.69 -11.09 35.50
N PRO MA 240 -6.97 -12.39 35.63
CA PRO MA 240 -8.11 -12.98 34.91
C PRO MA 240 -9.43 -12.35 35.34
N GLY MA 241 -10.34 -12.23 34.38
CA GLY MA 241 -11.59 -11.55 34.57
C GLY MA 241 -11.62 -10.11 34.11
N ASP MA 242 -10.46 -9.53 33.81
CA ASP MA 242 -10.39 -8.18 33.28
C ASP MA 242 -10.95 -8.15 31.87
N PRO MA 243 -11.41 -6.98 31.42
CA PRO MA 243 -11.91 -6.88 30.04
C PRO MA 243 -10.83 -7.25 29.03
N THR MA 244 -11.24 -7.98 27.99
CA THR MA 244 -10.36 -8.40 26.92
C THR MA 244 -10.73 -7.66 25.64
N TRP MA 245 -10.03 -7.99 24.56
CA TRP MA 245 -10.36 -7.40 23.27
C TRP MA 245 -11.74 -7.83 22.80
N GLN MA 246 -12.24 -8.97 23.27
CA GLN MA 246 -13.61 -9.36 22.98
C GLN MA 246 -14.61 -8.40 23.61
N ASN MA 247 -14.37 -8.02 24.87
CA ASN MA 247 -15.22 -7.01 25.50
C ASN MA 247 -15.09 -5.66 24.81
N THR MA 248 -13.87 -5.32 24.38
CA THR MA 248 -13.68 -4.13 23.56
C THR MA 248 -14.43 -4.26 22.25
N GLU MA 249 -14.42 -5.46 21.66
CA GLU MA 249 -15.15 -5.69 20.42
C GLU MA 249 -16.65 -5.50 20.62
N ARG MA 250 -17.18 -5.96 21.76
CA ARG MA 250 -18.61 -5.78 22.04
C ARG MA 250 -18.92 -4.32 22.36
N THR MA 251 -18.04 -3.67 23.14
CA THR MA 251 -18.23 -2.24 23.40
C THR MA 251 -18.18 -1.44 22.11
N TYR MA 252 -17.24 -1.78 21.23
CA TYR MA 252 -17.17 -1.14 19.93
C TYR MA 252 -18.38 -1.47 19.06
N SER MA 253 -19.02 -2.62 19.29
CA SER MA 253 -20.24 -2.96 18.55
C SER MA 253 -21.41 -2.09 18.99
N LEU MA 254 -21.60 -1.95 20.30
CA LEU MA 254 -22.61 -1.03 20.82
C LEU MA 254 -22.37 0.39 20.34
N MET MA 255 -21.13 0.72 20.01
CA MET MA 255 -20.74 2.11 19.96
C MET MA 255 -20.81 2.65 18.53
N ASN MA 256 -20.70 1.76 17.55
CA ASN MA 256 -21.06 2.09 16.18
C ASN MA 256 -22.54 2.41 16.13
N TYR MA 257 -23.32 1.72 16.97
CA TYR MA 257 -24.74 2.02 17.07
C TYR MA 257 -24.97 3.43 17.59
N PHE MA 258 -24.15 3.88 18.54
CA PHE MA 258 -24.25 5.25 19.03
C PHE MA 258 -24.03 6.25 17.91
N SER MA 259 -23.02 6.01 17.07
CA SER MA 259 -22.75 6.93 15.97
C SER MA 259 -23.85 6.87 14.91
N ASN MA 260 -24.29 5.66 14.56
CA ASN MA 260 -25.33 5.51 13.55
C ASN MA 260 -26.66 6.09 14.03
N SER MA 261 -27.00 5.86 15.29
CA SER MA 261 -28.24 6.42 15.83
C SER MA 261 -28.21 7.93 15.84
N LEU MA 262 -27.08 8.51 16.24
CA LEU MA 262 -26.94 9.96 16.25
C LEU MA 262 -26.69 10.53 14.86
N GLY MA 263 -26.33 9.68 13.90
CA GLY MA 263 -25.91 10.16 12.60
C GLY MA 263 -24.55 10.80 12.58
N ARG MA 264 -23.87 10.85 13.72
CA ARG MA 264 -22.55 11.43 13.86
C ARG MA 264 -21.49 10.33 13.78
N ASN MA 265 -20.26 10.67 14.11
CA ASN MA 265 -19.15 9.71 14.06
C ASN MA 265 -18.54 9.57 15.45
N CYS MA 266 -17.43 8.84 15.51
CA CYS MA 266 -16.80 8.54 16.80
C CYS MA 266 -16.15 9.78 17.40
N VAL MA 267 -15.63 10.69 16.57
CA VAL MA 267 -15.00 11.91 17.08
C VAL MA 267 -16.01 12.95 17.49
N PHE MA 268 -17.32 12.68 17.33
CA PHE MA 268 -18.34 13.61 17.81
C PHE MA 268 -18.33 13.68 19.33
N CYS MA 269 -18.11 12.54 20.00
CA CYS MA 269 -18.10 12.48 21.44
C CYS MA 269 -16.76 12.06 22.04
N HIS MA 270 -15.82 11.60 21.22
CA HIS MA 270 -14.56 11.06 21.72
C HIS MA 270 -13.38 11.70 21.00
N ASN MA 271 -12.24 11.68 21.66
CA ASN MA 271 -10.95 11.92 21.02
C ASN MA 271 -10.32 10.56 20.75
N SER MA 272 -10.05 10.28 19.48
CA SER MA 272 -9.65 8.93 19.07
C SER MA 272 -8.41 8.45 19.80
N ARG MA 273 -7.48 9.34 20.10
CA ARG MA 273 -6.24 8.92 20.75
C ARG MA 273 -6.47 8.44 22.18
N ALA MA 274 -7.59 8.84 22.81
CA ALA MA 274 -7.88 8.41 24.18
C ALA MA 274 -9.40 8.32 24.32
N PHE MA 275 -9.93 7.10 24.11
CA PHE MA 275 -11.35 6.86 24.30
C PHE MA 275 -11.75 6.80 25.76
N TYR MA 276 -10.78 6.67 26.66
CA TYR MA 276 -11.04 6.55 28.09
C TYR MA 276 -10.99 7.88 28.82
N ASP MA 277 -10.20 8.82 28.32
CA ASP MA 277 -9.86 10.02 29.08
C ASP MA 277 -11.06 10.95 29.20
N PRO MA 278 -11.54 11.23 30.43
CA PRO MA 278 -12.63 12.21 30.56
C PRO MA 278 -12.23 13.62 30.17
N ALA MA 279 -10.94 13.95 30.20
CA ALA MA 279 -10.48 15.27 29.81
C ALA MA 279 -10.42 15.47 28.31
N GLN MA 280 -10.55 14.39 27.52
CA GLN MA 280 -10.53 14.46 26.07
C GLN MA 280 -11.89 14.14 25.47
N HIS MA 281 -12.96 14.33 26.23
CA HIS MA 281 -14.31 14.07 25.77
C HIS MA 281 -15.05 15.39 25.52
N THR MA 282 -15.88 15.40 24.50
CA THR MA 282 -16.74 16.56 24.25
C THR MA 282 -17.88 16.58 25.25
N PRO MA 283 -18.53 17.74 25.43
CA PRO MA 283 -19.72 17.78 26.30
C PRO MA 283 -20.82 16.85 25.85
N GLN MA 284 -20.87 16.49 24.57
CA GLN MA 284 -21.85 15.51 24.11
C GLN MA 284 -21.62 14.13 24.69
N TRP MA 285 -20.38 13.82 25.08
CA TRP MA 285 -20.11 12.55 25.73
C TRP MA 285 -20.86 12.42 27.05
N ALA MA 286 -20.90 13.51 27.83
CA ALA MA 286 -21.64 13.50 29.08
C ALA MA 286 -23.13 13.29 28.84
N THR MA 287 -23.67 13.93 27.79
CA THR MA 287 -25.07 13.71 27.45
C THR MA 287 -25.32 12.28 27.01
N ALA MA 288 -24.40 11.69 26.25
CA ALA MA 288 -24.54 10.30 25.85
C ALA MA 288 -24.46 9.37 27.06
N MET MA 289 -23.61 9.71 28.03
CA MET MA 289 -23.52 8.90 29.25
C MET MA 289 -24.83 8.91 30.01
N LEU MA 290 -25.51 10.06 30.04
CA LEU MA 290 -26.84 10.10 30.63
C LEU MA 290 -27.84 9.31 29.81
N GLY MA 291 -27.64 9.23 28.50
CA GLY MA 291 -28.55 8.46 27.66
C GLY MA 291 -28.48 6.97 27.95
N ILE MA 292 -27.27 6.46 28.23
CA ILE MA 292 -27.12 5.05 28.55
C ILE MA 292 -27.92 4.69 29.79
N SER MA 293 -27.83 5.52 30.83
CA SER MA 293 -28.62 5.29 32.04
C SER MA 293 -30.11 5.38 31.75
N MET MA 294 -30.52 6.36 30.93
CA MET MA 294 -31.93 6.52 30.62
C MET MA 294 -32.47 5.33 29.84
N VAL MA 295 -31.72 4.85 28.84
CA VAL MA 295 -32.17 3.72 28.04
C VAL MA 295 -32.31 2.48 28.91
N GLN MA 296 -31.34 2.24 29.79
CA GLN MA 296 -31.45 1.10 30.71
C GLN MA 296 -32.66 1.24 31.62
N GLU MA 297 -32.91 2.44 32.13
CA GLU MA 297 -34.08 2.65 32.97
C GLU MA 297 -35.37 2.46 32.19
N LEU MA 298 -35.43 2.99 30.96
CA LEU MA 298 -36.65 2.86 30.16
C LEU MA 298 -36.89 1.40 29.78
N ASN MA 299 -35.84 0.67 29.38
CA ASN MA 299 -36.02 -0.70 28.94
C ASN MA 299 -36.36 -1.61 30.11
N ASN MA 300 -35.60 -1.51 31.21
CA ASN MA 300 -35.75 -2.48 32.30
C ASN MA 300 -37.02 -2.24 33.10
N GLU MA 301 -37.37 -0.99 33.36
CA GLU MA 301 -38.45 -0.69 34.30
C GLU MA 301 -39.73 -0.23 33.62
N TRP MA 302 -39.65 0.35 32.42
CA TRP MA 302 -40.83 0.86 31.73
C TRP MA 302 -41.26 0.00 30.55
N ILE MA 303 -40.35 -0.30 29.63
CA ILE MA 303 -40.74 -0.91 28.36
C ILE MA 303 -40.97 -2.40 28.51
N VAL MA 304 -40.00 -3.12 29.07
CA VAL MA 304 -40.14 -4.57 29.21
C VAL MA 304 -41.31 -4.95 30.12
N PRO MA 305 -41.49 -4.37 31.30
CA PRO MA 305 -42.63 -4.78 32.14
C PRO MA 305 -43.99 -4.57 31.47
N ILE MA 306 -44.16 -3.49 30.71
CA ILE MA 306 -45.46 -3.27 30.07
C ILE MA 306 -45.64 -4.16 28.86
N GLY MA 307 -44.55 -4.53 28.18
CA GLY MA 307 -44.67 -5.40 27.04
C GLY MA 307 -44.94 -6.84 27.42
N GLU MA 308 -44.36 -7.29 28.53
CA GLU MA 308 -44.50 -8.68 28.95
C GLU MA 308 -45.91 -9.02 29.44
N ALA MA 309 -46.77 -8.01 29.63
CA ALA MA 309 -48.10 -8.25 30.15
C ALA MA 309 -49.22 -7.90 29.19
N HIS MA 310 -48.94 -7.16 28.12
CA HIS MA 310 -50.02 -6.68 27.26
C HIS MA 310 -49.75 -6.93 25.77
N LEU MA 311 -48.48 -7.01 25.39
CA LEU MA 311 -48.15 -7.15 23.99
C LEU MA 311 -48.57 -8.52 23.47
N PRO MA 312 -49.19 -8.58 22.30
CA PRO MA 312 -49.62 -9.87 21.73
C PRO MA 312 -48.42 -10.64 21.20
N PRO MA 313 -48.58 -11.94 20.93
CA PRO MA 313 -47.44 -12.73 20.43
C PRO MA 313 -46.87 -12.21 19.12
N GLU MA 314 -47.68 -11.58 18.27
CA GLU MA 314 -47.18 -11.08 16.99
C GLU MA 314 -46.25 -9.89 17.16
N ARG MA 315 -46.24 -9.25 18.33
CA ARG MA 315 -45.36 -8.12 18.59
C ARG MA 315 -44.05 -8.53 19.25
N LEU MA 316 -43.87 -9.82 19.56
CA LEU MA 316 -42.71 -10.27 20.28
C LEU MA 316 -41.55 -10.57 19.32
N GLY MA 317 -40.42 -10.99 19.89
CA GLY MA 317 -39.24 -11.26 19.11
C GLY MA 317 -39.31 -12.57 18.36
N PRO MA 318 -38.48 -12.71 17.33
CA PRO MA 318 -38.48 -13.95 16.54
C PRO MA 318 -37.81 -15.12 17.25
N VAL MA 319 -36.69 -14.85 17.92
CA VAL MA 319 -35.88 -15.92 18.51
C VAL MA 319 -36.35 -16.25 19.90
N TYR MA 320 -36.27 -15.29 20.82
CA TYR MA 320 -36.61 -15.51 22.21
C TYR MA 320 -38.03 -15.11 22.56
N ASN MA 321 -38.82 -14.65 21.58
CA ASN MA 321 -40.17 -14.15 21.83
C ASN MA 321 -40.17 -13.08 22.91
N ASP MA 322 -39.18 -12.20 22.85
CA ASP MA 322 -39.00 -11.17 23.85
C ASP MA 322 -39.67 -9.87 23.42
N VAL MA 323 -39.94 -9.02 24.41
CA VAL MA 323 -40.57 -7.72 24.14
C VAL MA 323 -39.60 -6.84 23.37
N PRO MA 324 -40.07 -6.07 22.38
CA PRO MA 324 -39.19 -5.10 21.73
C PRO MA 324 -38.67 -4.07 22.73
N LYS MA 325 -37.41 -3.69 22.57
CA LYS MA 325 -36.77 -2.71 23.42
C LYS MA 325 -36.41 -1.47 22.61
N LEU MA 326 -36.18 -0.37 23.32
CA LEU MA 326 -35.75 0.87 22.69
C LEU MA 326 -34.29 1.13 23.01
N ALA MA 327 -33.67 1.97 22.18
CA ALA MA 327 -32.27 2.33 22.33
C ALA MA 327 -32.10 3.74 21.77
N CYS MA 328 -30.85 4.11 21.47
CA CYS MA 328 -30.56 5.46 21.02
C CYS MA 328 -31.32 5.81 19.74
N LYS MA 329 -31.34 4.88 18.78
CA LYS MA 329 -31.97 5.15 17.49
C LYS MA 329 -33.47 5.22 17.56
N THR MA 330 -34.08 4.78 18.66
CA THR MA 330 -35.55 4.82 18.75
C THR MA 330 -36.05 6.25 18.77
N CYS MA 331 -35.29 7.17 19.36
CA CYS MA 331 -35.65 8.58 19.41
C CYS MA 331 -34.98 9.40 18.32
N HIS MA 332 -33.65 9.25 18.15
CA HIS MA 332 -32.94 10.07 17.18
C HIS MA 332 -33.27 9.66 15.75
N LYS MA 333 -33.27 8.36 15.47
CA LYS MA 333 -33.55 7.84 14.13
C LYS MA 333 -32.61 8.43 13.10
N GLY MA 334 -31.33 8.51 13.44
CA GLY MA 334 -30.31 8.94 12.51
C GLY MA 334 -29.99 10.42 12.53
N TYR MA 335 -30.41 11.16 13.55
CA TYR MA 335 -30.18 12.60 13.64
C TYR MA 335 -29.53 12.94 14.97
N GLN MA 336 -28.75 14.01 14.96
CA GLN MA 336 -28.01 14.40 16.16
C GLN MA 336 -28.93 14.68 17.34
N GLN MA 337 -30.10 15.26 17.07
CA GLN MA 337 -31.13 15.43 18.08
C GLN MA 337 -32.46 14.96 17.50
N PRO MA 338 -33.34 14.42 18.34
CA PRO MA 338 -34.64 13.97 17.83
C PRO MA 338 -35.41 15.11 17.19
N LEU MA 339 -35.83 14.88 15.94
CA LEU MA 339 -36.48 15.92 15.13
C LEU MA 339 -35.59 17.15 14.99
N GLN MA 340 -34.29 16.94 14.97
CA GLN MA 340 -33.30 18.01 14.81
C GLN MA 340 -33.50 19.12 15.84
N GLY MA 341 -33.71 18.71 17.08
CA GLY MA 341 -33.83 19.67 18.17
C GLY MA 341 -35.12 20.44 18.20
N LEU MA 342 -36.18 19.91 17.59
CA LEU MA 342 -37.46 20.61 17.60
C LEU MA 342 -38.05 20.62 19.01
N ASN MA 343 -38.59 21.77 19.41
CA ASN MA 343 -39.21 21.93 20.71
C ASN MA 343 -40.58 21.26 20.67
N VAL MA 344 -40.62 20.00 21.12
CA VAL MA 344 -41.84 19.20 21.09
C VAL MA 344 -42.54 19.13 22.43
N VAL MA 345 -42.01 19.80 23.45
CA VAL MA 345 -42.58 19.75 24.80
C VAL MA 345 -43.09 21.11 25.27
N ALA MA 346 -42.78 22.19 24.56
CA ALA MA 346 -43.22 23.52 25.00
C ALA MA 346 -44.74 23.62 25.00
N ASP MA 347 -45.40 23.06 23.98
CA ASP MA 347 -46.83 23.13 23.84
C ASP MA 347 -47.54 21.89 24.39
N TRP MA 348 -46.83 21.02 25.10
CA TRP MA 348 -47.40 19.82 25.69
C TRP MA 348 -46.95 19.70 27.14
N PRO MA 349 -47.47 20.57 28.03
CA PRO MA 349 -47.11 20.46 29.44
C PRO MA 349 -47.61 19.18 30.11
N GLU MA 350 -48.60 18.51 29.52
CA GLU MA 350 -49.13 17.29 30.11
C GLU MA 350 -48.08 16.19 30.16
N LEU MA 351 -47.26 16.09 29.12
CA LEU MA 351 -46.21 15.08 29.05
C LEU MA 351 -44.87 15.58 29.59
N ALA MA 352 -44.84 16.79 30.16
CA ALA MA 352 -43.60 17.36 30.65
C ALA MA 352 -43.32 17.05 32.12
N THR MA 353 -44.32 16.57 32.86
CA THR MA 353 -44.13 16.30 34.28
C THR MA 353 -45.16 15.28 34.73
N THR MA 354 -44.87 14.64 35.87
CA THR MA 354 -45.73 13.61 36.43
C THR MA 354 -46.64 14.11 37.54
N GLU MA 355 -46.64 15.41 37.82
CA GLU MA 355 -47.36 15.97 38.96
C GLU MA 355 -48.29 17.09 38.48
N GLY MA 356 -49.04 16.81 37.42
CA GLY MA 356 -50.00 17.75 36.91
C GLY MA 356 -49.35 18.80 36.03
N PRO MA 357 -49.98 19.09 34.89
CA PRO MA 357 -49.39 20.07 33.96
C PRO MA 357 -49.29 21.44 34.60
N PHE MA 358 -48.21 22.15 34.27
CA PHE MA 358 -47.96 23.50 34.75
C PHE MA 358 -47.93 24.43 33.55
N TYR MA 359 -49.10 24.90 33.14
CA TYR MA 359 -49.17 25.80 31.98
C TYR MA 359 -48.59 27.17 32.31
N ASP MA 360 -48.84 27.67 33.51
CA ASP MA 360 -48.32 28.96 33.97
C ASP MA 360 -48.71 30.10 33.03
MG BCL NA . -15.95 -42.83 12.89
CHA BCL NA . -15.82 -44.64 10.07
CHB BCL NA . -12.59 -42.84 13.00
CHC BCL NA . -16.16 -41.52 16.00
CHD BCL NA . -19.38 -43.60 13.12
NA BCL NA . -14.43 -43.54 11.65
C1A BCL NA . -14.58 -44.22 10.45
C2A BCL NA . -13.24 -44.67 9.85
C3A BCL NA . -12.20 -44.17 10.92
C4A BCL NA . -13.13 -43.49 11.90
CMA BCL NA . -11.63 -45.36 11.69
CAA BCL NA . -13.03 -44.11 8.47
CBA BCL NA . -11.62 -43.62 8.22
CGA BCL NA . -11.29 -43.75 6.75
O1A BCL NA . -11.81 -44.42 6.01
O2A BCL NA . -10.49 -42.93 6.29
NB BCL NA . -14.66 -42.28 14.27
C1B BCL NA . -13.31 -42.36 14.10
C2B BCL NA . -12.70 -41.88 15.24
C3B BCL NA . -13.66 -41.50 16.12
C4B BCL NA . -14.91 -41.74 15.50
CMB BCL NA . -11.20 -41.87 15.31
CAB BCL NA . -13.48 -40.89 17.52
OBB BCL NA . -14.41 -40.60 18.18
CBB BCL NA . -12.19 -40.60 18.23
NC BCL NA . -17.47 -42.70 14.28
C1C BCL NA . -17.34 -42.04 15.45
C2C BCL NA . -18.61 -42.01 16.26
C3C BCL NA . -19.61 -42.76 15.46
C4C BCL NA . -18.82 -42.95 14.17
CMC BCL NA . -18.45 -42.88 17.49
CAC BCL NA . -20.71 -41.70 15.27
CBC BCL NA . -22.11 -42.15 15.71
ND BCL NA . -17.30 -43.84 11.93
C1D BCL NA . -18.65 -44.11 12.05
C2D BCL NA . -19.17 -44.91 11.03
C3D BCL NA . -18.10 -45.12 10.28
C4D BCL NA . -17.00 -44.47 10.82
CMD BCL NA . -20.57 -45.40 10.85
CAD BCL NA . -17.67 -45.82 9.02
OBD BCL NA . -18.33 -46.54 8.18
CBD BCL NA . -16.22 -45.27 8.72
CGD BCL NA . -15.42 -46.57 8.44
O1D BCL NA . -15.23 -47.36 9.18
O2D BCL NA . -14.96 -46.77 7.28
CED BCL NA . -14.19 -48.09 7.16
C1 BCL NA . -9.67 -43.27 5.12
C2 BCL NA . -8.19 -43.02 5.34
C3 BCL NA . -7.31 -42.99 4.36
C4 BCL NA . -7.64 -43.52 3.01
C5 BCL NA . -5.79 -42.82 4.62
C6 BCL NA . -5.25 -44.09 5.31
C7 BCL NA . -3.89 -43.68 5.89
C8 BCL NA . -2.92 -44.82 6.04
C9 BCL NA . -1.70 -44.45 6.88
C10 BCL NA . -2.49 -45.11 4.64
C11 BCL NA . -1.62 -46.31 4.71
C12 BCL NA . -1.36 -46.64 3.25
C13 BCL NA . -0.57 -47.94 3.19
C14 BCL NA . -0.07 -48.10 1.77
C15 BCL NA . -1.45 -49.12 3.58
C16 BCL NA . -0.52 -50.30 3.56
C17 BCL NA . -1.28 -51.50 4.05
C18 BCL NA . -2.52 -51.82 3.22
C19 BCL NA . -3.41 -52.61 4.14
C20 BCL NA . -2.17 -52.75 2.04
MG BCL OA . -22.14 -42.90 6.14
CHA BCL OA . -18.80 -42.93 5.73
CHB BCL OA . -22.41 -43.27 2.80
CHC BCL OA . -25.43 -42.34 6.49
CHD BCL OA . -21.64 -41.38 9.28
NA BCL OA . -20.82 -43.27 4.56
C1A BCL OA . -19.44 -43.32 4.61
C2A BCL OA . -18.83 -43.95 3.35
C3A BCL OA . -20.01 -43.76 2.32
C4A BCL OA . -21.13 -43.38 3.28
CMA BCL OA . -19.75 -42.48 1.52
CAA BCL OA . -18.40 -45.38 3.63
CBA BCL OA . -18.50 -46.32 2.46
CGA BCL OA . -17.66 -45.82 1.30
O1A BCL OA . -16.74 -45.16 1.39
O2A BCL OA . -18.22 -45.83 0.20
NB BCL OA . -23.66 -42.81 4.91
C1B BCL OA . -23.56 -43.00 3.57
C2B BCL OA . -24.81 -42.86 3.02
C3B BCL OA . -25.70 -42.60 4.00
C4B BCL OA . -24.98 -42.57 5.23
CMB BCL OA . -25.00 -43.02 1.53
CAB BCL OA . -27.21 -42.39 3.76
OBB BCL OA . -27.71 -42.45 2.69
CBB BCL OA . -28.22 -42.11 4.83
NC BCL OA . -23.26 -42.01 7.61
C1C BCL OA . -24.61 -41.97 7.57
C2C BCL OA . -25.22 -41.49 8.86
C3C BCL OA . -24.09 -41.01 9.69
C4C BCL OA . -22.92 -41.54 8.85
CMC BCL OA . -26.01 -40.22 8.61
CAC BCL OA . -24.26 -41.85 10.97
CBC BCL OA . -25.07 -41.15 12.08
ND BCL OA . -20.68 -42.29 7.26
C1D BCL OA . -20.54 -41.70 8.50
C2D BCL OA . -19.21 -41.46 8.88
C3D BCL OA . -18.53 -41.91 7.82
C4D BCL OA . -19.43 -42.41 6.88
CMD BCL OA . -18.71 -40.82 10.14
CAD BCL OA . -17.15 -42.09 7.30
OBD BCL OA . -15.99 -41.79 7.81
CBD BCL OA . -17.28 -42.98 6.00
CGD BCL OA . -16.52 -42.22 4.88
O1D BCL OA . -15.42 -42.26 4.74
O2D BCL OA . -17.15 -41.51 4.06
CED BCL OA . -16.28 -40.82 3.00
C1 BCL OA . -18.53 -47.11 -0.48
C2 BCL OA . -20.03 -47.36 -0.53
C3 BCL OA . -20.58 -48.56 -0.55
C4 BCL OA . -19.92 -49.72 -1.24
C5 BCL OA . -22.02 -48.83 -0.05
C6 BCL OA . -22.01 -49.70 1.23
C7 BCL OA . -21.51 -48.80 2.37
C8 BCL OA . -22.47 -47.70 2.77
C9 BCL OA . -21.85 -46.73 3.78
C10 BCL OA . -23.62 -48.41 3.40
C11 BCL OA . -24.56 -47.36 3.85
C12 BCL OA . -25.88 -48.09 3.97
C13 BCL OA . -27.04 -47.08 3.89
C14 BCL OA . -26.72 -46.07 2.78
C15 BCL OA . -27.22 -46.36 5.20
C16 BCL OA . -28.71 -46.20 5.35
C17 BCL OA . -29.28 -47.56 5.68
C18 BCL OA . -30.42 -47.50 6.69
C19 BCL OA . -30.35 -48.80 7.44
C20 BCL OA . -31.79 -47.47 5.99
MG BCL PA . -30.94 15.31 -31.75
CHA BCL PA . -28.91 16.64 -34.07
CHB BCL PA . -30.47 12.34 -33.26
CHC BCL PA . -33.08 14.06 -29.56
CHD BCL PA . -32.71 18.37 -31.63
NA BCL PA . -29.65 14.56 -33.21
C1A BCL PA . -28.79 15.29 -34.01
C2A BCL PA . -27.80 14.39 -34.75
C3A BCL PA . -28.27 12.95 -34.30
C4A BCL PA . -29.60 13.32 -33.68
CMA BCL PA . -28.64 12.12 -35.53
CAA BCL PA . -26.37 14.74 -34.40
CBA BCL PA . -25.45 13.55 -34.32
CGA BCL PA . -24.02 13.98 -34.60
O1A BCL PA . -23.64 15.05 -34.61
O2A BCL PA . -23.34 13.17 -35.24
NB BCL PA . -31.67 13.52 -31.44
C1B BCL PA . -31.36 12.41 -32.16
C2B BCL PA . -32.08 11.35 -31.66
C3B BCL PA . -32.83 11.80 -30.61
C4B BCL PA . -32.56 13.18 -30.46
CMB BCL PA . -31.95 9.99 -32.31
CAB BCL PA . -33.80 11.04 -29.69
OBB BCL PA . -34.37 11.57 -28.82
CBB BCL PA . -34.14 9.58 -29.74
NC BCL PA . -32.56 16.12 -30.79
C1C BCL PA . -33.29 15.41 -29.89
C2C BCL PA . -34.68 16.00 -29.76
C3C BCL PA . -34.55 17.40 -30.23
C4C BCL PA . -33.16 17.34 -30.87
CMC BCL PA . -35.58 15.37 -30.79
CAC BCL PA . -34.52 18.18 -28.91
CBC BCL PA . -35.27 19.52 -28.93
ND BCL PA . -30.89 17.07 -32.58
C1D BCL PA . -31.62 18.24 -32.50
C2D BCL PA . -31.15 19.26 -33.35
C3D BCL PA . -30.13 18.67 -33.95
C4D BCL PA . -29.99 17.36 -33.49
CMD BCL PA . -31.68 20.65 -33.52
CAD BCL PA . -29.05 18.91 -34.96
OBD BCL PA . -28.78 19.96 -35.67
CBD BCL PA . -28.13 17.63 -34.95
CGD BCL PA . -28.14 17.15 -36.43
O1D BCL PA . -29.06 16.88 -36.98
O2D BCL PA . -27.07 17.05 -37.07
CED BCL PA . -27.26 16.56 -38.51
C1 BCL PA . -21.93 12.93 -34.89
C2 BCL PA . -21.48 11.50 -35.19
C3 BCL PA . -20.71 11.18 -36.20
C4 BCL PA . -20.25 12.22 -37.17
C5 BCL PA . -19.94 9.85 -36.28
C6 BCL PA . -20.89 8.66 -36.02
C7 BCL PA . -19.99 7.41 -36.03
C8 BCL PA . -20.70 6.15 -36.45
C9 BCL PA . -19.89 4.88 -36.16
C10 BCL PA . -20.92 6.30 -37.92
C11 BCL PA . -19.60 6.16 -38.60
C12 BCL PA . -19.97 6.22 -40.07
C13 BCL PA . -18.86 5.51 -40.85
C14 BCL PA . -17.57 6.31 -40.69
C15 BCL PA . -19.23 5.38 -42.32
C16 BCL PA . -19.43 6.78 -42.80
C17 BCL PA . -20.31 6.72 -44.02
C18 BCL PA . -20.93 8.08 -44.36
C19 BCL PA . -22.23 7.76 -45.05
C20 BCL PA . -20.08 8.85 -45.38
MG BCL QA . -27.65 24.04 -31.95
CHA BCL QA . -26.16 21.20 -32.90
CHB BCL QA . -25.24 25.76 -33.44
CHC BCL QA . -29.02 26.78 -30.57
CHD BCL QA . -29.76 22.17 -29.88
NA BCL QA . -26.12 23.56 -33.27
C1A BCL QA . -25.58 22.30 -33.46
C2A BCL QA . -24.45 22.31 -34.49
C3A BCL QA . -23.95 23.80 -34.34
C4A BCL QA . -25.18 24.41 -33.68
CMA BCL QA . -22.85 23.85 -33.27
CAA BCL QA . -24.96 21.94 -35.86
CBA BCL QA . -24.01 21.12 -36.68
CGA BCL QA . -22.66 21.80 -36.72
O1A BCL QA . -21.78 21.57 -36.04
O2A BCL QA . -22.41 22.46 -37.75
NB BCL QA . -27.24 25.94 -31.97
C1B BCL QA . -26.19 26.46 -32.66
C2B BCL QA . -26.17 27.83 -32.46
C3B BCL QA . -27.23 28.16 -31.67
C4B BCL QA . -27.91 26.95 -31.34
CMB BCL QA . -25.10 28.64 -33.13
CAB BCL QA . -27.63 29.56 -31.17
OBB BCL QA . -28.57 29.71 -30.47
CBB BCL QA . -26.96 30.86 -31.47
NC BCL QA . -29.38 24.33 -30.88
C1C BCL QA . -29.72 25.57 -30.43
C2C BCL QA . -31.01 25.53 -29.63
C3C BCL QA . -31.06 24.15 -29.10
C4C BCL QA . -30.08 23.48 -30.07
CMC BCL QA . -30.85 26.37 -28.37
CAC BCL QA . -32.51 23.74 -29.39
CBC BCL QA . -33.41 23.66 -28.16
ND BCL QA . -27.95 22.19 -31.45
C1D BCL QA . -28.81 21.50 -30.63
C2D BCL QA . -28.60 20.11 -30.63
C3D BCL QA . -27.59 19.98 -31.50
C4D BCL QA . -27.22 21.23 -31.97
CMD BCL QA . -29.33 19.05 -29.86
CAD BCL QA . -26.71 18.96 -32.14
OBD BCL QA . -26.66 17.66 -32.01
CBD BCL QA . -25.93 19.72 -33.27
CGD BCL QA . -24.45 19.34 -33.03
O1D BCL QA . -23.86 19.64 -32.15
O2D BCL QA . -23.85 18.62 -33.87
CED BCL QA . -22.40 18.32 -33.48
C1 BCL QA . -22.25 23.91 -37.68
C2 BCL QA . -22.96 24.63 -38.82
C3 BCL QA . -24.17 25.15 -38.72
C4 BCL QA . -24.76 25.95 -39.85
C5 BCL QA . -24.93 25.28 -37.38
C6 BCL QA . -26.43 24.97 -37.58
C7 BCL QA . -27.17 25.94 -36.65
C8 BCL QA . -27.35 27.30 -37.25
C9 BCL QA . -26.57 28.40 -36.52
C10 BCL QA . -28.83 27.57 -37.18
C11 BCL QA . -29.21 27.81 -35.76
C12 BCL QA . -29.94 29.14 -35.79
C13 BCL QA . -31.40 28.91 -36.20
C14 BCL QA . -31.63 29.66 -37.52
C15 BCL QA . -32.33 29.42 -35.13
C16 BCL QA . -33.70 29.52 -35.74
C17 BCL QA . -34.29 30.84 -35.31
C18 BCL QA . -34.77 31.67 -36.49
C19 BCL QA . -34.91 33.08 -35.96
C20 BCL QA . -36.18 31.25 -36.95
C2 A1EFU RA . -21.70 24.58 -26.10
C3 A1EFU RA . -21.58 25.30 -27.43
C4 A1EFU RA . -20.84 24.61 -28.31
C6 A1EFU RA . -19.00 24.27 -29.91
C8 A1EFU RA . -18.97 23.78 -32.24
C11 A1EFU RA . -18.21 22.89 -35.79
C15 A1EFU RA . -18.08 19.19 -38.98
O1 A1EFU RA . -22.91 23.71 -24.30
C19 A1EFU RA . -18.01 16.07 -42.42
C18 A1EFU RA . -18.51 16.43 -41.23
C1 A1EFU RA . -23.09 24.52 -25.44
C7 A1EFU RA . -19.05 24.78 -31.36
C9 A1EFU RA . -18.18 23.71 -33.51
C10 A1EFU RA . -18.23 22.61 -34.28
C17 A1EFU RA . -17.88 17.34 -40.47
C5 A1EFU RA . -19.63 25.09 -29.05
C16 A1EFU RA . -18.78 18.37 -39.79
C14 A1EFU RA . -18.95 20.30 -38.38
C13 A1EFU RA . -18.26 21.29 -37.79
C12 A1EFU RA . -18.74 21.91 -36.51
C20 A1EFU RA . -18.51 15.18 -43.28
C21 A1EFU RA . -17.46 14.64 -44.27
C22 A1EFU RA . -17.07 13.38 -44.05
C23 A1EFU RA . -16.72 12.68 -45.37
C24 A1EFU RA . -15.36 13.07 -45.95
C25 A1EFU RA . -14.69 11.94 -46.68
C26 A1EFU RA . -14.32 11.89 -47.96
C27 A1EFU RA . -13.65 10.67 -48.53
C28 A1EFU RA . -12.12 10.70 -48.41
C29 A1EFU RA . -11.46 11.35 -49.60
C30 A1EFU RA . -10.33 10.99 -50.21
CM1 A1EFU RA . -23.59 25.91 -25.06
CM2 A1EFU RA . -24.01 23.89 -26.48
CM3 A1EFU RA . -19.01 26.44 -28.90
CM4 A1EFU RA . -17.28 24.81 -34.00
CM5 A1EFU RA . -17.00 21.73 -38.50
CM6 A1EFU RA . -19.77 15.86 -40.64
CM7 A1EFU RA . -15.92 13.31 -43.06
CM8 A1EFU RA . -14.52 13.00 -48.94
CM9 A1EFU RA . -9.54 9.80 -49.74
CMA A1EFU RA . -24.05 23.48 -23.51
CMB A1EFU RA . -9.73 11.68 -51.39
O2 A1EFU RA . -20.75 24.08 -25.56
C2 A1EFU SA . -45.91 19.69 -33.34
C3 A1EFU SA . -44.59 20.42 -33.48
C4 A1EFU SA . -43.55 19.60 -33.62
C6 A1EFU SA . -41.42 18.83 -34.56
C8 A1EFU SA . -39.09 18.54 -34.87
C11 A1EFU SA . -35.54 17.49 -34.66
C15 A1EFU SA . -32.94 15.25 -36.97
O1 A1EFU SA . -48.04 19.46 -34.30
C19 A1EFU SA . -29.44 13.24 -38.84
C18 A1EFU SA . -30.69 12.95 -38.48
C1 A1EFU SA . -46.68 19.30 -34.63
C7 A1EFU SA . -40.00 19.41 -34.44
C9 A1EFU SA . -37.84 18.07 -34.19
C10 A1EFU SA . -37.05 17.18 -34.79
C17 A1EFU SA . -31.28 13.61 -37.49
C5 A1EFU SA . -42.39 19.74 -34.55
C16 A1EFU SA . -32.49 14.45 -37.93
C14 A1EFU SA . -33.29 16.64 -37.50
C13 A1EFU SA . -33.93 17.42 -36.63
C12 A1EFU SA . -34.84 16.83 -35.59
C20 A1EFU SA . -28.71 12.67 -39.80
C21 A1EFU SA . -27.21 12.61 -39.46
C22 A1EFU SA . -26.68 11.39 -39.64
C23 A1EFU SA . -25.25 11.51 -40.21
C24 A1EFU SA . -24.17 11.86 -39.18
C25 A1EFU SA . -22.91 11.10 -39.42
C26 A1EFU SA . -21.93 11.36 -40.31
C27 A1EFU SA . -20.72 10.47 -40.39
C28 A1EFU SA . -19.42 11.25 -40.68
C29 A1EFU SA . -18.22 10.35 -40.65
C30 A1EFU SA . -17.00 10.64 -40.22
CM1 A1EFU SA . -46.28 20.21 -35.80
CM2 A1EFU SA . -46.30 17.85 -34.93
CM3 A1EFU SA . -42.21 20.87 -35.52
CM4 A1EFU SA . -37.42 18.52 -32.82
CM5 A1EFU SA . -33.66 18.89 -36.78
CM6 A1EFU SA . -31.54 11.91 -39.15
CM7 A1EFU SA . -26.71 10.57 -38.36
CM8 A1EFU SA . -21.96 12.51 -41.27
CM9 A1EFU SA . -16.66 12.00 -39.67
CMA A1EFU SA . -48.98 19.23 -35.33
CMB A1EFU SA . -15.84 9.68 -40.22
O2 A1EFU SA . -46.37 19.40 -32.27
MG BCL TA . -37.68 -16.74 -22.72
CHA BCL TA . -36.61 -16.38 -25.88
CHB BCL TA . -35.33 -19.07 -22.24
CHC BCL TA . -39.10 -17.35 -19.71
CHD BCL TA . -40.52 -14.85 -23.55
NA BCL TA . -36.17 -17.58 -23.89
C1A BCL TA . -35.84 -17.27 -25.20
C2A BCL TA . -34.70 -18.14 -25.75
C3A BCL TA . -34.44 -19.15 -24.57
C4A BCL TA . -35.33 -18.55 -23.51
CMA BCL TA . -35.09 -20.50 -24.89
CAA BCL TA . -33.51 -17.30 -26.13
CBA BCL TA . -32.64 -17.92 -27.19
CGA BCL TA . -31.19 -17.58 -26.90
O1A BCL TA . -30.81 -16.99 -26.00
O2A BCL TA . -30.37 -17.85 -27.79
NB BCL TA . -37.32 -17.97 -21.23
C1B BCL TA . -36.29 -18.85 -21.23
C2B BCL TA . -36.32 -19.55 -20.04
C3B BCL TA . -37.36 -19.10 -19.30
C4B BCL TA . -38.00 -18.08 -20.06
CMB BCL TA . -35.27 -20.61 -19.79
CAB BCL TA . -37.81 -19.56 -17.91
OBB BCL TA . -38.74 -19.09 -17.37
CBB BCL TA . -37.17 -20.62 -17.06
NC BCL TA . -39.50 -16.27 -21.90
C1C BCL TA . -39.84 -16.58 -20.62
C2C BCL TA . -41.04 -15.82 -20.13
C3C BCL TA . -41.64 -15.20 -21.34
C4C BCL TA . -40.53 -15.48 -22.36
CMC BCL TA . -42.12 -16.79 -19.69
CAC BCL TA . -41.67 -13.72 -20.98
CBC BCL TA . -42.97 -13.23 -20.32
ND BCL TA . -38.45 -15.84 -24.25
C1D BCL TA . -39.57 -15.09 -24.52
C2D BCL TA . -39.66 -14.64 -25.85
C3D BCL TA . -38.53 -15.12 -26.37
C4D BCL TA . -37.82 -15.83 -25.40
CMD BCL TA . -40.73 -13.82 -26.49
CAD BCL TA . -37.75 -15.16 -27.64
OBD BCL TA . -38.01 -14.65 -28.82
CBD BCL TA . -36.35 -15.77 -27.27
CGD BCL TA . -36.16 -16.88 -28.34
O1D BCL TA . -36.71 -17.85 -28.34
O2D BCL TA . -35.35 -16.70 -29.29
CED BCL TA . -35.27 -17.89 -30.25
C1 BCL TA . -29.02 -17.27 -27.76
C2 BCL TA . -28.06 -18.10 -26.92
C3 BCL TA . -27.03 -18.77 -27.42
C4 BCL TA . -26.38 -18.37 -28.71
C5 BCL TA . -26.35 -19.94 -26.67
C6 BCL TA . -25.85 -20.99 -27.68
C7 BCL TA . -25.88 -22.33 -26.96
C8 BCL TA . -24.82 -23.30 -27.40
C9 BCL TA . -23.41 -22.90 -26.94
C10 BCL TA . -24.90 -23.27 -28.89
C11 BCL TA . -23.87 -24.19 -29.41
C12 BCL TA . -24.00 -24.01 -30.91
C13 BCL TA . -23.22 -25.15 -31.59
C14 BCL TA . -21.81 -24.60 -31.85
C15 BCL TA . -23.86 -25.55 -32.88
C16 BCL TA . -25.23 -26.04 -32.50
C17 BCL TA . -25.90 -26.55 -33.76
C18 BCL TA . -26.71 -25.47 -34.46
C19 BCL TA . -28.00 -26.15 -34.87
C20 BCL TA . -26.04 -25.02 -35.78
C2 A1EFU UA . -54.18 -19.90 -21.13
C3 A1EFU UA . -53.33 -18.86 -21.82
C4 A1EFU UA . -52.08 -19.29 -22.04
C6 A1EFU UA . -50.04 -19.65 -23.37
C8 A1EFU UA . -47.79 -19.19 -23.97
C11 A1EFU UA . -44.41 -18.75 -24.93
C15 A1EFU UA . -40.09 -20.05 -26.61
O1 A1EFU UA . -56.00 -18.40 -20.98
C19 A1EFU UA . -35.91 -21.33 -28.16
C18 A1EFU UA . -37.18 -21.67 -27.92
C1 A1EFU UA . -55.70 -19.77 -21.23
C7 A1EFU UA . -49.00 -18.63 -23.86
C9 A1EFU UA . -46.45 -18.59 -23.67
C10 A1EFU UA . -45.34 -19.31 -23.84
C17 A1EFU UA . -38.13 -20.74 -27.81
C5 A1EFU UA . -51.28 -19.17 -23.31
C16 A1EFU UA . -39.11 -20.96 -26.66
C14 A1EFU UA . -41.13 -20.40 -25.55
C13 A1EFU UA . -41.96 -19.41 -25.24
C12 A1EFU UA . -43.44 -19.63 -25.22
C20 A1EFU UA . -34.86 -22.15 -28.30
C21 A1EFU UA . -33.70 -21.52 -29.07
C22 A1EFU UA . -32.82 -22.41 -29.51
C23 A1EFU UA . -31.79 -21.74 -30.43
C24 A1EFU UA . -30.66 -21.01 -29.70
C25 A1EFU UA . -29.29 -21.41 -30.19
C26 A1EFU UA . -28.46 -20.66 -30.91
C27 A1EFU UA . -27.12 -21.21 -31.33
C28 A1EFU UA . -26.61 -20.63 -32.66
C29 A1EFU UA . -25.13 -20.73 -32.78
C30 A1EFU UA . -24.25 -19.76 -33.06
CM1 A1EFU UA . -56.17 -20.18 -22.63
CM2 A1EFU UA . -56.29 -20.73 -20.18
CM3 A1EFU UA . -51.78 -18.52 -24.57
CM4 A1EFU UA . -46.25 -17.20 -23.15
CM5 A1EFU UA . -41.30 -18.10 -24.90
CM6 A1EFU UA . -37.65 -23.09 -27.77
CM7 A1EFU UA . -32.12 -23.15 -28.38
CM8 A1EFU UA . -28.76 -19.27 -31.37
CM9 A1EFU UA . -22.79 -20.03 -33.15
CMA A1EFU UA . -56.08 -17.98 -19.64
CMB A1EFU UA . -24.63 -18.33 -33.31
O2 A1EFU UA . -53.69 -20.81 -20.50
MG BCL VA . -34.95 7.77 -32.28
CHA BCL VA . -32.91 5.20 -32.47
CHB BCL VA . -32.63 9.74 -33.63
CHC BCL VA . -37.31 10.06 -32.35
CHD BCL VA . -36.48 6.33 -29.46
NA BCL VA . -32.99 7.52 -32.93
C1A BCL VA . -32.37 6.29 -33.10
C2A BCL VA . -31.54 6.28 -34.40
C3A BCL VA . -31.46 7.82 -34.75
C4A BCL VA . -32.27 8.42 -33.60
CMA BCL VA . -30.01 8.27 -34.58
CAA BCL VA . -32.17 5.40 -35.45
CBA BCL VA . -31.25 4.39 -36.07
CGA BCL VA . -30.45 5.01 -37.20
O1A BCL VA . -30.23 4.54 -38.21
O2A BCL VA . -30.02 6.17 -37.01
NB BCL VA . -35.01 9.62 -32.89
C1B BCL VA . -33.95 10.27 -33.44
C2B BCL VA . -34.39 11.54 -33.78
C3B BCL VA . -35.69 11.68 -33.43
C4B BCL VA . -36.11 10.43 -32.87
CMB BCL VA . -33.53 12.58 -34.43
CAB BCL VA . -36.53 12.96 -33.65
OBB BCL VA . -36.10 13.94 -34.14
CBB BCL VA . -37.97 13.12 -33.29
NC BCL VA . -36.64 8.02 -31.15
C1C BCL VA . -37.44 9.11 -31.31
C2C BCL VA . -38.07 9.50 -30.00
C3C BCL VA . -37.46 8.60 -28.99
C4C BCL VA . -37.00 7.49 -29.95
CMC BCL VA . -37.57 10.87 -29.57
CAC BCL VA . -38.65 8.18 -28.11
CBC BCL VA . -39.73 7.38 -28.84
ND BCL VA . -34.81 6.19 -31.17
C1D BCL VA . -35.43 5.65 -30.08
C2D BCL VA . -34.90 4.41 -29.68
C3D BCL VA . -33.93 4.22 -30.58
C4D BCL VA . -33.91 5.29 -31.46
CMD BCL VA . -35.30 3.53 -28.54
CAD BCL VA . -32.87 3.26 -31.01
OBD BCL VA . -32.49 2.12 -30.51
CBD BCL VA . -32.42 3.75 -32.45
CGD BCL VA . -30.87 3.69 -32.40
O1D BCL VA . -30.24 4.29 -31.72
O2D BCL VA . -30.25 2.93 -33.19
CED BCL VA . -28.73 2.98 -33.02
C1 BCL VA . -29.28 6.87 -38.06
C2 BCL VA . -30.07 8.03 -38.65
C3 BCL VA . -30.25 8.21 -39.94
C4 BCL VA . -29.22 7.76 -40.94
C5 BCL VA . -31.63 8.54 -40.56
C6 BCL VA . -32.72 7.65 -39.91
C7 BCL VA . -33.52 8.59 -39.00
C8 BCL VA . -34.07 7.92 -37.77
C9 BCL VA . -35.17 6.89 -38.07
C10 BCL VA . -34.64 9.04 -36.95
C11 BCL VA . -35.79 9.59 -37.70
C12 BCL VA . -36.50 10.43 -36.66
C13 BCL VA . -37.85 10.86 -37.27
C14 BCL VA . -38.08 12.32 -36.86
C15 BCL VA . -38.97 9.98 -36.76
C16 BCL VA . -40.18 10.40 -37.53
C17 BCL VA . -41.39 9.91 -36.77
C18 BCL VA . -42.50 10.95 -36.67
C19 BCL VA . -43.15 10.99 -38.03
C20 BCL VA . -41.93 12.36 -36.42
C2 A1EFU WA . -53.11 0.83 -32.50
C3 A1EFU WA . -51.83 1.63 -32.46
C4 A1EFU WA . -50.79 0.93 -32.01
C6 A1EFU WA . -48.54 -0.04 -32.07
C8 A1EFU WA . -46.19 -0.28 -32.35
C11 A1EFU WA . -42.83 -0.83 -33.03
C15 A1EFU WA . -38.62 -2.63 -34.58
O1 A1EFU WA . -55.44 0.77 -32.85
C19 A1EFU WA . -34.55 -4.25 -36.14
C18 A1EFU WA . -35.85 -4.46 -35.92
C1 A1EFU WA . -54.25 1.33 -33.40
C7 A1EFU WA . -47.14 0.61 -32.03
C9 A1EFU WA . -44.82 -0.43 -31.74
C10 A1EFU WA . -43.99 -1.38 -32.20
C17 A1EFU WA . -36.68 -3.42 -35.72
C5 A1EFU WA . -49.46 0.71 -32.67
C16 A1EFU WA . -37.78 -3.66 -34.68
C14 A1EFU WA . -39.84 -2.95 -33.71
C13 A1EFU WA . -40.51 -1.88 -33.28
C12 A1EFU WA . -42.00 -1.82 -33.41
C20 A1EFU WA . -33.59 -5.15 -36.37
C21 A1EFU WA . -32.30 -4.83 -35.63
C22 A1EFU WA . -31.40 -5.83 -35.61
C23 A1EFU WA . -30.70 -5.95 -36.96
C24 A1EFU WA . -29.73 -4.81 -37.28
C25 A1EFU WA . -28.29 -5.21 -37.22
C26 A1EFU WA . -27.37 -5.09 -38.19
C27 A1EFU WA . -25.96 -5.54 -37.97
C28 A1EFU WA . -24.93 -4.40 -38.12
C29 A1EFU WA . -23.93 -4.66 -39.20
C30 A1EFU WA . -22.61 -4.52 -39.15
CM1 A1EFU WA . -54.32 2.84 -33.38
CM2 A1EFU WA . -53.91 0.84 -34.81
CM3 A1EFU WA . -49.07 1.27 -34.01
CM4 A1EFU WA . -44.28 0.44 -30.65
CM5 A1EFU WA . -39.68 -0.80 -32.66
CM6 A1EFU WA . -36.50 -5.81 -35.91
CM7 A1EFU WA . -30.40 -5.66 -34.46
CM8 A1EFU WA . -27.65 -4.51 -39.54
CM9 A1EFU WA . -21.92 -4.05 -37.90
CMA A1EFU WA . -55.98 -0.38 -33.46
CMB A1EFU WA . -21.68 -4.81 -40.29
O2 A1EFU WA . -53.24 -0.17 -31.83
C2 A1EFU XA . -28.74 11.04 -27.70
C3 A1EFU XA . -29.13 11.23 -29.15
C4 A1EFU XA . -28.45 10.42 -29.98
C6 A1EFU XA . -26.65 9.82 -31.54
C8 A1EFU XA . -26.67 9.31 -33.87
C11 A1EFU XA . -25.20 6.94 -36.32
C15 A1EFU XA . -25.06 3.43 -39.63
O1 A1EFU XA . -29.08 11.94 -25.56
C19 A1EFU XA . -24.67 -0.50 -42.12
C18 A1EFU XA . -25.12 0.16 -41.05
C1 A1EFU XA . -29.79 11.33 -26.63
C7 A1EFU XA . -26.40 10.27 -32.98
C9 A1EFU XA . -25.87 8.90 -35.07
C10 A1EFU XA . -26.30 7.90 -35.85
C17 A1EFU XA . -24.67 1.40 -40.79
C5 A1EFU XA . -27.22 10.75 -30.76
C16 A1EFU XA . -25.67 2.36 -40.14
C14 A1EFU XA . -26.03 4.42 -38.95
C13 A1EFU XA . -25.42 5.49 -38.42
C12 A1EFU XA . -25.71 5.91 -37.00
C20 A1EFU XA . -24.99 -1.74 -42.52
C21 A1EFU XA . -23.88 -2.40 -43.33
C22 A1EFU XA . -24.25 -3.55 -43.92
C23 A1EFU XA . -23.31 -3.89 -45.08
C24 A1EFU XA . -21.96 -4.46 -44.66
C25 A1EFU XA . -21.30 -5.25 -45.75
C26 A1EFU XA . -20.48 -4.80 -46.70
C27 A1EFU XA . -19.91 -5.73 -47.74
C28 A1EFU XA . -18.42 -5.48 -48.03
C29 A1EFU XA . -18.17 -5.21 -49.48
C30 A1EFU XA . -17.16 -5.65 -50.25
CM1 A1EFU XA . -30.86 12.27 -27.16
CM2 A1EFU XA . -30.41 9.97 -26.26
CM3 A1EFU XA . -26.53 12.09 -30.76
CM4 A1EFU XA . -24.58 9.55 -35.49
CM5 A1EFU XA . -24.45 6.20 -39.33
CM6 A1EFU XA . -26.10 -0.39 -40.07
CM7 A1EFU XA . -24.35 -4.69 -42.92
CM8 A1EFU XA . -20.08 -3.36 -46.86
CM9 A1EFU XA . -16.09 -6.52 -49.67
CMA A1EFU XA . -28.71 11.15 -24.45
CMB A1EFU XA . -16.98 -5.33 -51.69
O2 A1EFU XA . -27.63 10.68 -27.41
MG BCL YA . -36.40 -0.96 -29.40
CHA BCL YA . -34.93 -0.02 -32.25
CHB BCL YA . -34.57 -3.77 -29.44
CHC BCL YA . -38.37 -2.10 -26.89
CHD BCL YA . -38.78 1.61 -29.89
NA BCL YA . -35.02 -1.81 -30.72
C1A BCL YA . -34.48 -1.24 -31.85
C2A BCL YA . -33.44 -2.14 -32.52
C3A BCL YA . -33.71 -3.52 -31.79
C4A BCL YA . -34.40 -2.99 -30.55
CMA BCL YA . -34.78 -4.29 -32.57
CAA BCL YA . -32.05 -1.56 -32.35
CBA BCL YA . -31.12 -1.84 -33.50
CGA BCL YA . -29.72 -2.10 -32.95
O1A BCL YA . -29.40 -2.06 -31.86
O2A BCL YA . -28.81 -2.21 -33.79
NB BCL YA . -36.49 -2.61 -28.35
C1B BCL YA . -35.63 -3.66 -28.50
C2B BCL YA . -35.98 -4.64 -27.59
C3B BCL YA . -37.04 -4.21 -26.86
C4B BCL YA . -37.37 -2.91 -27.34
CMB BCL YA . -35.20 -5.93 -27.54
CAB BCL YA . -37.78 -4.94 -25.73
OBB BCL YA . -38.70 -4.45 -25.17
CBB BCL YA . -37.49 -6.30 -25.17
NC BCL YA . -38.14 -0.27 -28.54
C1C BCL YA . -38.71 -0.87 -27.46
C2C BCL YA . -39.98 -0.15 -27.05
C3C BCL YA . -40.39 0.55 -28.30
C4C BCL YA . -38.98 0.75 -28.86
CMC BCL YA . -41.10 -1.15 -26.84
CAC BCL YA . -41.00 1.85 -27.78
CBC BCL YA . -40.12 2.65 -26.80
ND BCL YA . -36.82 0.44 -30.68
C1D BCL YA . -37.76 1.44 -30.82
C2D BCL YA . -37.59 2.23 -31.98
C3D BCL YA . -36.52 1.68 -32.53
C4D BCL YA . -36.06 0.62 -31.74
CMD BCL YA . -38.42 3.39 -32.45
CAD BCL YA . -35.61 1.81 -33.70
OBD BCL YA . -35.61 2.64 -34.71
CBD BCL YA . -34.38 0.86 -33.39
CGD BCL YA . -34.22 0.05 -34.71
O1D BCL YA . -35.02 -0.57 -35.15
O2D BCL YA . -33.13 0.08 -35.33
CED BCL YA . -33.14 -0.77 -36.60
C1 BCL YA . -27.40 -2.09 -33.38
C2 BCL YA . -26.77 -3.45 -33.15
C3 BCL YA . -25.68 -3.86 -33.77
C4 BCL YA . -24.99 -3.00 -34.78
C5 BCL YA . -25.00 -5.22 -33.49
C6 BCL YA . -25.88 -6.37 -34.03
C7 BCL YA . -25.20 -7.65 -33.53
C8 BCL YA . -25.27 -8.79 -34.52
C9 BCL YA . -25.54 -10.15 -33.86
C10 BCL YA . -23.91 -8.81 -35.15
C11 BCL YA . -23.99 -9.77 -36.28
C12 BCL YA . -22.75 -9.46 -37.09
C13 BCL YA . -22.92 -10.14 -38.45
C14 BCL YA . -21.59 -10.04 -39.18
C15 BCL YA . -24.00 -9.46 -39.25
C16 BCL YA . -24.42 -10.48 -40.27
C17 BCL YA . -24.51 -9.77 -41.60
C18 BCL YA . -25.79 -8.95 -41.76
C19 BCL YA . -26.93 -9.90 -41.47
C20 BCL YA . -25.99 -8.49 -43.22
MG BCL ZA . -38.43 -9.05 -27.54
CHA BCL ZA . -35.90 -11.26 -27.57
CHB BCL ZA . -36.97 -7.46 -30.12
CHC BCL ZA . -40.72 -6.60 -27.14
CHD BCL ZA . -39.19 -10.10 -24.25
NA BCL ZA . -36.70 -9.33 -28.68
C1A BCL ZA . -35.79 -10.37 -28.59
C2A BCL ZA . -34.98 -10.53 -29.87
C3A BCL ZA . -35.11 -9.09 -30.50
C4A BCL ZA . -36.29 -8.58 -29.70
CMA BCL ZA . -33.92 -8.24 -30.04
CAA BCL ZA . -35.50 -11.68 -30.72
CBA BCL ZA . -34.46 -12.40 -31.52
CGA BCL ZA . -33.71 -11.40 -32.40
O1A BCL ZA . -32.69 -10.95 -32.18
O2A BCL ZA . -34.22 -11.12 -33.49
NB BCL ZA . -38.81 -7.35 -28.44
C1B BCL ZA . -38.09 -6.87 -29.49
C2B BCL ZA . -38.63 -5.66 -29.86
C3B BCL ZA . -39.68 -5.38 -29.05
C4B BCL ZA . -39.80 -6.46 -28.14
CMB BCL ZA . -38.01 -4.91 -31.02
CAB BCL ZA . -40.61 -4.16 -29.07
OBB BCL ZA . -41.49 -4.04 -28.30
CBB BCL ZA . -40.53 -2.98 -30.00
NC BCL ZA . -39.75 -8.59 -26.04
C1C BCL ZA . -40.66 -7.58 -26.15
C2C BCL ZA . -41.59 -7.51 -24.97
C3C BCL ZA . -41.05 -8.46 -23.97
C4C BCL ZA . -39.97 -9.14 -24.80
CMC BCL ZA . -41.43 -6.16 -24.30
CAC BCL ZA . -42.24 -9.41 -23.74
CBC BCL ZA . -43.19 -8.98 -22.60
ND BCL ZA . -37.79 -10.31 -26.20
C1D BCL ZA . -38.13 -10.69 -24.93
C2D BCL ZA . -37.31 -11.70 -24.40
C3D BCL ZA . -36.46 -11.92 -25.39
C4D BCL ZA . -36.76 -11.09 -26.46
CMD BCL ZA . -37.39 -12.36 -23.04
CAD BCL ZA . -35.29 -12.76 -25.79
OBD BCL ZA . -34.64 -13.68 -25.13
CBD BCL ZA . -35.12 -12.56 -27.34
CGD BCL ZA . -33.61 -12.33 -27.53
O1D BCL ZA . -33.02 -11.55 -27.00
O2D BCL ZA . -32.96 -13.05 -28.34
CED BCL ZA . -31.48 -12.68 -28.42
C1 BCL ZA . -33.94 -9.83 -34.13
C2 BCL ZA . -33.17 -10.00 -35.44
C3 BCL ZA . -33.70 -9.86 -36.63
C4 BCL ZA . -32.90 -10.14 -37.86
C5 BCL ZA . -34.96 -8.99 -36.88
C6 BCL ZA . -35.76 -9.56 -38.07
C7 BCL ZA . -36.69 -10.62 -37.48
C8 BCL ZA . -38.12 -10.18 -37.27
C9 BCL ZA . -38.49 -8.89 -38.00
C10 BCL ZA . -38.20 -9.96 -35.78
C11 BCL ZA . -39.59 -9.53 -35.49
C12 BCL ZA . -39.86 -10.13 -34.12
C13 BCL ZA . -39.33 -9.17 -33.05
C14 BCL ZA . -38.37 -9.98 -32.17
C15 BCL ZA . -40.45 -8.61 -32.22
C16 BCL ZA . -40.65 -7.21 -32.71
C17 BCL ZA . -41.61 -6.52 -31.75
C18 BCL ZA . -43.05 -6.60 -32.21
C19 BCL ZA . -43.63 -5.23 -31.97
C20 BCL ZA . -43.87 -7.57 -31.34
C2 A1EFU AB . -32.50 -3.13 -24.77
C3 A1EFU AB . -32.95 -3.45 -26.18
C4 A1EFU AB . -32.02 -4.07 -26.90
C6 A1EFU AB . -30.95 -4.93 -28.93
C8 A1EFU AB . -30.94 -6.39 -30.82
C11 A1EFU AB . -29.39 -8.96 -33.12
C15 A1EFU AB . -28.82 -13.22 -35.51
O1 A1EFU AB . -33.05 -2.08 -22.74
C19 A1EFU AB . -28.16 -17.66 -36.96
C18 A1EFU AB . -28.14 -16.63 -36.11
C1 A1EFU AB . -33.58 -2.99 -23.69
C7 A1EFU AB . -30.97 -5.10 -30.46
C9 A1EFU AB . -30.41 -6.99 -32.10
C10 A1EFU AB . -30.50 -8.32 -32.27
C17 A1EFU AB . -28.50 -15.39 -36.48
C5 A1EFU AB . -31.99 -4.28 -28.39
C16 A1EFU AB . -29.15 -14.52 -35.40
C14 A1EFU AB . -29.77 -12.31 -34.73
C13 A1EFU AB . -29.41 -11.02 -34.67
C12 A1EFU AB . -29.66 -10.23 -33.40
C20 A1EFU AB . -27.80 -18.91 -36.67
C21 A1EFU AB . -26.60 -19.39 -37.51
C22 A1EFU AB . -26.45 -20.71 -37.54
C23 A1EFU AB . -25.70 -21.15 -38.80
C24 A1EFU AB . -24.19 -20.88 -38.78
C25 A1EFU AB . -23.41 -21.85 -39.61
C26 A1EFU AB . -22.81 -21.63 -40.78
C27 A1EFU AB . -22.05 -22.74 -41.47
C28 A1EFU AB . -20.74 -22.28 -42.13
C29 A1EFU AB . -20.81 -22.29 -43.62
C30 A1EFU AB . -19.90 -22.75 -44.50
CM1 A1EFU AB . -34.87 -2.44 -24.28
CM2 A1EFU AB . -33.82 -4.39 -23.15
CM3 A1EFU AB . -33.08 -3.79 -29.31
CM4 A1EFU AB . -29.80 -6.21 -33.22
CM5 A1EFU AB . -28.77 -10.44 -35.89
CM6 A1EFU AB . -27.71 -16.77 -34.68
CM7 A1EFU AB . -25.75 -21.22 -36.28
CM8 A1EFU AB . -22.82 -20.31 -41.50
CM9 A1EFU AB . -18.61 -23.36 -44.04
CMA A1EFU AB . -32.49 -2.60 -21.55
CMB A1EFU AB . -20.06 -22.72 -45.99
O2 A1EFU AB . -31.33 -2.98 -24.51
MG BCL BB . -26.65 -39.12 0.12
CHA BCL BB . -26.41 -40.05 -3.11
CHB BCL BB . -23.42 -39.90 0.54
CHC BCL BB . -27.07 -38.49 3.40
CHD BCL BB . -30.15 -39.04 -0.24
NA BCL BB . -25.12 -39.82 -1.12
C1A BCL BB . -25.21 -40.10 -2.48
C2A BCL BB . -23.90 -40.70 -3.03
C3A BCL BB . -22.94 -40.65 -1.78
C4A BCL BB . -23.88 -40.10 -0.74
CMA BCL BB . -22.64 -42.08 -1.28
CAA BCL BB . -23.38 -39.92 -4.22
CBA BCL BB . -21.88 -39.89 -4.34
CGA BCL BB . -21.45 -39.22 -5.64
O1A BCL BB . -22.10 -39.06 -6.56
O2A BCL BB . -20.31 -38.75 -5.67
NB BCL BB . -25.50 -39.18 1.71
C1B BCL BB . -24.18 -39.53 1.65
C2B BCL BB . -23.67 -39.45 2.93
C3B BCL BB . -24.65 -39.05 3.77
C4B BCL BB . -25.82 -38.87 2.99
CMB BCL BB . -22.22 -39.79 3.15
CAB BCL BB . -24.58 -38.83 5.30
OBB BCL BB . -25.52 -38.48 5.91
CBB BCL BB . -23.38 -38.99 6.18
NC BCL BB . -28.31 -38.99 1.33
C1C BCL BB . -28.23 -38.67 2.64
C2C BCL BB . -29.55 -38.19 3.18
C3C BCL BB . -30.57 -38.58 2.18
C4C BCL BB . -29.64 -38.94 1.02
CMC BCL BB . -29.95 -39.02 4.38
CAC BCL BB . -31.29 -37.27 1.90
CBC BCL BB . -32.69 -37.16 2.50
ND BCL BB . -27.99 -39.45 -1.24
C1D BCL BB . -29.36 -39.38 -1.34
C2D BCL BB . -29.87 -39.71 -2.60
C3D BCL BB . -28.75 -39.96 -3.28
C4D BCL BB . -27.65 -39.80 -2.46
CMD BCL BB . -31.29 -39.76 -3.05
CAD BCL BB . -28.28 -40.36 -4.63
OBD BCL BB . -28.94 -40.63 -5.73
CBD BCL BB . -26.72 -40.16 -4.61
CGD BCL BB . -26.27 -41.51 -5.23
O1D BCL BB . -26.63 -42.50 -4.90
O2D BCL BB . -25.44 -41.52 -6.18
CED BCL BB . -25.11 -42.94 -6.67
C1 BCL BB . -19.42 -39.01 -6.82
C2 BCL BB . -18.28 -39.93 -6.43
C3 BCL BB . -17.03 -39.81 -6.86
C4 BCL BB . -16.74 -39.17 -8.18
C5 BCL BB . -15.82 -39.92 -5.91
C6 BCL BB . -14.68 -40.71 -6.61
C7 BCL BB . -14.12 -41.65 -5.54
C8 BCL BB . -12.67 -42.00 -5.70
C9 BCL BB . -11.73 -40.80 -5.55
C10 BCL BB . -12.57 -42.53 -7.09
C11 BCL BB . -11.60 -43.64 -7.06
C12 BCL BB . -12.28 -44.70 -7.89
C13 BCL BB . -11.23 -45.35 -8.81
C14 BCL BB . -10.75 -44.27 -9.78
C15 BCL BB . -11.82 -46.51 -9.58
C16 BCL BB . -12.49 -47.37 -8.55
C17 BCL BB . -12.93 -48.64 -9.25
C18 BCL BB . -14.21 -48.45 -10.06
C19 BCL BB . -15.16 -49.50 -9.55
C20 BCL BB . -13.98 -48.77 -11.55
C2 A1EFU CB . -28.99 -28.50 -8.40
C3 A1EFU CB . -28.81 -28.50 -9.91
C4 A1EFU CB . -28.51 -29.71 -10.39
C6 A1EFU CB . -27.85 -31.37 -12.06
C8 A1EFU CB . -26.34 -32.88 -13.08
C11 A1EFU CB . -25.03 -35.75 -15.13
C15 A1EFU CB . -22.64 -40.00 -14.44
O1 A1EFU CB . -30.88 -27.18 -7.94
C19 A1EFU CB . -19.58 -43.46 -14.14
C18 A1EFU CB . -20.49 -42.68 -14.70
C1 A1EFU CB . -29.49 -27.21 -7.73
C7 A1EFU CB . -26.71 -31.59 -13.09
C9 A1EFU CB . -26.24 -33.86 -14.22
C10 A1EFU CB . -25.84 -35.11 -13.98
C17 A1EFU CB . -21.41 -42.02 -13.98
C5 A1EFU CB . -28.10 -30.08 -11.77
C16 A1EFU CB . -21.42 -40.52 -14.27
C14 A1EFU CB . -22.56 -38.48 -14.57
C13 A1EFU CB . -23.60 -37.87 -15.15
C12 A1EFU CB . -24.04 -36.51 -14.68
C20 A1EFU CB . -18.63 -44.16 -14.79
C21 A1EFU CB . -17.97 -45.25 -13.93
C22 A1EFU CB . -17.22 -46.12 -14.61
C23 A1EFU CB . -16.12 -45.40 -15.38
C24 A1EFU CB . -15.91 -45.92 -16.81
C25 A1EFU CB . -14.76 -46.85 -16.99
C26 A1EFU CB . -14.14 -47.11 -18.14
C27 A1EFU CB . -12.98 -48.07 -18.21
C28 A1EFU CB . -11.87 -47.66 -19.20
C29 A1EFU CB . -11.95 -48.40 -20.50
C30 A1EFU CB . -10.94 -48.75 -21.31
CM1 A1EFU CB . -29.18 -27.22 -6.24
CM2 A1EFU CB . -28.76 -26.05 -8.41
CM3 A1EFU CB . -27.97 -29.11 -12.90
CM4 A1EFU CB . -26.60 -33.53 -15.64
CM5 A1EFU CB . -24.26 -38.62 -16.27
CM6 A1EFU CB . -20.59 -42.43 -16.17
CM7 A1EFU CB . -16.63 -47.19 -13.70
CM8 A1EFU CB . -14.53 -46.47 -19.44
CM9 A1EFU CB . -9.52 -48.40 -20.99
CMA A1EFU CB . -31.66 -28.15 -7.28
CMB A1EFU CB . -11.11 -49.50 -22.60
O2 A1EFU CB . -28.76 -29.48 -7.75
C2 A1EFU DB . -37.91 -49.49 4.96
C3 A1EFU DB . -38.29 -48.07 4.61
C4 A1EFU DB . -37.34 -47.43 3.91
C6 A1EFU DB . -35.72 -45.64 3.43
C8 A1EFU DB . -33.44 -44.98 3.29
C11 A1EFU DB . -31.04 -44.56 1.93
C15 A1EFU DB . -27.18 -45.75 -0.87
O1 A1EFU DB . -40.00 -50.54 5.24
C19 A1EFU DB . -22.81 -45.79 -2.45
C18 A1EFU DB . -24.09 -45.41 -2.57
C1 A1EFU DB . -38.80 -50.26 5.93
C7 A1EFU DB . -34.42 -45.29 4.15
C9 A1EFU DB . -33.14 -43.64 2.68
C10 A1EFU DB . -32.13 -43.49 1.82
C17 A1EFU DB . -25.08 -46.09 -2.00
C5 A1EFU DB . -36.65 -46.14 4.24
C16 A1EFU DB . -26.01 -45.19 -1.19
C14 A1EFU DB . -28.25 -44.69 -0.54
C13 A1EFU DB . -29.30 -45.16 0.15
C12 A1EFU DB . -29.99 -44.28 1.15
C20 A1EFU DB . -21.72 -45.19 -2.96
C21 A1EFU DB . -21.36 -45.56 -4.41
C22 A1EFU DB . -20.70 -44.58 -5.04
C23 A1EFU DB . -19.96 -45.10 -6.28
C24 A1EFU DB . -19.23 -44.00 -7.03
C25 A1EFU DB . -17.83 -44.39 -7.42
C26 A1EFU DB . -17.19 -44.14 -8.56
C27 A1EFU DB . -17.84 -43.36 -9.68
C28 A1EFU DB . -16.97 -42.22 -10.22
C29 A1EFU DB . -16.45 -42.49 -11.59
C30 A1EFU DB . -15.32 -42.06 -12.15
CM1 A1EFU DB . -38.13 -51.55 6.39
CM2 A1EFU DB . -39.01 -49.32 7.13
CM3 A1EFU DB . -36.95 -45.31 5.46
CM4 A1EFU DB . -33.94 -42.40 2.96
CM5 A1EFU DB . -29.72 -46.56 -0.15
CM6 A1EFU DB . -24.54 -44.22 -3.35
CM7 A1EFU DB . -21.64 -43.43 -5.40
CM8 A1EFU DB . -15.78 -44.58 -8.83
CM9 A1EFU DB . -14.38 -41.16 -11.41
CMA A1EFU DB . -39.91 -51.32 4.07
CMB A1EFU DB . -14.87 -42.38 -13.55
O2 A1EFU DB . -36.93 -50.02 4.47
O MW9 EB . -32.31 -19.40 -1.72
C10 MW9 EB . -25.61 -17.51 -5.39
C11 MW9 EB . -26.87 -17.11 -4.58
C12 MW9 EB . -28.03 -18.06 -4.95
C13 MW9 EB . -29.17 -17.26 -5.62
C14 MW9 EB . -30.41 -17.13 -4.68
C15 MW9 EB . -30.41 -18.24 -3.59
C16 MW9 EB . -31.47 -19.31 -3.95
C17 MW9 EB . -31.90 -20.03 -2.65
C18 MW9 EB . -30.63 -21.99 -3.07
C19 MW9 EB . -30.16 -23.14 -2.18
C20 MW9 EB . -30.72 -22.95 -0.76
C21 MW9 EB . -32.51 -21.81 2.67
C22 MW9 EB . -33.33 -21.96 3.97
C23 MW9 EB . -34.77 -22.36 3.61
C24 MW9 EB . -28.15 -23.44 -3.38
C25 MW9 EB . -26.95 -22.59 -3.85
C26 MW9 EB . -25.87 -23.53 -4.46
C27 MW9 EB . -25.22 -22.84 -5.69
C28 MW9 EB . -24.19 -23.80 -6.34
C29 MW9 EB . -24.17 -23.59 -7.88
C30 MW9 EB . -22.82 -24.09 -8.46
C31 MW9 EB . -22.52 -23.38 -9.80
C32 MW9 EB . -20.99 -23.17 -9.96
C33 MW9 EB . -20.37 -24.36 -10.73
C34 MW9 EB . -19.15 -23.88 -11.57
C35 MW9 EB . -18.23 -24.04 -12.52
C36 MW9 EB . -18.34 -25.40 -13.24
C37 MW9 EB . -17.54 -25.36 -14.57
C38 MW9 EB . -16.13 -24.74 -14.32
C39 MW9 EB . -15.17 -25.10 -15.48
C40 MW9 EB . -15.10 -26.63 -15.63
C41 MW9 EB . -14.27 -26.99 -16.89
C8 MW9 EB . -23.85 -19.32 -5.66
C9 MW9 EB . -24.88 -18.68 -4.68
O1 MW9 EB . -31.84 -21.44 -2.56
O2 MW9 EB . -32.00 -23.57 -0.67
O3 MW9 EB . -33.36 -21.46 -0.02
O4 MW9 EB . -34.43 -23.66 0.22
O5 MW9 EB . -32.59 -23.00 1.92
O6 MW9 EB . -34.78 -23.68 3.11
O7 MW9 EB . -33.34 -20.73 4.64
O8 MW9 EB . -28.77 -23.16 -2.13
O9 MW9 EB . -28.57 -24.30 -4.06
P MW9 EB . -33.13 -22.90 0.36
MG BCL FB . -37.26 -24.34 -18.73
CHA BCL FB . -34.30 -25.89 -18.58
CHB BCL FB . -36.45 -23.23 -21.80
CHC BCL FB . -40.07 -22.48 -18.65
CHD BCL FB . -37.41 -24.49 -15.20
NA BCL FB . -35.63 -24.56 -20.01
C1A BCL FB . -34.49 -25.31 -19.79
C2A BCL FB . -33.78 -25.62 -21.11
C3A BCL FB . -34.22 -24.38 -21.96
C4A BCL FB . -35.50 -24.04 -21.22
CMA BCL FB . -33.27 -23.21 -21.66
CAA BCL FB . -34.20 -26.98 -21.64
CBA BCL FB . -33.10 -27.77 -22.29
CGA BCL FB . -32.58 -27.03 -23.51
O1A BCL FB . -31.50 -26.74 -23.71
O2A BCL FB . -33.44 -26.42 -24.18
NB BCL FB . -38.13 -23.09 -19.96
C1B BCL FB . -37.63 -22.77 -21.19
C2B BCL FB . -38.48 -21.88 -21.78
C3B BCL FB . -39.51 -21.62 -20.95
C4B BCL FB . -39.30 -22.41 -19.77
CMB BCL FB . -38.17 -21.35 -23.15
CAB BCL FB . -40.67 -20.66 -21.29
OBB BCL FB . -40.74 -20.08 -22.29
CBB BCL FB . -41.84 -20.37 -20.38
NC BCL FB . -38.51 -23.74 -17.21
C1C BCL FB . -39.66 -23.04 -17.44
C2C BCL FB . -40.49 -22.87 -16.19
C3C BCL FB . -39.61 -23.31 -15.07
C4C BCL FB . -38.45 -23.89 -15.86
CMC BCL FB . -40.68 -21.39 -15.92
CAC BCL FB . -40.46 -24.42 -14.43
CBC BCL FB . -41.37 -23.95 -13.28
ND BCL FB . -36.20 -24.99 -17.23
C1D BCL FB . -36.31 -25.03 -15.86
C2D BCL FB . -35.22 -25.64 -15.21
C3D BCL FB . -34.44 -25.97 -16.25
C4D BCL FB . -35.05 -25.57 -17.43
CMD BCL FB . -34.99 -25.85 -13.75
CAD BCL FB . -33.14 -26.62 -16.59
OBD BCL FB . -32.22 -27.15 -15.82
CBD BCL FB . -33.19 -26.85 -18.14
CGD BCL FB . -31.81 -26.36 -18.65
O1D BCL FB . -31.46 -25.31 -18.57
O2D BCL FB . -31.00 -27.17 -19.18
CED BCL FB . -29.70 -26.52 -19.61
C1 BCL FB . -33.09 -25.79 -25.46
C2 BCL FB . -34.08 -26.12 -26.56
C3 BCL FB . -33.73 -26.58 -27.75
C4 BCL FB . -32.33 -27.03 -28.02
C5 BCL FB . -34.60 -26.39 -29.01
C6 BCL FB . -35.57 -27.58 -29.17
C7 BCL FB . -36.86 -27.16 -28.46
C8 BCL FB . -37.74 -28.32 -28.06
C9 BCL FB . -38.92 -28.53 -28.98
C10 BCL FB . -38.23 -27.95 -26.69
C11 BCL FB . -37.11 -28.21 -25.75
C12 BCL FB . -37.72 -28.01 -24.38
C13 BCL FB . -38.06 -26.53 -24.22
C14 BCL FB . -36.73 -25.77 -24.16
C15 BCL FB . -38.86 -26.28 -22.97
C16 BCL FB . -39.62 -25.02 -23.23
C17 BCL FB . -41.07 -25.28 -22.90
C18 BCL FB . -41.93 -24.03 -23.03
C19 BCL FB . -43.13 -24.27 -22.16
C20 BCL FB . -42.48 -23.89 -24.48
C2 A1EFU GB . -48.36 -36.72 -8.23
C3 A1EFU GB . -47.90 -35.48 -8.98
C4 A1EFU GB . -46.59 -35.52 -9.27
C6 A1EFU GB . -44.61 -35.29 -10.70
C8 A1EFU GB . -42.57 -34.14 -11.05
C11 A1EFU GB . -39.45 -33.62 -13.05
C15 A1EFU GB . -35.31 -35.53 -14.63
O1 A1EFU GB . -50.20 -37.70 -7.18
C19 A1EFU GB . -31.32 -35.50 -17.03
C18 A1EFU GB . -32.25 -35.96 -16.19
C1 A1EFU GB . -49.81 -37.17 -8.42
C7 A1EFU GB . -43.89 -33.96 -11.01
C9 A1EFU GB . -41.68 -34.20 -12.27
C10 A1EFU GB . -40.37 -34.42 -12.10
C17 A1EFU GB . -33.38 -35.27 -15.99
C5 A1EFU GB . -45.93 -35.17 -10.58
C16 A1EFU GB . -34.61 -36.10 -15.61
C14 A1EFU GB . -36.74 -35.19 -15.06
C13 A1EFU GB . -37.32 -34.25 -14.30
C12 A1EFU GB . -38.71 -34.44 -13.80
C20 A1EFU GB . -30.15 -36.06 -17.33
C21 A1EFU GB . -29.23 -35.13 -18.12
C22 A1EFU GB . -28.31 -35.78 -18.83
C23 A1EFU GB . -27.64 -34.86 -19.85
C24 A1EFU GB . -26.29 -34.24 -19.46
C25 A1EFU GB . -25.12 -35.00 -20.02
C26 A1EFU GB . -24.41 -34.78 -21.12
C27 A1EFU GB . -24.73 -33.63 -22.04
C28 A1EFU GB . -23.52 -32.69 -22.26
C29 A1EFU GB . -22.92 -32.85 -23.63
C30 A1EFU GB . -21.65 -32.69 -23.98
CM1 A1EFU GB . -50.70 -36.01 -8.84
CM2 A1EFU GB . -49.77 -38.23 -9.53
CM3 A1EFU GB . -46.65 -34.69 -11.80
CM4 A1EFU GB . -42.17 -34.05 -13.67
CM5 A1EFU GB . -36.48 -33.02 -14.05
CM6 A1EFU GB . -32.12 -37.25 -15.41
CM7 A1EFU GB . -27.32 -36.50 -17.92
CM8 A1EFU GB . -23.26 -35.65 -21.56
CM9 A1EFU GB . -20.60 -32.31 -22.97
CMA A1EFU GB . -51.54 -38.10 -7.03
CMB A1EFU GB . -21.11 -32.86 -25.38
O2 A1EFU GB . -47.62 -37.34 -7.51
C2 A1EFU HB . -32.52 -16.81 -18.33
C3 A1EFU HB . -33.19 -17.68 -19.37
C4 A1EFU HB . -32.33 -18.47 -20.02
C6 A1EFU HB . -30.93 -19.22 -21.89
C8 A1EFU HB . -31.10 -20.98 -23.49
C11 A1EFU HB . -29.24 -23.65 -25.30
C15 A1EFU HB . -27.77 -28.01 -26.71
O1 A1EFU HB . -34.64 -16.34 -17.44
C19 A1EFU HB . -25.94 -32.24 -27.39
C18 A1EFU HB . -26.44 -31.29 -26.60
C1 A1EFU HB . -33.29 -16.50 -17.04
C7 A1EFU HB . -31.23 -19.66 -23.34
C9 A1EFU HB . -30.57 -21.73 -24.68
C10 A1EFU HB . -30.52 -23.06 -24.66
C17 A1EFU HB . -26.68 -30.08 -27.11
C5 A1EFU HB . -31.80 -18.31 -21.42
C16 A1EFU HB . -27.88 -29.33 -26.52
C14 A1EFU HB . -29.03 -27.23 -26.34
C13 A1EFU HB . -28.90 -25.90 -26.46
C12 A1EFU HB . -29.30 -24.99 -25.34
C20 A1EFU HB . -25.62 -33.50 -27.08
C21 A1EFU HB . -24.34 -33.94 -27.79
C22 A1EFU HB . -24.20 -35.26 -27.91
C23 A1EFU HB . -23.22 -35.58 -29.04
C24 A1EFU HB . -21.75 -35.31 -28.68
C25 A1EFU HB . -20.78 -35.85 -29.68
C26 A1EFU HB . -20.39 -37.11 -29.82
C27 A1EFU HB . -19.39 -37.52 -30.87
C28 A1EFU HB . -19.33 -36.59 -32.09
C29 A1EFU HB . -18.09 -36.85 -32.88
C30 A1EFU HB . -17.93 -37.56 -33.99
CM1 A1EFU HB . -33.15 -17.62 -16.03
CM2 A1EFU HB . -32.68 -15.21 -16.49
CM3 A1EFU HB . -32.17 -17.19 -22.34
CM4 A1EFU HB . -30.08 -21.06 -25.94
CM5 A1EFU HB . -28.34 -25.44 -27.77
CM6 A1EFU HB . -26.72 -31.47 -25.14
CM7 A1EFU HB . -23.77 -35.92 -26.61
CM8 A1EFU HB . -20.90 -38.25 -28.97
CM9 A1EFU HB . -19.10 -38.26 -34.64
CMA A1EFU HB . -35.58 -16.17 -16.40
CMB A1EFU HB . -16.63 -37.76 -34.71
O2 A1EFU HB . -31.41 -16.37 -18.50
MG BCL IB . -34.17 -30.03 -12.23
CHA BCL IB . -33.64 -30.30 -15.52
CHB BCL IB . -31.29 -31.60 -11.66
CHC BCL IB . -35.03 -30.11 -8.95
CHD BCL IB . -37.49 -29.03 -12.93
NA BCL IB . -32.73 -30.94 -13.42
C1A BCL IB . -32.64 -30.89 -14.81
C2A BCL IB . -31.31 -31.44 -15.34
C3A BCL IB . -30.65 -32.05 -14.04
C4A BCL IB . -31.61 -31.50 -13.00
CMA BCL IB . -30.88 -33.56 -14.01
CAA BCL IB . -30.50 -30.35 -16.01
CBA BCL IB . -29.70 -30.81 -17.19
CGA BCL IB . -28.23 -30.49 -16.95
O1A BCL IB . -27.82 -29.89 -16.08
O2A BCL IB . -27.46 -30.72 -17.89
NB BCL IB . -33.36 -30.72 -10.59
C1B BCL IB . -32.14 -31.33 -10.57
C2B BCL IB . -31.85 -31.68 -9.27
C3B BCL IB . -32.87 -31.27 -8.47
C4B BCL IB . -33.84 -30.65 -9.31
CMB BCL IB . -30.55 -32.38 -8.99
CAB BCL IB . -33.00 -31.44 -6.95
OBB BCL IB . -33.95 -31.04 -6.38
CBB BCL IB . -32.02 -32.08 -6.01
NC BCL IB . -35.91 -29.59 -11.21
C1C BCL IB . -36.00 -29.67 -9.85
C2C BCL IB . -37.43 -29.44 -9.40
C3C BCL IB . -38.23 -29.70 -10.63
C4C BCL IB . -37.15 -29.26 -11.63
CMC BCL IB . -37.86 -30.56 -8.48
CAC BCL IB . -39.36 -28.67 -10.50
CBC BCL IB . -38.92 -27.23 -10.26
ND BCL IB . -35.33 -29.73 -13.75
C1D BCL IB . -36.64 -29.32 -13.98
C2D BCL IB . -36.97 -29.25 -15.34
C3D BCL IB . -35.85 -29.62 -15.93
C4D BCL IB . -34.88 -29.89 -14.98
CMD BCL IB . -38.29 -28.86 -15.95
CAD BCL IB . -35.25 -29.84 -17.29
OBD BCL IB . -35.75 -29.71 -18.47
CBD BCL IB . -33.71 -30.04 -17.04
CGD BCL IB . -33.39 -31.34 -17.83
O1D BCL IB . -33.82 -32.33 -17.61
O2D BCL IB . -32.61 -31.29 -18.82
CED BCL IB . -32.41 -32.65 -19.50
C1 BCL IB . -26.19 -29.99 -18.00
C2 BCL IB . -24.99 -30.85 -17.63
C3 BCL IB . -23.90 -30.93 -18.36
C4 BCL IB . -23.78 -30.23 -19.67
C5 BCL IB . -22.57 -31.53 -17.83
C6 BCL IB . -22.70 -33.06 -17.67
C7 BCL IB . -21.40 -33.50 -17.00
C8 BCL IB . -20.93 -34.86 -17.42
C9 BCL IB . -20.62 -35.78 -16.24
C10 BCL IB . -19.67 -34.57 -18.18
C11 BCL IB . -19.16 -35.86 -18.69
C12 BCL IB . -20.03 -36.16 -19.89
C13 BCL IB . -19.19 -36.98 -20.87
C14 BCL IB . -18.17 -36.03 -21.48
C15 BCL IB . -20.04 -37.58 -21.97
C16 BCL IB . -20.93 -38.57 -21.30
C17 BCL IB . -21.39 -39.55 -22.35
C18 BCL IB . -22.58 -39.04 -23.14
C19 BCL IB . -23.60 -40.16 -23.11
C20 BCL IB . -22.21 -38.85 -24.63
MG BCL JB . -31.61 -35.96 -6.73
CHA BCL JB . -28.36 -36.76 -6.76
CHB BCL JB . -31.48 -35.59 -10.07
CHC BCL JB . -34.73 -34.71 -6.57
CHD BCL JB . -31.31 -35.30 -3.27
NA BCL JB . -30.13 -36.14 -8.19
C1A BCL JB . -28.82 -36.55 -8.02
C2A BCL JB . -28.21 -37.06 -9.33
C3A BCL JB . -29.10 -36.30 -10.39
C4A BCL JB . -30.29 -35.98 -9.50
CMA BCL JB . -28.45 -34.95 -10.68
CAA BCL JB . -28.26 -38.57 -9.39
CBA BCL JB . -27.09 -39.20 -10.09
CGA BCL JB . -27.01 -38.67 -11.51
O1A BCL JB . -26.29 -37.90 -11.90
O2A BCL JB . -27.82 -39.15 -12.32
NB BCL JB . -32.89 -35.26 -8.03
C1B BCL JB . -32.65 -35.21 -9.37
C2B BCL JB . -33.75 -34.68 -9.99
C3B BCL JB . -34.70 -34.42 -9.05
C4B BCL JB . -34.15 -34.80 -7.79
CMB BCL JB . -33.74 -34.50 -11.48
CAB BCL JB . -36.10 -33.82 -9.24
OBB BCL JB . -36.82 -33.65 -8.32
CBB BCL JB . -36.75 -33.40 -10.53
NC BCL JB . -32.77 -35.26 -5.18
C1C BCL JB . -34.06 -34.86 -5.36
C2C BCL JB . -34.74 -34.50 -4.06
C3C BCL JB . -33.67 -34.50 -3.02
C4C BCL JB . -32.52 -35.11 -3.84
CMC BCL JB . -35.16 -33.05 -4.11
CAC BCL JB . -34.20 -35.52 -2.02
CBC BCL JB . -35.06 -34.91 -0.90
ND BCL JB . -30.26 -35.99 -5.32
C1D BCL JB . -30.20 -35.73 -3.97
C2D BCL JB . -28.92 -35.93 -3.42
C3D BCL JB . -28.22 -36.32 -4.47
C4D BCL JB . -29.03 -36.35 -5.59
CMD BCL JB . -28.49 -35.74 -1.99
CAD BCL JB . -26.84 -36.75 -4.88
OBD BCL JB . -25.74 -36.88 -4.20
CBD BCL JB . -27.01 -37.36 -6.32
CGD BCL JB . -25.86 -36.73 -7.14
O1D BCL JB . -25.84 -35.68 -7.50
O2D BCL JB . -24.86 -37.43 -7.45
CED BCL JB . -23.81 -36.67 -8.26
C1 BCL JB . -28.23 -38.38 -13.51
C2 BCL JB . -27.62 -38.94 -14.79
C3 BCL JB . -28.25 -39.79 -15.59
C4 BCL JB . -27.61 -40.31 -16.83
C5 BCL JB . -29.52 -40.57 -15.14
C6 BCL JB . -30.40 -40.88 -16.38
C7 BCL JB . -31.79 -41.18 -15.82
C8 BCL JB . -31.81 -42.21 -14.73
C9 BCL JB . -32.14 -43.62 -15.22
C10 BCL JB . -32.89 -41.75 -13.80
C11 BCL JB . -32.23 -40.96 -12.73
C12 BCL JB . -33.35 -40.66 -11.76
C13 BCL JB . -33.02 -39.35 -11.05
C14 BCL JB . -31.71 -39.55 -10.31
C15 BCL JB . -34.12 -38.98 -10.08
C16 BCL JB . -34.96 -37.97 -10.79
C17 BCL JB . -36.05 -37.51 -9.84
C18 BCL JB . -37.38 -38.21 -10.09
C19 BCL JB . -37.70 -37.97 -11.54
C20 BCL JB . -38.52 -37.54 -9.29
C2 A1EFU KB . -24.52 -54.20 21.74
C3 A1EFU KB . -25.02 -53.22 20.70
C4 A1EFU KB . -24.05 -52.74 19.92
C6 A1EFU KB . -22.76 -50.98 18.79
C8 A1EFU KB . -20.90 -49.51 18.51
C11 A1EFU KB . -19.53 -48.52 15.30
C15 A1EFU KB . -15.33 -49.31 12.90
O1 A1EFU KB . -24.73 -55.37 23.76
C19 A1EFU KB . -11.62 -48.71 10.61
C18 A1EFU KB . -12.27 -49.35 11.57
C1 A1EFU KB . -25.52 -54.75 22.77
C7 A1EFU KB . -22.02 -49.71 19.21
C9 A1EFU KB . -20.65 -48.48 17.44
C10 A1EFU KB . -19.46 -48.43 16.83
C17 A1EFU KB . -13.06 -48.70 12.43
C5 A1EFU KB . -23.78 -51.31 19.59
C16 A1EFU KB . -14.54 -48.67 12.03
C14 A1EFU KB . -16.13 -48.36 13.80
C13 A1EFU KB . -17.18 -48.92 14.42
C12 A1EFU KB . -18.41 -48.13 14.70
C20 A1EFU KB . -10.78 -49.21 9.69
C21 A1EFU KB . -10.53 -48.24 8.54
C22 A1EFU KB . -9.38 -48.41 7.89
C23 A1EFU KB . -9.32 -47.49 6.68
C24 A1EFU KB . -7.93 -47.31 6.06
C25 A1EFU KB . -7.44 -48.51 5.31
C26 A1EFU KB . -7.11 -48.61 4.02
C27 A1EFU KB . -7.22 -47.41 3.11
C28 A1EFU KB . -5.88 -47.00 2.48
C29 A1EFU KB . -5.79 -47.38 1.03
C30 A1EFU KB . -5.21 -46.73 0.03
CM1 A1EFU KB . -26.48 -55.74 22.12
CM2 A1EFU KB . -26.29 -53.52 23.30
CM3 A1EFU KB . -24.60 -50.16 20.10
CM4 A1EFU KB . -21.67 -47.49 16.97
CM5 A1EFU KB . -17.03 -50.38 14.77
CM6 A1EFU KB . -12.18 -50.84 11.81
CM7 A1EFU KB . -8.18 -48.21 8.82
CM8 A1EFU KB . -6.63 -49.87 3.38
CM9 A1EFU KB . -4.52 -45.41 0.26
CMA A1EFU KB . -25.38 -55.78 24.94
CMB A1EFU KB . -5.18 -47.20 -1.39
O2 A1EFU KB . -23.36 -54.56 21.76
C2 A1EFU LB . -8.67 -51.31 36.66
C3 A1EFU LB . -8.90 -51.44 35.16
C4 A1EFU LB . -7.99 -50.76 34.44
C6 A1EFU LB . -7.21 -48.94 32.99
C8 A1EFU LB . -7.00 -46.95 31.69
C11 A1EFU LB . -4.48 -46.80 28.91
C15 A1EFU LB . -0.82 -46.31 26.37
O1 A1EFU LB . -10.56 -49.93 36.79
C19 A1EFU LB . 2.48 -46.57 23.14
C18 A1EFU LB . 1.86 -46.41 24.31
C1 A1EFU LB . -9.88 -50.93 37.52
C7 A1EFU LB . -7.23 -47.40 32.92
C9 A1EFU LB . -5.69 -46.73 31.00
C10 A1EFU LB . -5.65 -46.28 29.75
C17 A1EFU LB . 0.55 -46.19 24.40
C5 A1EFU LB . -8.22 -49.48 33.67
C16 A1EFU LB . -0.21 -47.04 25.43
C14 A1EFU LB . -2.16 -46.88 26.85
C13 A1EFU LB . -3.15 -45.99 26.84
C12 A1EFU LB . -4.26 -46.00 27.86
C20 A1EFU LB . 1.99 -46.55 21.89
C21 A1EFU LB . 2.62 -45.48 21.00
C22 A1EFU LB . 3.64 -45.88 20.23
C23 A1EFU LB . 3.61 -45.11 18.89
C24 A1EFU LB . 4.88 -45.24 18.06
C25 A1EFU LB . 5.01 -46.54 17.33
C26 A1EFU LB . 5.67 -46.80 16.20
C27 A1EFU LB . 6.44 -45.72 15.49
C28 A1EFU LB . 5.70 -45.11 14.29
C29 A1EFU LB . 6.05 -45.78 12.99
C30 A1EFU LB . 6.52 -45.21 11.87
CM1 A1EFU LB . -10.78 -52.14 37.76
CM2 A1EFU LB . -9.31 -50.41 38.85
CM3 A1EFU LB . -9.53 -48.76 33.62
CM4 A1EFU LB . -4.36 -46.99 31.65
CM5 A1EFU LB . -3.09 -44.98 25.73
CM6 A1EFU LB . 2.61 -46.45 25.62
CM7 A1EFU LB . 4.99 -45.71 20.92
CM8 A1EFU LB . 5.72 -48.17 15.56
CM9 A1EFU LB . 6.82 -46.03 10.65
CMA A1EFU LB . -11.81 -49.49 37.28
CMB A1EFU LB . 6.81 -43.74 11.71
O2 A1EFU LB . -7.60 -51.51 37.16
C2 A1EFU MB . -21.68 -36.14 2.83
C3 A1EFU MB . -21.76 -36.47 1.35
C4 A1EFU MB . -20.73 -37.21 0.94
C6 A1EFU MB . -19.38 -38.46 -0.67
C8 A1EFU MB . -18.51 -40.60 -1.21
C11 A1EFU MB . -16.93 -43.70 -2.24
C15 A1EFU MB . -13.82 -46.64 -1.46
O1 A1EFU MB . -22.29 -33.93 2.37
C19 A1EFU MB . -10.12 -49.27 -1.96
C18 A1EFU MB . -10.79 -48.34 -1.28
C1 A1EFU MB . -22.45 -34.93 3.36
C7 A1EFU MB . -19.64 -39.89 -1.19
C9 A1EFU MB . -18.02 -41.54 -2.27
C10 A1EFU MB . -16.85 -42.17 -2.12
C17 A1EFU MB . -11.62 -47.50 -1.90
C5 A1EFU MB . -20.47 -37.73 -0.44
C16 A1EFU MB . -13.10 -47.75 -1.60
C14 A1EFU MB . -13.88 -45.79 -2.74
C13 A1EFU MB . -15.10 -45.30 -3.00
C12 A1EFU MB . -15.73 -44.27 -2.11
C20 A1EFU MB . -9.27 -50.18 -1.49
C21 A1EFU MB . -7.89 -50.09 -2.14
C22 A1EFU MB . -7.06 -51.10 -1.85
C23 A1EFU MB . -5.82 -51.02 -2.73
C24 A1EFU MB . -5.09 -52.36 -2.92
C25 A1EFU MB . -4.48 -52.50 -4.27
C26 A1EFU MB . -3.31 -53.04 -4.60
C27 A1EFU MB . -2.86 -53.09 -6.03
C28 A1EFU MB . -2.21 -54.43 -6.42
C29 A1EFU MB . -0.96 -54.23 -7.20
C30 A1EFU MB . -0.45 -54.95 -8.20
CM1 A1EFU MB . -23.93 -35.27 3.57
CM2 A1EFU MB . -21.81 -34.57 4.70
CM3 A1EFU MB . -21.35 -37.49 -1.62
CM4 A1EFU MB . -18.76 -41.87 -3.54
CM5 A1EFU MB . -15.75 -45.88 -4.23
CM6 A1EFU MB . -10.67 -48.16 0.21
CM7 A1EFU MB . -6.70 -51.12 -0.37
CM8 A1EFU MB . -2.35 -53.62 -3.61
CM9 A1EFU MB . -1.16 -56.17 -8.70
CMA A1EFU MB . -22.60 -32.61 2.75
CMB A1EFU MB . 0.83 -54.65 -8.91
O2 A1EFU MB . -21.01 -36.80 3.58
MG BCL NB . -10.08 -44.13 18.84
CHA BCL NB . -6.88 -43.61 17.96
CHB BCL NB . -10.62 -45.35 15.74
CHC BCL NB . -13.37 -44.13 19.55
CHD BCL NB . -9.62 -41.86 21.51
NA BCL NB . -8.90 -44.53 17.16
C1A BCL NB . -7.54 -44.30 17.02
C2A BCL NB . -6.96 -45.08 15.84
C3A BCL NB . -8.24 -45.25 14.94
C4A BCL NB . -9.30 -45.05 16.01
CMA BCL NB . -8.36 -44.00 14.04
CAA BCL NB . -6.31 -46.37 16.30
CBA BCL NB . -4.92 -46.60 15.75
CGA BCL NB . -4.99 -47.40 14.46
O1A BCL NB . -4.19 -48.10 14.06
O2A BCL NB . -6.12 -47.50 13.93
NB BCL NB . -11.70 -44.63 17.87
C1B BCL NB . -11.71 -45.12 16.60
C2B BCL NB . -13.01 -45.37 16.23
C3B BCL NB . -13.83 -45.05 17.26
C4B BCL NB . -12.99 -44.57 18.32
CMB BCL NB . -13.29 -45.91 14.86
CAB BCL NB . -15.37 -45.15 17.34
OBB BCL NB . -15.95 -44.83 18.31
CBB BCL NB . -16.30 -45.64 16.27
NC BCL NB . -11.21 -43.19 20.27
C1C BCL NB . -12.53 -43.42 20.42
C2C BCL NB . -13.11 -42.80 21.66
C3C BCL NB . -12.02 -41.96 22.23
C4C BCL NB . -10.86 -42.40 21.33
CMC BCL NB . -14.15 -41.77 21.28
CAC BCL NB . -11.85 -42.55 23.64
CBC BCL NB . -12.63 -41.81 24.73
ND BCL NB . -8.69 -43.01 19.59
C1D BCL NB . -8.56 -42.14 20.65
C2D BCL NB . -7.28 -41.57 20.77
C3D BCL NB . -6.63 -42.12 19.76
C4D BCL NB . -7.48 -42.97 19.07
CMD BCL NB . -6.81 -40.58 21.81
CAD BCL NB . -5.30 -42.14 19.08
OBD BCL NB . -4.19 -41.52 19.34
CBD BCL NB . -5.36 -43.34 18.05
CGD BCL NB . -4.84 -42.74 16.71
O1D BCL NB . -3.77 -42.70 16.41
O2D BCL NB . -5.66 -42.26 15.88
CED BCL NB . -5.01 -41.71 14.60
C1 BCL NB . -6.36 -48.48 12.87
C2 BCL NB . -7.45 -49.49 13.25
C3 BCL NB . -7.36 -50.78 12.99
C4 BCL NB . -6.36 -51.34 12.03
C5 BCL NB . -8.21 -51.85 13.74
C6 BCL NB . -8.02 -51.68 15.27
C7 BCL NB . -9.35 -51.15 15.79
C8 BCL NB . -9.25 -49.83 16.49
C9 BCL NB . -7.97 -49.64 17.30
C10 BCL NB . -10.43 -49.80 17.42
C11 BCL NB . -11.22 -48.62 17.04
C12 BCL NB . -12.16 -48.40 18.22
C13 BCL NB . -13.35 -49.37 18.06
C14 BCL NB . -13.99 -49.11 16.71
C15 BCL NB . -14.36 -49.14 19.15
C16 BCL NB . -15.22 -50.37 19.12
C17 BCL NB . -16.58 -50.02 19.69
C18 BCL NB . -16.74 -50.28 21.18
C19 BCL NB . -15.98 -51.55 21.48
C20 BCL NB . -18.21 -50.58 21.54
MG BCL OB . -3.22 -41.07 24.49
CHA BCL OB . -2.89 -43.37 22.10
CHB BCL OB . -0.01 -40.24 24.09
CHC BCL OB . -3.53 -39.08 27.22
CHD BCL OB . -6.30 -42.53 25.40
NA BCL OB . -1.66 -41.76 23.31
C1A BCL OB . -1.74 -42.68 22.28
C2A BCL OB . -0.42 -42.85 21.51
C3A BCL OB . 0.55 -41.86 22.28
C4A BCL OB . -0.41 -41.29 23.31
CMA BCL OB . 1.55 -42.68 23.09
CAA BCL OB . -0.59 -42.54 20.04
CBA BCL OB . 0.71 -42.40 19.30
CGA BCL OB . 0.43 -42.18 17.83
O1A BCL OB . -0.54 -42.43 17.28
O2A BCL OB . 1.21 -41.44 17.22
NB BCL OB . -2.03 -39.87 25.51
C1B BCL OB . -0.73 -39.67 25.15
C2B BCL OB . -0.18 -38.78 26.05
C3B BCL OB . -1.13 -38.41 26.95
C4B BCL OB . -2.32 -39.11 26.60
CMB BCL OB . 1.26 -38.37 25.89
CAB BCL OB . -1.00 -37.45 28.14
OBB BCL OB . -1.92 -37.23 28.85
CBB BCL OB . 0.22 -36.68 28.56
NC BCL OB . -4.65 -40.88 25.96
C1C BCL OB . -4.58 -39.97 26.96
C2C BCL OB . -5.73 -40.13 27.93
C3C BCL OB . -6.15 -41.54 27.70
C4C BCL OB . -5.80 -41.57 26.21
CMC BCL OB . -5.22 -40.14 29.35
CAC BCL OB . -7.67 -41.50 27.95
CBC BCL OB . -8.41 -40.35 27.25
ND BCL OB . -4.36 -42.54 23.97
C1D BCL OB . -5.58 -43.07 24.34
C2D BCL OB . -5.97 -44.19 23.59
C3D BCL OB . -4.96 -44.31 22.72
C4D BCL OB . -4.02 -43.32 22.97
CMD BCL OB . -7.22 -45.01 23.72
CAD BCL OB . -4.49 -45.14 21.59
OBD BCL OB . -5.02 -46.18 21.01
CBD BCL OB . -3.25 -44.38 20.98
CGD BCL OB . -2.18 -45.50 20.88
O1D BCL OB . -1.47 -45.78 21.70
O2D BCL OB . -2.05 -46.15 19.82
CED BCL OB . -0.96 -47.21 19.86
C1 BCL OB . 2.15 -42.00 16.25
C2 BCL OB . 3.43 -41.19 16.13
C3 BCL OB . 4.14 -41.14 15.02
C4 BCL OB . 3.85 -42.05 13.88
C5 BCL OB . 5.47 -40.35 14.90
C6 BCL OB . 6.41 -40.73 16.06
C7 BCL OB . 7.80 -40.30 15.60
C8 BCL OB . 8.92 -41.05 16.28
C9 BCL OB . 9.75 -40.16 17.22
C10 BCL OB . 9.78 -41.51 15.16
C11 BCL OB . 9.88 -42.98 15.32
C12 BCL OB . 10.23 -43.48 13.93
C13 BCL OB . 11.75 -43.68 13.87
C14 BCL OB . 12.13 -43.87 12.40
C15 BCL OB . 12.16 -44.89 14.68
C16 BCL OB . 11.46 -46.07 14.08
C17 BCL OB . 11.89 -47.29 14.84
C18 BCL OB . 10.85 -48.41 14.80
C19 BCL OB . 10.81 -48.85 13.37
C20 BCL OB . 11.30 -49.63 15.62
C2 A1EFU PB . -11.33 -38.29 13.73
C3 A1EFU PB . -11.39 -38.95 12.36
C4 A1EFU PB . -10.70 -40.09 12.32
C6 A1EFU PB . -9.57 -42.01 11.27
C8 A1EFU PB . -7.60 -43.20 10.63
C11 A1EFU PB . -4.85 -45.46 9.62
C15 A1EFU PB . -0.74 -48.13 10.08
O1 A1EFU PB . -12.76 -36.59 13.01
C19 A1EFU PB . 3.82 -48.90 10.84
C18 A1EFU PB . 2.58 -48.38 10.85
C1 A1EFU PB . -12.48 -37.36 14.16
C7 A1EFU PB . -8.47 -42.27 10.22
C9 A1EFU PB . -6.98 -44.33 9.86
C10 A1EFU PB . -6.11 -45.17 10.44
C17 A1EFU PB . 1.50 -49.03 10.38
C5 A1EFU PB . -10.26 -40.87 11.10
C16 A1EFU PB . 0.15 -48.60 10.98
C14 A1EFU PB . -2.09 -47.76 10.69
C13 A1EFU PB . -2.97 -47.20 9.85
C12 A1EFU PB . -3.91 -46.12 10.32
C20 A1EFU PB . 4.32 -50.08 10.45
C21 A1EFU PB . 5.64 -50.29 11.19
C22 A1EFU PB . 6.61 -51.00 10.60
C23 A1EFU PB . 6.83 -50.57 9.15
C24 A1EFU PB . 8.20 -50.95 8.57
C25 A1EFU PB . 8.41 -52.41 8.37
C26 A1EFU PB . 9.54 -53.06 8.09
C27 A1EFU PB . 10.85 -52.32 7.95
C28 A1EFU PB . 11.21 -51.90 6.52
C29 A1EFU PB . 11.66 -53.05 5.66
C30 A1EFU PB . 12.49 -53.04 4.62
CM1 A1EFU PB . -12.05 -36.51 15.34
CM2 A1EFU PB . -13.63 -38.29 14.55
CM3 A1EFU PB . -10.56 -40.48 9.70
CM4 A1EFU PB . -7.28 -44.61 8.42
CM5 A1EFU PB . -2.96 -47.72 8.44
CM6 A1EFU PB . 2.34 -47.00 11.38
CM7 A1EFU PB . 7.89 -50.89 11.42
CM8 A1EFU PB . 9.63 -54.55 7.90
CM9 A1EFU PB . 12.82 -54.31 3.89
CMA A1EFU PB . -13.35 -35.33 13.20
CMB A1EFU PB . 13.15 -51.82 4.06
O2 A1EFU PB . -10.41 -38.49 14.48
MG BCL QB . 3.32 -39.11 29.60
CHA BCL QB . 6.12 -37.85 28.26
CHB BCL QB . 3.09 -41.19 26.97
CHC BCL QB . 0.29 -40.01 30.76
CHD BCL QB . 3.11 -36.23 31.65
NA BCL QB . 4.48 -39.51 27.92
C1A BCL QB . 5.67 -38.90 27.55
C2A BCL QB . 6.39 -39.67 26.45
C3A BCL QB . 5.20 -40.48 25.81
C4A BCL QB . 4.22 -40.40 26.97
CMA BCL QB . 4.56 -39.64 24.70
CAA BCL QB . 7.52 -40.50 27.03
CBA BCL QB . 7.50 -41.95 26.63
CGA BCL QB . 8.11 -42.10 25.23
O1A BCL QB . 8.37 -41.25 24.53
O2A BCL QB . 8.44 -43.24 24.89
NB BCL QB . 1.92 -40.35 29.01
C1B BCL QB . 2.03 -41.13 27.90
C2B BCL QB . 0.89 -41.88 27.78
C3B BCL QB . 0.06 -41.59 28.81
C4B BCL QB . 0.72 -40.62 29.61
CMB BCL QB . 0.72 -42.83 26.63
CAB BCL QB . -1.32 -42.25 29.01
OBB BCL QB . -1.76 -43.06 28.27
CBB BCL QB . -2.26 -41.96 30.15
NC BCL QB . 2.01 -38.25 30.93
C1C BCL QB . 0.86 -38.86 31.32
C2C BCL QB . 0.15 -38.11 32.42
C3C BCL QB . 0.84 -36.79 32.50
C4C BCL QB . 2.10 -37.12 31.70
CMC BCL QB . -1.24 -37.75 31.96
CAC BCL QB . 1.16 -36.68 34.00
CBC BCL QB . 0.11 -35.94 34.83
ND BCL QB . 4.29 -37.46 29.93
C1D BCL QB . 4.17 -36.35 30.76
C2D BCL QB . 5.19 -35.41 30.60
C3D BCL QB . 5.95 -35.96 29.65
C4D BCL QB . 5.39 -37.18 29.27
CMD BCL QB . 5.37 -34.10 31.32
CAD BCL QB . 7.18 -35.74 28.83
OBD BCL QB . 8.04 -34.76 28.83
CBD BCL QB . 7.49 -37.14 28.16
CGD BCL QB . 7.80 -36.77 26.68
O1D BCL QB . 7.18 -36.08 26.07
O2D BCL QB . 8.80 -37.25 26.11
CED BCL QB . 8.97 -36.79 24.67
C1 BCL QB . 7.50 -44.10 24.13
C2 BCL QB . 7.98 -45.54 24.01
C3 BCL QB . 7.43 -46.55 24.65
C4 BCL QB . 7.75 -47.97 24.30
C5 BCL QB . 6.24 -46.39 25.64
C6 BCL QB . 6.77 -46.11 27.07
C7 BCL QB . 5.52 -45.85 27.91
C8 BCL QB . 5.42 -44.44 28.43
C9 BCL QB . 6.12 -44.24 29.77
C10 BCL QB . 3.95 -44.18 28.56
C11 BCL QB . 3.45 -45.02 29.68
C12 BCL QB . 2.04 -44.50 29.90
C13 BCL QB . 1.33 -45.47 30.85
C14 BCL QB . 1.11 -46.78 30.06
C15 BCL QB . 0.01 -44.92 31.31
C16 BCL QB . 0.05 -45.09 32.80
C17 BCL QB . -1.33 -45.50 33.27
C18 BCL QB . -1.28 -46.53 34.37
C19 BCL QB . -2.69 -46.64 34.91
C20 BCL QB . -0.41 -46.06 35.56
MG BCL RB . 9.16 -33.04 33.39
CHA BCL RB . 9.91 -35.70 31.49
CHB BCL RB . 11.96 -31.54 32.33
CHC BCL RB . 8.60 -30.63 35.70
CHD BCL RB . 6.71 -34.99 35.01
NA BCL RB . 10.74 -33.57 32.13
C1A BCL RB . 10.86 -34.73 31.38
C2A BCL RB . 12.01 -34.67 30.37
C3A BCL RB . 12.77 -33.36 30.81
C4A BCL RB . 11.78 -32.81 31.82
CMA BCL RB . 14.00 -33.75 31.64
CAA BCL RB . 11.49 -34.66 28.95
CBA BCL RB . 12.34 -33.89 27.98
CGA BCL RB . 12.81 -34.82 26.87
O1A BCL RB . 12.98 -35.94 26.97
O2A BCL RB . 12.78 -34.35 25.72
NB BCL RB . 10.08 -31.40 33.94
C1B BCL RB . 11.22 -30.95 33.36
C2B BCL RB . 11.58 -29.77 33.98
C3B BCL RB . 10.68 -29.48 34.93
C4B BCL RB . 9.70 -30.51 34.92
CMB BCL RB . 12.83 -29.08 33.52
CAB BCL RB . 10.65 -28.26 35.88
OBB BCL RB . 9.79 -28.13 36.67
CBB BCL RB . 11.64 -27.14 35.94
NC BCL RB . 7.90 -32.89 35.00
C1C BCL RB . 7.79 -31.78 35.77
C2C BCL RB . 6.85 -31.99 36.93
C3C BCL RB . 6.68 -33.47 36.99
C4C BCL RB . 6.98 -33.77 35.53
CMC BCL RB . 7.56 -31.66 38.21
CAC BCL RB . 5.20 -33.62 37.31
CBC BCL RB . 4.26 -32.81 36.40
ND BCL RB . 8.45 -34.84 33.35
C1D BCL RB . 7.47 -35.56 34.00
C2D BCL RB . 7.33 -36.88 33.55
C3D BCL RB . 8.26 -36.95 32.59
C4D BCL RB . 8.90 -35.72 32.48
CMD BCL RB . 6.39 -37.95 34.04
CAD BCL RB . 8.86 -37.88 31.59
OBD BCL RB . 8.59 -39.13 31.32
CBD BCL RB . 9.76 -36.99 30.66
CGD BCL RB . 11.11 -37.75 30.61
O1D BCL RB . 11.93 -37.62 31.33
O2D BCL RB . 11.31 -38.58 29.68
CED BCL RB . 12.68 -39.26 29.76
C1 BCL RB . 13.70 -34.87 24.71
C2 BCL RB . 14.68 -33.80 24.23
C3 BCL RB . 15.26 -33.84 23.05
C4 BCL RB . 15.15 -35.05 22.18
C5 BCL RB . 16.33 -32.82 22.62
C6 BCL RB . 17.48 -32.77 23.65
C7 BCL RB . 18.42 -31.66 23.20
C8 BCL RB . 19.86 -31.94 23.46
C9 BCL RB . 20.61 -30.75 24.08
C10 BCL RB . 20.43 -32.22 22.10
C11 BCL RB . 21.69 -32.97 22.32
C12 BCL RB . 22.00 -33.53 20.94
C13 BCL RB . 23.16 -34.52 21.10
C14 BCL RB . 23.46 -35.09 19.71
C15 BCL RB . 22.80 -35.64 22.05
C16 BCL RB . 24.04 -36.47 22.16
C17 BCL RB . 23.85 -37.38 23.36
C18 BCL RB . 24.44 -38.77 23.15
C19 BCL RB . 23.77 -39.32 21.92
C20 BCL RB . 24.06 -39.71 24.31
C2 A1EFU SB . 0.06 -35.58 23.28
C3 A1EFU SB . -0.04 -36.68 22.24
C4 A1EFU SB . 1.00 -37.51 22.28
C6 A1EFU SB . 2.55 -39.21 21.42
C8 A1EFU SB . 4.16 -40.58 20.27
C11 A1EFU SB . 7.51 -41.99 19.93
C15 A1EFU SB . 12.28 -42.47 20.65
O1 A1EFU SB . -0.78 -33.81 24.57
C19 A1EFU SB . 16.89 -42.34 21.50
C18 A1EFU SB . 15.64 -41.89 21.60
C1 A1EFU SB . -1.22 -34.87 23.73
C7 A1EFU SB . 3.45 -39.45 20.18
C9 A1EFU SB . 5.60 -40.71 20.69
C10 A1EFU SB . 6.20 -41.91 20.74
C17 A1EFU SB . 14.66 -42.43 20.87
C5 A1EFU SB . 1.50 -38.41 21.20
C16 A1EFU SB . 13.29 -42.53 21.54
C14 A1EFU SB . 10.90 -42.79 21.25
C13 A1EFU SB . 9.91 -42.76 20.36
C12 A1EFU SB . 8.60 -42.10 20.69
C20 A1EFU SB . 17.40 -43.32 20.76
C21 A1EFU SB . 18.44 -42.82 19.76
C22 A1EFU SB . 19.70 -43.23 19.98
C23 A1EFU SB . 20.42 -43.38 18.64
C24 A1EFU SB . 21.94 -43.52 18.71
C25 A1EFU SB . 22.59 -42.81 17.57
C26 A1EFU SB . 23.30 -43.29 16.55
C27 A1EFU SB . 23.59 -44.75 16.40
C28 A1EFU SB . 25.10 -45.01 16.25
C29 A1EFU SB . 25.43 -46.02 15.20
C30 A1EFU SB . 25.93 -45.82 13.98
CM1 A1EFU SB . -2.13 -35.82 24.51
CM2 A1EFU SB . -1.92 -34.37 22.46
CM3 A1EFU SB . 0.87 -38.51 19.84
CM4 A1EFU SB . 6.46 -39.56 21.09
CM5 A1EFU SB . 10.20 -43.40 19.03
CM6 A1EFU SB . 15.23 -40.76 22.49
CM7 A1EFU SB . 20.44 -42.29 20.92
CM8 A1EFU SB . 23.91 -42.44 15.46
CM9 A1EFU SB . 26.22 -44.45 13.47
CMA A1EFU SB . -1.78 -32.94 25.06
CMB A1EFU SB . 26.24 -46.91 12.99
O2 A1EFU SB . 1.12 -35.27 23.76
C2 A1EFU TB . 8.32 -40.57 46.70
C3 A1EFU TB . 7.05 -39.96 46.16
C4 A1EFU TB . 7.08 -39.77 44.85
C6 A1EFU TB . 7.07 -38.41 42.80
C8 A1EFU TB . 7.90 -37.23 40.90
C11 A1EFU TB . 9.81 -37.68 37.73
C15 A1EFU TB . 13.05 -38.28 35.10
O1 A1EFU TB . 7.64 -42.01 48.42
C19 A1EFU TB . 16.12 -36.56 31.99
C18 A1EFU TB . 15.57 -36.62 33.21
C1 A1EFU TB . 8.41 -40.85 48.21
C7 A1EFU TB . 7.98 -37.30 42.23
C9 A1EFU TB . 9.01 -37.02 39.91
C10 A1EFU TB . 8.76 -36.98 38.61
C17 A1EFU TB . 14.45 -37.31 33.41
C5 A1EFU TB . 7.04 -38.44 44.13
C16 A1EFU TB . 14.31 -37.95 34.80
C14 A1EFU TB . 12.44 -37.42 36.22
C13 A1EFU TB . 11.32 -36.79 35.86
C12 A1EFU TB . 10.05 -36.96 36.64
C20 A1EFU TB . 15.71 -37.12 30.85
C21 A1EFU TB . 16.81 -37.97 30.21
C22 A1EFU TB . 16.71 -38.11 28.88
C23 A1EFU TB . 17.02 -36.78 28.18
C24 A1EFU TB . 16.98 -36.84 26.66
C25 A1EFU TB . 18.16 -36.16 26.03
C26 A1EFU TB . 18.73 -36.36 24.83
C27 A1EFU TB . 18.19 -37.37 23.86
C28 A1EFU TB . 18.21 -36.85 22.41
C29 A1EFU TB . 18.05 -37.93 21.38
C30 A1EFU TB . 18.47 -37.92 20.12
CM1 A1EFU TB . 9.86 -41.04 48.65
CM2 A1EFU TB . 7.81 -39.61 48.91
CM3 A1EFU TB . 6.96 -37.11 44.82
CM4 A1EFU TB . 10.45 -36.84 40.30
CM5 A1EFU TB . 11.43 -35.93 34.65
CM6 A1EFU TB . 16.14 -35.94 34.42
CM7 A1EFU TB . 17.59 -39.24 28.37
CM8 A1EFU TB . 19.92 -35.59 24.35
CM9 A1EFU TB . 19.19 -36.73 19.56
CMA A1EFU TB . 7.59 -42.52 49.74
CMB A1EFU TB . 18.28 -39.04 19.14
O2 A1EFU TB . 9.26 -40.85 45.98
MG BCL UB . 15.36 -28.26 37.00
CHA BCL UB . 17.59 -26.77 35.00
CHB BCL UB . 15.44 -30.95 34.98
CHC BCL UB . 12.74 -29.50 38.75
CHD BCL UB . 14.68 -25.11 38.44
NA BCL UB . 16.40 -28.79 35.27
C1A BCL UB . 17.32 -28.03 34.58
C2A BCL UB . 18.11 -28.87 33.57
C3A BCL UB . 17.10 -30.06 33.33
C4A BCL UB . 16.28 -29.93 34.59
CMA BCL UB . 16.16 -29.68 32.18
CAA BCL UB . 19.46 -29.25 34.13
CBA BCL UB . 20.51 -29.57 33.12
CGA BCL UB . 20.12 -30.80 32.32
O1A BCL UB . 19.69 -30.81 31.26
O2A BCL UB . 20.34 -31.92 32.84
NB BCL UB . 14.27 -29.89 36.91
C1B BCL UB . 14.47 -30.89 36.01
C2B BCL UB . 13.55 -31.88 36.23
C3B BCL UB . 12.76 -31.51 37.28
C4B BCL UB . 13.23 -30.24 37.73
CMB BCL UB . 13.56 -33.09 35.34
CAB BCL UB . 11.60 -32.29 37.91
OBB BCL UB . 11.00 -31.85 38.82
CBB BCL UB . 11.05 -33.62 37.49
NC BCL UB . 14.02 -27.42 38.32
C1C BCL UB . 13.09 -28.16 38.97
C2C BCL UB . 12.31 -27.34 39.97
C3C BCL UB . 12.67 -25.93 39.68
C4C BCL UB . 13.91 -26.16 38.83
CMC BCL UB . 10.83 -27.38 39.62
CAC BCL UB . 13.06 -25.40 41.07
CBC BCL UB . 11.96 -24.62 41.79
ND BCL UB . 15.92 -26.41 36.84
C1D BCL UB . 15.63 -25.20 37.43
C2D BCL UB . 16.35 -24.12 36.91
C3D BCL UB . 17.11 -24.70 35.99
C4D BCL UB . 16.84 -26.07 35.96
CMD BCL UB . 16.28 -22.68 37.31
CAD BCL UB . 18.15 -24.42 34.95
OBD BCL UB . 18.72 -23.30 34.60
CBD BCL UB . 18.70 -25.82 34.52
CGD BCL UB . 18.73 -25.75 32.97
O1D BCL UB . 17.88 -25.38 32.35
O2D BCL UB . 19.74 -26.10 32.33
CED BCL UB . 19.61 -25.96 30.82
C1 BCL UB . 19.65 -33.12 32.35
C2 BCL UB . 20.60 -34.29 32.14
C3 BCL UB . 20.64 -35.35 32.90
C4 BCL UB . 21.38 -36.59 32.48
C5 BCL UB . 19.72 -35.55 34.13
C6 BCL UB . 20.39 -34.99 35.40
C7 BCL UB . 19.25 -34.80 36.42
C8 BCL UB . 18.59 -33.44 36.35
C9 BCL UB . 19.57 -32.30 36.05
C10 BCL UB . 18.01 -33.23 37.70
C11 BCL UB . 16.68 -33.88 37.70
C12 BCL UB . 15.99 -33.30 38.91
C13 BCL UB . 15.16 -34.40 39.57
C14 BCL UB . 14.25 -35.01 38.49
C15 BCL UB . 14.32 -33.86 40.70
C16 BCL UB . 13.61 -35.05 41.28
C17 BCL UB . 13.29 -34.76 42.72
C18 BCL UB . 12.30 -35.76 43.31
C19 BCL UB . 12.19 -35.41 44.77
C20 BCL UB . 12.84 -37.20 43.24
C2 A1EFU VB . 21.28 -21.61 53.80
C3 A1EFU VB . 20.03 -21.94 53.01
C4 A1EFU VB . 20.15 -21.70 51.70
C6 A1EFU VB . 20.48 -22.26 49.33
C8 A1EFU VB . 19.96 -22.82 47.05
C11 A1EFU VB . 21.40 -23.61 43.92
C15 A1EFU VB . 24.49 -23.49 40.13
O1 A1EFU VB . 21.98 -19.52 52.99
C19 A1EFU VB . 27.38 -22.76 36.55
C18 A1EFU VB . 27.02 -22.68 37.83
C1 A1EFU VB . 21.53 -20.14 54.17
C7 A1EFU VB . 19.81 -23.21 48.32
C9 A1EFU VB . 21.19 -22.90 46.19
C10 A1EFU VB . 21.15 -22.46 44.92
C17 A1EFU VB . 26.05 -23.47 38.32
C5 A1EFU VB . 20.39 -22.69 50.60
C16 A1EFU VB . 25.01 -22.73 39.16
C14 A1EFU VB . 23.45 -22.73 40.96
C13 A1EFU VB . 23.20 -23.24 42.17
C12 A1EFU VB . 21.82 -23.17 42.75
C20 A1EFU VB . 26.89 -23.55 35.59
C21 A1EFU VB . 26.81 -22.86 34.22
C22 A1EFU VB . 27.76 -23.25 33.36
C23 A1EFU VB . 27.16 -23.39 31.95
C24 A1EFU VB . 27.95 -24.29 31.01
C25 A1EFU VB . 28.83 -23.52 30.08
C26 A1EFU VB . 29.22 -23.86 28.84
C27 A1EFU VB . 28.77 -25.14 28.21
C28 A1EFU VB . 28.22 -24.94 26.78
C29 A1EFU VB . 28.58 -26.08 25.88
C30 A1EFU VB . 28.88 -26.02 24.58
CM1 A1EFU VB . 22.58 -20.04 55.28
CM2 A1EFU VB . 20.19 -19.58 54.66
CM3 A1EFU VB . 20.53 -24.16 50.81
CM4 A1EFU VB . 22.52 -23.42 46.64
CM5 A1EFU VB . 24.38 -23.85 42.88
CM6 A1EFU VB . 27.64 -21.75 38.82
CM7 A1EFU VB . 28.94 -22.28 33.37
CM8 A1EFU VB . 30.12 -23.01 28.00
CM9 A1EFU VB . 28.89 -24.72 23.84
CMA A1EFU VB . 23.26 -19.88 52.50
CMB A1EFU VB . 29.24 -27.22 23.74
O2 A1EFU VB . 22.05 -22.46 54.14
MG BCL WB . 19.93 -20.48 38.57
CHA BCL WB . 21.12 -23.23 37.10
CHB BCL WB . 22.21 -18.65 36.95
CHC BCL WB . 18.87 -17.82 40.37
CHD BCL WB . 18.16 -22.54 40.82
NA BCL WB . 21.46 -20.89 37.23
C1A BCL WB . 21.77 -22.12 36.67
C2A BCL WB . 22.71 -21.98 35.46
C3A BCL WB . 23.24 -20.50 35.61
C4A BCL WB . 22.28 -20.00 36.67
CMA BCL WB . 24.62 -20.53 36.28
CAA BCL WB . 21.98 -22.25 34.16
CBA BCL WB . 22.67 -21.68 32.95
CGA BCL WB . 23.00 -22.79 31.98
O1A BCL WB . 23.11 -23.89 32.22
O2A BCL WB . 22.92 -22.51 30.78
NB BCL WB . 20.42 -18.58 38.68
C1B BCL WB . 21.39 -18.02 37.90
C2B BCL WB . 21.47 -16.68 38.21
C3B BCL WB . 20.54 -16.40 39.17
C4B BCL WB . 19.87 -17.62 39.47
CMB BCL WB . 22.47 -15.83 37.50
CAB BCL WB . 20.24 -15.04 39.84
OBB BCL WB . 19.41 -14.95 40.66
CBB BCL WB . 20.92 -13.73 39.56
NC BCL WB . 18.82 -20.29 40.29
C1C BCL WB . 18.44 -19.09 40.80
C2C BCL WB . 17.61 -19.24 42.05
C3C BCL WB . 17.78 -20.66 42.43
C4C BCL WB . 18.15 -21.20 41.05
CMC BCL WB . 18.25 -18.48 43.19
CAC BCL WB . 16.36 -21.07 42.86
CBC BCL WB . 15.26 -20.75 41.83
ND BCL WB . 19.66 -22.36 38.95
C1D BCL WB . 18.94 -23.13 39.84
C2D BCL WB . 19.09 -24.51 39.65
C3D BCL WB . 19.92 -24.56 38.61
C4D BCL WB . 20.24 -23.27 38.21
CMD BCL WB . 18.46 -25.63 40.42
CAD BCL WB . 20.63 -25.51 37.71
OBD BCL WB . 20.65 -26.81 37.69
CBD BCL WB . 21.06 -24.64 36.47
CGD BCL WB . 22.45 -25.19 36.09
O1D BCL WB . 22.89 -25.14 35.07
O2D BCL WB . 23.17 -25.75 36.95
CED BCL WB . 24.51 -26.23 36.40
C1 BCL WB . 23.93 -23.01 29.82
C2 BCL WB . 24.67 -21.89 29.12
C3 BCL WB . 25.10 -21.97 27.88
C4 BCL WB . 25.03 -23.26 27.12
C5 BCL WB . 25.88 -20.84 27.17
C6 BCL WB . 27.15 -20.49 27.99
C7 BCL WB . 27.69 -19.20 27.37
C8 BCL WB . 29.18 -19.13 27.31
C9 BCL WB . 29.71 -17.71 27.25
C10 BCL WB . 29.52 -19.85 26.04
C11 BCL WB . 30.99 -19.96 25.99
C12 BCL WB . 31.22 -21.16 25.08
C13 BCL WB . 32.65 -21.05 24.52
C14 BCL WB . 32.73 -21.96 23.29
C15 BCL WB . 33.68 -21.45 25.54
C16 BCL WB . 33.39 -22.88 25.90
C17 BCL WB . 34.53 -23.34 26.79
C18 BCL WB . 34.13 -24.49 27.71
C19 BCL WB . 34.41 -25.74 26.92
C20 BCL WB . 35.05 -24.55 28.94
C2 A1EFU XB . 10.15 -26.95 30.65
C3 A1EFU XB . 10.32 -28.23 29.85
C4 A1EFU XB . 11.53 -28.77 30.00
C6 A1EFU XB . 13.42 -30.21 29.39
C8 A1EFU XB . 15.63 -30.54 28.57
C11 A1EFU XB . 18.96 -31.48 27.60
C15 A1EFU XB . 23.77 -31.01 27.71
O1 A1EFU XB . 8.06 -27.23 31.67
C19 A1EFU XB . 28.37 -29.94 27.65
C18 A1EFU XB . 27.08 -29.71 27.93
C1 A1EFU XB . 8.73 -26.37 30.78
C7 A1EFU XB . 14.36 -30.38 28.19
C9 A1EFU XB . 16.61 -31.59 28.14
C10 A1EFU XB . 17.85 -31.60 28.65
C17 A1EFU XB . 26.12 -30.56 27.52
C5 A1EFU XB . 12.20 -29.76 29.10
C16 A1EFU XB . 24.85 -30.60 28.39
C14 A1EFU XB . 22.55 -31.26 28.60
C13 A1EFU XB . 21.49 -31.75 27.96
C12 A1EFU XB . 20.12 -31.13 28.14
C20 A1EFU XB . 28.94 -30.93 26.97
C21 A1EFU XB . 30.07 -30.43 26.06
C22 A1EFU XB . 31.20 -30.08 26.69
C23 A1EFU XB . 32.40 -30.81 26.10
C24 A1EFU XB . 33.16 -30.02 25.02
C25 A1EFU XB . 32.61 -30.23 23.65
C26 A1EFU XB . 33.23 -30.76 22.58
C27 A1EFU XB . 34.65 -31.22 22.67
C28 A1EFU XB . 35.40 -31.18 21.32
C29 A1EFU XB . 36.15 -32.46 21.06
C30 A1EFU XB . 36.87 -32.79 19.98
CM1 A1EFU XB . 8.78 -24.95 31.33
CM2 A1EFU XB . 8.12 -26.38 29.37
CM3 A1EFU XB . 11.57 -30.33 27.86
CM4 A1EFU XB . 16.31 -32.69 27.16
CM5 A1EFU XB . 21.76 -32.92 27.06
CM6 A1EFU XB . 26.62 -28.52 28.71
CM7 A1EFU XB . 31.40 -28.57 26.70
CM8 A1EFU XB . 32.58 -30.93 21.24
CM9 A1EFU XB . 37.03 -31.84 18.83
CMA A1EFU XB . 8.57 -27.33 32.97
CMB A1EFU XB . 37.59 -34.09 19.80
O2 A1EFU XB . 11.09 -26.40 31.16
MG BCL YB . 24.88 -13.83 40.29
CHA BCL YB . 26.45 -12.39 37.71
CHB BCL YB . 25.50 -16.83 38.91
CHC BCL YB . 22.82 -15.18 42.62
CHD BCL YB . 23.43 -10.70 41.06
NA BCL YB . 25.80 -14.50 38.54
C1A BCL YB . 26.46 -13.74 37.60
C2A BCL YB . 27.40 -14.59 36.74
C3A BCL YB . 26.71 -16.00 36.87
C4A BCL YB . 25.96 -15.77 38.16
CMA BCL YB . 25.63 -16.12 35.79
CAA BCL YB . 28.82 -14.52 37.24
CBA BCL YB . 29.88 -14.69 36.18
CGA BCL YB . 29.73 -16.06 35.53
O1A BCL YB . 29.34 -16.26 34.48
O2A BCL YB . 30.18 -17.03 36.16
NB BCL YB . 24.25 -15.64 40.71
C1B BCL YB . 24.64 -16.74 40.02
C2B BCL YB . 24.02 -17.84 40.58
C3B BCL YB . 23.25 -17.42 41.63
C4B BCL YB . 23.40 -16.01 41.72
CMB BCL YB . 24.28 -19.20 40.00
CAB BCL YB . 22.38 -18.26 42.57
OBB BCL YB . 21.77 -17.77 43.44
CBB BCL YB . 22.18 -19.75 42.54
NC BCL YB . 23.56 -13.03 41.64
C1C BCL YB . 22.89 -13.78 42.55
C2C BCL YB . 21.88 -12.96 43.31
C3C BCL YB . 21.64 -11.80 42.42
C4C BCL YB . 23.03 -11.77 41.79
CMC BCL YB . 20.54 -13.66 43.34
CAC BCL YB . 21.43 -10.66 43.42
CBC BCL YB . 22.56 -10.46 44.43
ND BCL YB . 24.87 -12.01 39.63
C1D BCL YB . 24.29 -10.80 39.97
C2D BCL YB . 24.65 -9.73 39.13
C3D BCL YB . 25.47 -10.32 38.26
C4D BCL YB . 25.59 -11.67 38.58
CMD BCL YB . 24.21 -8.31 39.19
CAD BCL YB . 26.32 -10.05 37.07
OBD BCL YB . 26.53 -8.95 36.39
CBD BCL YB . 27.20 -11.35 36.86
CGD BCL YB . 27.05 -11.67 35.35
O1D BCL YB . 26.09 -11.87 34.85
O2D BCL YB . 28.07 -11.69 34.61
CED BCL YB . 27.74 -12.01 33.15
C1 BCL YB . 29.71 -18.38 35.88
C2 BCL YB . 30.79 -19.23 35.22
C3 BCL YB . 31.47 -20.17 35.85
C4 BCL YB . 32.56 -20.94 35.16
C5 BCL YB . 31.03 -20.77 37.20
C6 BCL YB . 32.07 -20.42 38.30
C7 BCL YB . 31.61 -19.09 38.88
C8 BCL YB . 30.91 -19.17 40.21
C9 BCL YB . 30.98 -20.55 40.87
C10 BCL YB . 29.48 -18.83 39.91
C11 BCL YB . 29.23 -17.47 40.43
C12 BCL YB . 29.05 -17.68 41.91
C13 BCL YB . 27.56 -17.95 42.18
C14 BCL YB . 27.08 -16.84 43.12
C15 BCL YB . 27.36 -19.31 42.82
C16 BCL YB . 25.93 -19.35 43.27
C17 BCL YB . 25.85 -20.28 44.45
C18 BCL YB . 24.77 -19.87 45.46
C19 BCL YB . 25.02 -18.42 45.75
C20 BCL YB . 24.96 -20.62 46.80
MG BCL ZB . 27.20 -4.89 39.48
CHA BCL ZB . 29.01 -7.52 38.47
CHB BCL ZB . 28.70 -3.00 37.17
CHC BCL ZB . 25.56 -2.24 40.81
CHD BCL ZB . 26.27 -6.72 42.35
NA BCL ZB . 28.65 -5.22 38.03
C1A BCL ZB . 29.24 -6.43 37.69
C2A BCL ZB . 30.15 -6.31 36.46
C3A BCL ZB . 30.23 -4.75 36.25
C4A BCL ZB . 29.13 -4.31 37.19
CMA BCL ZB . 31.53 -4.23 36.88
CAA BCL ZB . 29.58 -7.08 35.29
CBA BCL ZB . 30.26 -6.77 33.97
CGA BCL ZB . 30.25 -7.99 33.08
O1A BCL ZB . 29.90 -9.03 33.38
O2A BCL ZB . 31.02 -7.95 32.10
NB BCL ZB . 27.12 -2.97 39.10
C1B BCL ZB . 27.81 -2.39 38.09
C2B BCL ZB . 27.53 -1.04 38.08
C3B BCL ZB . 26.65 -0.77 39.08
C4B BCL ZB . 26.38 -2.01 39.73
CMB BCL ZB . 28.18 -0.16 37.05
CAB BCL ZB . 26.03 0.57 39.48
OBB BCL ZB . 25.27 0.65 40.38
CBB BCL ZB . 26.26 1.91 38.83
NC BCL ZB . 26.21 -4.57 41.26
C1C BCL ZB . 25.56 -3.43 41.55
C2C BCL ZB . 25.00 -3.43 42.96
C3C BCL ZB . 25.61 -4.64 43.58
C4C BCL ZB . 25.91 -5.41 42.30
CMC BCL ZB . 25.60 -2.29 43.74
CAC BCL ZB . 24.43 -5.23 44.36
CBC BCL ZB . 23.16 -5.46 43.54
ND BCL ZB . 27.51 -6.63 40.29
C1D BCL ZB . 27.10 -7.31 41.42
C2D BCL ZB . 27.63 -8.60 41.50
C3D BCL ZB . 28.35 -8.69 40.39
C4D BCL ZB . 28.25 -7.51 39.68
CMD BCL ZB . 27.43 -9.63 42.58
CAD BCL ZB . 29.23 -9.61 39.62
OBD BCL ZB . 29.62 -10.83 39.87
CBD BCL ZB . 29.28 -9.00 38.17
CGD BCL ZB . 30.75 -9.26 37.74
O1D BCL ZB . 31.07 -9.52 36.70
O2D BCL ZB . 31.68 -9.20 38.58
CED BCL ZB . 33.04 -9.49 37.97
C1 BCL ZB . 30.52 -8.26 30.76
C2 BCL ZB . 31.04 -7.30 29.70
C3 BCL ZB . 31.86 -7.66 28.74
C4 BCL ZB . 32.38 -9.06 28.63
C5 BCL ZB . 32.31 -6.71 27.60
C6 BCL ZB . 33.19 -5.57 28.19
C7 BCL ZB . 33.52 -4.68 27.00
C8 BCL ZB . 34.91 -4.11 27.03
C9 BCL ZB . 34.96 -2.60 26.82
C10 BCL ZB . 35.61 -4.79 25.92
C11 BCL ZB . 37.05 -4.80 26.28
C12 BCL ZB . 37.57 -6.05 25.59
C13 BCL ZB . 38.77 -5.65 24.73
C14 BCL ZB . 38.95 -6.72 23.67
C15 BCL ZB . 40.02 -5.52 25.57
C16 BCL ZB . 40.23 -6.85 26.22
C17 BCL ZB . 41.32 -6.67 27.25
C18 BCL ZB . 41.29 -7.76 28.32
C19 BCL ZB . 42.12 -8.89 27.77
C20 BCL ZB . 42.00 -7.29 29.61
C2 A1EFU AC . 24.32 -1.49 35.09
C3 A1EFU AC . 25.25 -2.62 34.69
C4 A1EFU AC . 26.49 -2.22 34.45
C6 A1EFU AC . 28.80 -2.47 33.66
C8 A1EFU AC . 30.89 -2.56 32.53
C11 A1EFU AC . 34.08 -2.45 30.83
C15 A1EFU AC . 38.18 -0.39 29.31
O1 A1EFU AC . 21.99 -1.31 35.05
C19 A1EFU AC . 41.68 2.08 27.33
C18 A1EFU AC . 40.53 1.94 28.01
C1 A1EFU AC . 23.03 -1.80 35.86
C7 A1EFU AC . 29.67 -3.12 32.57
C9 A1EFU AC . 32.20 -3.18 32.16
C10 A1EFU AC . 33.32 -2.45 32.17
C17 A1EFU AC . 39.99 0.74 28.22
C5 A1EFU AC . 27.59 -3.02 33.83
C16 A1EFU AC . 39.01 0.66 29.40
C14 A1EFU AC . 37.25 -0.51 30.53
C13 A1EFU AC . 36.47 -1.60 30.52
C12 A1EFU AC . 34.99 -1.48 30.80
C20 A1EFU AC . 42.32 3.22 27.06
C21 A1EFU AC . 43.43 3.09 26.00
C22 A1EFU AC . 44.05 4.25 25.76
C23 A1EFU AC . 45.41 4.03 25.12
C24 A1EFU AC . 45.38 3.79 23.60
C25 A1EFU AC . 45.69 2.36 23.27
C26 A1EFU AC . 46.64 1.85 22.49
C27 A1EFU AC . 47.65 2.72 21.78
C28 A1EFU AC . 48.06 2.19 20.40
C29 A1EFU AC . 49.38 1.48 20.41
C30 A1EFU AC . 50.09 1.02 19.37
CM1 A1EFU AC . 23.03 -1.07 37.20
CM2 A1EFU AC . 22.95 -3.32 36.10
CM3 A1EFU AC . 27.43 -4.44 33.39
CM4 A1EFU AC . 32.37 -4.62 31.74
CM5 A1EFU AC . 37.18 -2.89 30.24
CM6 A1EFU AC . 39.78 3.11 28.59
CM7 A1EFU AC . 43.18 5.18 24.92
CM8 A1EFU AC . 46.80 0.38 22.27
CM9 A1EFU AC . 49.61 1.18 17.97
CMA A1EFU AC . 21.88 -1.82 33.74
CMB A1EFU AC . 51.42 0.31 19.48
O2 A1EFU AC . 24.59 -0.34 34.81
C2 A1EFU BC . 29.84 -1.74 53.76
C3 A1EFU BC . 29.50 -3.21 53.75
C4 A1EFU BC . 29.01 -3.61 52.57
C6 A1EFU BC . 28.83 -5.04 50.57
C8 A1EFU BC . 28.79 -4.42 48.28
C11 A1EFU BC . 29.92 -6.03 45.21
C15 A1EFU BC . 32.54 -5.99 41.13
O1 A1EFU BC . 30.02 -1.20 56.05
C19 A1EFU BC . 34.91 -5.55 37.13
C18 A1EFU BC . 34.71 -5.32 38.44
C1 A1EFU BC . 29.26 -0.88 54.90
C7 A1EFU BC . 29.18 -4.01 49.49
C9 A1EFU BC . 29.62 -4.49 47.03
C10 A1EFU BC . 29.10 -4.93 45.88
C17 A1EFU BC . 33.89 -6.08 39.16
C5 A1EFU BC . 29.44 -4.79 51.74
C16 A1EFU BC . 32.91 -5.31 40.05
C14 A1EFU BC . 31.41 -5.29 41.88
C13 A1EFU BC . 31.41 -5.51 43.20
C12 A1EFU BC . 30.11 -5.78 43.91
C20 A1EFU BC . 34.38 -6.50 36.36
C21 A1EFU BC . 34.42 -6.13 34.88
C22 A1EFU BC . 35.60 -6.30 34.30
C23 A1EFU BC . 35.57 -7.51 33.36
C24 A1EFU BC . 35.00 -7.21 31.97
C25 A1EFU BC . 35.16 -8.36 31.02
C26 A1EFU BC . 35.99 -8.46 29.98
C27 A1EFU BC . 36.00 -9.71 29.14
C28 A1EFU BC . 35.92 -9.43 27.64
C29 A1EFU BC . 35.66 -10.68 26.85
C30 A1EFU BC . 36.36 -11.16 25.83
CM1 A1EFU BC . 29.37 0.60 54.55
CM2 A1EFU BC . 27.79 -1.29 55.03
CM3 A1EFU BC . 30.52 -5.76 52.11
CM4 A1EFU BC . 31.07 -4.10 46.97
CM5 A1EFU BC . 32.74 -5.48 43.88
CM6 A1EFU BC . 35.38 -4.21 39.20
CM7 A1EFU BC . 36.06 -5.04 33.58
CM8 A1EFU BC . 36.94 -7.38 29.55
CM9 A1EFU BC . 37.59 -10.45 25.31
CMA A1EFU BC . 31.40 -0.92 56.02
CMB A1EFU BC . 36.04 -12.42 25.09
O2 A1EFU BC . 30.55 -1.24 52.92
MG BCL CC . 30.05 3.12 39.04
CHA BCL CC . 31.03 4.22 36.02
CHB BCL CC . 31.44 0.14 38.32
CHC BCL CC . 28.59 1.92 41.83
CHD BCL CC . 27.78 5.83 39.17
NA BCL CC . 31.12 2.33 37.43
C1A BCL CC . 31.51 2.98 36.28
C2A BCL CC . 32.62 2.22 35.53
C3A BCL CC . 32.41 0.76 36.09
C4A BCL CC . 31.64 1.10 37.35
CMA BCL CC . 31.39 0.04 35.20
CAA BCL CC . 33.96 2.86 35.79
CBA BCL CC . 35.13 1.90 35.82
CGA BCL CC . 35.41 1.38 34.42
O1A BCL CC . 34.80 1.59 33.48
O2A BCL CC . 36.19 0.41 34.36
NB BCL CC . 30.00 1.38 39.94
C1B BCL CC . 30.65 0.27 39.48
C2B BCL CC . 30.40 -0.76 40.36
C3B BCL CC . 29.61 -0.31 41.35
C4B BCL CC . 29.35 1.07 41.09
CMB BCL CC . 31.01 -2.11 40.07
CAB BCL CC . 29.06 -1.08 42.57
OBB BCL CC . 28.37 -0.56 43.36
CBB BCL CC . 29.29 -2.53 42.90
NC BCL CC . 28.56 3.83 40.26
C1C BCL CC . 28.20 3.20 41.41
C2C BCL CC . 27.21 3.99 42.23
C3C BCL CC . 26.80 5.12 41.36
C4C BCL CC . 27.79 4.96 40.21
CMC BCL CC . 25.94 3.20 42.38
CAC BCL CC . 27.15 6.35 42.21
CBC BCL CC . 25.99 6.88 43.07
ND BCL CC . 29.49 4.63 37.95
C1D BCL CC . 28.60 5.68 38.05
C2D BCL CC . 28.59 6.54 36.94
C3D BCL CC . 29.52 5.98 36.16
C4D BCL CC . 30.03 4.86 36.78
CMD BCL CC . 27.75 7.77 36.71
CAD BCL CC . 30.21 6.13 34.85
OBD BCL CC . 30.08 7.02 33.90
CBD BCL CC . 31.53 5.28 35.02
CGD BCL CC . 31.83 4.68 33.63
O1D BCL CC . 32.85 4.54 33.22
O2D BCL CC . 30.89 4.34 32.87
CED BCL CC . 31.42 3.78 31.54
C1 BCL CC . 35.67 -0.95 34.51
C2 BCL CC . 36.06 -1.57 35.85
C3 BCL CC . 37.29 -1.67 36.29
C4 BCL CC . 38.41 -2.11 35.40
C5 BCL CC . 37.69 -1.44 37.77
C6 BCL CC . 37.06 -0.13 38.30
C7 BCL CC . 35.97 -0.55 39.28
C8 BCL CC . 35.05 0.55 39.74
C9 BCL CC . 35.57 1.95 39.45
C10 BCL CC . 34.99 0.36 41.21
C11 BCL CC . 33.55 0.41 41.60
C12 BCL CC . 33.50 -0.52 42.80
C13 BCL CC . 32.66 0.16 43.90
C14 BCL CC . 33.32 1.50 44.23
C15 BCL CC . 32.61 -0.72 45.13
C16 BCL CC . 31.82 0.06 46.15
C17 BCL CC . 32.06 -0.58 47.49
C18 BCL CC . 31.91 0.40 48.65
C19 BCL CC . 33.04 1.38 48.50
C20 BCL CC . 32.10 -0.29 50.01
C2 A1EFU DC . 18.68 -15.48 34.33
C3 A1EFU DC . 19.84 -16.20 34.97
C4 A1EFU DC . 20.91 -16.29 34.16
C6 A1EFU DC . 22.40 -17.39 32.55
C8 A1EFU DC . 24.75 -17.67 32.51
C11 A1EFU DC . 28.26 -18.17 32.01
C15 A1EFU DC . 32.34 -16.21 31.48
O1 A1EFU DC . 16.71 -14.24 34.41
C19 A1EFU DC . 36.52 -14.56 30.07
C18 A1EFU DC . 35.51 -15.44 30.07
C1 A1EFU DC . 17.80 -14.60 35.22
C7 A1EFU DC . 23.64 -18.07 33.14
C9 A1EFU DC . 25.86 -18.50 31.96
C10 A1EFU DC . 26.90 -17.92 31.34
C17 A1EFU DC . 34.34 -15.16 30.65
C5 A1EFU DC . 21.31 -17.46 33.32
C16 A1EFU DC . 33.65 -16.37 31.30
C14 A1EFU DC . 31.48 -17.02 30.52
C13 A1EFU DC . 30.64 -17.87 31.11
C12 A1EFU DC . 29.24 -17.46 31.43
C20 A1EFU DC . 37.73 -14.73 29.52
C21 A1EFU DC . 38.31 -13.43 28.92
C22 A1EFU DC . 39.56 -13.52 28.48
C23 A1EFU DC . 39.63 -14.43 27.25
C24 A1EFU DC . 40.68 -14.05 26.20
C25 A1EFU DC . 42.07 -14.47 26.55
C26 A1EFU DC . 42.96 -15.10 25.78
C27 A1EFU DC . 42.63 -15.47 24.36
C28 A1EFU DC . 43.56 -14.81 23.34
C29 A1EFU DC . 44.54 -15.77 22.73
C30 A1EFU DC . 44.65 -16.11 21.45
CM1 A1EFU DC . 18.56 -13.38 35.71
CM2 A1EFU DC . 17.39 -15.48 36.41
CM3 A1EFU DC . 20.55 -18.75 33.25
CM4 A1EFU DC . 25.91 -20.00 32.01
CM5 A1EFU DC . 31.21 -19.22 31.42
CM6 A1EFU DC . 35.60 -16.79 29.42
CM7 A1EFU DC . 40.13 -12.13 28.21
CM8 A1EFU DC . 44.34 -15.48 26.22
CM9 A1EFU DC . 45.69 -17.11 21.00
CMA A1EFU DC . 15.80 -13.31 34.91
CMB A1EFU DC . 43.80 -15.57 20.34
O2 A1EFU DC . 18.45 -15.56 33.15
MG BCL EC . 29.75 11.76 35.93
CHA BCL EC . 32.21 9.56 35.33
CHB BCL EC . 30.45 13.30 33.07
CHC BCL EC . 27.48 14.09 36.82
CHD BCL EC . 29.59 10.55 39.24
NA BCL EC . 31.14 11.47 34.42
C1A BCL EC . 32.02 10.42 34.28
C2A BCL EC . 32.83 10.49 32.97
C3A BCL EC . 32.30 11.82 32.31
C4A BCL EC . 31.27 12.24 33.34
CMA BCL EC . 33.39 12.90 32.39
CAA BCL EC . 32.61 9.26 32.12
CBA BCL EC . 33.80 8.88 31.27
CGA BCL EC . 33.34 8.53 29.87
O1A BCL EC . 32.27 8.56 29.49
O2A BCL EC . 34.17 7.99 29.12
NB BCL EC . 29.07 13.40 35.13
C1B BCL EC . 29.49 13.87 33.92
C2B BCL EC . 28.81 15.02 33.64
C3B BCL EC . 27.95 15.29 34.66
C4B BCL EC . 28.12 14.25 35.62
CMB BCL EC . 29.09 15.74 32.35
CAB BCL EC . 26.98 16.47 34.82
OBB BCL EC . 26.30 16.58 35.77
CBB BCL EC . 26.76 17.60 33.85
NC BCL EC . 28.84 12.24 37.72
C1C BCL EC . 27.89 13.21 37.82
C2C BCL EC . 27.43 13.39 39.24
C3C BCL EC . 28.41 12.61 40.05
C4C BCL EC . 28.85 11.65 38.94
CMC BCL EC . 27.69 14.82 39.68
CAC BCL EC . 27.53 11.92 41.09
CBC BCL EC . 26.31 11.19 40.52
ND BCL EC . 30.61 10.44 37.06
C1D BCL EC . 30.50 9.99 38.37
C2D BCL EC . 31.40 8.96 38.69
C3D BCL EC . 32.05 8.79 37.53
C4D BCL EC . 31.56 9.68 36.58
CMD BCL EC . 31.58 8.24 39.98
CAD BCL EC . 33.12 7.98 36.89
OBD BCL EC . 33.87 7.03 37.37
CBD BCL EC . 32.90 8.19 35.35
CGD BCL EC . 34.35 8.23 34.80
O1D BCL EC . 34.73 7.55 34.03
O2D BCL EC . 35.17 9.09 35.23
CED BCL EC . 36.54 8.95 34.55
C1 BCL EC . 33.74 7.15 28.01
C2 BCL EC . 33.57 7.95 26.72
C3 BCL EC . 34.39 7.87 25.69
C4 BCL EC . 35.29 6.70 25.49
C5 BCL EC . 34.32 8.85 24.49
C6 BCL EC . 35.74 9.33 24.12
C7 BCL EC . 35.53 10.68 23.44
C8 BCL EC . 36.74 11.18 22.70
C9 BCL EC . 36.57 12.60 22.17
C10 BCL EC . 36.88 10.23 21.55
C11 BCL EC . 38.10 10.62 20.80
C12 BCL EC . 39.23 10.00 21.61
C13 BCL EC . 40.45 9.94 20.71
C14 BCL EC . 40.16 8.90 19.63
C15 BCL EC . 41.68 9.53 21.49
C16 BCL EC . 42.10 10.75 22.24
C17 BCL EC . 43.53 10.55 22.67
C18 BCL EC . 43.65 9.78 23.99
C19 BCL EC . 44.46 8.56 23.66
C20 BCL EC . 44.46 10.59 25.02
C2 A1EFU FC . 31.37 18.88 49.96
C3 A1EFU FC . 31.15 17.49 49.40
C4 A1EFU FC . 31.37 17.44 48.08
C6 A1EFU FC . 32.40 16.61 46.01
C8 A1EFU FC . 32.48 15.28 44.05
C11 A1EFU FC . 33.11 13.31 41.23
C15 A1EFU FC . 35.31 12.47 37.23
O1 A1EFU FC . 29.93 19.01 51.81
C19 A1EFU FC . 36.79 12.15 33.04
C18 A1EFU FC . 36.85 12.97 34.10
C1 A1EFU FC . 31.30 19.07 51.48
C7 A1EFU FC . 32.04 15.29 45.31
C9 A1EFU FC . 31.89 14.55 42.88
C10 A1EFU FC . 32.44 14.63 41.67
C17 A1EFU FC . 35.85 13.03 34.98
C5 A1EFU FC . 32.30 16.53 47.34
C16 A1EFU FC . 36.29 12.89 36.44
C14 A1EFU FC . 34.41 13.59 37.75
C13 A1EFU FC . 34.41 13.73 39.08
C12 A1EFU FC . 33.26 13.25 39.91
C20 A1EFU FC . 37.69 11.97 32.07
C21 A1EFU FC . 37.14 11.18 30.89
C22 A1EFU FC . 38.02 10.98 29.90
C23 A1EFU FC . 37.48 9.96 28.90
C24 A1EFU FC . 38.49 9.51 27.84
C25 A1EFU FC . 38.47 8.02 27.64
C26 A1EFU FC . 38.70 7.31 26.54
C27 A1EFU FC . 39.04 7.97 25.24
C28 A1EFU FC . 40.00 7.13 24.37
C29 A1EFU FC . 39.31 6.53 23.18
C30 A1EFU FC . 39.30 5.25 22.79
CM1 A1EFU FC . 31.91 20.40 51.89
CM2 A1EFU FC . 32.10 17.91 52.09
CM3 A1EFU FC . 33.17 15.49 47.98
CM4 A1EFU FC . 30.63 13.72 42.96
CM5 A1EFU FC . 35.63 14.39 39.66
CM6 A1EFU FC . 38.00 13.89 34.38
CM7 A1EFU FC . 38.40 12.29 29.22
CM8 A1EFU FC . 38.65 5.81 26.51
CM9 A1EFU FC . 38.54 4.84 21.55
CMA A1EFU FC . 29.58 19.02 53.17
CMB A1EFU FC . 39.99 4.13 23.49
O2 A1EFU FC . 31.59 19.83 49.24
O MW9 GC . 16.16 17.79 28.18
C10 MW9 GC . 21.33 16.64 21.96
C11 MW9 GC . 20.54 15.45 22.56
C12 MW9 GC . 19.15 15.94 23.03
C13 MW9 GC . 18.89 15.50 24.50
C14 MW9 GC . 17.86 16.47 25.15
C15 MW9 GC . 17.93 16.35 26.70
C16 MW9 GC . 16.62 15.68 27.19
C17 MW9 GC . 15.88 16.64 28.15
C18 MW9 GC . 15.13 16.18 30.37
C19 MW9 GC . 15.54 14.78 30.83
C20 MW9 GC . 14.91 14.49 32.20
C21 MW9 GC . 13.41 16.96 34.67
C22 MW9 GC . 13.68 18.00 35.76
C23 MW9 GC . 13.91 17.30 37.10
C24 MW9 GC . 17.45 13.41 30.72
C25 MW9 GC . 17.52 12.83 29.29
C26 MW9 GC . 18.90 13.16 28.65
C27 MW9 GC . 18.87 12.81 27.13
C28 MW9 GC . 19.22 11.31 26.92
C29 MW9 GC . 20.76 11.16 26.72
C30 MW9 GC . 21.05 10.34 25.44
C31 MW9 GC . 22.57 10.07 25.33
C32 MW9 GC . 22.82 8.58 24.94
C33 MW9 GC . 22.05 7.66 25.93
C5 MW9 GC . 20.66 21.11 19.82
C6 MW9 GC . 20.38 20.12 18.67
C7 MW9 GC . 20.74 18.84 18.79
C8 MW9 GC . 21.42 18.33 20.09
C9 MW9 GC . 20.62 17.15 20.68
O1 MW9 GC . 14.83 16.14 28.97
O2 MW9 GC . 15.90 14.57 33.22
O3 MW9 GC . 16.66 15.42 35.55
O4 MW9 GC . 16.15 17.08 33.81
O5 MW9 GC . 14.17 15.80 34.90
O6 MW9 GC . 14.46 18.21 38.01
O7 MW9 GC . 12.58 18.86 35.86
O8 MW9 GC . 16.93 14.72 30.94
O9 MW9 GC . 17.83 12.78 31.65
P MW9 GC . 15.75 15.75 34.39
MG BCL HC . 30.30 19.80 33.09
CHA BCL HC . 30.86 20.18 29.79
CHB BCL HC . 32.34 17.12 33.00
CHC BCL HC . 29.30 19.09 36.23
CHD BCL HC . 27.40 21.78 32.74
NA BCL HC . 31.53 18.90 31.66
C1A BCL HC . 31.70 19.29 30.35
C2A BCL HC . 32.94 18.65 29.72
C3A BCL HC . 33.06 17.35 30.61
C4A BCL HC . 32.28 17.81 31.82
CMA BCL HC . 32.18 16.25 29.98
CAA BCL HC . 34.11 19.60 29.75
CBA BCL HC . 35.02 19.53 28.56
CGA BCL HC . 35.60 18.13 28.45
O1A BCL HC . 35.29 17.33 27.71
O2A BCL HC . 36.33 17.77 29.40
NB BCL HC . 30.71 18.39 34.39
C1B BCL HC . 31.59 17.39 34.16
C2B BCL HC . 31.64 16.59 35.28
C3B BCL HC . 30.81 17.11 36.22
C4B BCL HC . 30.21 18.26 35.66
CMB BCL HC . 32.55 15.40 35.28
CAB BCL HC . 30.51 16.58 37.64
OBB BCL HC . 29.76 17.12 38.35
CBB BCL HC . 31.11 15.36 38.29
NC BCL HC . 28.68 20.38 34.22
C1C BCL HC . 28.55 20.05 35.52
C2C BCL HC . 27.46 20.81 36.22
C3C BCL HC . 26.70 21.49 35.13
C4C BCL HC . 27.66 21.25 33.96
CMC BCL HC . 26.45 19.84 36.79
CAC BCL HC . 26.72 22.95 35.58
CBC BCL HC . 25.55 23.36 36.48
ND BCL HC . 29.32 20.75 31.70
C1D BCL HC . 28.19 21.52 31.62
C2D BCL HC . 27.91 21.99 30.32
C3D BCL HC . 28.92 21.49 29.62
C4D BCL HC . 29.76 20.76 30.45
CMD BCL HC . 26.76 22.85 29.88
CAD BCL HC . 29.49 21.43 28.24
OBD BCL HC . 29.06 21.97 27.13
CBD BCL HC . 30.90 20.73 28.35
CGD BCL HC . 30.88 19.56 27.33
O1D BCL HC . 31.03 19.68 26.24
O2D BCL HC . 30.69 18.38 27.73
CED BCL HC . 30.71 17.31 26.62
C1 BCL HC . 36.81 16.39 29.49
C2 BCL HC . 38.33 16.32 29.62
C3 BCL HC . 38.98 16.46 30.76
C4 BCL HC . 40.43 16.13 30.88
C5 BCL HC . 38.26 16.71 32.11
C6 BCL HC . 38.04 18.22 32.34
C7 BCL HC . 37.16 18.31 33.60
C8 BCL HC . 35.99 19.25 33.46
C9 BCL HC . 36.29 20.47 32.58
C10 BCL HC . 35.75 19.72 34.87
C11 BCL HC . 34.58 18.97 35.37
C12 BCL HC . 35.03 18.54 36.75
C13 BCL HC . 33.89 18.75 37.74
C14 BCL HC . 33.49 20.23 37.67
C15 BCL HC . 34.32 18.38 39.14
C16 BCL HC . 33.19 18.78 40.04
C17 BCL HC . 33.73 18.86 41.44
C18 BCL HC . 33.16 20.03 42.24
C19 BCL HC . 33.61 21.27 41.50
C20 BCL HC . 33.77 20.12 43.65
MG BCL IC . 27.32 26.92 28.03
CHA BCL IC . 30.26 25.36 27.76
CHB BCL IC . 27.51 27.80 24.82
CHC BCL IC . 24.49 28.73 28.51
CHD BCL IC . 27.61 26.71 31.54
NA BCL IC . 28.72 26.66 26.52
C1A BCL IC . 29.85 25.86 26.56
C2A BCL IC . 30.54 25.75 25.20
C3A BCL IC . 29.71 26.74 24.30
C4A BCL IC . 28.60 27.09 25.27
CMA BCL IC . 30.47 28.05 24.12
CAA BCL IC . 30.57 24.33 24.70
CBA BCL IC . 31.78 23.98 23.87
CGA BCL IC . 31.34 23.36 22.55
O1A BCL IC . 30.27 23.16 22.23
O2A BCL IC . 32.23 22.87 21.85
NB BCL IC . 26.19 28.07 26.92
C1B BCL IC . 26.44 28.30 25.60
C2B BCL IC . 25.47 29.13 25.10
C3B BCL IC . 24.59 29.41 26.10
C4B BCL IC . 25.05 28.73 27.27
CMB BCL IC . 25.53 29.53 23.66
CAB BCL IC . 23.33 30.30 26.04
OBB BCL IC . 22.66 30.46 26.99
CBB BCL IC . 22.80 31.04 24.85
NC BCL IC . 26.31 27.56 29.71
C1C BCL IC . 25.15 28.25 29.66
C2C BCL IC . 24.73 28.72 31.03
C3C BCL IC . 25.99 28.62 31.83
C4C BCL IC . 26.58 27.44 31.04
CMC BCL IC . 24.46 30.21 31.02
CAC BCL IC . 25.49 28.19 33.21
CBC BCL IC . 24.42 27.10 33.21
ND BCL IC . 28.54 26.26 29.37
C1D BCL IC . 28.61 26.18 30.74
C2D BCL IC . 29.77 25.54 31.22
C3D BCL IC . 30.40 25.22 30.09
C4D BCL IC . 29.65 25.66 29.00
CMD BCL IC . 30.17 25.29 32.63
CAD BCL IC . 31.64 24.57 29.57
OBD BCL IC . 32.64 24.02 30.19
CBD BCL IC . 31.31 24.28 28.05
CGD BCL IC . 32.66 24.54 27.35
O1D BCL IC . 33.21 23.79 26.74
O2D BCL IC . 33.21 25.67 27.42
CED BCL IC . 34.53 25.72 26.66
C1 BCL IC . 31.97 21.63 21.09
C2 BCL IC . 31.83 21.91 19.60
C3 BCL IC . 32.68 21.47 18.70
C4 BCL IC . 33.94 20.76 19.08
C5 BCL IC . 32.57 21.80 17.20
C6 BCL IC . 32.78 23.31 16.96
C7 BCL IC . 32.49 23.54 15.48
C8 BCL IC . 33.41 24.54 14.83
C9 BCL IC . 32.69 25.48 13.87
C10 BCL IC . 34.39 23.70 14.07
C11 BCL IC . 35.49 24.60 13.67
C12 BCL IC . 36.71 23.70 13.71
C13 BCL IC . 37.58 24.06 12.50
C14 BCL IC . 38.40 22.82 12.14
C15 BCL IC . 38.49 25.23 12.81
C16 BCL IC . 39.39 24.78 13.92
C17 BCL IC . 40.17 25.98 14.39
C18 BCL IC . 40.79 25.77 15.77
C19 BCL IC . 42.18 25.24 15.51
C20 BCL IC . 40.98 27.11 16.51
O MW9 JC . 36.56 7.97 18.10
C10 MW9 JC . 29.03 8.72 21.12
C11 MW9 JC . 30.09 7.63 20.82
C12 MW9 JC . 31.40 8.30 20.33
C13 MW9 JC . 32.55 7.97 21.33
C14 MW9 JC . 33.93 8.15 20.64
C15 MW9 JC . 33.89 7.60 19.18
C16 MW9 JC . 34.95 6.48 19.00
C17 MW9 JC . 36.00 6.93 17.97
C18 MW9 JC . 37.04 6.75 15.83
C19 MW9 JC . 36.63 6.19 14.46
C20 MW9 JC . 37.79 6.33 13.48
C21 MW9 JC . 38.66 2.34 10.94
C22 MW9 JC . 38.25 1.06 11.66
C23 MW9 JC . 37.70 0.05 10.65
C24 MW9 JC . 34.82 6.26 12.95
C25 MW9 JC . 34.48 4.74 13.02
C26 MW9 JC . 33.09 4.49 12.36
C27 MW9 JC . 31.97 5.10 13.24
C28 MW9 JC . 30.61 5.04 12.48
C29 MW9 JC . 30.36 6.39 11.76
C30 MW9 JC . 29.05 7.01 12.33
C31 MW9 JC . 28.69 8.29 11.51
C32 MW9 JC . 27.15 8.45 11.44
C33 MW9 JC . 26.78 9.21 10.13
C34 MW9 JC . 25.25 9.42 10.06
C35 MW9 JC . 24.12 9.73 9.40
C36 MW9 JC . 22.87 9.66 10.33
C37 MW9 JC . 22.15 8.31 10.11
C38 MW9 JC . 21.06 8.13 11.22
C39 MW9 JC . 19.91 7.25 10.66
C4 MW9 JC . 24.98 12.53 22.66
C40 MW9 JC . 18.76 7.19 11.70
C41 MW9 JC . 18.32 8.62 12.09
C5 MW9 JC . 26.29 11.94 22.09
C6 MW9 JC . 26.09 11.57 20.60
C7 MW9 JC . 26.20 10.30 20.20
C8 MW9 JC . 26.54 9.18 21.21
C9 MW9 JC . 27.63 8.25 20.62
O1 MW9 JC . 36.32 6.10 16.86
O2 MW9 JC . 37.64 5.40 12.41
O3 MW9 JC . 40.20 5.65 12.04
O4 MW9 JC . 38.79 5.10 10.09
O5 MW9 JC . 39.20 3.26 11.86
O6 MW9 JC . 36.42 -0.36 11.06
O7 MW9 JC . 37.26 1.36 12.60
O8 MW9 JC . 35.51 6.89 14.00
O9 MW9 JC . 34.48 6.89 12.00
P MW9 JC . 38.98 4.89 11.58
C2 A1EFU KC . 25.95 13.52 30.78
C3 A1EFU KC . 26.96 12.45 30.43
C4 A1EFU KC . 28.13 12.96 30.07
C6 A1EFU KC . 30.53 12.94 29.55
C8 A1EFU KC . 32.27 13.13 27.95
C11 A1EFU KC . 35.69 13.50 26.38
C15 A1EFU KC . 38.21 16.97 24.46
O1 A1EFU KC . 24.60 12.93 32.61
C19 A1EFU KC . 40.81 18.52 21.12
C18 A1EFU KC . 39.61 18.55 21.71
C1 A1EFU KC . 24.54 13.09 31.21
C7 A1EFU KC . 31.37 12.28 28.45
C9 A1EFU KC . 33.73 12.94 27.70
C10 A1EFU KC . 34.47 13.94 27.19
C17 A1EFU KC . 39.08 17.46 22.26
C5 A1EFU KC . 29.44 12.25 29.91
C16 A1EFU KC . 39.30 17.34 23.77
C14 A1EFU KC . 37.61 15.65 24.00
C13 A1EFU KC . 37.42 14.74 24.97
C12 A1EFU KC . 36.03 14.39 25.43
C20 A1EFU KC . 41.46 19.53 20.54
C21 A1EFU KC . 42.09 19.13 19.19
C22 A1EFU KC . 42.91 20.04 18.67
C23 A1EFU KC . 43.60 19.45 17.42
C24 A1EFU KC . 44.07 20.49 16.41
C25 A1EFU KC . 45.46 20.25 15.89
C26 A1EFU KC . 45.83 19.57 14.80
C27 A1EFU KC . 47.29 19.43 14.43
C28 A1EFU KC . 47.71 17.99 14.12
C29 A1EFU KC . 47.98 17.79 12.65
C30 A1EFU KC . 49.14 17.54 12.05
CM1 A1EFU KC . 24.15 11.77 30.53
CM2 A1EFU KC . 23.58 14.21 30.78
CM3 A1EFU KC . 29.64 10.78 30.14
CM4 A1EFU KC . 34.46 11.67 28.00
CM5 A1EFU KC . 38.67 14.15 25.53
CM6 A1EFU KC . 38.76 19.78 21.79
CM7 A1EFU KC . 42.19 21.35 18.36
CM8 A1EFU KC . 44.88 18.91 13.85
CM9 A1EFU KC . 50.42 17.42 12.83
CMA A1EFU KC . 24.62 14.09 33.40
CMB A1EFU KC . 49.32 17.36 10.57
O2 A1EFU KC . 26.24 14.69 30.72
C2 A1EFU LC . 27.92 36.72 40.26
C3 A1EFU LC . 28.53 35.45 39.71
C4 A1EFU LC . 28.28 35.28 38.41
C6 A1EFU LC . 28.78 34.67 36.09
C8 A1EFU LC . 29.42 33.13 34.39
C11 A1EFU LC . 30.66 30.82 31.89
C15 A1EFU LC . 32.20 29.50 28.13
O1 A1EFU LC . 28.64 35.96 42.36
C19 A1EFU LC . 33.92 28.64 24.15
C18 A1EFU LC . 34.01 29.63 25.05
C1 A1EFU LC . 28.34 37.16 41.67
C7 A1EFU LC . 28.82 33.22 35.57
C9 A1EFU LC . 29.21 32.08 33.33
C10 A1EFU LC . 29.89 32.12 32.19
C17 A1EFU LC . 33.00 29.85 25.90
C5 A1EFU LC . 29.20 34.79 37.35
C16 A1EFU LC . 33.17 29.18 27.26
C14 A1EFU LC . 32.25 30.97 28.53
C13 A1EFU LC . 32.14 31.17 29.84
C12 A1EFU LC . 30.93 30.70 30.59
C20 A1EFU LC . 34.82 28.28 23.23
C21 A1EFU LC . 34.58 26.85 22.73
C22 A1EFU LC . 35.13 26.58 21.54
C23 A1EFU LC . 34.87 25.11 21.17
C24 A1EFU LC . 35.26 24.73 19.74
C25 A1EFU LC . 36.73 24.78 19.49
C26 A1EFU LC . 37.47 23.92 18.78
C27 A1EFU LC . 36.86 22.73 18.11
C28 A1EFU LC . 37.67 21.44 18.33
C29 A1EFU LC . 37.30 20.37 17.35
C30 A1EFU LC . 38.05 19.88 16.35
CM1 A1EFU LC . 27.21 37.92 42.37
CM2 A1EFU LC . 29.56 38.07 41.49
CM3 A1EFU LC . 30.64 34.41 37.57
CM4 A1EFU LC . 28.24 30.94 33.48
CM5 A1EFU LC . 33.29 31.88 30.47
CM6 A1EFU LC . 35.18 30.55 25.20
CM7 A1EFU LC . 34.64 27.52 20.45
CM8 A1EFU LC . 38.96 24.07 18.59
CM9 A1EFU LC . 39.44 20.38 16.10
CMA A1EFU LC . 29.26 36.07 43.62
CMB A1EFU LC . 37.60 18.81 15.41
O2 A1EFU LC . 27.13 37.38 39.63
MG BCL MC . 25.78 33.77 23.43
CHA BCL MC . 26.46 34.09 20.17
CHB BCL MC . 28.40 31.74 23.76
CHC BCL MC . 25.00 33.59 26.69
CHD BCL MC . 22.45 34.74 22.80
NA BCL MC . 27.19 32.98 22.13
C1A BCL MC . 27.42 33.37 20.83
C2A BCL MC . 28.58 32.59 20.20
C3A BCL MC . 28.92 31.53 21.33
C4A BCL MC . 28.20 32.18 22.47
CMA BCL MC . 28.14 30.25 21.06
CAA BCL MC . 29.72 33.51 19.79
CBA BCL MC . 30.69 32.89 18.81
CGA BCL MC . 31.70 32.02 19.54
O1A BCL MC . 31.51 30.96 19.92
O2A BCL MC . 32.89 32.31 19.37
NB BCL MC . 26.53 32.84 24.97
C1B BCL MC . 27.63 32.06 24.91
C2B BCL MC . 27.89 31.58 26.16
C3B BCL MC . 26.97 32.07 27.02
C4B BCL MC . 26.08 32.89 26.27
CMB BCL MC . 29.07 30.67 26.36
CAB BCL MC . 26.82 31.83 28.54
OBB BCL MC . 25.96 32.33 29.16
CBB BCL MC . 27.71 30.98 29.40
NC BCL MC . 24.06 34.17 24.49
C1C BCL MC . 24.03 34.13 25.84
C2C BCL MC . 22.72 34.64 26.39
C3C BCL MC . 21.79 34.52 25.22
C4C BCL MC . 22.83 34.60 24.09
CMC BCL MC . 22.16 33.66 27.39
CAC BCL MC . 20.98 35.80 25.36
CBC BCL MC . 21.81 37.07 25.50
ND BCL MC . 24.66 34.29 21.92
C1D BCL MC . 23.35 34.68 21.73
C2D BCL MC . 23.05 34.98 20.40
C3D BCL MC . 24.22 34.76 19.78
C4D BCL MC . 25.17 34.36 20.72
CMD BCL MC . 21.74 35.43 19.83
CAD BCL MC . 24.90 34.81 18.44
OBD BCL MC . 24.48 35.16 17.26
CBD BCL MC . 26.26 34.02 18.65
CGD BCL MC . 25.97 32.55 18.24
O1D BCL MC . 24.96 32.12 18.11
O2D BCL MC . 26.93 31.76 18.04
CED BCL MC . 26.57 30.32 17.66
C1 BCL MC . 33.95 31.57 20.06
C2 BCL MC . 35.09 32.47 20.52
C3 BCL MC . 35.15 33.04 21.71
C4 BCL MC . 36.37 33.79 22.16
C5 BCL MC . 33.97 33.05 22.72
C6 BCL MC . 33.06 34.27 22.49
C7 BCL MC . 32.40 34.54 23.85
C8 BCL MC . 30.93 34.83 23.78
C9 BCL MC . 30.54 35.69 22.58
C10 BCL MC . 30.64 35.60 25.03
C11 BCL MC . 30.08 34.62 25.99
C12 BCL MC . 29.14 35.47 26.83
C13 BCL MC . 29.68 35.48 28.27
C14 BCL MC . 29.74 34.04 28.77
C15 BCL MC . 28.79 36.31 29.17
C16 BCL MC . 29.52 36.38 30.48
C17 BCL MC . 28.86 37.44 31.32
C18 BCL MC . 29.15 37.28 32.81
C19 BCL MC . 28.42 38.40 33.49
C20 BCL MC . 30.65 37.48 33.12
MG BCL NC . 20.69 38.49 16.96
CHA BCL NC . 23.77 37.34 16.82
CHB BCL NC . 20.56 38.48 13.63
CHC BCL NC . 17.52 39.60 17.25
CHD BCL NC . 21.21 39.43 20.32
NA BCL NC . 22.07 38.20 15.43
C1A BCL NC . 23.35 37.68 15.57
C2A BCL NC . 23.98 37.36 14.21
C3A BCL NC . 23.02 38.12 13.22
C4A BCL NC . 21.81 38.23 14.13
CMA BCL NC . 23.50 39.56 13.05
CAA BCL NC . 23.99 35.87 14.03
CBA BCL NC . 24.93 35.29 13.00
CGA BCL NC . 24.67 33.79 12.96
O1A BCL NC . 24.00 33.21 13.68
O2A BCL NC . 24.89 33.23 11.88
NB BCL NC . 19.27 38.97 15.70
C1B BCL NC . 19.41 38.89 14.36
C2B BCL NC . 18.24 39.28 13.77
C3B BCL NC . 17.35 39.61 14.76
C4B BCL NC . 18.01 39.41 15.99
CMB BCL NC . 18.13 39.29 12.28
CAB BCL NC . 15.90 40.11 14.62
OBB BCL NC . 15.24 40.36 15.56
CBB BCL NC . 15.14 40.34 13.34
NC BCL NC . 19.62 39.28 18.52
C1C BCL NC . 18.32 39.63 18.42
C2C BCL NC . 17.83 40.28 19.68
C3C BCL NC . 19.08 40.74 20.34
C4C BCL NC . 19.98 39.64 19.79
CMC BCL NC . 17.10 41.57 19.36
CAC BCL NC . 18.78 40.56 21.82
CBC BCL NC . 18.17 39.19 22.18
ND BCL NC . 22.07 38.46 18.30
C1D BCL NC . 22.25 38.82 19.62
C2D BCL NC . 23.53 38.52 20.12
C3D BCL NC . 24.12 37.96 19.05
C4D BCL NC . 23.23 37.92 17.99
CMD BCL NC . 24.08 38.78 21.48
CAD BCL NC . 25.38 37.33 18.56
OBD BCL NC . 26.52 37.13 19.18
CBD BCL NC . 24.95 36.46 17.31
CGD BCL NC . 26.20 36.69 16.43
O1D BCL NC . 26.67 35.91 15.79
O2D BCL NC . 26.76 37.81 16.43
CED BCL NC . 27.99 37.88 15.53
C1 BCL NC . 26.20 33.34 11.22
C2 BCL NC . 26.15 32.85 9.78
C3 BCL NC . 27.17 32.34 9.13
C4 BCL NC . 28.52 32.23 9.79
C5 BCL NC . 27.20 32.17 7.60
C6 BCL NC . 26.93 33.53 6.92
C7 BCL NC . 26.65 33.21 5.45
C8 BCL NC . 27.21 34.21 4.49
C9 BCL NC . 26.26 34.59 3.37
C10 BCL NC . 28.41 33.51 3.90
C11 BCL NC . 29.06 34.49 2.99
C12 BCL NC . 30.49 33.98 2.92
C13 BCL NC . 31.08 34.46 1.59
C14 BCL NC . 32.26 33.53 1.26
C15 BCL NC . 31.55 35.89 1.68
C16 BCL NC . 32.69 35.89 2.65
C17 BCL NC . 33.08 37.33 2.88
C18 BCL NC . 33.94 37.50 4.13
C19 BCL NC . 35.36 37.27 3.67
C20 BCL NC . 33.88 38.93 4.66
O MW9 OC . 30.61 16.21 8.24
C10 MW9 OC . 24.38 15.24 13.19
C11 MW9 OC . 25.41 14.92 12.06
C12 MW9 OC . 26.64 15.86 12.19
C13 MW9 OC . 26.57 16.96 11.10
C14 MW9 OC . 27.49 16.60 9.90
C15 MW9 OC . 28.89 16.17 10.42
C16 MW9 OC . 29.90 17.33 10.21
C17 MW9 OC . 30.93 16.92 9.13
C18 MW9 OC . 32.46 18.68 8.65
C19 MW9 OC . 33.88 19.16 8.95
C20 MW9 OC . 34.82 18.65 7.86
C21 MW9 OC . 35.11 13.96 6.53
C22 MW9 OC . 36.59 13.57 6.45
C23 MW9 OC . 36.79 12.21 7.13
C24 MW9 OC . 34.42 19.59 11.22
C25 MW9 OC . 33.17 20.20 11.89
C26 MW9 OC . 32.69 19.27 13.05
C27 MW9 OC . 31.70 20.05 13.95
C28 MW9 OC . 30.24 19.69 13.54
C29 MW9 OC . 29.33 19.76 14.80
C30 MW9 OC . 27.91 20.25 14.40
C31 MW9 OC . 26.95 19.02 14.27
C32 MW9 OC . 25.52 19.42 14.71
C33 MW9 OC . 24.86 20.30 13.61
C34 MW9 OC . 24.10 21.49 14.26
C35 MW9 OC . 23.35 22.60 14.20
C36 MW9 OC . 23.04 23.19 15.60
C5 MW9 OC . 23.79 10.68 15.70
C6 MW9 OC . 25.09 10.79 14.86
C7 MW9 OC . 25.22 11.76 13.94
C8 MW9 OC . 24.07 12.78 13.72
C9 MW9 OC . 24.48 14.15 14.30
O1 MW9 OC . 32.26 17.39 9.22
O2 MW9 OC . 34.11 17.77 7.00
O3 MW9 OC . 34.19 16.24 4.93
O4 MW9 OC . 36.32 17.03 5.88
O5 MW9 OC . 35.00 15.21 7.16
O6 MW9 OC . 37.89 11.55 6.54
O7 MW9 OC . 37.35 14.53 7.11
O8 MW9 OC . 34.29 18.63 10.18
O9 MW9 OC . 35.50 19.93 11.56
P MW9 OC . 34.93 16.57 6.21
C MW9 PC . 17.48 22.92 10.40
O MW9 PC . 29.49 19.83 1.59
C1 MW9 PC . 18.39 21.92 9.64
C10 MW9 PC . 25.51 19.21 7.57
C11 MW9 PC . 26.68 20.23 7.41
C12 MW9 PC . 27.62 19.76 6.26
C13 MW9 PC . 29.09 19.82 6.74
C14 MW9 PC . 30.04 19.26 5.65
C15 MW9 PC . 29.57 19.76 4.26
C16 MW9 PC . 30.74 20.43 3.51
C17 MW9 PC . 30.50 20.29 1.99
C18 MW9 PC . 30.99 20.93 -0.24
C19 MW9 PC . 31.82 22.02 -0.92
C2 MW9 PC . 18.67 22.46 8.22
C20 MW9 PC . 33.27 21.86 -0.46
C21 MW9 PC . 36.82 19.48 -1.91
C22 MW9 PC . 37.10 18.10 -1.30
C23 MW9 PC . 38.56 18.03 -0.85
C24 MW9 PC . 31.38 24.25 -1.56
C25 MW9 PC . 30.13 25.12 -1.86
C26 MW9 PC . 30.43 26.60 -1.47
C27 MW9 PC . 29.14 27.24 -0.89
C28 MW9 PC . 29.51 28.54 -0.14
C29 MW9 PC . 29.49 28.29 1.40
C3 MW9 PC . 19.57 21.46 7.44
C30 MW9 PC . 28.40 29.18 2.05
C31 MW9 PC . 28.44 29.01 3.60
C32 MW9 PC . 27.10 28.41 4.10
C33 MW9 PC . 26.11 29.54 4.46
C34 MW9 PC . 24.75 28.93 4.89
C35 MW9 PC . 23.48 29.04 5.32
C36 MW9 PC . 22.80 27.66 5.50
C4 MW9 PC . 20.90 21.26 8.22
C5 MW9 PC . 21.11 19.76 8.48
C6 MW9 PC . 21.56 19.56 9.95
C7 MW9 PC . 22.71 18.96 10.23
C8 MW9 PC . 23.62 18.46 9.08
C9 MW9 PC . 24.85 19.40 8.95
O1 MW9 PC . 31.50 20.70 1.06
O2 MW9 PC . 34.15 22.24 -1.51
O3 MW9 PC . 35.80 21.67 -3.42
O4 MW9 PC . 33.68 20.42 -3.29
O5 MW9 PC . 35.51 19.89 -1.55
O6 MW9 PC . 39.34 17.54 -1.92
O7 MW9 PC . 36.86 17.12 -2.26
O8 MW9 PC . 31.33 23.27 -0.54
O9 MW9 PC . 32.38 24.42 -2.17
P MW9 PC . 34.78 21.05 -2.48
C2 A1EFU QC . 22.88 26.33 23.17
C3 A1EFU QC . 24.16 25.52 23.20
C4 A1EFU QC . 25.16 26.17 22.61
C6 A1EFU QC . 27.40 26.48 21.68
C8 A1EFU QC . 29.02 26.81 20.00
C11 A1EFU QC . 31.79 27.52 17.80
C15 A1EFU QC . 34.25 30.07 14.62
O1 A1EFU QC . 21.72 24.45 24.02
C19 A1EFU QC . 35.84 32.53 11.03
C18 A1EFU QC . 34.84 32.17 11.83
C1 A1EFU QC . 21.70 25.87 24.03
C7 A1EFU QC . 28.22 25.88 20.52
C9 A1EFU QC . 30.48 26.73 19.66
C10 A1EFU QC . 31.08 27.79 19.13
C17 A1EFU QC . 34.97 31.12 12.62
C5 A1EFU QC . 26.52 25.65 22.25
C16 A1EFU QC . 34.41 31.26 14.04
C14 A1EFU QC . 33.77 30.15 16.06
C13 A1EFU QC . 33.53 28.95 16.61
C12 A1EFU QC . 32.20 28.64 17.22
C20 A1EFU QC . 35.88 33.56 10.17
C21 A1EFU QC . 36.55 33.16 8.85
C22 A1EFU QC . 37.06 34.19 8.18
C23 A1EFU QC . 38.42 33.81 7.60
C24 A1EFU QC . 38.39 33.29 6.16
C25 A1EFU QC . 39.14 34.19 5.24
C26 A1EFU QC . 39.95 33.87 4.23
C27 A1EFU QC . 40.20 32.44 3.86
C28 A1EFU QC . 41.40 31.80 4.57
C29 A1EFU QC . 42.73 32.16 3.99
C30 A1EFU QC . 43.27 31.84 2.80
CM1 A1EFU QC . 20.38 26.43 23.48
CM2 A1EFU QC . 21.94 26.45 25.43
CM3 A1EFU QC . 27.00 24.26 22.49
CM4 A1EFU QC . 31.34 25.52 19.86
CM5 A1EFU QC . 34.68 27.98 16.55
CM6 A1EFU QC . 33.52 32.89 11.89
CM7 A1EFU QC . 36.09 34.70 7.10
CM8 A1EFU QC . 40.65 34.89 3.38
CM9 A1EFU QC . 44.65 32.31 2.44
CMA A1EFU QC . 21.06 23.77 22.97
CMB A1EFU QC . 42.61 31.02 1.74
O2 A1EFU QC . 22.78 27.32 22.49
C2 A1EFU RC . 19.20 50.79 27.08
C3 A1EFU RC . 20.16 49.62 26.87
C4 A1EFU RC . 20.33 49.32 25.58
C6 A1EFU RC . 21.65 48.89 23.54
C8 A1EFU RC . 20.74 47.42 21.93
C11 A1EFU RC . 22.52 44.94 20.15
C15 A1EFU RC . 24.63 42.73 16.39
O1 A1EFU RC . 19.81 50.97 29.35
C19 A1EFU RC . 26.82 40.63 12.87
C18 A1EFU RC . 26.24 41.73 13.36
C1 A1EFU RC . 19.52 51.77 28.21
C7 A1EFU RC . 20.49 47.97 23.11
C9 A1EFU RC . 20.89 45.97 21.58
C10 A1EFU RC . 21.14 45.59 20.32
C17 A1EFU RC . 26.00 41.83 14.67
C5 A1EFU RC . 21.62 49.20 24.84
C16 A1EFU RC . 24.72 42.58 15.07
C14 A1EFU RC . 23.43 43.60 16.80
C13 A1EFU RC . 23.14 43.55 18.11
C12 A1EFU RC . 22.83 44.81 18.86
C20 A1EFU RC . 27.14 40.34 11.60
C21 A1EFU RC . 27.78 38.96 11.47
C22 A1EFU RC . 28.39 38.75 10.30
C23 A1EFU RC . 29.27 37.49 10.37
C24 A1EFU RC . 28.97 36.37 9.36
C25 A1EFU RC . 29.80 36.48 8.12
C26 A1EFU RC . 30.75 35.66 7.66
C27 A1EFU RC . 31.16 34.42 8.42
C28 A1EFU RC . 31.16 33.16 7.54
C29 A1EFU RC . 32.53 32.57 7.38
C30 A1EFU RC . 32.91 31.60 6.57
CM1 A1EFU RC . 18.34 52.71 28.47
CM2 A1EFU RC . 20.74 52.57 27.74
CM3 A1EFU RC . 22.97 49.44 25.45
CM4 A1EFU RC . 20.75 44.85 22.57
CM5 A1EFU RC . 23.12 42.18 18.72
CM6 A1EFU RC . 25.82 42.90 12.53
CM7 A1EFU RC . 27.38 38.71 9.15
CM8 A1EFU RC . 31.50 35.87 6.38
CM9 A1EFU RC . 34.34 31.14 6.52
CMA A1EFU RC . 18.73 50.45 30.09
CMB A1EFU RC . 32.00 30.87 5.61
O2 A1EFU RC . 18.24 50.95 26.38
MG BCL SC . 16.91 43.22 11.13
CHA BCL SC . 17.19 42.19 7.97
CHB BCL SC . 20.06 42.14 11.68
CHC BCL SC . 16.41 43.79 14.42
CHD BCL SC . 13.40 43.20 10.74
NA BCL SC . 18.40 42.33 9.98
C1A BCL SC . 18.35 42.03 8.63
C2A BCL SC . 19.76 41.87 8.04
C3A BCL SC . 20.56 41.43 9.33
C4A BCL SC . 19.63 42.00 10.38
CMA BCL SC . 20.43 39.91 9.48
CAA BCL SC . 20.24 43.15 7.38
CBA BCL SC . 21.11 42.96 6.18
CGA BCL SC . 22.31 42.10 6.55
O1A BCL SC . 22.45 41.00 6.29
O2A BCL SC . 23.11 42.59 7.36
NB BCL SC . 17.99 43.02 12.76
C1B BCL SC . 19.27 42.56 12.77
C2B BCL SC . 19.72 42.56 14.06
C3B BCL SC . 18.73 43.01 14.87
C4B BCL SC . 17.62 43.31 14.04
CMB BCL SC . 21.12 42.09 14.35
CAB BCL SC . 18.74 43.20 16.41
OBB BCL SC . 17.81 43.61 16.97
CBB BCL SC . 19.87 42.90 17.34
NC BCL SC . 15.22 43.54 12.27
C1C BCL SC . 15.28 43.84 13.58
C2C BCL SC . 13.91 44.07 14.17
C3C BCL SC . 12.99 43.45 13.19
C4C BCL SC . 13.89 43.53 11.96
CMC BCL SC . 13.72 43.21 15.41
CAC BCL SC . 11.86 44.47 13.13
CBC BCL SC . 12.30 45.90 12.80
ND BCL SC . 15.58 42.82 9.78
C1D BCL SC . 14.21 42.84 9.67
C2D BCL SC . 13.73 42.44 8.42
C3D BCL SC . 14.86 42.19 7.75
C4D BCL SC . 15.94 42.42 8.58
CMD BCL SC . 12.31 42.34 7.95
CAD BCL SC . 15.38 41.75 6.42
OBD BCL SC . 14.77 41.42 5.32
CBD BCL SC . 16.93 42.10 6.45
CGD BCL SC . 17.62 40.86 5.84
O1D BCL SC . 17.73 39.88 6.36
O2D BCL SC . 18.12 40.93 4.70
CED BCL SC . 18.78 39.62 4.24
C1 BCL SC . 24.33 41.87 7.76
C2 BCL SC . 25.59 42.65 7.44
C3 BCL SC . 26.06 43.63 8.21
C4 BCL SC . 27.44 44.18 8.02
C5 BCL SC . 25.19 44.38 9.24
C6 BCL SC . 24.33 45.45 8.53
C7 BCL SC . 23.66 46.25 9.65
C8 BCL SC . 22.42 45.62 10.21
C9 BCL SC . 21.14 46.07 9.50
C10 BCL SC . 22.40 46.08 11.64
C11 BCL SC . 21.11 45.68 12.23
C12 BCL SC . 21.37 45.80 13.72
C13 BCL SC . 20.23 46.59 14.37
C14 BCL SC . 20.13 47.94 13.65
C15 BCL SC . 20.53 46.79 15.85
C16 BCL SC . 19.54 47.82 16.34
C17 BCL SC . 20.00 48.23 17.72
C18 BCL SC . 19.92 49.75 17.95
C19 BCL SC . 21.06 50.06 18.88
C20 BCL SC . 18.63 50.13 18.70
MG BCL TC . 11.10 44.66 4.46
CHA BCL TC . 14.44 44.79 4.26
CHB BCL TC . 10.98 43.71 1.26
CHC BCL TC . 7.73 45.00 4.64
CHD BCL TC . 11.29 46.36 7.54
NA BCL TC . 12.50 44.35 2.96
C1A BCL TC . 13.89 44.37 3.10
C2A BCL TC . 14.61 43.91 1.82
C3A BCL TC . 13.42 43.90 0.77
C4A BCL TC . 12.25 43.94 1.71
CMA BCL TC . 13.38 45.24 0.03
CAA BCL TC . 15.30 42.59 2.03
CBA BCL TC . 15.96 42.02 0.81
CGA BCL TC . 15.93 40.50 0.88
O1A BCL TC . 15.54 39.86 1.74
O2A BCL TC . 16.22 39.91 -0.18
NB BCL TC . 9.60 44.42 3.21
C1B BCL TC . 9.76 44.01 1.93
C2B BCL TC . 8.53 43.93 1.34
C3B BCL TC . 7.59 44.28 2.25
C4B BCL TC . 8.27 44.59 3.45
CMB BCL TC . 8.44 43.50 -0.10
CAB BCL TC . 6.06 44.34 2.06
OBB BCL TC . 5.35 44.66 2.94
CBB BCL TC . 5.28 44.03 0.83
NC BCL TC . 9.82 45.50 5.84
C1C BCL TC . 8.48 45.43 5.74
C2C BCL TC . 7.80 46.15 6.89
C3C BCL TC . 8.87 47.05 7.39
C4C BCL TC . 10.05 46.14 7.02
CMC BCL TC . 6.76 47.10 6.36
CAC BCL TC . 8.62 47.08 8.91
CBC BCL TC . 8.40 45.70 9.55
ND BCL TC . 12.42 45.41 5.64
C1D BCL TC . 12.46 46.06 6.86
C2D BCL TC . 13.75 46.39 7.30
C3D BCL TC . 14.50 45.91 6.32
C4D BCL TC . 13.70 45.33 5.34
CMD BCL TC . 14.15 47.10 8.56
CAD BCL TC . 15.92 45.77 5.89
OBD BCL TC . 17.03 46.14 6.45
CBD BCL TC . 15.88 44.64 4.78
CGD BCL TC . 16.95 45.09 3.76
O1D BCL TC . 17.97 44.68 3.73
O2D BCL TC . 16.71 45.98 2.91
CED BCL TC . 17.92 46.26 2.01
C1 BCL TC . 17.54 40.07 -0.79
C2 BCL TC . 18.14 38.75 -1.26
C3 BCL TC . 18.50 38.51 -2.51
C4 BCL TC . 19.79 37.80 -2.79
C5 BCL TC . 17.51 38.48 -3.69
C6 BCL TC . 18.24 38.84 -5.00
C7 BCL TC . 17.23 38.64 -6.12
C8 BCL TC . 17.56 39.37 -7.39
C9 BCL TC . 16.55 39.13 -8.52
C10 BCL TC . 18.90 38.84 -7.80
C11 BCL TC . 19.32 39.61 -8.99
C12 BCL TC . 20.83 39.46 -8.99
C13 BCL TC . 21.29 39.45 -10.46
C14 BCL TC . 22.64 38.74 -10.51
C15 BCL TC . 21.41 40.86 -11.00
C16 BCL TC . 22.50 41.52 -10.19
C17 BCL TC . 22.37 43.01 -10.39
C18 BCL TC . 22.94 43.79 -9.21
C19 BCL TC . 24.23 44.37 -9.71
C20 BCL TC . 22.03 44.99 -8.85
C2 A1EFU UC . 16.35 35.54 13.00
C3 A1EFU UC . 17.82 35.19 13.08
C4 A1EFU UC . 18.53 35.81 12.13
C6 A1EFU UC . 20.49 36.26 10.74
C8 A1EFU UC . 22.47 37.03 9.68
C11 A1EFU UC . 24.48 37.54 6.66
C15 A1EFU UC . 26.27 39.67 2.79
O1 A1EFU UC . 15.89 33.80 14.50
C19 A1EFU UC . 27.08 41.22 -1.49
C18 A1EFU UC . 26.21 41.00 -0.51
C1 A1EFU UC . 15.42 35.08 14.13
C7 A1EFU UC . 22.02 36.14 10.58
C9 A1EFU UC . 23.73 37.02 8.88
C10 A1EFU UC . 24.00 38.01 8.04
C17 A1EFU UC . 26.54 40.20 0.50
C5 A1EFU UC . 19.94 35.54 11.72
C16 A1EFU UC . 26.08 40.65 1.89
C14 A1EFU UC . 25.76 40.01 4.20
C13 A1EFU UC . 25.82 38.98 5.04
C12 A1EFU UC . 24.59 38.55 5.79
C20 A1EFU UC . 26.92 41.99 -2.58
C21 A1EFU UC . 27.61 41.40 -3.81
C22 A1EFU UC . 27.72 42.27 -4.81
C23 A1EFU UC . 29.16 42.25 -5.35
C24 A1EFU UC . 29.49 41.16 -6.36
C25 A1EFU UC . 29.65 41.72 -7.74
C26 A1EFU UC . 30.63 41.53 -8.63
C27 A1EFU UC . 31.80 40.64 -8.33
C28 A1EFU UC . 33.08 41.03 -9.10
C29 A1EFU UC . 33.36 40.10 -10.24
C30 A1EFU UC . 34.47 39.98 -10.96
CM1 A1EFU UC . 13.97 35.05 13.66
CM2 A1EFU UC . 15.58 36.11 15.24
CM3 A1EFU UC . 20.81 34.50 12.35
CM4 A1EFU UC . 24.78 35.94 8.96
CM5 A1EFU UC . 27.15 38.30 5.14
CM6 A1EFU UC . 24.83 41.60 -0.45
CM7 A1EFU UC . 26.69 42.01 -5.91
CM8 A1EFU UC . 30.64 42.19 -9.97
CM9 A1EFU UC . 34.57 38.98 -12.07
CMA A1EFU UC . 15.42 32.67 13.79
CMB A1EFU UC . 35.72 40.79 -10.75
O2 A1EFU UC . 15.90 36.18 12.08
MG BCL VC . 5.62 46.82 -1.90
CHA BCL VC . 6.30 45.29 -4.78
CHB BCL VC . 8.87 46.77 -1.12
CHC BCL VC . 4.78 48.33 0.93
CHD BCL VC . 2.27 45.74 -2.19
NA BCL VC . 7.35 46.16 -2.85
C1A BCL VC . 7.44 45.61 -4.12
C2A BCL VC . 8.87 45.75 -4.68
C3A BCL VC . 9.71 45.96 -3.36
C4A BCL VC . 8.60 46.23 -2.36
CMA BCL VC . 10.32 44.62 -2.97
CAA BCL VC . 8.95 46.89 -5.69
CBA BCL VC . 9.86 46.63 -6.87
CGA BCL VC . 11.24 46.20 -6.40
O1A BCL VC . 11.55 45.14 -6.13
O2A BCL VC . 12.17 46.96 -6.72
NB BCL VC . 6.62 47.45 -0.34
C1B BCL VC . 7.97 47.35 -0.20
C2B BCL VC . 8.30 47.91 1.01
C3B BCL VC . 7.16 48.37 1.63
C4B BCL VC . 6.09 48.08 0.75
CMB BCL VC . 9.75 47.93 1.42
CAB BCL VC . 6.99 49.08 3.00
OBB BCL VC . 5.92 49.44 3.40
CBB BCL VC . 8.10 49.41 3.95
NC BCL VC . 3.88 46.90 -0.82
C1C BCL VC . 3.75 47.69 0.26
C2C BCL VC . 2.46 47.44 0.99
C3C BCL VC . 1.58 46.75 0.01
C4C BCL VC . 2.60 46.50 -1.11
CMC BCL VC . 2.69 46.39 2.06
CAC BCL VC . 0.61 47.87 -0.38
CBC BCL VC . -0.05 48.55 0.83
ND BCL VC . 4.50 45.80 -3.10
C1D BCL VC . 3.19 45.41 -3.17
C2D BCL VC . 2.88 44.66 -4.32
C3D BCL VC . 4.07 44.60 -4.93
C4D BCL VC . 5.01 45.29 -4.20
CMD BCL VC . 1.55 44.07 -4.69
CAD BCL VC . 4.75 44.07 -6.15
OBD BCL VC . 4.29 43.37 -7.15
CBD BCL VC . 6.06 44.95 -6.27
CGD BCL VC . 7.11 43.95 -6.84
O1D BCL VC . 7.92 44.25 -7.53
O2D BCL VC . 7.04 42.74 -6.56
CED BCL VC . 8.15 41.93 -7.24
C1 BCL VC . 13.54 46.74 -6.23
C2 BCL VC . 14.06 47.93 -5.43
C3 BCL VC . 14.94 48.79 -5.88
C4 BCL VC . 16.01 48.35 -6.85
C5 BCL VC . 14.70 50.32 -5.87
C6 BCL VC . 14.17 50.78 -4.50
C7 BCL VC . 12.79 51.39 -4.74
C8 BCL VC . 11.67 50.41 -4.61
C9 BCL VC . 11.03 50.03 -5.94
C10 BCL VC . 10.64 51.11 -3.76
C11 BCL VC . 10.41 50.22 -2.60
C12 BCL VC . 9.08 50.68 -2.03
C13 BCL VC . 9.31 51.60 -0.83
C14 BCL VC . 10.59 51.18 -0.09
C15 BCL VC . 8.13 51.52 0.12
C16 BCL VC . 8.44 52.47 1.24
C17 BCL VC . 8.09 53.85 0.77
C18 BCL VC . 6.84 54.42 1.43
C19 BCL VC . 6.26 55.38 0.43
C20 BCL VC . 7.19 55.25 2.68
C2 A1EFU WC . 5.89 60.35 9.61
C3 A1EFU WC . 5.89 58.86 9.89
C4 A1EFU WC . 6.71 58.19 9.08
C6 A1EFU WC . 8.56 56.66 8.51
C8 A1EFU WC . 9.02 54.57 7.48
C11 A1EFU WC . 11.24 52.07 6.01
C15 A1EFU WC . 13.55 49.43 2.69
O1 A1EFU WC . 3.72 60.76 10.42
C19 A1EFU WC . 16.10 47.50 -0.65
C18 A1EFU WC . 15.14 48.36 -0.32
C1 A1EFU WC . 5.04 61.25 10.52
C7 A1EFU WC . 8.59 55.13 8.62
C9 A1EFU WC . 9.49 53.17 7.27
C10 A1EFU WC . 9.87 52.77 6.04
C17 A1EFU WC . 15.02 48.78 0.95
C5 A1EFU WC . 7.82 57.24 9.46
C16 A1EFU WC . 13.59 48.94 1.46
C14 A1EFU WC . 12.21 50.12 2.99
C13 A1EFU WC . 11.95 50.32 4.29
C12 A1EFU WC . 11.54 51.68 4.77
C20 A1EFU WC . 16.39 46.97 -1.84
C21 A1EFU WC . 17.02 45.58 -1.72
C22 A1EFU WC . 17.76 45.19 -2.76
C23 A1EFU WC . 18.30 43.77 -2.52
C24 A1EFU WC . 18.93 43.11 -3.75
C25 A1EFU WC . 20.28 43.64 -4.07
C26 A1EFU WC . 21.35 42.96 -4.51
C27 A1EFU WC . 21.26 41.47 -4.76
C28 A1EFU WC . 22.26 40.65 -3.93
C29 A1EFU WC . 23.40 40.14 -4.75
C30 A1EFU WC . 23.94 38.92 -4.76
CM1 A1EFU WC . 5.13 62.71 10.06
CM2 A1EFU WC . 5.63 61.10 11.93
CM3 A1EFU WC . 8.18 56.89 10.87
CM4 A1EFU WC . 9.57 52.12 8.34
CM5 A1EFU WC . 12.08 49.12 5.17
CM6 A1EFU WC . 14.16 48.93 -1.30
CM7 A1EFU WC . 16.99 45.28 -4.08
CM8 A1EFU WC . 22.68 43.59 -4.81
CM9 A1EFU WC . 25.09 38.58 -5.65
CMA A1EFU WC . 3.01 61.01 9.23
CMB A1EFU WC . 23.47 37.79 -3.90
O2 A1EFU WC . 6.54 60.83 8.71
MG BCL XC . -0.46 45.43 -8.44
CHA BCL XC . 2.78 46.17 -8.98
CHB BCL XC . -0.54 43.82 -11.36
CHC BCL XC . -3.79 45.07 -7.99
CHD BCL XC . -0.47 47.76 -5.79
NA BCL XC . 0.93 45.02 -9.93
C1A BCL XC . 2.27 45.37 -9.95
C2A BCL XC . 3.00 44.86 -11.20
C3A BCL XC . 1.83 44.24 -12.05
C4A BCL XC . 0.69 44.35 -11.05
CMA BCL XC . 1.45 45.20 -13.19
CAA BCL XC . 4.11 43.90 -10.83
CBA BCL XC . 5.28 43.89 -11.78
CGA BCL XC . 5.59 42.47 -12.18
O1A BCL XC . 5.03 41.53 -11.84
O2A BCL XC . 6.65 42.28 -12.81
NB BCL XC . -1.92 44.62 -9.46
C1B BCL XC . -1.73 44.00 -10.65
C2B BCL XC . -2.96 43.53 -11.09
C3B BCL XC . -3.90 43.85 -10.18
C4B BCL XC . -3.24 44.55 -9.12
CMB BCL XC . -3.02 42.80 -12.41
CAB BCL XC . -5.41 43.56 -10.22
OBB BCL XC . -6.13 43.91 -9.35
CBB BCL XC . -6.17 42.84 -11.30
NC BCL XC . -1.83 46.35 -7.21
C1C BCL XC . -3.13 46.00 -7.17
C2C BCL XC . -3.90 46.67 -6.06
C3C BCL XC . -2.94 47.62 -5.44
C4C BCL XC . -1.65 47.19 -6.14
CMC BCL XC . -4.95 47.58 -6.66
CAC BCL XC . -2.96 47.17 -3.98
CBC BCL XC . -3.08 48.31 -2.96
ND BCL XC . 0.75 46.67 -7.56
C1D BCL XC . 0.70 47.56 -6.52
C2D BCL XC . 1.91 48.23 -6.27
C3D BCL XC . 2.71 47.70 -7.20
C4D BCL XC . 2.00 46.78 -7.96
CMD BCL XC . 2.22 49.26 -5.23
CAD BCL XC . 4.10 47.77 -7.72
OBD BCL XC . 5.12 48.48 -7.34
CBD BCL XC . 4.24 46.56 -8.73
CGD BCL XC . 4.86 47.23 -9.99
O1D BCL XC . 4.30 47.88 -10.69
O2D BCL XC . 6.07 47.06 -10.25
CED BCL XC . 6.53 47.77 -11.51
C1 BCL XC . 7.33 40.97 -12.73
C2 BCL XC . 7.06 40.10 -13.95
C3 BCL XC . 8.01 39.61 -14.73
C4 BCL XC . 9.45 39.88 -14.45
C5 BCL XC . 7.75 38.55 -15.81
C6 BCL XC . 6.80 39.11 -16.89
C7 BCL XC . 7.22 38.40 -18.18
C8 BCL XC . 6.48 38.88 -19.40
C9 BCL XC . 6.21 37.79 -20.43
C10 BCL XC . 7.38 39.93 -19.99
C11 BCL XC . 8.55 39.26 -20.60
C12 BCL XC . 9.34 40.41 -21.18
C13 BCL XC . 9.94 39.95 -22.51
C14 BCL XC . 11.35 39.42 -22.22
C15 BCL XC . 10.01 41.08 -23.50
C16 BCL XC . 10.84 42.15 -22.86
C17 BCL XC . 10.62 43.44 -23.60
C18 BCL XC . 11.08 44.65 -22.82
C19 BCL XC . 12.52 44.85 -23.20
C20 BCL XC . 10.34 45.93 -23.28
O MW9 YC . 17.53 34.68 -5.48
C10 MW9 YC . 9.95 32.73 -5.38
C11 MW9 YC . 10.74 31.52 -4.82
C12 MW9 YC . 12.11 31.43 -5.53
C13 MW9 YC . 13.25 31.54 -4.47
C14 MW9 YC . 14.64 31.46 -5.18
C15 MW9 YC . 15.37 32.83 -5.02
C16 MW9 YC . 16.84 32.57 -4.62
C17 MW9 YC . 17.76 33.52 -5.43
C18 MW9 YC . 20.04 33.81 -6.06
C19 MW9 YC . 20.74 33.81 -7.42
C20 MW9 YC . 22.26 33.80 -7.22
C24 MW9 YC . 20.11 34.73 -9.50
C25 MW9 YC . 18.69 34.32 -9.95
C26 MW9 YC . 17.75 35.55 -9.83
C27 MW9 YC . 16.79 35.34 -8.61
C3 MW9 YC . 3.33 32.34 -4.46
C4 MW9 YC . 4.35 31.51 -3.67
C5 MW9 YC . 5.65 31.34 -4.52
C6 MW9 YC . 6.86 31.87 -3.72
C7 MW9 YC . 7.47 33.00 -4.11
C8 MW9 YC . 8.69 33.53 -3.32
C9 MW9 YC . 9.85 33.84 -4.29
O1 MW9 YC . 18.88 32.99 -6.12
O2 MW9 YC . 22.86 34.73 -8.11
O8 MW9 YC . 20.38 34.96 -8.13
O9 MW9 YC . 20.99 34.84 -10.30
C MW9 ZC . -1.04 33.50 -9.06
O MW9 ZC . 10.07 34.24 -20.47
C1 MW9 ZC . -0.42 32.11 -9.29
C10 MW9 ZC . 6.14 32.08 -14.67
C11 MW9 ZC . 6.54 33.58 -14.73
C12 MW9 ZC . 6.91 33.97 -16.18
C13 MW9 ZC . 8.19 34.85 -16.18
C14 MW9 ZC . 8.74 34.96 -17.63
C15 MW9 ZC . 10.25 34.57 -17.63
C16 MW9 ZC . 11.01 35.46 -18.66
C17 MW9 ZC . 11.06 34.74 -20.03
C18 MW9 ZC . 12.16 34.03 -22.02
C19 MW9 ZC . 12.84 32.66 -21.94
C2 MW9 ZC . 0.95 32.03 -8.57
C20 MW9 ZC . 14.04 32.64 -22.92
C21 MW9 ZC . 18.49 30.84 -24.17
C22 MW9 ZC . 19.39 32.01 -24.57
C23 MW9 ZC . 19.91 31.79 -26.00
C24 MW9 ZC . 11.67 30.73 -21.24
C25 MW9 ZC . 11.38 31.23 -19.80
C26 MW9 ZC . 10.15 30.47 -19.21
C27 MW9 ZC . 10.35 30.32 -17.67
C28 MW9 ZC . 9.13 29.60 -17.04
C29 MW9 ZC . 9.63 28.52 -16.04
C3 MW9 ZC . 1.61 30.66 -8.85
C30 MW9 ZC . 8.81 28.57 -14.73
C31 MW9 ZC . 9.38 27.51 -13.74
C32 MW9 ZC . 8.94 27.86 -12.28
C33 MW9 ZC . 9.91 27.18 -11.27
C34 MW9 ZC . 9.51 27.54 -9.82
C35 MW9 ZC . 9.07 27.21 -8.60
C36 MW9 ZC . 8.82 25.68 -8.45
C37 MW9 ZC . 7.87 25.42 -7.27
C38 MW9 ZC . 6.57 26.26 -7.46
C39 MW9 ZC . 5.46 25.75 -6.49
C4 MW9 ZC . 1.84 30.50 -10.37
C40 MW9 ZC . 5.04 26.91 -5.55
C41 MW9 ZC . 3.79 26.48 -4.74
C5 MW9 ZC . 2.84 29.34 -10.63
C6 MW9 ZC . 3.65 29.64 -11.92
C7 MW9 ZC . 4.98 29.81 -11.86
C8 MW9 ZC . 5.78 30.10 -13.13
C9 MW9 ZC . 6.18 31.60 -13.19
O1 MW9 ZC . 12.26 34.69 -20.77
O2 MW9 ZC . 14.76 31.43 -22.78
O3 MW9 ZC . 16.89 30.41 -21.70
O4 MW9 ZC . 16.84 32.83 -22.12
O5 MW9 ZC . 17.13 31.24 -24.14
O6 MW9 ZC . 19.68 30.45 -26.38
O7 MW9 ZC . 20.47 32.11 -23.69
O8 MW9 ZC . 11.92 31.65 -22.28
O9 MW9 ZC . 11.66 29.57 -21.47
P MW9 ZC . 16.42 31.49 -22.65
C2 A1EFU AD . 7.59 39.76 1.45
C3 A1EFU AD . 9.07 40.09 1.52
C4 A1EFU AD . 9.63 40.19 0.30
C6 A1EFU AD . 11.48 40.41 -1.30
C8 A1EFU AD . 12.65 41.65 -2.93
C11 A1EFU AD . 14.66 42.95 -5.69
C15 A1EFU AD . 15.46 44.40 -10.16
O1 A1EFU AD . 7.60 38.55 3.45
C19 A1EFU AD . 15.61 44.45 -14.73
C18 A1EFU AD . 14.83 44.22 -13.68
C1 A1EFU AD . 6.84 39.52 2.76
C7 A1EFU AD . 12.48 41.54 -1.60
C9 A1EFU AD . 13.91 41.72 -3.74
C10 A1EFU AD . 13.82 41.82 -5.07
C17 A1EFU AD . 15.34 43.86 -12.50
C5 A1EFU AD . 11.08 40.33 -0.02
C16 A1EFU AD . 14.79 44.64 -11.30
C14 A1EFU AD . 14.95 43.18 -9.40
C13 A1EFU AD . 15.38 43.09 -8.14
C12 A1EFU AD . 14.42 43.04 -7.01
C20 A1EFU AD . 15.24 44.82 -15.95
C21 A1EFU AD . 16.18 44.32 -17.05
C22 A1EFU AD . 16.01 44.92 -18.23
C23 A1EFU AD . 17.34 45.11 -18.95
C24 A1EFU AD . 17.80 43.93 -19.80
C25 A1EFU AD . 17.79 44.28 -21.26
C26 A1EFU AD . 18.75 44.16 -22.18
C27 A1EFU AD . 20.10 43.59 -21.82
C28 A1EFU AD . 21.23 44.11 -22.72
C29 A1EFU AD . 21.72 43.07 -23.68
C30 A1EFU AD . 22.80 43.11 -24.47
CM1 A1EFU AD . 5.42 39.03 2.49
CM2 A1EFU AD . 6.80 40.87 3.48
CM3 A1EFU AD . 12.18 40.38 1.00
CM4 A1EFU AD . 15.30 41.68 -3.17
CM5 A1EFU AD . 16.88 43.06 -8.00
CM6 A1EFU AD . 13.33 44.35 -13.72
CM7 A1EFU AD . 14.97 44.20 -19.10
CM8 A1EFU AD . 18.57 44.56 -23.61
CM9 A1EFU AD . 23.71 44.31 -24.49
CMA A1EFU AD . 7.49 37.20 3.04
CMB A1EFU AD . 23.22 42.01 -25.40
O2 A1EFU AD . 7.01 39.69 0.39
C2 A1EFU BD . -7.96 59.59 -5.55
C3 A1EFU BD . -6.99 58.78 -4.72
C4 A1EFU BD . -6.28 57.92 -5.45
C6 A1EFU BD . -4.28 57.08 -6.62
C8 A1EFU BD . -4.50 54.88 -7.43
C11 A1EFU BD . -1.74 52.90 -8.35
C15 A1EFU BD . 1.22 50.44 -11.15
O1 A1EFU BD . -8.91 58.08 -7.09
C19 A1EFU BD . 3.66 47.90 -13.94
C18 A1EFU BD . 2.52 48.59 -13.89
C1 A1EFU BD . -9.27 58.93 -6.01
C7 A1EFU BD . -5.00 55.73 -6.54
C9 A1EFU BD . -3.70 53.64 -7.17
C10 A1EFU BD . -3.28 52.90 -8.20
C17 A1EFU BD . 1.90 48.78 -12.72
C5 A1EFU BD . -4.85 58.05 -5.89
C16 A1EFU BD . 1.54 50.24 -12.43
C14 A1EFU BD . -0.28 50.64 -10.93
C13 A1EFU BD . -0.59 51.07 -9.70
C12 A1EFU BD . -1.37 52.33 -9.51
C20 A1EFU BD . 4.41 47.60 -15.02
C21 A1EFU BD . 5.10 46.24 -14.87
C22 A1EFU BD . 5.81 45.84 -15.93
C23 A1EFU BD . 6.58 44.57 -15.59
C24 A1EFU BD . 7.36 43.96 -16.75
C25 A1EFU BD . 8.58 44.74 -17.13
C26 A1EFU BD . 9.74 44.28 -17.58
C27 A1EFU BD . 9.96 42.80 -17.79
C28 A1EFU BD . 10.98 42.18 -16.83
C29 A1EFU BD . 12.31 41.95 -17.48
C30 A1EFU BD . 12.95 40.80 -17.67
CM1 A1EFU BD . -10.28 59.99 -6.45
CM2 A1EFU BD . -9.81 58.15 -4.80
CM3 A1EFU BD . -3.96 59.21 -5.57
CM4 A1EFU BD . -3.31 53.13 -5.82
CM5 A1EFU BD . -0.11 50.20 -8.58
CM6 A1EFU BD . 1.83 49.18 -15.08
CM7 A1EFU BD . 4.93 45.66 -17.17
CM8 A1EFU BD . 10.91 45.17 -17.93
CM9 A1EFU BD . 12.35 39.50 -17.22
CMA A1EFU BD . -9.90 57.24 -7.60
CMB A1EFU BD . 14.28 40.64 -18.34
O2 A1EFU BD . -7.72 60.74 -5.85
MG BCL CD . -6.10 44.92 -14.61
CHA BCL CD . -5.49 42.83 -17.13
CHB BCL CD . -2.82 45.63 -14.48
CHC BCL CD . -6.73 46.69 -11.81
CHD BCL CD . -9.23 43.36 -14.18
NA BCL CD . -4.39 44.27 -15.62
C1A BCL CD . -4.34 43.43 -16.72
C2A BCL CD . -3.05 43.61 -17.51
C3A BCL CD . -2.09 44.20 -16.40
C4A BCL CD . -3.14 44.70 -15.43
CMA BCL CD . -1.40 43.04 -15.68
CAA BCL CD . -3.26 44.50 -18.72
CBA BCL CD . -2.37 44.19 -19.90
CGA BCL CD . -0.91 44.26 -19.48
O1A BCL CD . -0.25 43.38 -19.22
O2A BCL CD . -0.35 45.36 -19.59
NB BCL CD . -5.02 45.97 -13.35
C1B BCL CD . -3.68 46.14 -13.48
C2B BCL CD . -3.24 46.93 -12.43
C3B BCL CD . -4.30 47.25 -11.66
C4B BCL CD . -5.45 46.64 -12.25
CMB BCL CD . -1.78 47.27 -12.35
CAB BCL CD . -4.34 48.10 -10.38
OBB BCL CD . -5.35 48.30 -9.80
CBB BCL CD . -3.18 48.78 -9.71
NC BCL CD . -7.72 45.04 -13.35
C1C BCL CD . -7.77 45.90 -12.31
C2C BCL CD . -9.11 45.87 -11.61
C3C BCL CD . -9.85 44.73 -12.18
C4C BCL CD . -8.92 44.37 -13.34
CMC BCL CD . -8.90 45.46 -10.17
CAC BCL CD . -11.13 45.39 -12.70
CBC BCL CD . -12.25 45.49 -11.66
ND BCL CD . -7.15 43.49 -15.39
C1D BCL CD . -8.38 42.91 -15.19
C2D BCL CD . -8.68 41.87 -16.06
C3D BCL CD . -7.58 41.82 -16.82
C4D BCL CD . -6.68 42.79 -16.39
CMD BCL CD . -9.91 41.03 -16.13
CAD BCL CD . -6.95 41.09 -17.96
OBD BCL CD . -7.38 40.10 -18.69
CBD BCL CD . -5.71 41.97 -18.40
CGD BCL CD . -4.57 40.96 -18.58
O1D BCL CD . -4.18 40.30 -17.79
O2D BCL CD . -3.99 40.87 -19.70
CED BCL CD . -2.88 39.82 -19.72
C1 BCL CD . 1.07 45.52 -19.27
C2 BCL CD . 1.72 46.69 -20.01
C3 BCL CD . 1.57 47.94 -19.64
C4 BCL CD . 2.48 49.01 -20.15
C5 BCL CD . 0.73 48.34 -18.41
C6 BCL CD . 0.13 49.77 -18.59
C7 BCL CD . -1.36 49.55 -18.86
C8 BCL CD . -2.09 48.85 -17.74
C9 BCL CD . -3.32 48.08 -18.22
C10 BCL CD . -2.53 49.95 -16.83
C11 BCL CD . -3.07 49.28 -15.62
C12 BCL CD . -3.30 50.43 -14.65
C13 BCL CD . -4.81 50.53 -14.41
C14 BCL CD . -5.34 51.66 -15.31
C15 BCL CD . -5.12 50.81 -12.96
C16 BCL CD . -4.60 52.19 -12.67
C17 BCL CD . -5.53 52.83 -11.67
C18 BCL CD . -6.31 54.01 -12.26
C19 BCL CD . -6.78 54.80 -11.06
C20 BCL CD . -7.59 53.54 -12.98
MG BCL DD . -12.27 40.67 -19.95
CHA BCL DD . -9.34 41.98 -20.94
CHB BCL DD . -12.03 38.41 -22.41
CHC BCL DD . -15.46 39.75 -19.24
CHD BCL DD . -12.78 43.53 -17.95
NA BCL DD . -10.88 40.23 -21.43
C1A BCL DD . -9.66 40.87 -21.65
C2A BCL DD . -8.84 40.22 -22.78
C3A BCL DD . -9.83 39.12 -23.33
C4A BCL DD . -10.97 39.26 -22.34
CMA BCL DD . -10.41 39.58 -24.67
CAA BCL DD . -7.52 39.70 -22.26
CBA BCL DD . -7.10 38.37 -22.82
CGA BCL DD . -5.68 38.46 -23.35
O1A BCL DD . -5.16 39.41 -23.70
O2A BCL DD . -4.96 37.48 -23.18
NB BCL DD . -13.54 39.35 -20.66
C1B BCL DD . -13.24 38.50 -21.68
C2B BCL DD . -14.33 37.70 -21.92
C3B BCL DD . -15.32 38.04 -21.05
C4B BCL DD . -14.82 39.09 -20.24
CMB BCL DD . -14.26 36.66 -23.01
CAB BCL DD . -16.73 37.44 -20.92
OBB BCL DD . -17.49 37.84 -20.12
CBB BCL DD . -17.33 36.33 -21.75
NC BCL DD . -13.79 41.55 -18.86
C1C BCL DD . -14.98 40.93 -18.64
C2C BCL DD . -15.91 41.73 -17.77
C3C BCL DD . -15.13 42.93 -17.34
C4C BCL DD . -13.80 42.64 -18.05
CMC BCL DD . -17.01 42.33 -18.61
CAC BCL DD . -15.01 42.72 -15.83
CBC BCL DD . -14.90 44.01 -15.02
ND BCL DD . -11.39 42.34 -19.51
C1D BCL DD . -11.62 43.43 -18.71
C2D BCL DD . -10.60 44.40 -18.74
C3D BCL DD . -9.74 43.86 -19.58
C4D BCL DD . -10.22 42.63 -20.03
CMD BCL DD . -10.54 45.70 -18.00
CAD BCL DD . -8.40 44.10 -20.22
OBD BCL DD . -7.58 45.10 -20.12
CBD BCL DD . -8.00 42.74 -20.90
CGD BCL DD . -7.57 43.16 -22.32
O1D BCL DD . -8.27 43.34 -23.16
O2D BCL DD . -6.35 43.33 -22.59
CED BCL DD . -6.09 43.74 -24.04
C1 BCL DD . -3.76 37.28 -24.01
C2 BCL DD . -3.85 36.02 -24.86
C3 BCL DD . -2.81 35.39 -25.37
C4 BCL DD . -1.42 35.94 -25.23
C5 BCL DD . -2.88 33.98 -25.98
C6 BCL DD . -4.10 33.87 -26.92
C7 BCL DD . -3.57 34.10 -28.33
C8 BCL DD . -3.77 32.96 -29.28
C9 BCL DD . -3.76 31.58 -28.61
C10 BCL DD . -2.61 33.05 -30.22
C11 BCL DD . -2.97 34.08 -31.23
C12 BCL DD . -1.63 34.67 -31.61
C13 BCL DD . -1.11 33.86 -32.81
C14 BCL DD . 0.37 33.57 -32.55
C15 BCL DD . -1.27 34.63 -34.09
C16 BCL DD . -0.57 35.93 -33.88
C17 BCL DD . -1.12 36.91 -34.90
C18 BCL DD . -1.00 38.37 -34.43
C19 BCL DD . 0.44 38.73 -34.67
C20 BCL DD . -1.84 39.30 -35.33
C2 A1EFU ED . -2.46 39.24 -9.82
C3 A1EFU ED . -1.00 39.62 -9.89
C4 A1EFU ED . -0.68 40.21 -11.05
C6 A1EFU ED . 0.80 41.05 -12.81
C8 A1EFU ED . 1.76 41.03 -14.97
C11 A1EFU ED . 3.36 41.55 -18.16
C15 A1EFU ED . 3.44 42.07 -22.92
O1 A1EFU ED . -3.17 40.05 -7.74
C19 A1EFU ED . 3.17 41.94 -27.57
C18 A1EFU ED . 2.64 41.67 -26.38
C1 A1EFU ED . -3.04 38.84 -8.46
C7 A1EFU ED . 1.84 40.46 -13.77
C9 A1EFU ED . 2.84 41.64 -15.81
C10 A1EFU ED . 2.56 42.17 -16.99
C17 A1EFU ED . 3.39 41.74 -25.28
C5 A1EFU ED . 0.68 40.42 -11.64
C16 A1EFU ED . 2.71 42.31 -24.03
C14 A1EFU ED . 2.82 42.68 -21.66
C13 A1EFU ED . 3.53 42.42 -20.55
C12 A1EFU ED . 2.84 41.87 -19.34
C20 A1EFU ED . 2.57 41.91 -28.76
C21 A1EFU ED . 3.55 41.54 -29.88
C22 A1EFU ED . 2.99 41.53 -31.10
C23 A1EFU ED . 4.10 41.51 -32.16
C24 A1EFU ED . 4.95 40.24 -32.08
C25 A1EFU ED . 5.73 39.97 -33.34
C26 A1EFU ED . 6.87 39.28 -33.43
C27 A1EFU ED . 7.53 39.10 -34.77
C28 A1EFU ED . 8.84 39.88 -34.91
C29 A1EFU ED . 9.78 39.21 -35.86
C30 A1EFU ED . 10.53 39.78 -36.81
CM1 A1EFU ED . -2.10 37.87 -7.74
CM2 A1EFU ED . -4.39 38.17 -8.74
CM3 A1EFU ED . 1.97 40.00 -10.99
CM4 A1EFU ED . 4.28 41.70 -15.40
CM5 A1EFU ED . 4.99 42.73 -20.62
CM6 A1EFU ED . 1.21 41.28 -26.17
CM7 A1EFU ED . 2.04 40.35 -31.27
CM8 A1EFU ED . 7.55 38.62 -32.26
CM9 A1EFU ED . 10.52 41.26 -37.03
CMA A1EFU ED . -4.11 40.99 -8.22
CMB A1EFU ED . 11.44 39.03 -37.74
O2 A1EFU ED . -3.16 39.26 -10.80
C2 A1EFU FD . -24.98 51.57 -20.60
C3 A1EFU FD . -24.08 50.70 -19.74
C4 A1EFU FD . -22.83 50.69 -20.18
C6 A1EFU FD . -20.39 50.96 -20.01
C8 A1EFU FD . -18.47 49.58 -20.18
C11 A1EFU FD . -16.23 46.84 -21.19
C15 A1EFU FD . -12.52 44.70 -23.46
O1 A1EFU FD . -27.02 50.54 -20.03
C19 A1EFU FD . -9.32 42.63 -26.08
C18 A1EFU FD . -10.59 43.05 -25.97
C1 A1EFU FD . -26.42 51.82 -20.11
C7 A1EFU FD . -19.43 49.97 -19.34
C9 A1EFU FD . -17.37 48.59 -19.95
C10 A1EFU FD . -16.49 48.33 -20.92
C17 A1EFU FD . -11.10 43.31 -24.76
C5 A1EFU FD . -21.58 51.03 -19.41
C16 A1EFU FD . -11.86 44.63 -24.62
C14 A1EFU FD . -13.25 46.03 -23.27
C13 A1EFU FD . -13.99 46.10 -22.16
C12 A1EFU FD . -15.37 46.68 -22.20
C20 A1EFU FD . -8.63 42.32 -27.18
C21 A1EFU FD . -7.56 41.27 -26.89
C22 A1EFU FD . -6.96 40.78 -27.98
C23 A1EFU FD . -5.71 39.97 -27.59
C24 A1EFU FD . -4.89 39.53 -28.80
C25 A1EFU FD . -3.80 38.55 -28.48
C26 A1EFU FD . -2.56 38.55 -28.96
C27 A1EFU FD . -1.59 37.48 -28.54
C28 A1EFU FD . -0.20 38.03 -28.14
C29 A1EFU FD . 0.85 37.65 -29.14
C30 A1EFU FD . 1.96 36.94 -28.93
CM1 A1EFU FD . -26.41 52.50 -18.75
CM2 A1EFU FD . -27.07 52.74 -21.15
CM3 A1EFU FD . -21.55 51.46 -17.97
CM4 A1EFU FD . -17.16 47.83 -18.67
CM5 A1EFU FD . -13.34 45.59 -20.91
CM6 A1EFU FD . -11.51 43.26 -27.13
CM7 A1EFU FD . -7.92 39.95 -28.83
CM8 A1EFU FD . -2.03 39.55 -29.95
CM9 A1EFU FD . 2.92 36.65 -30.05
CMA A1EFU FD . -27.34 49.90 -21.24
CMB A1EFU FD . 2.38 36.39 -27.59
O2 A1EFU FD . -24.60 52.07 -21.63
MG BCL GD . -17.71 37.31 -25.55
CHA BCL GD . -16.76 34.69 -27.39
CHB BCL GD . -14.63 38.61 -25.93
CHC BCL GD . -18.56 39.66 -23.25
CHD BCL GD . -20.49 35.43 -24.45
NA BCL GD . -15.95 36.70 -26.48
C1A BCL GD . -15.76 35.58 -27.27
C2A BCL GD . -14.52 35.72 -28.16
C3A BCL GD . -13.67 36.76 -27.33
C4A BCL GD . -14.81 37.39 -26.54
CMA BCL GD . -12.83 36.00 -26.29
CAA BCL GD . -14.92 36.15 -29.56
CBA BCL GD . -13.95 35.77 -30.64
CGA BCL GD . -12.61 36.45 -30.43
O1A BCL GD . -11.65 35.95 -30.07
O2A BCL GD . -12.60 37.70 -30.48
NB BCL GD . -16.80 38.84 -24.71
C1B BCL GD . -15.53 39.21 -25.03
C2B BCL GD . -15.21 40.32 -24.27
C3B BCL GD . -16.28 40.65 -23.50
C4B BCL GD . -17.30 39.71 -23.79
CMB BCL GD . -13.84 40.93 -24.42
CAB BCL GD . -16.42 41.81 -22.51
OBB BCL GD . -17.40 41.99 -21.90
CBB BCL GD . -15.38 42.84 -22.16
NC BCL GD . -19.27 37.51 -24.22
C1C BCL GD . -19.45 38.60 -23.45
C2C BCL GD . -20.76 38.57 -22.69
C3C BCL GD . -21.22 37.16 -22.80
C4C BCL GD . -20.33 36.68 -23.94
CMC BCL GD . -20.47 38.72 -21.21
CAC BCL GD . -22.67 37.34 -23.27
CBC BCL GD . -23.73 37.02 -22.20
ND BCL GD . -18.48 35.55 -25.79
C1D BCL GD . -19.59 34.85 -25.34
C2D BCL GD . -19.71 33.56 -25.85
C3D BCL GD . -18.64 33.48 -26.64
C4D BCL GD . -17.92 34.67 -26.58
CMD BCL GD . -20.77 32.54 -25.58
CAD BCL GD . -17.90 32.55 -27.56
OBD BCL GD . -18.18 31.33 -27.94
CBD BCL GD . -16.83 33.44 -28.29
CGD BCL GD . -15.52 32.61 -28.17
O1D BCL GD . -15.15 32.18 -27.22
O2D BCL GD . -14.83 32.40 -29.19
CED BCL GD . -13.57 31.56 -28.90
C1 BCL GD . -11.34 38.44 -30.57
C2 BCL GD . -11.34 39.45 -31.71
C3 BCL GD . -11.34 40.76 -31.54
C4 BCL GD . -10.06 41.53 -31.55
C5 BCL GD . -12.58 41.64 -31.83
C6 BCL GD . -13.87 40.94 -31.30
C7 BCL GD . -14.39 41.82 -30.16
C8 BCL GD . -15.08 41.06 -29.05
C9 BCL GD . -15.67 39.73 -29.51
C10 BCL GD . -16.19 41.97 -28.62
C11 BCL GD . -15.88 42.37 -27.24
C12 BCL GD . -17.24 42.45 -26.58
C13 BCL GD . -17.56 43.93 -26.33
C14 BCL GD . -16.55 44.46 -25.32
C15 BCL GD . -18.96 44.10 -25.79
C16 BCL GD . -19.80 44.44 -26.99
C17 BCL GD . -20.98 45.24 -26.50
C18 BCL GD . -21.41 46.29 -27.53
C19 BCL GD . -22.38 47.19 -26.80
C20 BCL GD . -22.21 45.63 -28.67
C2 A1EFU HD . -33.86 38.44 -30.44
C3 A1EFU HD . -33.24 37.21 -29.82
C4 A1EFU HD . -31.92 37.11 -30.03
C6 A1EFU HD . -29.55 37.17 -29.42
C8 A1EFU HD . -28.02 35.37 -29.90
C11 A1EFU HD . -25.73 34.77 -31.34
C15 A1EFU HD . -23.80 31.81 -34.37
O1 A1EFU HD . -35.67 39.87 -30.88
C19 A1EFU HD . -21.59 30.57 -37.55
C18 A1EFU HD . -22.49 29.76 -36.97
C1 A1EFU HD . -35.33 38.72 -30.13
C7 A1EFU HD . -28.97 35.79 -29.05
C9 A1EFU HD . -28.14 34.98 -31.34
C10 A1EFU HD . -27.08 34.57 -32.04
C17 A1EFU HD . -23.39 30.24 -36.11
C5 A1EFU HD . -30.82 37.31 -29.04
C16 A1EFU HD . -22.86 31.34 -35.19
C14 A1EFU HD . -23.27 32.80 -33.35
C13 A1EFU HD . -24.13 33.79 -33.10
C12 A1EFU HD . -24.84 33.87 -31.77
C20 A1EFU HD . -20.63 30.25 -38.42
C21 A1EFU HD . -19.39 31.12 -38.25
C22 A1EFU HD . -18.25 30.44 -38.05
C23 A1EFU HD . -17.04 31.33 -38.34
C24 A1EFU HD . -15.73 30.57 -38.41
C25 A1EFU HD . -14.88 30.98 -39.57
C26 A1EFU HD . -13.54 30.95 -39.65
C27 A1EFU HD . -12.71 30.49 -38.49
C28 A1EFU HD . -12.46 28.97 -38.49
C29 A1EFU HD . -11.41 28.59 -37.49
C30 A1EFU HD . -10.60 27.53 -37.53
CM1 A1EFU HD . -35.53 38.98 -28.63
CM2 A1EFU HD . -36.12 37.47 -30.56
CM3 A1EFU HD . -31.04 37.67 -27.59
CM4 A1EFU HD . -29.43 34.98 -32.13
CM5 A1EFU HD . -24.33 34.74 -34.25
CM6 A1EFU HD . -22.58 28.27 -37.23
CM7 A1EFU HD . -18.20 29.84 -36.64
CM8 A1EFU HD . -12.77 31.38 -40.87
CM9 A1EFU HD . -10.66 26.53 -38.65
CMA A1EFU HD . -37.02 40.29 -30.86
CMB A1EFU HD . -9.57 27.21 -36.48
O2 A1EFU HD . -33.23 39.18 -31.16
MG BCL ID . -22.89 30.35 -28.79
CHA BCL ID . -20.34 31.82 -30.39
CHB BCL ID . -22.26 27.52 -30.48
CHC BCL ID . -25.67 29.06 -27.37
CHD BCL ID . -23.93 33.53 -27.70
NA BCL ID . -21.47 29.74 -30.19
C1A BCL ID . -20.45 30.50 -30.72
C2A BCL ID . -19.56 29.71 -31.68
C3A BCL ID . -20.44 28.43 -31.95
C4A BCL ID . -21.39 28.55 -30.78
CMA BCL ID . -21.32 28.67 -33.18
CAA BCL ID . -18.19 29.43 -31.07
CBA BCL ID . -17.05 29.56 -32.03
CGA BCL ID . -16.07 28.41 -31.82
O1A BCL ID . -16.19 27.57 -31.06
O2A BCL ID . -14.95 28.55 -32.32
NB BCL ID . -23.83 28.62 -28.89
C1B BCL ID . -23.40 27.58 -29.64
C2B BCL ID . -24.27 26.54 -29.48
C3B BCL ID . -25.24 26.90 -28.62
C4B BCL ID . -24.97 28.25 -28.22
CMB BCL ID . -24.05 25.24 -30.20
CAB BCL ID . -26.41 25.99 -28.19
OBB BCL ID . -26.53 24.89 -28.58
CBB BCL ID . -27.50 26.37 -27.24
NC BCL ID . -24.52 31.20 -27.86
C1C BCL ID . -25.50 30.45 -27.29
C2C BCL ID . -26.59 31.30 -26.70
C3C BCL ID . -26.04 32.68 -26.63
C4C BCL ID . -24.75 32.48 -27.44
CMC BCL ID . -27.72 31.42 -27.69
CAC BCL ID . -25.72 32.85 -25.15
CBC BCL ID . -26.47 33.99 -24.46
ND BCL ID . -22.37 32.20 -28.95
C1D BCL ID . -22.80 33.43 -28.49
C2D BCL ID . -22.02 34.51 -28.91
C3D BCL ID . -21.08 33.91 -29.64
C4D BCL ID . -21.30 32.54 -29.65
CMD BCL ID . -22.20 35.97 -28.60
CAD BCL ID . -19.86 34.19 -30.45
OBD BCL ID . -19.26 35.31 -30.74
CBD BCL ID . -19.19 32.78 -30.71
CGD BCL ID . -18.89 32.81 -32.23
O1D BCL ID . -19.63 32.57 -33.02
O2D BCL ID . -17.74 33.10 -32.63
CED BCL ID . -17.61 33.08 -34.15
C1 BCL ID . -13.92 27.50 -32.19
C2 BCL ID . -13.36 27.06 -33.53
C3 BCL ID . -13.07 25.82 -33.83
C4 BCL ID . -12.59 25.46 -35.21
C5 BCL ID . -13.62 24.62 -33.02
C6 BCL ID . -13.13 23.27 -33.59
C7 BCL ID . -11.96 22.83 -32.71
C8 BCL ID . -11.94 21.35 -32.41
C9 BCL ID . -10.99 20.97 -31.28
C10 BCL ID . -11.46 20.74 -33.69
C11 BCL ID . -12.44 19.67 -34.02
C12 BCL ID . -12.27 19.47 -35.52
C13 BCL ID . -12.83 20.71 -36.23
C14 BCL ID . -14.36 20.69 -36.02
C15 BCL ID . -12.52 20.68 -37.70
C16 BCL ID . -11.37 21.63 -37.88
C17 BCL ID . -11.13 21.77 -39.37
C18 BCL ID . -10.28 20.66 -39.95
C19 BCL ID . -9.01 20.64 -39.14
C20 BCL ID . -9.86 20.97 -41.40
C2 A1EFU JD . -12.80 34.16 -19.86
C3 A1EFU JD . -11.50 34.92 -20.06
C4 A1EFU JD . -11.27 35.22 -21.34
C6 A1EFU JD . -9.94 35.69 -23.34
C8 A1EFU JD . -8.98 35.20 -25.44
C11 A1EFU JD . -7.69 35.12 -28.70
C15 A1EFU JD . -7.75 33.94 -33.37
O1 A1EFU JD . -12.38 33.97 -17.56
C19 A1EFU JD . -8.03 32.51 -37.80
C18 A1EFU JD . -8.47 32.44 -36.53
C1 A1EFU JD . -13.45 34.17 -18.47
C7 A1EFU JD . -8.74 35.13 -24.13
C9 A1EFU JD . -8.23 35.94 -26.50
C10 A1EFU JD . -8.63 35.88 -27.77
C17 A1EFU JD . -7.73 32.95 -35.54
C5 A1EFU JD . -9.96 35.39 -22.03
C16 A1EFU JD . -8.53 33.57 -34.39
C14 A1EFU JD . -8.51 34.75 -32.32
C13 A1EFU JD . -7.77 35.10 -31.25
C12 A1EFU JD . -8.27 34.84 -29.87
C20 A1EFU JD . -8.64 32.05 -38.90
C21 A1EFU JD . -7.65 31.52 -39.95
C22 A1EFU JD . -8.24 31.01 -41.03
C23 A1EFU JD . -7.27 30.95 -42.21
C24 A1EFU JD . -6.41 29.68 -42.27
C25 A1EFU JD . -5.07 29.84 -41.61
C26 A1EFU JD . -3.90 30.07 -42.19
C27 A1EFU JD . -2.65 30.19 -41.36
C28 A1EFU JD . -1.60 29.13 -41.69
C29 A1EFU JD . -2.17 27.75 -41.63
C30 A1EFU JD . -2.25 26.86 -42.61
CM1 A1EFU JD . -14.15 35.49 -18.23
CM2 A1EFU JD . -14.46 33.02 -18.48
CM3 A1EFU JD . -8.62 35.26 -21.36
CM4 A1EFU JD . -6.99 36.76 -26.26
CM5 A1EFU JD . -6.45 35.76 -31.57
CM6 A1EFU JD . -9.76 31.79 -36.14
CM7 A1EFU JD . -8.86 29.65 -40.74
CM8 A1EFU JD . -3.71 30.24 -43.67
CM9 A1EFU JD . -2.86 25.50 -42.37
CMA A1EFU JD . -11.93 32.66 -17.34
CMB A1EFU JD . -1.78 27.08 -44.01
O2 A1EFU JD . -13.33 33.58 -20.77
FE FE KD . 16.77 -5.64 -7.68
MG BCL LD . -0.80 -0.91 12.63
CHA BCL LD . 0.62 -3.90 12.94
CHB BCL LD . 0.97 -0.41 9.83
CHC BCL LD . -2.54 1.95 12.22
CHD BCL LD . -3.33 -1.97 14.86
NA BCL LD . 0.60 -2.00 11.55
C1A BCL LD . 1.08 -3.26 11.83
C2A BCL LD . 2.33 -3.62 11.01
C3A BCL LD . 2.37 -2.46 9.95
C4A BCL LD . 1.24 -1.59 10.45
CMA BCL LD . 3.64 -1.63 10.19
CAA BCL LD . 2.26 -5.01 10.41
CBA BCL LD . 3.60 -5.63 10.15
CGA BCL LD . 3.49 -6.60 8.99
O1A BCL LD . 4.05 -6.50 7.99
O2A BCL LD . 2.51 -7.36 8.99
NB BCL LD . -0.82 0.53 11.29
C1B BCL LD . 0.00 0.55 10.21
C2B BCL LD . -0.26 1.69 9.49
C3B BCL LD . -1.24 2.39 10.13
C4B BCL LD . -1.60 1.65 11.28
CMB BCL LD . 0.52 1.95 8.23
CAB BCL LD . -1.87 3.73 9.71
OBB BCL LD . -2.72 4.23 10.35
CBB BCL LD . -1.54 4.56 8.51
NC BCL LD . -2.57 -0.21 13.42
C1C BCL LD . -3.07 1.02 13.13
C2C BCL LD . -4.04 1.47 14.18
C3C BCL LD . -4.58 0.20 14.75
C4C BCL LD . -3.48 -0.77 14.26
CMC BCL LD . -3.28 2.06 15.35
CAC BCL LD . -5.88 0.01 13.98
CBC BCL LD . -7.10 0.72 14.60
ND BCL LD . -1.30 -2.48 13.66
C1D BCL LD . -2.31 -2.85 14.54
C2D BCL LD . -2.18 -4.17 15.02
C3D BCL LD . -1.06 -4.58 14.43
C4D BCL LD . -0.56 -3.56 13.62
CMD BCL LD . -3.07 -4.91 15.98
CAD BCL LD . -0.15 -5.76 14.31
OBD BCL LD . -0.21 -6.93 14.87
CBD BCL LD . 1.09 -5.26 13.48
CGD BCL LD . 2.23 -4.99 14.49
O1D BCL LD . 2.09 -4.59 15.52
O2D BCL LD . 3.43 -5.21 14.15
CED BCL LD . 4.45 -4.90 15.24
C1 BCL LD . 2.44 -8.50 8.07
C2 BCL LD . 2.50 -9.83 8.79
C3 BCL LD . 1.56 -10.75 8.71
C4 BCL LD . 0.37 -10.58 7.81
C5 BCL LD . 1.56 -12.05 9.54
C6 BCL LD . 2.58 -13.05 8.94
C7 BCL LD . 1.77 -13.93 7.98
C8 BCL LD . 2.27 -15.35 7.88
C9 BCL LD . 3.78 -15.47 7.96
C10 BCL LD . 1.81 -15.79 6.52
C11 BCL LD . 0.96 -16.98 6.72
C12 BCL LD . 0.14 -17.03 5.46
C13 BCL LD . -1.14 -17.81 5.76
C14 BCL LD . -0.73 -19.27 5.99
C15 BCL LD . -2.14 -17.72 4.62
C16 BCL LD . -1.42 -18.25 3.41
C17 BCL LD . -2.40 -18.26 2.27
C18 BCL LD . -1.72 -18.27 0.91
C19 BCL LD . -2.80 -17.98 -0.09
C20 BCL LD . -1.19 -19.67 0.55
MG BCL MD . -4.98 -9.68 7.65
CHA BCL MD . -6.01 -7.84 5.03
CHB BCL MD . -5.16 -12.40 5.73
CHC BCL MD . -2.81 -11.19 9.79
CHD BCL MD . -4.46 -6.71 9.44
NA BCL MD . -5.40 -10.05 5.65
C1A BCL MD . -5.83 -9.14 4.69
C2A BCL MD . -5.92 -9.75 3.29
C3A BCL MD . -6.00 -11.28 3.64
C4A BCL MD . -5.51 -11.24 5.07
CMA BCL MD . -7.47 -11.67 3.75
CAA BCL MD . -4.77 -9.32 2.41
CBA BCL MD . -3.42 -9.44 3.05
CGA BCL MD . -2.33 -9.20 2.02
O1A BCL MD . -1.82 -8.20 1.80
O2A BCL MD . -1.71 -10.20 1.63
NB BCL MD . -4.13 -11.45 7.77
C1B BCL MD . -4.34 -12.45 6.87
C2B BCL MD . -3.61 -13.55 7.25
C3B BCL MD . -2.93 -13.25 8.38
C4B BCL MD . -3.26 -11.91 8.72
CMB BCL MD . -3.69 -14.78 6.40
CAB BCL MD . -1.98 -14.16 9.19
OBB BCL MD . -1.45 -13.77 10.15
CBB BCL MD . -1.59 -15.58 8.87
NC BCL MD . -4.04 -9.08 9.37
C1C BCL MD . -3.17 -9.86 10.06
C2C BCL MD . -2.79 -9.25 11.38
C3C BCL MD . -2.98 -7.79 11.16
C4C BCL MD . -3.92 -7.84 9.96
CMC BCL MD . -3.85 -9.57 12.42
CAC BCL MD . -1.56 -7.37 10.73
CBC BCL MD . -1.27 -5.88 10.89
ND BCL MD . -5.16 -7.76 7.39
C1D BCL MD . -4.94 -6.62 8.14
C2D BCL MD . -5.24 -5.44 7.46
C3D BCL MD . -5.66 -5.89 6.28
C4D BCL MD . -5.60 -7.28 6.26
CMD BCL MD . -5.15 -4.02 7.94
CAD BCL MD . -6.17 -5.41 4.96
OBD BCL MD . -6.40 -4.21 4.50
CBD BCL MD . -6.28 -6.69 4.04
CGD BCL MD . -7.76 -6.74 3.63
O1D BCL MD . -8.17 -6.28 2.70
O2D BCL MD . -8.60 -7.35 4.35
CED BCL MD . -10.02 -7.30 3.79
C1 BCL MD . -0.26 -10.17 1.43
C2 BCL MD . 0.19 -10.96 0.22
C3 BCL MD . -0.47 -11.98 -0.31
C4 BCL MD . 0.23 -13.26 -0.61
C5 BCL MD . -1.74 -11.77 -1.16
C6 BCL MD . -2.66 -13.01 -1.04
C7 BCL MD . -3.70 -12.66 0.02
C8 BCL MD . -3.93 -13.73 1.05
C9 BCL MD . -2.68 -14.58 1.33
C10 BCL MD . -4.99 -14.59 0.45
C11 BCL MD . -5.35 -15.60 1.48
C12 BCL MD . -6.18 -14.82 2.48
C13 BCL MD . -6.98 -15.82 3.31
C14 BCL MD . -5.98 -16.67 4.10
C15 BCL MD . -7.83 -16.70 2.44
C16 BCL MD . -8.99 -15.84 2.02
C17 BCL MD . -9.93 -16.70 1.20
C18 BCL MD . -11.37 -16.21 1.27
C19 BCL MD . -12.20 -17.39 0.83
C20 BCL MD . -11.62 -15.10 0.24
C1 U10 ND . 18.44 2.77 -5.15
C2 U10 ND . 18.74 1.83 -6.24
C3 U10 ND . 20.14 1.51 -6.54
C4 U10 ND . 21.14 2.03 -5.80
C5 U10 ND . 20.85 2.98 -4.71
C6 U10 ND . 19.45 3.31 -4.41
C1M U10 ND . 16.98 3.07 -4.93
C3M U10 ND . 20.32 -0.73 -7.41
C4M U10 ND . 23.10 1.77 -7.22
C7 U10 ND . 19.24 4.24 -3.22
C8 U10 ND . 18.71 3.43 -2.07
C9 U10 ND . 19.41 2.99 -1.03
C10 U10 ND . 18.84 2.09 0.02
C11 U10 ND . 20.85 3.38 -0.83
C12 U10 ND . 21.07 4.11 0.50
C13 U10 ND . 19.97 5.08 0.76
C14 U10 ND . 19.13 5.09 1.79
C15 U10 ND . 19.20 4.14 2.95
C16 U10 ND . 17.99 6.08 1.84
C17 U10 ND . 16.70 5.48 1.25
C18 U10 ND . 15.83 4.89 2.31
C19 U10 ND . 14.86 5.48 3.01
C20 U10 ND . 14.05 4.79 4.06
C21 U10 ND . 14.52 6.93 2.76
C22 U10 ND . 15.23 7.88 3.74
C23 U10 ND . 16.13 8.83 3.02
C24 U10 ND . 17.33 9.25 3.41
C25 U10 ND . 17.98 8.87 4.71
C26 U10 ND . 18.15 10.17 2.54
C27 U10 ND . 18.12 11.63 3.03
C28 U10 ND . 17.16 12.46 2.24
C29 U10 ND . 17.17 13.77 2.05
C30 U10 ND . 16.14 14.50 1.25
C31 U10 ND . 18.24 14.63 2.68
C32 U10 ND . 19.36 14.99 1.69
C33 U10 ND . 19.11 16.32 1.02
C34 U10 ND . 19.69 17.48 1.29
C35 U10 ND . 20.70 17.69 2.37
C36 U10 ND . 19.34 18.72 0.49
C37 U10 ND . 19.73 18.56 -0.99
C38 U10 ND . 20.76 19.57 -1.40
C39 U10 ND . 20.63 20.54 -2.29
C40 U10 ND . 19.37 20.80 -3.07
C41 U10 ND . 21.78 21.47 -2.59
C42 U10 ND . 21.41 22.93 -2.34
C43 U10 ND . 22.59 23.84 -2.45
C44 U10 ND . 22.63 25.08 -2.92
C45 U10 ND . 21.43 25.82 -3.42
C46 U10 ND . 23.93 25.85 -2.96
C47 U10 ND . 24.16 26.64 -1.66
C48 U10 ND . 24.92 25.84 -0.65
C49 U10 ND . 24.68 25.74 0.66
C50 U10 ND . 23.54 26.45 1.34
C51 U10 ND . 25.57 24.92 1.55
C52 U10 ND . 24.84 23.67 2.09
C53 U10 ND . 25.51 22.40 1.62
C54 U10 ND . 25.44 21.20 2.17
C55 U10 ND . 24.62 20.91 3.38
C56 U10 ND . 26.16 20.02 1.60
O2 U10 ND . 17.83 1.31 -6.88
O3 U10 ND . 20.30 0.70 -7.62
O4 U10 ND . 22.46 1.71 -5.92
O5 U10 ND . 21.76 3.49 -4.08
O MW9 OD . 21.44 -11.95 10.41
C10 MW9 OD . 13.97 -14.35 12.45
C11 MW9 OD . 15.38 -13.69 12.36
C12 MW9 OD . 15.34 -12.56 11.30
C13 MW9 OD . 16.79 -12.20 10.85
C14 MW9 OD . 17.59 -13.50 10.52
C15 MW9 OD . 19.10 -13.25 10.75
C16 MW9 OD . 19.87 -13.43 9.42
C17 MW9 OD . 21.13 -12.53 9.42
C18 MW9 OD . 23.31 -12.63 8.47
C19 MW9 OD . 24.12 -11.78 7.50
C20 MW9 OD . 25.14 -12.68 6.77
C21 MW9 OD . 26.02 -15.45 4.28
C22 MW9 OD . 26.09 -16.74 3.46
C23 MW9 OD . 24.67 -17.29 3.27
C24 MW9 OD . 24.06 -9.63 8.43
C25 MW9 OD . 23.74 -9.17 9.87
C26 MW9 OD . 24.54 -7.89 10.21
C27 MW9 OD . 23.66 -6.95 11.08
C28 MW9 OD . 24.56 -6.14 12.05
C29 MW9 OD . 23.81 -5.98 13.41
C30 MW9 OD . 24.80 -6.25 14.58
C31 MW9 OD . 24.01 -6.56 15.87
C32 MW9 OD . 24.71 -7.72 16.65
C33 MW9 OD . 23.63 -8.73 17.14
C34 MW9 OD . 23.39 -8.53 18.66
C35 MW9 OD . 22.75 -7.99 19.70
C36 MW9 OD . 21.59 -7.05 19.26
C37 MW9 OD . 20.82 -6.55 20.51
C38 MW9 OD . 21.75 -5.65 21.37
C39 MW9 OD . 22.41 -4.57 20.47
C4 MW9 OD . 13.46 -10.14 18.45
C40 MW9 OD . 23.53 -3.85 21.27
C41 MW9 OD . 22.90 -2.88 22.28
C5 MW9 OD . 13.24 -11.64 18.09
C6 MW9 OD . 12.91 -11.77 16.57
C7 MW9 OD . 13.60 -12.62 15.82
C8 MW9 OD . 13.28 -12.76 14.31
C9 MW9 OD . 13.41 -14.25 13.89
O1 MW9 OD . 21.91 -12.41 8.25
O2 MW9 OD . 24.55 -13.15 5.56
O3 MW9 OD . 24.52 -12.07 3.21
O4 MW9 OD . 26.67 -12.20 4.42
O5 MW9 OD . 25.67 -14.38 3.43
O6 MW9 OD . 24.42 -18.28 4.24
O7 MW9 OD . 26.87 -17.68 4.13
O8 MW9 OD . 24.82 -10.79 8.20
O9 MW9 OD . 23.66 -8.99 7.50
P MW9 OD . 25.36 -12.90 4.13
C MW9 PD . 14.82 -22.42 14.76
O MW9 PD . 19.04 -34.01 1.22
C1 MW9 PD . 16.11 -22.02 14.02
C10 MW9 PD . 15.99 -29.13 7.94
C11 MW9 PD . 16.58 -29.33 6.52
C12 MW9 PD . 16.33 -30.79 6.05
C13 MW9 PD . 17.66 -31.42 5.56
C14 MW9 PD . 17.76 -31.25 4.01
C15 MW9 PD . 18.33 -32.56 3.38
C16 MW9 PD . 17.22 -33.25 2.52
C17 MW9 PD . 17.87 -33.93 1.29
C18 MW9 PD . 15.67 -34.25 0.43
C19 MW9 PD . 14.94 -35.61 0.45
C2 MW9 PD . 16.74 -23.27 13.36
C20 MW9 PD . 15.75 -36.63 -0.37
C21 MW9 PD . 18.74 -36.83 -3.18
C22 MW9 PD . 19.23 -36.82 -1.73
C23 MW9 PD . 20.60 -36.16 -1.64
C24 MW9 PD . 12.71 -34.92 0.77
C25 MW9 PD . 12.44 -35.58 2.16
C26 MW9 PD . 12.92 -34.63 3.29
C27 MW9 PD . 12.35 -35.12 4.66
C28 MW9 PD . 11.14 -34.26 5.07
C29 MW9 PD . 10.19 -35.09 5.98
C3 MW9 PD . 17.94 -22.83 12.46
C30 MW9 PD . 10.44 -34.70 7.46
C31 MW9 PD . 9.23 -35.12 8.33
C32 MW9 PD . 8.25 -33.91 8.43
C33 MW9 PD . 7.73 -33.78 9.88
C34 MW9 PD . 7.27 -32.31 10.12
C35 MW9 PD . 7.48 -30.99 10.14
C36 MW9 PD . 6.22 -30.21 10.60
C37 MW9 PD . 6.63 -28.78 11.00
C38 MW9 PD . 6.94 -28.73 12.53
C39 MW9 PD . 5.67 -28.27 13.29
C4 MW9 PD . 18.34 -24.01 11.54
C40 MW9 PD . 6.05 -27.88 14.74
C41 MW9 PD . 4.81 -27.32 15.46
C5 MW9 PD . 17.11 -24.43 10.69
C6 MW9 PD . 17.25 -25.91 10.28
C7 MW9 PD . 16.33 -26.80 10.69
C8 MW9 PD . 16.46 -28.28 10.28
C9 MW9 PD . 17.01 -28.39 8.84
O1 MW9 PD . 17.06 -34.45 0.25
O2 MW9 PD . 15.24 -36.70 -1.69
O3 MW9 PD . 16.80 -34.82 -2.60
O4 MW9 PD . 15.34 -36.01 -4.18
O5 MW9 PD . 17.40 -37.27 -3.24
O6 MW9 PD . 21.42 -36.64 -2.69
O7 MW9 PD . 19.31 -38.14 -1.26
O8 MW9 PD . 13.67 -35.47 -0.10
O9 MW9 PD . 12.09 -33.96 0.46
P MW9 PD . 16.19 -36.16 -2.94
C2 A1EFU QD . -14.44 -23.66 2.46
C3 A1EFU QD . -13.05 -23.09 2.31
C4 A1EFU QD . -12.63 -22.41 3.38
C6 A1EFU QD . -12.43 -20.45 4.85
C8 A1EFU QD . -10.78 -18.87 5.57
C11 A1EFU QD . -8.70 -16.20 7.05
C15 A1EFU QD . -5.89 -14.26 10.60
O1 A1EFU QD . -14.33 -24.97 0.53
C19 A1EFU QD . -3.04 -16.83 13.21
C18 A1EFU QD . -3.45 -15.61 12.85
C1 A1EFU QD . -14.72 -25.05 1.88
C7 A1EFU QD . -11.66 -19.14 4.60
C9 A1EFU QD . -10.51 -17.54 6.22
C10 A1EFU QD . -9.60 -17.44 7.18
C17 A1EFU QD . -4.63 -15.46 12.25
C5 A1EFU QD . -12.94 -20.98 3.73
C16 A1EFU QD . -4.72 -14.31 11.23
C14 A1EFU QD . -6.01 -15.27 9.46
C13 A1EFU QD . -7.01 -15.06 8.60
C12 A1EFU QD . -7.69 -16.22 7.93
C20 A1EFU QD . -1.90 -17.17 13.83
C21 A1EFU QD . -2.02 -18.41 14.72
C22 A1EFU QD . -1.16 -19.38 14.41
C23 A1EFU QD . -0.37 -19.84 15.63
C24 A1EFU QD . -0.74 -21.23 16.16
C25 A1EFU QD . -1.84 -21.20 17.17
C26 A1EFU QD . -2.15 -22.12 18.10
C27 A1EFU QD . -1.32 -23.37 18.25
C28 A1EFU QD . -2.17 -24.61 18.57
C29 A1EFU QD . -1.33 -25.83 18.76
C30 A1EFU QD . -1.30 -26.66 19.79
CM1 A1EFU QD . -13.91 -26.09 2.63
CM2 A1EFU QD . -16.22 -25.30 2.07
CM3 A1EFU QD . -13.82 -20.07 2.93
CM4 A1EFU QD . -11.23 -16.28 5.85
CM5 A1EFU QD . -7.40 -13.63 8.37
CM6 A1EFU QD . -2.67 -14.37 13.11
CM7 A1EFU QD . -1.87 -20.53 13.70
CM8 A1EFU QD . -3.29 -21.99 19.06
CM9 A1EFU QD . -2.20 -26.44 20.98
CMA A1EFU QD . -15.16 -24.28 -0.37
CMB A1EFU QD . -0.42 -27.86 19.91
O2 A1EFU QD . -15.32 -23.03 3.01
C1B LMT RD . -7.12 38.86 10.11
C2B LMT RD . -8.22 37.80 10.25
C3B LMT RD . -9.32 38.28 11.20
C4B LMT RD . -9.86 39.66 10.76
C5B LMT RD . -8.66 40.59 10.53
C6B LMT RD . -8.85 41.89 11.29
O1B LMT RD . -6.99 39.21 8.76
O2B LMT RD . -8.72 37.57 9.00
O3B LMT RD . -8.90 38.27 12.51
O4' LMT RD . -10.58 39.54 9.59
O5B LMT RD . -7.44 39.99 10.87
O6B LMT RD . -7.64 42.43 11.62
C1' LMT RD . -2.96 38.27 8.58
C2' LMT RD . -3.24 39.77 8.85
C3' LMT RD . -4.74 40.00 9.17
C4' LMT RD . -5.68 39.24 8.21
C5' LMT RD . -5.14 37.80 8.11
C6' LMT RD . -6.01 36.87 7.30
O1' LMT RD . -1.70 38.10 8.09
O2' LMT RD . -2.50 40.14 9.93
O3' LMT RD . -5.03 41.33 9.13
O5' LMT RD . -3.85 37.81 7.58
O6' LMT RD . -6.50 35.95 8.18
C1 LMT RD . -1.39 38.86 6.94
C2 LMT RD . -0.99 37.86 5.91
C3 LMT RD . 0.38 37.29 6.03
C4 LMT RD . 0.47 36.14 5.06
C5 LMT RD . 1.88 35.92 4.64
C6 LMT RD . 1.98 34.91 3.56
C7 LMT RD . 3.35 34.93 2.96
C8 LMT RD . 3.59 33.66 2.21
C9 LMT RD . 5.00 33.48 1.76
C10 LMT RD . 5.03 32.26 0.89
C11 LMT RD . 6.43 31.82 0.63
C12 LMT RD . 6.48 30.65 -0.30
O1D BPH SD . 6.75 -18.50 0.39
CGD BPH SD . 6.67 -17.37 0.76
O2D BPH SD . 6.33 -16.35 -0.03
CED BPH SD . 6.07 -16.68 -1.41
CBD BPH SD . 6.92 -16.89 2.20
CHA BPH SD . 5.85 -15.93 2.75
C4D BPH SD . 6.43 -14.77 3.15
C3D BPH SD . 7.85 -14.80 2.90
CAD BPH SD . 8.18 -16.09 2.32
OBD BPH SD . 9.27 -16.51 1.98
C2D BPH SD . 8.35 -13.57 3.32
CMD BPH SD . 9.75 -13.06 3.28
C1D BPH SD . 7.21 -12.78 3.83
ND BPH SD . 6.09 -13.57 3.70
CHD BPH SD . 7.23 -11.51 4.30
C4C BPH SD . 6.13 -10.69 4.59
C3C BPH SD . 6.15 -9.20 4.38
CAC BPH SD . 6.98 -8.51 5.47
CBC BPH SD . 6.47 -8.78 6.87
C2C BPH SD . 4.62 -8.81 4.48
CMC BPH SD . 3.97 -8.15 3.25
C1C BPH SD . 3.99 -10.16 4.85
NC BPH SD . 4.96 -11.12 5.08
CHC BPH SD . 2.63 -10.25 4.92
C4B BPH SD . 1.88 -11.37 4.57
C3B BPH SD . 0.60 -11.63 4.95
CAB BPH SD . -0.22 -10.80 5.83
CBB BPH SD . -0.69 -9.45 5.37
OBB BPH SD . -0.53 -11.19 6.95
C2B BPH SD . 0.20 -12.86 4.34
CMB BPH SD . -1.13 -13.53 4.47
C1B BPH SD . 1.31 -13.30 3.58
NB BPH SD . 2.31 -12.39 3.74
CHB BPH SD . 1.36 -14.45 2.79
C4A BPH SD . 2.34 -15.40 2.85
C3A BPH SD . 2.22 -16.70 2.06
CMA BPH SD . 1.74 -16.46 0.63
C2A BPH SD . 3.67 -17.28 2.15
C1A BPH SD . 4.42 -16.17 2.84
NA BPH SD . 3.54 -15.43 3.55
CAA BPH SD . 3.75 -18.61 2.91
CBA BPH SD . 2.41 -19.12 3.46
CGA BPH SD . 2.18 -20.56 3.13
O1A BPH SD . 2.33 -21.06 2.05
O2A BPH SD . 1.77 -21.24 4.21
C1 BPH SD . 1.52 -22.65 3.99
C2 BPH SD . 0.10 -22.81 3.58
C3 BPH SD . -0.37 -23.35 2.46
C4 BPH SD . 0.51 -23.89 1.35
C5 BPH SD . -1.85 -23.47 2.22
C6 BPH SD . -2.66 -22.30 2.79
C7 BPH SD . -4.17 -22.51 2.68
C8 BPH SD . -4.73 -22.69 1.27
C9 BPH SD . -5.36 -21.40 0.75
C10 BPH SD . -5.71 -23.87 1.24
C11 BPH SD . -6.01 -24.52 -0.10
C12 BPH SD . -7.22 -23.91 -0.82
C13 BPH SD . -7.65 -24.59 -2.12
C14 BPH SD . -8.93 -23.99 -2.66
C15 BPH SD . -7.76 -26.10 -1.93
C16 BPH SD . -9.10 -26.60 -1.39
C17 BPH SD . -9.15 -28.12 -1.26
C18 BPH SD . -10.47 -28.70 -0.73
C19 BPH SD . -10.41 -30.21 -0.63
C20 BPH SD . -11.65 -28.26 -1.57
MG BCL TD . -4.82 3.32 7.24
CHA BCL TD . -3.81 5.98 5.40
CHB BCL TD . -2.29 1.58 5.90
CHC BCL TD . -5.22 1.05 9.72
CHD BCL TD . -6.89 5.51 9.07
NA BCL TD . -3.31 3.71 5.86
C1A BCL TD . -3.09 4.87 5.14
C2A BCL TD . -1.94 4.71 4.13
C3A BCL TD . -1.97 3.14 3.96
C4A BCL TD . -2.45 2.83 5.36
CMA BCL TD . -3.17 2.78 3.08
CAA BCL TD . -0.63 5.24 4.68
CBA BCL TD . -0.17 6.56 4.10
CGA BCL TD . 0.42 6.36 2.72
O1A BCL TD . 0.21 5.49 2.02
O2A BCL TD . 1.35 7.11 2.41
NB BCL TD . -3.95 1.64 7.75
C1B BCL TD . -2.92 1.08 7.06
C2B BCL TD . -2.55 -0.09 7.67
C3B BCL TD . -3.35 -0.29 8.75
C4B BCL TD . -4.24 0.82 8.81
CMB BCL TD . -1.42 -0.89 7.09
CAB BCL TD . -3.32 -1.44 9.76
OBB BCL TD . -4.07 -1.49 10.66
CBB BCL TD . -2.40 -2.63 9.75
NC BCL TD . -5.96 3.29 8.96
C1C BCL TD . -5.92 2.26 9.84
C2C BCL TD . -6.78 2.51 11.05
C3C BCL TD . -7.41 3.83 10.85
C4C BCL TD . -6.68 4.27 9.57
CMC BCL TD . -7.97 1.58 11.03
CAC BCL TD . -6.92 4.63 12.06
CBC BCL TD . -7.97 4.82 13.15
ND BCL TD . -5.28 5.21 7.30
C1D BCL TD . -6.11 6.02 8.04
C2D BCL TD . -6.10 7.36 7.67
C3D BCL TD . -5.23 7.36 6.67
C4D BCL TD . -4.75 6.07 6.45
CMD BCL TD . -6.87 8.53 8.25
CAD BCL TD . -4.58 8.27 5.68
OBD BCL TD . -4.69 9.55 5.47
CBD BCL TD . -3.36 7.43 5.13
CGD BCL TD . -3.36 7.76 3.62
O1D BCL TD . -3.84 7.15 2.84
O2D BCL TD . -2.78 8.81 3.22
CED BCL TD . -2.85 9.02 1.71
C1 BCL TD . 1.10 8.35 1.65
C2 BCL TD . 1.91 9.53 2.16
C3 BCL TD . 2.99 9.97 1.55
C4 BCL TD . 3.54 9.25 0.35
C5 BCL TD . 3.96 11.02 2.15
C6 BCL TD . 4.61 11.83 1.01
C7 BCL TD . 6.02 12.18 1.50
C8 BCL TD . 6.56 13.44 0.90
C9 BCL TD . 6.32 13.55 -0.61
C10 BCL TD . 8.04 13.38 1.15
C11 BCL TD . 8.23 13.68 2.58
C12 BCL TD . 9.54 14.42 2.65
C13 BCL TD . 9.70 14.90 4.10
C14 BCL TD . 9.96 16.40 4.07
C15 BCL TD . 10.80 14.15 4.81
C16 BCL TD . 12.11 14.71 4.34
C17 BCL TD . 12.94 14.97 5.59
C18 BCL TD . 14.32 14.32 5.56
C19 BCL TD . 15.18 15.22 4.73
C20 BCL TD . 14.29 12.95 4.85
O1D BPH UD . 14.87 10.84 -2.84
CGD BPH UD . 13.86 10.32 -2.44
O2D BPH UD . 13.81 9.44 -1.45
CED BPH UD . 15.08 9.12 -0.82
CBD BPH UD . 12.47 10.58 -3.02
CHA BPH UD . 11.35 10.31 -2.00
C4D BPH UD . 10.52 9.34 -2.49
C3D BPH UD . 10.96 8.88 -3.77
CAD BPH UD . 12.14 9.63 -4.13
OBD BPH UD . 12.82 9.56 -5.15
C2D BPH UD . 10.05 7.90 -4.17
CMD BPH UD . 10.05 7.06 -5.41
C1D BPH UD . 9.06 7.76 -3.09
ND BPH UD . 9.40 8.68 -2.12
CHD BPH UD . 8.01 6.91 -3.03
C4C BPH UD . 7.09 6.77 -1.98
C3C BPH UD . 6.06 5.69 -1.91
CAC BPH UD . 4.93 5.85 -2.94
CBC BPH UD . 5.27 5.33 -4.32
C2C BPH UD . 5.50 5.87 -0.46
CMC BPH UD . 5.54 4.61 0.39
C1C BPH UD . 6.36 6.99 0.10
NC BPH UD . 7.05 7.59 -0.93
CHC BPH UD . 6.33 7.23 1.45
C4B BPH UD . 7.10 8.16 2.18
C3B BPH UD . 6.82 8.74 3.43
CAB BPH UD . 5.60 8.55 4.29
CBB BPH UD . 4.73 7.34 4.18
OBB BPH UD . 5.29 9.40 5.11
C2B BPH UD . 7.93 9.59 3.76
CMB BPH UD . 8.11 10.40 5.00
C1B BPH UD . 8.84 9.50 2.68
NB BPH UD . 8.32 8.64 1.76
CHB BPH UD . 10.08 10.16 2.58
C4A BPH UD . 10.58 10.71 1.43
C3A BPH UD . 11.90 11.50 1.47
CMA BPH UD . 13.05 10.69 2.06
C2A BPH UD . 12.08 11.89 -0.02
C1A BPH UD . 11.16 10.91 -0.69
NA BPH UD . 10.11 10.68 0.13
CAA BPH UD . 11.68 13.34 -0.30
CBA BPH UD . 12.77 14.37 0.00
CGA BPH UD . 12.29 15.78 -0.16
O1A BPH UD . 11.15 16.10 -0.38
O2A BPH UD . 13.29 16.65 -0.03
C1 BPH UD . 12.94 18.05 -0.16
C2 BPH UD . 12.49 18.50 1.19
C3 BPH UD . 13.18 18.57 2.32
C4 BPH UD . 14.62 18.16 2.44
C5 BPH UD . 12.54 19.06 3.59
C6 BPH UD . 11.27 19.86 3.35
C7 BPH UD . 10.65 20.40 4.63
C8 BPH UD . 9.37 21.20 4.45
C9 BPH UD . 9.62 22.50 3.69
C10 BPH UD . 8.71 21.45 5.80
C11 BPH UD . 8.06 20.23 6.43
C12 BPH UD . 6.90 19.68 5.59
C13 BPH UD . 6.35 18.33 6.02
C14 BPH UD . 4.86 18.22 5.73
C15 BPH UD . 6.68 18.03 7.48
C16 BPH UD . 5.65 17.19 8.24
C17 BPH UD . 6.24 16.51 9.46
C18 BPH UD . 5.27 15.68 10.27
C19 BPH UD . 6.02 14.75 11.21
C20 BPH UD . 4.33 14.89 9.40
C1 U10 VD . 8.85 -12.13 -5.61
C2 U10 VD . 9.77 -12.80 -6.54
C3 U10 VD . 9.24 -13.84 -7.45
C4 U10 VD . 7.92 -14.15 -7.42
C5 U10 VD . 7.00 -13.49 -6.48
C6 U10 VD . 7.53 -12.46 -5.58
C1M U10 VD . 9.46 -11.08 -4.73
C3M U10 VD . 10.78 -13.71 -9.32
C4M U10 VD . 6.55 -14.60 -9.32
C7 U10 VD . 6.52 -11.83 -4.66
C8 U10 VD . 5.57 -10.93 -5.41
C9 U10 VD . 4.25 -10.95 -5.34
C10 U10 VD . 3.48 -11.91 -4.47
C11 U10 VD . 3.42 -10.00 -6.16
C12 U10 VD . 2.26 -10.71 -6.90
C13 U10 VD . 2.26 -10.40 -8.36
C14 U10 VD . 2.34 -11.25 -9.37
C15 U10 VD . 2.49 -12.74 -9.21
C16 U10 VD . 2.30 -10.76 -10.80
C17 U10 VD . 0.91 -10.21 -11.19
C18 U10 VD . 0.93 -8.71 -11.27
C19 U10 VD . 0.45 -7.95 -12.25
C20 U10 VD . -0.18 -8.49 -13.49
C21 U10 VD . 0.53 -6.44 -12.16
C22 U10 VD . 0.67 -5.93 -10.72
C23 U10 VD . -0.39 -4.92 -10.38
C24 U10 VD . -1.60 -5.15 -9.91
C25 U10 VD . -2.15 -6.53 -9.64
C26 U10 VD . -2.55 -4.01 -9.61
C27 U10 VD . -3.97 -4.26 -10.15
C28 U10 VD . -4.61 -2.97 -10.59
C29 U10 VD . -5.68 -2.38 -10.09
C30 U10 VD . -6.49 -2.94 -8.95
C31 U10 VD . -6.18 -1.07 -10.65
C32 U10 VD . -5.03 -0.20 -11.18
C33 U10 VD . -5.52 1.11 -11.73
C34 U10 VD . -5.00 2.31 -11.55
C35 U10 VD . -5.57 3.56 -12.17
C36 U10 VD . -3.79 2.51 -10.70
C37 U10 VD . -2.88 3.67 -11.19
C38 U10 VD . -1.48 3.19 -11.45
C39 U10 VD . -0.35 3.79 -11.11
C40 U10 VD . -0.29 5.09 -10.36
C41 U10 VD . 0.99 3.19 -11.47
O2 U10 VD . 10.97 -12.52 -6.54
O3 U10 VD . 10.12 -14.46 -8.28
O4 U10 VD . 7.36 -15.09 -8.23
O5 U10 VD . 5.83 -13.80 -6.44
MG BCL WD . 3.67 10.48 9.14
CHA BCL WD . 5.12 8.27 11.21
CHB BCL WD . 6.70 11.79 8.57
CHC BCL WD . 2.33 12.11 6.50
CHD BCL WD . 0.75 8.51 9.23
NA BCL WD . 5.62 10.06 9.77
C1A BCL WD . 6.02 9.14 10.71
C2A BCL WD . 7.54 8.96 10.70
C3A BCL WD . 7.98 10.40 10.23
C4A BCL WD . 6.70 10.78 9.49
CMA BCL WD . 7.99 11.31 11.46
CAA BCL WD . 7.93 7.80 9.80
CBA BCL WD . 8.65 8.18 8.54
CGA BCL WD . 8.63 6.99 7.57
O1A BCL WD . 8.30 5.94 7.82
O2A BCL WD . 9.19 7.17 6.48
NB BCL WD . 4.35 11.72 7.78
C1B BCL WD . 5.64 12.14 7.72
C2B BCL WD . 5.77 13.00 6.66
C3B BCL WD . 4.57 13.12 6.04
C4B BCL WD . 3.65 12.30 6.76
CMB BCL WD . 7.12 13.61 6.39
CAB BCL WD . 4.20 13.97 4.81
OBB BCL WD . 3.12 13.98 4.38
CBB BCL WD . 5.12 14.86 4.02
NC BCL WD . 1.85 10.39 8.21
C1C BCL WD . 1.52 11.17 7.15
C2C BCL WD . 0.20 10.78 6.55
C3C BCL WD . 0.05 9.36 6.98
C4C BCL WD . 0.82 9.49 8.29
CMC BCL WD . -0.91 11.47 7.29
CAC BCL WD . 0.92 8.64 5.94
CBC BCL WD . 0.17 7.56 5.16
ND BCL WD . 3.02 8.83 9.95
C1D BCL WD . 1.86 8.10 9.96
C2D BCL WD . 1.91 6.94 10.75
C3D BCL WD . 3.15 6.99 11.25
C4D BCL WD . 3.79 8.13 10.75
CMD BCL WD . 0.83 5.92 11.00
CAD BCL WD . 4.09 6.26 12.14
OBD BCL WD . 3.96 5.15 12.81
CBD BCL WD . 5.48 7.01 12.03
CGD BCL WD . 5.83 7.45 13.47
O1D BCL WD . 6.58 6.96 14.11
O2D BCL WD . 5.22 8.43 13.98
CED BCL WD . 5.68 8.73 15.40
C1 BCL WD . 9.88 6.06 5.81
C2 BCL WD . 11.39 6.10 6.04
C3 BCL WD . 12.12 7.19 5.88
C4 BCL WD . 11.77 8.23 4.86
C5 BCL WD . 13.18 7.65 6.91
C6 BCL WD . 13.13 9.18 7.08
C7 BCL WD . 12.28 9.45 8.33
C8 BCL WD . 11.34 10.62 8.21
C9 BCL WD . 11.23 11.19 6.80
C10 BCL WD . 11.93 11.65 9.10
C11 BCL WD . 10.94 12.76 9.15
C12 BCL WD . 11.74 13.90 9.77
C13 BCL WD . 10.76 14.99 10.19
C14 BCL WD . 9.92 14.43 11.34
C15 BCL WD . 9.86 15.39 9.04
C16 BCL WD . 9.88 16.89 9.06
C17 BCL WD . 11.24 17.34 8.58
C18 BCL WD . 11.36 18.85 8.51
C19 BCL WD . 11.63 19.28 9.93
C20 BCL WD . 12.59 19.25 7.69
O1B LMT XD . 11.13 28.31 28.24
C1' LMT XD . 12.92 25.92 25.38
C2' LMT XD . 11.49 25.51 25.77
C3' LMT XD . 10.80 26.64 26.57
C4' LMT XD . 11.68 27.11 27.72
C5' LMT XD . 13.04 27.45 27.07
C6' LMT XD . 14.01 28.14 28.00
O1' LMT XD . 13.59 24.87 24.82
O2' LMT XD . 10.78 25.29 24.62
O3' LMT XD . 9.59 26.20 27.07
O5' LMT XD . 13.63 26.29 26.56
O6' LMT XD . 13.90 27.51 29.20
C1 LMT XD . 14.90 24.66 25.29
C2 LMT XD . 15.78 24.83 24.08
C3 LMT XD . 15.57 23.85 22.96
C4 LMT XD . 16.79 23.95 22.08
C5 LMT XD . 16.61 23.14 20.84
C6 LMT XD . 16.19 23.98 19.69
C7 LMT XD . 16.60 23.34 18.40
C8 LMT XD . 16.21 24.24 17.27
C9 LMT XD . 16.99 24.04 16.02
C10 LMT XD . 16.79 25.26 15.17
C11 LMT XD . 17.24 25.03 13.76
C12 LMT XD . 16.87 26.18 12.88
C1B LMT YD . -14.72 33.23 4.65
O1B LMT YD . -13.62 32.67 4.02
C1' LMT YD . -11.67 32.55 0.39
C2' LMT YD . -11.80 33.96 0.99
C3' LMT YD . -12.26 33.89 2.48
C4' LMT YD . -13.46 32.94 2.65
C5' LMT YD . -13.05 31.62 1.95
C6' LMT YD . -14.00 30.48 2.16
O1' LMT YD . -11.47 32.63 -0.96
O2' LMT YD . -10.58 34.57 0.95
O3' LMT YD . -12.59 35.13 2.94
O5' LMT YD . -12.88 31.85 0.58
C1 LMT YD . -10.15 32.35 -1.38
C2 LMT YD . -10.22 30.96 -1.94
C3 LMT YD . -8.92 30.24 -2.06
C4 LMT YD . -9.09 29.16 -3.10
C5 LMT YD . -7.87 28.31 -3.14
C6 LMT YD . -7.61 27.77 -4.52
C7 LMT YD . -6.16 27.89 -4.83
C8 LMT YD . -5.54 26.53 -4.86
C9 LMT YD . -6.04 25.67 -5.98
C10 LMT YD . -5.16 24.45 -6.02
C11 LMT YD . -5.34 23.69 -7.30
C12 LMT YD . -4.43 22.51 -7.36
O MW9 ZD . 12.98 16.42 23.62
C11 MW9 ZD . 14.96 13.05 19.74
C12 MW9 ZD . 15.46 13.23 21.21
C13 MW9 ZD . 14.34 13.92 22.05
C14 MW9 ZD . 14.58 13.64 23.56
C15 MW9 ZD . 13.26 13.84 24.34
C16 MW9 ZD . 13.44 14.94 25.42
C17 MW9 ZD . 13.25 16.33 24.78
C18 MW9 ZD . 14.59 18.24 25.29
C19 MW9 ZD . 14.33 19.36 24.28
C20 MW9 ZD . 12.97 20.03 24.59
C21 MW9 ZD . 10.92 22.49 28.51
C22 MW9 ZD . 11.62 23.10 29.74
C23 MW9 ZD . 10.59 23.85 30.60
C24 MW9 ZD . 15.34 19.24 22.15
C25 MW9 ZD . 15.86 18.32 21.01
C26 MW9 ZD . 15.42 18.92 19.64
C27 MW9 ZD . 16.47 18.54 18.55
C28 MW9 ZD . 15.97 19.01 17.16
C29 MW9 ZD . 15.52 17.78 16.32
C30 MW9 ZD . 14.41 18.19 15.32
C31 MW9 ZD . 13.82 16.93 14.64
C32 MW9 ZD . 12.55 17.27 13.84
C33 MW9 ZD . 11.64 18.25 14.64
C34 MW9 ZD . 10.25 18.35 13.94
C35 MW9 ZD . 9.07 17.85 13.57
C36 MW9 ZD . 8.21 18.87 12.80
O1 MW9 ZD . 13.40 17.50 25.55
O2 MW9 ZD . 12.87 20.30 25.98
O3 MW9 ZD . 10.79 21.82 25.73
O4 MW9 ZD . 10.47 19.54 26.60
O5 MW9 ZD . 11.58 21.31 28.14
O6 MW9 ZD . 11.12 24.00 31.90
O7 MW9 ZD . 12.61 23.98 29.31
O8 MW9 ZD . 14.29 18.81 22.99
O9 MW9 ZD . 15.83 20.30 22.32
P MW9 ZD . 11.39 20.74 26.59
O MW9 AE . -20.08 9.84 -6.52
C10 MW9 AE . -11.55 9.39 -6.74
C11 MW9 AE . -12.83 8.57 -7.02
C12 MW9 AE . -14.02 9.53 -7.32
C13 MW9 AE . -15.25 9.13 -6.46
C14 MW9 AE . -16.24 8.29 -7.32
C15 MW9 AE . -17.63 8.99 -7.34
C16 MW9 AE . -18.74 7.95 -7.03
C17 MW9 AE . -19.97 8.67 -6.41
C18 MW9 AE . -20.59 6.60 -5.38
C19 MW9 AE . -21.19 6.19 -4.02
C20 MW9 AE . -22.33 7.16 -3.66
C21 MW9 AE . -25.49 9.41 -2.12
C22 MW9 AE . -25.52 10.33 -0.89
C23 MW9 AE . -25.51 9.47 0.38
C24 MW9 AE . -19.09 5.39 -3.28
C25 MW9 AE . -17.65 5.92 -3.19
C26 MW9 AE . -16.73 4.80 -2.62
C27 MW9 AE . -15.89 4.20 -3.80
C28 MW9 AE . -14.93 3.12 -3.24
C29 MW9 AE . -14.71 2.02 -4.32
C30 MW9 AE . -13.26 1.48 -4.24
C31 MW9 AE . -12.98 0.56 -5.47
C32 MW9 AE . -13.34 -0.91 -5.12
C8 MW9 AE . -9.28 10.07 -7.65
C9 MW9 AE . -10.53 9.19 -7.89
O1 MW9 AE . -20.95 7.93 -5.71
O2 MW9 AE . -21.79 8.26 -2.94
O3 MW9 AE . -22.32 9.58 -0.78
O4 MW9 AE . -22.94 10.58 -2.95
O5 MW9 AE . -24.35 8.59 -2.07
O6 MW9 AE . -24.19 9.35 0.85
O7 MW9 AE . -26.68 11.10 -0.93
O8 MW9 AE . -20.19 6.25 -3.04
O9 MW9 AE . -19.30 4.25 -3.55
P MW9 AE . -22.84 9.30 -2.18
C1 CDL BE . 11.36 12.71 -23.28
O1 CDL BE . 10.34 12.33 -24.17
CA2 CDL BE . 12.49 13.37 -24.05
OA2 CDL BE . 12.15 14.68 -24.36
PA1 CDL BE . 13.33 15.77 -24.68
OA3 CDL BE . 14.62 15.31 -24.05
OA4 CDL BE . 13.52 15.90 -26.18
OA5 CDL BE . 12.91 17.24 -24.05
CA3 CDL BE . 11.67 17.33 -23.39
CA4 CDL BE . 11.87 17.97 -22.01
OA6 CDL BE . 12.50 17.06 -21.14
CA5 CDL BE . 11.70 16.11 -20.51
OA7 CDL BE . 11.14 15.28 -21.14
C11 CDL BE . 11.54 16.12 -18.98
C12 CDL BE . 10.11 15.71 -18.64
C13 CDL BE . 9.80 16.13 -17.19
C14 CDL BE . 8.75 17.25 -17.20
C15 CDL BE . 8.39 17.59 -15.77
C16 CDL BE . 6.88 17.48 -15.56
C17 CDL BE . 6.23 18.84 -15.75
C18 CDL BE . 5.29 19.12 -14.57
C19 CDL BE . 5.75 20.37 -13.84
C20 CDL BE . 5.03 20.48 -12.50
CA6 CDL BE . 10.53 18.43 -21.47
OA8 CDL BE . 10.31 19.75 -21.87
CA7 CDL BE . 9.77 20.59 -20.88
OA9 CDL BE . 9.12 21.52 -21.19
C31 CDL BE . 10.02 20.29 -19.40
C32 CDL BE . 9.44 21.42 -18.56
C33 CDL BE . 9.03 20.89 -17.19
C34 CDL BE . 8.41 22.01 -16.37
C35 CDL BE . 9.51 22.83 -15.70
C36 CDL BE . 8.89 23.97 -14.89
C37 CDL BE . 7.84 23.42 -13.94
C38 CDL BE . 7.44 24.48 -12.92
C39 CDL BE . 6.32 23.95 -12.03
CB2 CDL BE . 11.88 11.47 -22.56
OB2 CDL BE . 11.23 11.35 -21.32
PB2 CDL BE . 9.84 10.49 -21.25
OB3 CDL BE . 8.77 11.18 -22.06
OB4 CDL BE . 10.09 9.11 -21.80
OB5 CDL BE . 9.33 10.37 -19.68
CB3 CDL BE . 8.09 10.94 -19.34
CB4 CDL BE . 7.83 10.74 -17.85
OB6 CDL BE . 8.55 11.70 -17.12
CB5 CDL BE . 7.90 12.16 -15.98
OB7 CDL BE . 6.87 11.67 -15.65
C51 CDL BE . 8.50 13.27 -15.14
C52 CDL BE . 7.59 13.56 -13.93
C53 CDL BE . 8.30 14.52 -12.98
C54 CDL BE . 7.37 14.86 -11.82
C55 CDL BE . 7.06 16.37 -11.85
C56 CDL BE . 6.73 16.84 -10.43
C57 CDL BE . 5.29 17.35 -10.38
C58 CDL BE . 4.39 16.29 -9.74
C59 CDL BE . 3.28 16.97 -8.97
C60 CDL BE . 2.25 15.93 -8.51
CB6 CDL BE . 8.30 9.34 -17.45
OB8 CDL BE . 7.19 8.54 -17.18
CB7 CDL BE . 7.50 7.35 -16.51
OB9 CDL BE . 8.51 7.26 -15.91
C71 CDL BE . 6.54 6.17 -16.54
C72 CDL BE . 7.07 5.05 -15.65
C73 CDL BE . 6.03 4.67 -14.62
C74 CDL BE . 4.85 3.99 -15.31
C75 CDL BE . 3.62 4.04 -14.40
C76 CDL BE . 2.63 2.97 -14.83
O1B LMT CE . 14.40 11.60 33.82
C1' LMT CE . 15.31 8.74 31.78
C2' LMT CE . 15.41 10.21 31.31
C3' LMT CE . 14.06 10.94 31.55
C4' LMT CE . 13.58 10.80 33.00
C5' LMT CE . 13.80 9.32 33.40
C6' LMT CE . 12.71 8.75 34.26
O1' LMT CE . 15.48 7.89 30.73
O2' LMT CE . 16.38 10.82 32.07
O3' LMT CE . 13.11 10.47 30.69
O5' LMT CE . 13.98 8.52 32.27
O6' LMT CE . 12.21 9.80 34.99
C1 LMT CE . 16.26 6.76 31.04
C2 LMT CE . 17.02 6.47 29.78
C3 LMT CE . 17.94 5.29 29.82
C4 LMT CE . 18.73 5.28 28.54
C5 LMT CE . 19.70 4.14 28.54
C6 LMT CE . 19.00 2.83 28.38
C7 LMT CE . 20.02 1.74 28.20
C8 LMT CE . 19.31 0.48 27.84
C9 LMT CE . 20.21 -0.65 27.49
C10 LMT CE . 20.66 -1.29 28.78
C11 LMT CE . 21.80 -2.24 28.56
C12 LMT CE . 21.38 -3.40 27.73
O MW9 DE . 9.06 6.14 22.90
C10 MW9 DE . 10.75 6.69 15.10
C11 MW9 DE . 9.75 6.92 16.26
C12 MW9 DE . 9.50 5.58 17.01
C13 MW9 DE . 10.11 5.64 18.43
C14 MW9 DE . 9.92 7.07 19.02
C15 MW9 DE . 9.10 6.98 20.35
C16 MW9 DE . 9.82 7.83 21.43
C17 MW9 DE . 9.57 7.20 22.82
C18 MW9 DE . 10.43 7.06 25.04
C19 MW9 DE . 11.76 6.43 24.63
C20 MW9 DE . 12.18 5.37 25.66
C24 MW9 DE . 13.19 7.64 23.20
C25 MW9 DE . 13.92 8.96 22.83
C26 MW9 DE . 15.35 8.61 22.30
C27 MW9 DE . 15.60 9.37 20.97
C28 MW9 DE . 16.49 8.51 20.04
C29 MW9 DE . 17.92 8.41 20.63
C30 MW9 DE . 18.92 7.96 19.52
C31 MW9 DE . 18.40 6.66 18.86
C32 MW9 DE . 18.59 6.76 17.31
C33 MW9 DE . 19.86 5.99 16.89
C34 MW9 DE . 19.81 5.69 15.37
C35 MW9 DE . 20.32 5.20 14.24
C5 MW9 DE . 12.93 11.44 12.78
C6 MW9 DE . 11.97 10.67 13.72
C7 MW9 DE . 11.15 9.75 13.21
C8 MW9 DE . 10.20 8.97 14.16
C9 MW9 DE . 10.27 7.47 13.84
O1 MW9 DE . 9.96 7.90 24.00
O2 MW9 DE . 11.62 5.69 26.91
O3 MW9 DE . 13.84 6.97 27.29
O4 MW9 DE . 12.88 5.69 29.18
O5 MW9 DE . 11.74 7.91 28.48
O8 MW9 DE . 12.75 7.43 24.53
O9 MW9 DE . 13.01 6.81 22.38
P MW9 DE . 12.56 6.56 27.99
C1 CDL EE . 31.00 12.61 2.07
O1 CDL EE . 32.22 12.98 2.64
CA2 CDL EE . 30.59 13.60 0.99
OA2 CDL EE . 30.64 14.91 1.50
PA1 CDL EE . 29.28 15.57 2.14
OA3 CDL EE . 29.04 16.93 1.54
OA4 CDL EE . 28.09 14.68 1.84
OA5 CDL EE . 29.44 15.72 3.77
CA3 CDL EE . 29.04 14.65 4.59
CA4 CDL EE . 28.33 15.21 5.82
OA6 CDL EE . 28.66 14.46 6.96
CA5 CDL EE . 27.91 13.30 7.20
OA7 CDL EE . 27.95 12.38 6.44
C11 CDL EE . 27.05 13.19 8.47
C12 CDL EE . 25.65 12.74 8.08
C13 CDL EE . 24.64 13.85 8.39
C14 CDL EE . 23.56 13.29 9.31
C15 CDL EE . 22.59 14.40 9.71
C16 CDL EE . 21.18 13.84 9.79
C17 CDL EE . 20.26 14.84 10.48
C18 CDL EE . 19.51 14.14 11.62
CA6 CDL EE . 26.82 15.22 5.58
OA8 CDL EE . 26.56 15.58 4.26
CA7 CDL EE . 25.46 16.43 4.13
OA9 CDL EE . 25.56 17.45 3.54
C31 CDL EE . 24.12 16.06 4.79
C32 CDL EE . 23.28 17.31 4.93
C33 CDL EE . 22.16 17.06 5.95
C34 CDL EE . 21.25 15.94 5.47
C35 CDL EE . 19.79 16.32 5.70
C36 CDL EE . 19.53 16.38 7.20
C37 CDL EE . 18.06 16.74 7.45
C38 CDL EE . 17.82 18.19 7.02
C39 CDL EE . 16.32 18.49 7.04
C40 CDL EE . 16.07 19.91 6.54
C41 CDL EE . 16.71 20.08 5.16
C42 CDL EE . 16.68 21.56 4.78
C43 CDL EE . 17.96 21.92 4.06
C44 CDL EE . 17.91 21.42 2.62
C45 CDL EE . 18.79 22.31 1.74
C46 CDL EE . 20.21 22.33 2.31
C47 CDL EE . 21.04 23.36 1.57
CB2 CDL EE . 31.13 11.22 1.46
OB2 CDL EE . 30.88 10.25 2.45
PB2 CDL EE . 29.82 9.02 2.13
OB3 CDL EE . 30.04 8.53 0.71
OB4 CDL EE . 30.06 7.88 3.09
OB5 CDL EE . 28.27 9.56 2.28
CB3 CDL EE . 28.01 10.61 3.17
CB4 CDL EE . 26.65 10.39 3.82
OB6 CDL EE . 26.16 11.61 4.28
CB5 CDL EE . 24.93 11.97 3.72
OB7 CDL EE . 24.91 12.69 2.79
C51 CDL EE . 23.63 11.43 4.31
C52 CDL EE . 22.64 12.58 4.46
C53 CDL EE . 21.29 12.01 4.89
C54 CDL EE . 21.40 11.50 6.33
C55 CDL EE . 20.03 11.01 6.80
C56 CDL EE . 18.99 12.11 6.58
C57 CDL EE . 18.00 12.12 7.74
C58 CDL EE . 17.34 10.74 7.87
C59 CDL EE . 16.80 10.56 9.28
C60 CDL EE . 15.71 11.59 9.55
C61 CDL EE . 16.08 12.42 10.78
C62 CDL EE . 15.17 13.64 10.86
C63 CDL EE . 15.90 14.86 10.32
C64 CDL EE . 15.05 16.11 10.57
C65 CDL EE . 15.96 17.25 11.02
C66 CDL EE . 15.20 18.56 10.94
C67 CDL EE . 16.02 19.66 11.64
CB6 CDL EE . 26.80 9.41 4.97
OB8 CDL EE . 25.58 9.28 5.64
CB7 CDL EE . 24.91 8.08 5.38
OB9 CDL EE . 25.52 7.16 4.96
C71 CDL EE . 23.42 7.96 5.65
C72 CDL EE . 23.08 6.49 5.84
C73 CDL EE . 22.04 6.38 6.96
C74 CDL EE . 20.73 7.02 6.49
C75 CDL EE . 19.72 5.93 6.19
C76 CDL EE . 19.03 5.52 7.48
C77 CDL EE . 17.73 6.30 7.61
C78 CDL EE . 16.55 5.38 7.28
C79 CDL EE . 15.68 5.16 8.52
C80 CDL EE . 15.55 6.48 9.28
C81 CDL EE . 14.35 6.39 10.23
C82 CDL EE . 14.80 5.76 11.54
C83 CDL EE . 13.79 6.08 12.63
C84 CDL EE . 14.32 5.59 13.97
C85 CDL EE . 14.66 4.10 13.85
C86 CDL EE . 15.23 3.61 15.18
C87 CDL EE . 16.50 4.40 15.50
FE HEC FE . -45.05 3.63 22.92
CHA HEC FE . -45.40 0.37 21.92
CHB HEC FE . -48.44 3.96 22.99
CHC HEC FE . -44.70 7.01 23.46
CHD HEC FE . -41.70 3.28 23.05
NA HEC FE . -46.60 2.43 22.46
C1A HEC FE . -46.56 1.10 22.10
C2A HEC FE . -47.90 0.64 21.84
C3A HEC FE . -48.74 1.64 22.14
C4A HEC FE . -47.94 2.73 22.65
CMA HEC FE . -50.27 1.72 21.98
CAA HEC FE . -48.24 -0.80 21.40
CBA HEC FE . -47.96 -1.06 19.90
CGA HEC FE . -48.54 -2.36 19.40
O1A HEC FE . -49.76 -2.52 19.59
O2A HEC FE . -47.78 -3.04 18.66
NB HEC FE . -46.31 5.17 23.17
C1B HEC FE . -47.69 5.10 23.16
C2B HEC FE . -48.22 6.41 23.38
C3B HEC FE . -47.18 7.25 23.50
C4B HEC FE . -45.97 6.48 23.38
CMB HEC FE . -49.73 6.74 23.43
CAB HEC FE . -47.28 8.78 23.75
CBB HEC FE . -47.36 9.06 25.13
NC HEC FE . -43.52 4.86 23.31
C1C HEC FE . -43.57 6.24 23.36
C2C HEC FE . -42.25 6.75 23.66
C3C HEC FE . -41.41 5.73 23.45
C4C HEC FE . -42.18 4.52 23.40
CMC HEC FE . -42.00 8.11 24.36
CAC HEC FE . -40.03 5.85 22.67
CBC HEC FE . -39.05 6.58 23.28
ND HEC FE . -43.80 2.11 22.55
C1D HEC FE . -42.42 2.17 22.67
C2D HEC FE . -41.89 0.88 22.31
C3D HEC FE . -42.90 0.07 22.01
C4D HEC FE . -44.13 0.84 22.14
CMD HEC FE . -40.37 0.58 22.34
CAD HEC FE . -42.89 -1.40 21.56
CBD HEC FE . -42.83 -1.71 20.07
CGD HEC FE . -44.16 -2.03 19.45
O1D HEC FE . -44.20 -1.85 18.20
O2D HEC FE . -45.03 -2.57 20.17
FE HEC GE . -17.48 6.00 22.90
CHA HEC GE . -17.14 4.77 26.09
CHB HEC GE . -15.06 3.85 21.85
CHC HEC GE . -18.00 7.02 19.66
CHD HEC GE . -20.08 7.93 23.89
NA HEC GE . -16.26 4.69 23.80
C1A HEC GE . -16.31 4.26 25.12
C2A HEC GE . -15.37 3.17 25.32
C3A HEC GE . -14.84 2.89 24.12
C4A HEC GE . -15.41 3.80 23.17
CMA HEC GE . -14.06 1.62 23.71
CAA HEC GE . -14.86 2.76 26.70
CBA HEC GE . -13.51 3.43 27.06
CGA HEC GE . -13.15 3.28 28.52
O1A HEC GE . -13.76 4.04 29.30
O2A HEC GE . -12.53 2.22 28.80
NB HEC GE . -16.68 5.54 21.12
C1B HEC GE . -15.69 4.61 20.89
C2B HEC GE . -15.41 4.56 19.49
C3B HEC GE . -16.23 5.44 18.91
C4B HEC GE . -17.03 6.07 19.91
CMB HEC GE . -14.35 3.64 18.86
CAB HEC GE . -16.28 5.73 17.37
CBB HEC GE . -17.17 4.85 16.74
NC HEC GE . -18.74 7.26 21.99
C1C HEC GE . -18.86 7.47 20.63
C2C HEC GE . -20.05 8.25 20.36
C3C HEC GE . -20.41 8.74 21.54
C4C HEC GE . -19.86 7.88 22.54
CMC HEC GE . -20.57 8.60 18.95
CAC HEC GE . -20.73 10.27 21.81
CBC HEC GE . -22.02 10.62 21.57
ND HEC GE . -18.41 6.29 24.65
C1D HEC GE . -19.49 7.14 24.86
C2D HEC GE . -19.88 7.06 26.25
C3D HEC GE . -19.08 6.19 26.85
C4D HEC GE . -18.14 5.69 25.85
CMD HEC GE . -21.04 7.89 26.81
CAD HEC GE . -19.05 5.75 28.32
CBD HEC GE . -19.52 4.34 28.69
CGD HEC GE . -18.99 3.84 30.00
O1D HEC GE . -19.81 3.16 30.67
O2D HEC GE . -17.85 4.24 30.37
FE HEC HE . -30.25 11.33 23.23
CHA HEC HE . -29.67 14.68 22.77
CHB HEC HE . -26.95 10.70 22.68
CHC HEC HE . -30.81 7.98 23.72
CHD HEC HE . -33.58 11.92 23.44
NA HEC HE . -28.64 12.46 22.86
C1A HEC HE . -28.58 13.84 22.72
C2A HEC HE . -27.20 14.25 22.66
C3A HEC HE . -26.47 13.15 22.51
C4A HEC HE . -27.33 12.03 22.76
CMA HEC HE . -24.94 13.01 22.32
CAA HEC HE . -26.76 15.73 22.54
CBA HEC HE . -26.67 16.20 21.08
CGA HEC HE . -26.32 17.67 20.97
O1A HEC HE . -25.58 18.12 21.89
O2A HEC HE . -26.59 18.20 19.86
NB HEC HE . -29.12 9.68 23.21
C1B HEC HE . -27.76 9.63 22.96
C2B HEC HE . -27.32 8.28 23.04
C3B HEC HE . -28.40 7.54 23.32
C4B HEC HE . -29.53 8.40 23.44
CMB HEC HE . -25.85 7.86 22.81
CAB HEC HE . -28.41 5.98 23.51
CBB HEC HE . -27.92 5.62 24.77
NC HEC HE . -31.87 10.19 23.51
C1C HEC HE . -31.91 8.81 23.59
C2C HEC HE . -33.28 8.35 23.72
C3C HEC HE . -34.03 9.45 23.68
C4C HEC HE . -33.19 10.61 23.62
CMC HEC HE . -33.65 6.92 24.16
CAC HEC HE . -35.59 9.48 23.42
CBC HEC HE . -36.35 9.25 24.53
ND HEC HE . -31.39 12.98 23.13
C1D HEC HE . -32.77 13.02 23.25
C2D HEC HE . -33.20 14.39 23.12
C3D HEC HE . -32.13 15.15 22.94
C4D HEC HE . -30.97 14.28 22.94
CMD HEC HE . -34.70 14.79 23.21
CAD HEC HE . -32.04 16.68 22.75
CBD HEC HE . -31.38 17.50 23.84
CGD HEC HE . -30.83 18.83 23.39
O1D HEC HE . -29.89 18.73 22.56
O2D HEC HE . -31.16 19.86 24.05
O1B LMT IE . -18.42 26.70 -1.45
C1' LMT IE . -16.49 26.75 -4.27
C2' LMT IE . -16.11 27.59 -3.04
C3' LMT IE . -17.33 28.47 -2.61
C4' LMT IE . -18.61 27.63 -2.50
C5' LMT IE . -18.73 26.82 -3.82
C6' LMT IE . -20.09 26.92 -4.47
O1' LMT IE . -15.59 26.94 -5.28
O2' LMT IE . -15.82 26.75 -2.00
O3' LMT IE . -17.52 29.48 -3.51
O5' LMT IE . -17.74 27.20 -4.74
O6' LMT IE . -20.41 28.24 -4.47
C1 LMT IE . -14.29 26.50 -4.98
C2 LMT IE . -14.26 25.05 -5.34
C3 LMT IE . -13.05 24.29 -4.94
C4 LMT IE . -13.08 22.96 -5.66
C5 LMT IE . -11.78 22.26 -5.49
C6 LMT IE . -11.72 21.01 -6.31
C7 LMT IE . -10.32 20.47 -6.31
C8 LMT IE . -10.39 18.98 -6.38
C9 LMT IE . -9.17 18.33 -6.95
C10 LMT IE . -9.50 16.88 -7.15
C11 LMT IE . -8.29 16.09 -7.53
C12 LMT IE . -8.60 14.64 -7.68
#